data_6V4J
#
_entry.id   6V4J
#
_cell.length_a   1.00
_cell.length_b   1.00
_cell.length_c   1.00
_cell.angle_alpha   90.00
_cell.angle_beta   90.00
_cell.angle_gamma   90.00
#
_symmetry.space_group_name_H-M   'P 1'
#
loop_
_entity.id
_entity.type
_entity.pdbx_description
1 polymer 'Trk system potassium uptake protein TrkH'
2 polymer 'Potassium uptake protein TrkA'
#
loop_
_entity_poly.entity_id
_entity_poly.type
_entity_poly.pdbx_seq_one_letter_code
_entity_poly.pdbx_strand_id
1 'polypeptide(L)'
;MQFRSIIRIVGLLLALFSVTMLAPALVALLYRDGAGVPFVTTFFVLLFCGAMCWFPNRRHKHELKSRDGFLIVVLFWTVL
GSAGSLPFLIADNPNISVTDAFFESFSALTTTGATVIVGLDELPKAILFYRQFLQWFGGMGIIVLAVAILPVLGIGGMQL
YRAEIPGPVKDTKMTPRIAETAKALWYIYLSLTIACAVAFWLAGMTPFDAISHSFSTIAIGGFSTHDASMGYFDSYAINL
ITVVFLLISACNFTLHFAAFASGGVHPKYYWKDPEFRAFIFIQVLLFLVCFLLLLKHHSYTSPYDAFDQALFQTVSISTT
AGFTTTGFADWPLFLPVLLLFSSFIGGCAGSTGGGMKVIRILLLTLQGARELKRLVHPRAVYTIKVGGSALPQRVVDAVW
GFFSAYALVFVVCMLGLIATGMDELSAFSAVAATLNNLGPGLGEVALHFGDVNDKAKWVLIVSMLFGRLEIFTLLILLTP
TFWRS
;
A,B,C,D
2 'polypeptide(L)'
;MKIIILGAGQVGGTLAENLVGENNDITIVDNNADRLRELQDKYDLRVVNGHASHPDVLHEAGAQDADMLVAVTNTDETNM
AACQVAFTLFNTPNRVARIRSPEYLAEKEALFKSGAIPVDHLIAPEELVTSYIERLIQYPGALQVVSFAEQKVSLVAVKA
YYGGPLVGNALSALREHMPHIDTRVAAIFRQGRPIRPQGTTIIEADDEVFFVAASNHIRSVMSELQRLEKPYRRIMIVGG
GNIGASLAKRLEQTYSVKLIERDYQRAEKLSEQLENTIVFCGDAADQELLTEENIDQVDVFIALTNEDETNIMSAMLAKR
MGAKKVMVLIQRGAYVDLVQGGVIDVAISPQQATISALLTHVRRADIVNVSSLRRGAAEAIEAVAHGDETTSKVVGRAIG
DIKLPPGTTIGAVVRGEEVLIAHDRTVIEQDDHVVMFLVDKKYVPDVEALFQPSPFFL
;
E,F,G,H
#
# COMPACT_ATOMS: atom_id res chain seq x y z
N MET A 1 29.23 21.83 42.30
CA MET A 1 27.99 21.26 41.76
C MET A 1 26.78 21.67 42.59
N GLN A 2 26.40 22.94 42.45
CA GLN A 2 25.33 23.66 43.17
C GLN A 2 25.30 23.34 44.67
N PHE A 3 26.48 23.43 45.29
CA PHE A 3 26.67 23.03 46.70
C PHE A 3 25.85 23.85 47.68
N ARG A 4 25.45 25.06 47.28
CA ARG A 4 24.79 25.96 48.21
C ARG A 4 23.39 25.46 48.52
N SER A 5 22.82 24.69 47.61
CA SER A 5 21.49 24.16 47.79
C SER A 5 21.52 22.83 48.52
N ILE A 6 22.66 22.13 48.53
CA ILE A 6 22.73 20.91 49.31
C ILE A 6 22.96 21.23 50.78
N ILE A 7 23.67 22.34 51.06
CA ILE A 7 24.02 22.70 52.44
C ILE A 7 22.79 22.97 53.31
N ARG A 8 21.79 23.67 52.77
CA ARG A 8 20.66 24.07 53.59
C ARG A 8 19.67 22.92 53.79
N ILE A 9 19.40 22.16 52.73
CA ILE A 9 18.50 21.01 52.82
C ILE A 9 19.07 20.00 53.78
N VAL A 10 20.30 19.56 53.53
CA VAL A 10 20.95 18.54 54.35
C VAL A 10 21.07 18.99 55.79
N GLY A 11 21.38 20.29 56.01
CA GLY A 11 21.40 20.77 57.38
C GLY A 11 20.04 20.75 58.04
N LEU A 12 18.98 20.82 57.24
CA LEU A 12 17.64 20.66 57.78
C LEU A 12 17.39 19.20 58.08
N LEU A 13 18.02 18.32 57.31
CA LEU A 13 17.87 16.90 57.58
C LEU A 13 18.56 16.54 58.89
N LEU A 14 19.71 17.14 59.18
CA LEU A 14 20.32 16.79 60.47
C LEU A 14 19.56 17.45 61.61
N ALA A 15 18.88 18.56 61.34
CA ALA A 15 18.07 19.22 62.36
C ALA A 15 16.84 18.38 62.71
N LEU A 16 16.18 17.81 61.70
CA LEU A 16 14.99 16.99 61.93
C LEU A 16 15.35 15.75 62.72
N PHE A 17 16.50 15.15 62.42
CA PHE A 17 16.99 13.99 63.17
C PHE A 17 17.27 14.38 64.62
N SER A 18 17.84 15.57 64.80
CA SER A 18 18.15 16.12 66.12
C SER A 18 16.91 16.35 66.94
N VAL A 19 15.80 16.76 66.31
CA VAL A 19 14.55 16.99 67.02
C VAL A 19 14.07 15.71 67.72
N THR A 20 14.22 14.56 67.08
CA THR A 20 13.80 13.34 67.72
C THR A 20 14.87 12.79 68.64
N MET A 21 15.40 13.61 69.57
CA MET A 21 16.44 13.18 70.50
C MET A 21 16.12 13.49 71.96
N LEU A 22 14.87 13.78 72.30
CA LEU A 22 14.52 14.10 73.69
C LEU A 22 13.91 12.91 74.41
N ALA A 23 14.01 11.71 73.83
CA ALA A 23 13.40 10.52 74.41
C ALA A 23 13.91 10.15 75.81
N PRO A 24 15.22 10.18 76.15
CA PRO A 24 15.58 9.82 77.53
C PRO A 24 15.28 10.93 78.52
N ALA A 25 15.26 12.17 78.03
CA ALA A 25 15.03 13.34 78.89
C ALA A 25 13.70 13.29 79.63
N LEU A 26 12.70 12.56 79.09
CA LEU A 26 11.45 12.35 79.80
C LEU A 26 11.66 11.56 81.08
N VAL A 27 12.70 10.74 81.13
CA VAL A 27 13.00 9.88 82.26
C VAL A 27 14.20 10.48 82.96
N ALA A 28 13.95 11.33 83.96
CA ALA A 28 15.03 11.93 84.72
C ALA A 28 15.77 10.87 85.53
N LEU A 29 15.08 10.20 86.44
CA LEU A 29 15.62 9.05 87.15
C LEU A 29 14.46 8.17 87.58
N VAL A 37 21.03 13.92 79.08
CA VAL A 37 21.72 15.19 78.89
C VAL A 37 22.68 15.22 77.66
N PRO A 38 23.43 14.15 77.34
CA PRO A 38 24.18 14.17 76.08
C PRO A 38 23.31 13.95 74.85
N PHE A 39 22.02 13.66 75.03
CA PHE A 39 21.14 13.61 73.88
C PHE A 39 20.64 14.99 73.51
N VAL A 40 20.21 15.77 74.52
CA VAL A 40 19.86 17.17 74.36
C VAL A 40 21.04 17.94 73.77
N THR A 41 22.25 17.45 74.02
CA THR A 41 23.43 17.92 73.32
C THR A 41 23.29 17.61 71.84
N THR A 42 22.92 16.38 71.48
CA THR A 42 22.83 16.02 70.06
C THR A 42 21.74 16.81 69.35
N PHE A 43 20.77 17.32 70.10
CA PHE A 43 19.86 18.28 69.52
C PHE A 43 20.57 19.60 69.33
N PHE A 44 21.54 19.90 70.20
CA PHE A 44 22.12 21.23 70.10
C PHE A 44 23.23 21.31 69.06
N VAL A 45 24.05 20.28 68.92
CA VAL A 45 25.22 20.36 68.06
C VAL A 45 24.79 20.37 66.61
N LEU A 46 23.74 19.64 66.30
CA LEU A 46 23.31 19.43 64.93
C LEU A 46 22.09 20.27 64.57
N LEU A 47 21.38 20.79 65.56
CA LEU A 47 20.46 21.87 65.30
C LEU A 47 21.24 23.15 65.03
N PHE A 48 22.41 23.29 65.67
CA PHE A 48 23.34 24.35 65.30
C PHE A 48 23.95 24.09 63.94
N CYS A 49 23.87 22.85 63.45
CA CYS A 49 24.27 22.54 62.09
C CYS A 49 23.16 22.88 61.12
N GLY A 50 21.92 22.83 61.56
CA GLY A 50 20.83 23.30 60.75
C GLY A 50 20.60 24.78 60.90
N ALA A 51 21.50 25.48 61.59
CA ALA A 51 21.42 26.91 61.78
C ALA A 51 22.50 27.66 61.01
N MET A 52 23.73 27.19 61.11
CA MET A 52 24.82 27.77 60.34
C MET A 52 24.78 27.38 58.88
N CYS A 53 23.96 26.40 58.52
CA CYS A 53 23.75 25.99 57.15
C CYS A 53 22.50 26.58 56.54
N TRP A 54 21.81 27.47 57.26
CA TRP A 54 20.47 27.86 56.88
C TRP A 54 20.42 29.33 56.50
N PHE A 55 21.06 30.20 57.28
CA PHE A 55 21.07 31.64 57.11
C PHE A 55 22.08 32.18 56.08
N PRO A 56 23.35 31.74 56.01
CA PRO A 56 24.26 32.34 55.01
C PRO A 56 23.87 32.02 53.58
N ASN A 57 23.23 30.89 53.35
CA ASN A 57 22.83 30.44 52.02
C ASN A 57 21.32 30.50 51.93
N ARG A 58 20.81 31.15 50.89
CA ARG A 58 19.37 31.26 50.71
C ARG A 58 18.86 30.59 49.45
N ARG A 59 19.71 29.92 48.67
CA ARG A 59 19.32 29.51 47.35
C ARG A 59 18.75 28.09 47.38
N HIS A 60 18.28 27.60 46.23
CA HIS A 60 17.70 26.28 46.10
C HIS A 60 17.70 25.88 44.62
N LYS A 61 17.74 24.58 44.36
CA LYS A 61 18.08 24.07 43.04
C LYS A 61 16.87 23.99 42.15
N ASP A 68 22.69 11.43 40.95
CA ASP A 68 22.45 12.67 41.70
C ASP A 68 21.41 12.42 42.77
N GLY A 69 20.24 11.99 42.34
CA GLY A 69 19.22 11.54 43.26
C GLY A 69 19.67 10.41 44.18
N PHE A 70 20.51 9.50 43.66
CA PHE A 70 21.06 8.42 44.49
C PHE A 70 21.87 8.98 45.64
N LEU A 71 22.46 10.16 45.47
CA LEU A 71 23.30 10.71 46.50
C LEU A 71 22.47 11.21 47.67
N ILE A 72 21.15 11.19 47.55
CA ILE A 72 20.31 11.61 48.65
C ILE A 72 19.85 10.36 49.37
N VAL A 73 19.69 9.27 48.63
CA VAL A 73 19.22 8.03 49.25
C VAL A 73 20.41 7.32 49.80
N VAL A 74 21.58 7.79 49.46
CA VAL A 74 22.81 7.35 50.06
C VAL A 74 23.01 8.16 51.31
N LEU A 75 22.76 9.46 51.20
CA LEU A 75 22.97 10.31 52.35
C LEU A 75 21.89 10.22 53.39
N PHE A 76 20.71 9.69 53.04
CA PHE A 76 19.66 9.60 54.04
C PHE A 76 20.01 8.58 55.09
N TRP A 77 20.69 7.52 54.69
CA TRP A 77 21.08 6.49 55.62
C TRP A 77 22.48 6.71 56.14
N THR A 78 22.88 7.97 56.20
CA THR A 78 24.18 8.35 56.69
C THR A 78 24.05 9.21 57.93
N VAL A 79 22.85 9.69 58.22
CA VAL A 79 22.59 10.53 59.39
C VAL A 79 22.10 9.72 60.56
N LEU A 80 22.03 8.41 60.42
CA LEU A 80 21.55 7.54 61.48
C LEU A 80 22.66 7.07 62.39
N GLY A 81 23.90 7.45 62.10
CA GLY A 81 25.03 7.07 62.91
C GLY A 81 25.90 8.28 63.17
N SER A 82 25.42 9.44 62.75
CA SER A 82 26.18 10.65 63.02
C SER A 82 25.89 11.17 64.41
N ALA A 83 24.74 10.80 64.98
CA ALA A 83 24.37 11.22 66.33
C ALA A 83 23.87 10.05 67.17
N GLY A 84 24.17 8.82 66.76
CA GLY A 84 23.82 7.64 67.52
C GLY A 84 24.93 7.08 68.37
N SER A 85 26.13 7.68 68.31
CA SER A 85 27.28 7.18 69.04
C SER A 85 27.90 8.17 70.01
N LEU A 86 27.57 9.45 69.94
CA LEU A 86 28.15 10.47 70.83
C LEU A 86 27.99 10.18 72.33
N PRO A 87 26.79 9.79 72.88
CA PRO A 87 26.71 9.69 74.35
C PRO A 87 27.40 8.49 74.97
N PHE A 88 28.12 7.68 74.20
CA PHE A 88 28.63 6.42 74.71
C PHE A 88 30.11 6.42 74.98
N LEU A 89 30.86 7.37 74.42
CA LEU A 89 32.29 7.47 74.69
C LEU A 89 32.55 7.95 76.11
N ILE A 90 31.63 8.74 76.68
CA ILE A 90 31.88 9.47 77.92
C ILE A 90 31.45 8.63 79.12
N ALA A 91 30.17 8.28 79.19
CA ALA A 91 29.64 7.56 80.34
C ALA A 91 28.53 6.62 79.93
N ASN A 93 27.26 4.82 83.06
CA ASN A 93 27.26 3.36 83.11
C ASN A 93 27.84 2.71 81.82
N PRO A 94 27.43 3.14 80.58
CA PRO A 94 28.19 2.56 79.44
C PRO A 94 29.58 3.16 79.21
N ASN A 95 30.56 2.65 79.96
CA ASN A 95 31.95 3.04 79.77
C ASN A 95 32.58 1.91 78.98
N ILE A 96 32.89 2.18 77.71
CA ILE A 96 33.42 1.15 76.81
C ILE A 96 34.27 1.87 75.76
N SER A 97 35.20 1.13 75.13
CA SER A 97 36.16 1.73 74.21
C SER A 97 35.46 2.25 72.95
N VAL A 98 36.16 3.15 72.26
CA VAL A 98 35.61 3.91 71.13
C VAL A 98 35.13 3.01 69.99
N THR A 99 35.92 2.02 69.58
CA THR A 99 35.46 1.12 68.52
C THR A 99 34.28 0.31 69.01
N ASP A 100 34.38 -0.19 70.23
CA ASP A 100 33.31 -0.93 70.87
C ASP A 100 32.11 -0.02 71.08
N ALA A 101 32.35 1.25 71.43
CA ALA A 101 31.24 2.17 71.61
C ALA A 101 30.49 2.36 70.30
N PHE A 102 31.22 2.51 69.20
CA PHE A 102 30.56 2.64 67.90
C PHE A 102 29.81 1.37 67.57
N PHE A 103 30.44 0.22 67.84
CA PHE A 103 29.83 -1.08 67.55
C PHE A 103 28.57 -1.27 68.35
N GLU A 104 28.62 -0.91 69.62
CA GLU A 104 27.50 -1.01 70.54
C GLU A 104 26.39 -0.09 70.12
N SER A 105 26.76 1.11 69.64
CA SER A 105 25.78 2.08 69.18
C SER A 105 25.00 1.48 68.04
N PHE A 106 25.73 0.90 67.10
CA PHE A 106 25.12 0.21 65.99
C PHE A 106 24.35 -1.00 66.46
N SER A 107 24.82 -1.66 67.52
CA SER A 107 24.11 -2.81 68.04
C SER A 107 22.71 -2.43 68.49
N ALA A 108 22.58 -1.30 69.19
CA ALA A 108 21.28 -0.81 69.60
C ALA A 108 20.47 -0.38 68.39
N LEU A 109 21.15 0.21 67.41
CA LEU A 109 20.64 0.81 66.20
C LEU A 109 20.45 -0.19 65.07
N THR A 110 19.47 0.09 64.20
CA THR A 110 19.04 -0.73 63.06
C THR A 110 18.35 -2.03 63.44
N THR A 111 18.15 -2.29 64.74
CA THR A 111 17.43 -3.48 65.24
C THR A 111 18.14 -4.76 64.79
N THR A 112 19.31 -4.93 65.34
CA THR A 112 20.10 -6.11 65.12
C THR A 112 20.59 -6.56 66.48
N GLY A 113 20.55 -7.85 66.74
CA GLY A 113 20.93 -8.31 68.06
C GLY A 113 22.41 -8.53 68.21
N ALA A 114 23.21 -7.51 67.99
CA ALA A 114 24.67 -7.67 67.97
C ALA A 114 25.17 -7.55 69.40
N THR A 115 25.01 -8.61 70.18
CA THR A 115 25.43 -8.58 71.57
C THR A 115 26.89 -8.96 71.70
N VAL A 116 27.63 -8.09 72.36
CA VAL A 116 28.96 -8.38 72.88
C VAL A 116 28.92 -8.46 74.40
N ILE A 117 27.88 -7.95 75.03
CA ILE A 117 27.83 -7.90 76.48
C ILE A 117 26.67 -8.75 76.97
N VAL A 118 26.63 -8.93 78.29
CA VAL A 118 25.64 -9.74 78.97
C VAL A 118 25.03 -8.91 80.09
N GLY A 119 23.75 -9.16 80.37
CA GLY A 119 23.09 -8.47 81.45
C GLY A 119 22.70 -7.03 81.16
N LEU A 120 21.75 -6.83 80.24
CA LEU A 120 21.30 -5.49 79.89
C LEU A 120 20.61 -4.75 81.04
N ASP A 121 20.20 -5.44 82.10
CA ASP A 121 19.63 -4.75 83.25
C ASP A 121 20.73 -4.11 84.10
N LEU A 123 22.14 -1.52 82.66
CA LEU A 123 22.21 -0.27 81.94
C LEU A 123 21.30 0.77 82.62
N PRO A 124 21.44 2.07 82.30
CA PRO A 124 20.51 3.07 82.84
C PRO A 124 19.09 2.84 82.35
N LYS A 125 18.12 3.22 83.19
CA LYS A 125 16.71 3.06 82.83
C LYS A 125 16.34 3.92 81.62
N ALA A 126 16.80 5.17 81.61
CA ALA A 126 16.52 6.09 80.50
C ALA A 126 17.17 5.61 79.22
N ILE A 127 18.42 5.16 79.29
CA ILE A 127 19.13 4.68 78.11
C ILE A 127 18.45 3.45 77.55
N LEU A 128 18.01 2.55 78.44
CA LEU A 128 17.32 1.33 78.03
C LEU A 128 16.00 1.66 77.34
N PHE A 129 15.30 2.66 77.88
CA PHE A 129 14.06 3.10 77.28
C PHE A 129 14.32 3.66 75.90
N TYR A 130 15.40 4.42 75.79
CA TYR A 130 15.80 4.99 74.52
C TYR A 130 16.19 3.90 73.53
N ARG A 131 16.84 2.84 74.00
CA ARG A 131 17.25 1.76 73.13
C ARG A 131 16.03 1.05 72.54
N GLN A 132 15.04 0.80 73.37
CA GLN A 132 13.80 0.23 72.88
C GLN A 132 13.10 1.22 71.95
N PHE A 133 13.22 2.50 72.29
CA PHE A 133 12.70 3.58 71.48
C PHE A 133 13.38 3.59 70.12
N LEU A 134 14.67 3.25 70.09
CA LEU A 134 15.42 3.17 68.85
C LEU A 134 14.82 2.08 68.00
N GLN A 135 14.43 1.00 68.64
CA GLN A 135 13.73 -0.06 67.93
C GLN A 135 12.40 0.49 67.38
N TRP A 136 11.71 1.32 68.16
CA TRP A 136 10.47 1.93 67.68
C TRP A 136 10.72 2.80 66.45
N PHE A 137 11.79 3.59 66.51
CA PHE A 137 12.17 4.50 65.42
C PHE A 137 12.53 3.74 64.17
N GLY A 138 13.27 2.65 64.35
CA GLY A 138 13.76 1.87 63.23
C GLY A 138 12.69 1.26 62.36
N GLY A 139 11.65 0.67 62.97
CA GLY A 139 10.62 0.04 62.17
C GLY A 139 9.85 1.00 61.29
N MET A 140 9.46 2.13 61.86
CA MET A 140 8.75 3.13 61.09
C MET A 140 9.64 3.66 59.97
N GLY A 141 10.90 3.91 60.33
CA GLY A 141 11.85 4.44 59.37
C GLY A 141 12.08 3.55 58.17
N ILE A 142 12.25 2.24 58.39
CA ILE A 142 12.47 1.40 57.23
C ILE A 142 11.21 1.35 56.36
N ILE A 143 10.03 1.19 56.98
CA ILE A 143 8.80 1.13 56.17
C ILE A 143 8.38 2.40 55.41
N VAL A 144 8.77 3.61 55.82
CA VAL A 144 8.47 4.77 54.96
C VAL A 144 9.26 4.79 53.65
N LEU A 145 10.55 4.46 53.70
CA LEU A 145 11.41 4.54 52.52
C LEU A 145 11.03 3.58 51.40
N ALA A 146 10.61 2.36 51.74
CA ALA A 146 10.28 1.37 50.71
C ALA A 146 9.12 1.83 49.85
N VAL A 147 8.05 2.32 50.46
CA VAL A 147 6.97 2.88 49.66
C VAL A 147 7.45 4.13 48.93
N ALA A 148 8.28 4.94 49.59
CA ALA A 148 8.82 6.18 49.02
C ALA A 148 9.69 6.01 47.77
N ILE A 149 10.22 4.83 47.47
CA ILE A 149 11.16 4.65 46.34
C ILE A 149 10.63 5.05 44.93
N LEU A 150 9.30 4.98 44.66
CA LEU A 150 8.67 5.29 43.34
C LEU A 150 9.20 6.35 42.36
N PRO A 151 9.72 7.52 42.75
CA PRO A 151 10.24 8.42 41.71
C PRO A 151 11.42 7.88 40.92
N VAL A 152 12.35 7.19 41.56
CA VAL A 152 13.49 6.69 40.81
C VAL A 152 13.38 5.21 40.44
N LEU A 153 12.33 4.51 40.84
CA LEU A 153 12.24 3.09 40.52
C LEU A 153 10.76 2.72 40.57
N GLY A 154 10.42 1.51 40.13
CA GLY A 154 9.01 1.15 40.13
C GLY A 154 8.59 -0.22 40.66
N ILE A 155 7.59 -0.18 41.54
CA ILE A 155 7.21 -1.25 42.47
C ILE A 155 7.01 -2.62 41.79
N GLY A 156 6.08 -2.71 40.84
CA GLY A 156 5.50 -3.97 40.44
C GLY A 156 4.06 -3.66 40.18
N ILE A 178 3.12 16.57 49.43
CA ILE A 178 2.92 15.23 48.90
C ILE A 178 2.77 14.28 50.10
N ALA A 179 3.16 14.74 51.28
CA ALA A 179 3.20 13.91 52.48
C ALA A 179 1.77 13.81 53.02
N GLU A 180 1.05 12.82 52.50
CA GLU A 180 -0.28 12.46 52.93
C GLU A 180 -0.35 11.07 53.52
N THR A 181 0.69 10.26 53.37
CA THR A 181 0.71 8.88 53.86
C THR A 181 0.90 8.84 55.38
N ALA A 182 1.34 9.96 55.96
CA ALA A 182 1.71 10.09 57.36
C ALA A 182 0.51 10.01 58.29
N LYS A 183 -0.71 9.98 57.77
CA LYS A 183 -1.90 9.86 58.60
C LYS A 183 -2.43 8.44 58.59
N ALA A 184 -2.51 7.83 57.40
CA ALA A 184 -2.99 6.46 57.27
C ALA A 184 -2.04 5.50 57.96
N LEU A 185 -0.73 5.72 57.78
CA LEU A 185 0.26 4.91 58.48
C LEU A 185 0.13 5.09 59.97
N TRP A 186 -0.12 6.32 60.41
CA TRP A 186 -0.30 6.60 61.83
C TRP A 186 -1.49 5.84 62.41
N TYR A 187 -2.60 5.77 61.66
CA TYR A 187 -3.76 5.04 62.15
C TYR A 187 -3.45 3.56 62.32
N ILE A 188 -2.82 2.97 61.30
CA ILE A 188 -2.48 1.55 61.33
C ILE A 188 -1.47 1.27 62.44
N TYR A 189 -0.50 2.15 62.58
CA TYR A 189 0.54 2.00 63.59
C TYR A 189 -0.05 2.08 64.98
N LEU A 190 -1.02 2.98 65.17
CA LEU A 190 -1.69 3.13 66.46
C LEU A 190 -2.40 1.84 66.80
N SER A 191 -3.03 1.24 65.78
CA SER A 191 -3.72 -0.03 65.98
C SER A 191 -2.73 -1.10 66.43
N LEU A 192 -1.57 -1.17 65.75
CA LEU A 192 -0.58 -2.19 66.09
C LEU A 192 -0.02 -2.04 67.50
N THR A 193 0.38 -0.82 67.86
CA THR A 193 0.98 -0.58 69.17
C THR A 193 0.00 -0.79 70.30
N ILE A 194 -1.24 -0.28 70.15
CA ILE A 194 -2.24 -0.41 71.20
C ILE A 194 -2.61 -1.86 71.40
N ALA A 195 -2.72 -2.60 70.29
CA ALA A 195 -3.07 -4.02 70.35
C ALA A 195 -2.00 -4.77 71.10
N CYS A 196 -0.73 -4.48 70.80
CA CYS A 196 0.36 -5.15 71.49
C CYS A 196 0.37 -4.85 72.98
N ALA A 197 0.13 -3.58 73.34
CA ALA A 197 0.12 -3.21 74.75
C ALA A 197 -0.97 -3.91 75.54
N VAL A 198 -2.20 -3.92 75.00
CA VAL A 198 -3.31 -4.53 75.72
C VAL A 198 -3.08 -6.03 75.82
N ALA A 199 -2.65 -6.64 74.71
CA ALA A 199 -2.39 -8.06 74.61
C ALA A 199 -1.30 -8.55 75.57
N PHE A 200 -0.61 -7.65 76.26
CA PHE A 200 0.23 -7.95 77.40
C PHE A 200 -0.43 -7.53 78.71
N TRP A 201 -1.39 -6.60 78.64
CA TRP A 201 -2.12 -6.18 79.84
C TRP A 201 -3.00 -7.29 80.36
N LEU A 202 -3.39 -8.23 79.49
CA LEU A 202 -4.31 -9.30 79.88
C LEU A 202 -3.61 -10.49 80.50
N ALA A 203 -2.29 -10.48 80.58
CA ALA A 203 -1.57 -11.51 81.31
C ALA A 203 -1.50 -11.25 82.80
N GLY A 204 -2.08 -10.12 83.27
CA GLY A 204 -2.09 -9.75 84.66
C GLY A 204 -0.98 -8.82 85.12
N MET A 205 -0.07 -8.44 84.24
CA MET A 205 1.00 -7.53 84.58
C MET A 205 0.52 -6.08 84.64
N THR A 206 1.35 -5.25 85.28
CA THR A 206 1.07 -3.83 85.40
C THR A 206 1.20 -3.19 84.01
N PRO A 207 0.49 -2.08 83.75
CA PRO A 207 0.56 -1.47 82.42
C PRO A 207 1.95 -1.04 82.01
N PHE A 208 2.76 -0.55 82.94
CA PHE A 208 4.12 -0.13 82.62
C PHE A 208 4.94 -1.32 82.11
N ASP A 209 4.85 -2.48 82.75
CA ASP A 209 5.60 -3.65 82.27
C ASP A 209 5.09 -4.10 80.91
N ALA A 210 3.77 -4.04 80.70
CA ALA A 210 3.20 -4.42 79.42
C ALA A 210 3.69 -3.50 78.31
N ILE A 211 3.71 -2.21 78.58
CA ILE A 211 4.20 -1.21 77.65
C ILE A 211 5.69 -1.42 77.40
N SER A 212 6.44 -1.77 78.46
CA SER A 212 7.88 -1.99 78.34
C SER A 212 8.17 -3.15 77.41
N HIS A 213 7.44 -4.25 77.59
CA HIS A 213 7.61 -5.40 76.73
C HIS A 213 7.18 -5.05 75.31
N SER A 214 6.12 -4.27 75.19
CA SER A 214 5.62 -3.83 73.88
C SER A 214 6.67 -3.03 73.14
N PHE A 215 7.35 -2.12 73.85
CA PHE A 215 8.42 -1.33 73.25
C PHE A 215 9.54 -2.24 72.82
N SER A 216 9.82 -3.25 73.64
CA SER A 216 10.86 -4.22 73.32
C SER A 216 10.52 -5.01 72.07
N THR A 217 9.25 -5.31 71.84
CA THR A 217 8.93 -6.16 70.70
C THR A 217 8.52 -5.42 69.44
N ILE A 218 8.63 -4.09 69.37
CA ILE A 218 8.18 -3.35 68.18
C ILE A 218 8.95 -3.78 66.94
N ALA A 219 10.25 -3.52 66.92
CA ALA A 219 11.16 -4.07 65.92
C ALA A 219 12.03 -5.09 66.60
N ILE A 220 12.04 -6.30 66.12
CA ILE A 220 12.48 -7.43 66.92
C ILE A 220 13.96 -7.70 66.66
N GLY A 221 14.74 -7.25 67.63
CA GLY A 221 16.16 -7.44 67.81
C GLY A 221 16.36 -8.84 68.34
N GLY A 222 15.43 -9.25 69.18
CA GLY A 222 15.52 -10.43 69.98
C GLY A 222 15.80 -10.15 71.43
N PHE A 223 15.55 -8.93 71.88
CA PHE A 223 15.85 -8.47 73.21
C PHE A 223 14.58 -8.46 74.04
N SER A 224 14.76 -8.63 75.33
CA SER A 224 13.71 -8.39 76.30
C SER A 224 14.38 -7.95 77.59
N THR A 225 13.65 -8.00 78.71
CA THR A 225 14.20 -7.51 79.97
C THR A 225 15.44 -8.31 80.40
N HIS A 226 15.53 -9.57 79.99
CA HIS A 226 16.68 -10.38 80.33
C HIS A 226 17.24 -10.97 79.05
N ASP A 227 18.50 -11.42 79.13
CA ASP A 227 19.20 -11.97 77.97
C ASP A 227 18.50 -13.19 77.39
N ALA A 228 17.95 -14.06 78.26
CA ALA A 228 17.17 -15.17 77.74
C ALA A 228 16.00 -14.49 77.09
N SER A 229 15.70 -14.86 75.84
CA SER A 229 14.72 -14.11 75.08
C SER A 229 13.32 -14.12 75.69
N MET A 230 12.79 -15.28 76.00
CA MET A 230 11.49 -15.33 76.66
C MET A 230 11.44 -16.31 77.82
N GLY A 231 12.53 -17.00 78.13
CA GLY A 231 12.53 -17.99 79.21
C GLY A 231 12.25 -17.46 80.59
N TYR A 232 12.79 -16.28 80.93
CA TYR A 232 12.65 -15.72 82.27
C TYR A 232 11.19 -15.49 82.62
N PHE A 233 10.39 -15.01 81.67
CA PHE A 233 8.97 -14.77 81.93
C PHE A 233 8.20 -15.52 80.84
N ASP A 234 7.49 -16.57 81.24
CA ASP A 234 6.66 -17.38 80.36
C ASP A 234 5.26 -17.55 80.92
N SER A 235 4.29 -17.07 80.17
CA SER A 235 2.88 -17.21 80.48
C SER A 235 2.29 -17.63 79.15
N TYR A 236 1.33 -18.54 79.19
CA TYR A 236 0.74 -19.10 77.99
C TYR A 236 0.07 -18.06 77.12
N ALA A 237 -0.62 -17.09 77.75
CA ALA A 237 -1.28 -16.03 76.99
C ALA A 237 -0.27 -15.19 76.23
N ILE A 238 0.85 -14.85 76.88
CA ILE A 238 1.90 -14.07 76.24
C ILE A 238 2.50 -14.82 75.06
N ASN A 239 2.65 -16.13 75.21
CA ASN A 239 3.28 -16.90 74.16
C ASN A 239 2.34 -17.07 72.97
N LEU A 240 1.08 -17.44 73.22
CA LEU A 240 0.12 -17.63 72.13
C LEU A 240 -0.15 -16.32 71.41
N ILE A 241 -0.34 -15.27 72.18
CA ILE A 241 -0.62 -13.96 71.61
C ILE A 241 0.57 -13.46 70.82
N THR A 242 1.78 -13.62 71.36
CA THR A 242 2.98 -13.15 70.68
C THR A 242 3.20 -13.88 69.38
N VAL A 243 2.98 -15.20 69.35
CA VAL A 243 3.18 -15.95 68.11
C VAL A 243 2.19 -15.46 67.06
N VAL A 244 0.95 -15.17 67.47
CA VAL A 244 -0.05 -14.65 66.55
C VAL A 244 0.42 -13.30 66.02
N PHE A 245 1.00 -12.50 66.92
CA PHE A 245 1.52 -11.20 66.57
C PHE A 245 2.63 -11.32 65.55
N LEU A 246 3.51 -12.30 65.75
CA LEU A 246 4.63 -12.48 64.85
C LEU A 246 4.14 -12.82 63.46
N LEU A 247 3.20 -13.77 63.37
CA LEU A 247 2.70 -14.18 62.06
C LEU A 247 1.99 -13.06 61.32
N ILE A 248 1.11 -12.32 62.01
CA ILE A 248 0.40 -11.24 61.33
C ILE A 248 1.31 -10.07 61.00
N SER A 249 2.14 -9.70 61.95
CA SER A 249 2.97 -8.51 61.84
C SER A 249 4.05 -8.62 60.78
N ALA A 250 4.68 -9.77 60.65
CA ALA A 250 5.82 -9.81 59.74
C ALA A 250 5.51 -9.85 58.25
N CYS A 251 4.58 -10.69 57.80
CA CYS A 251 4.41 -10.81 56.35
C CYS A 251 3.80 -9.64 55.59
N ASN A 252 2.56 -9.23 55.85
CA ASN A 252 2.12 -8.22 54.88
C ASN A 252 1.23 -7.08 55.35
N PHE A 253 1.62 -5.85 55.02
CA PHE A 253 0.80 -4.69 55.35
C PHE A 253 0.48 -3.77 54.17
N THR A 254 1.31 -3.76 53.12
CA THR A 254 1.05 -2.93 51.94
C THR A 254 -0.23 -3.37 51.23
N LEU A 255 -0.49 -4.68 51.23
CA LEU A 255 -1.68 -5.24 50.63
C LEU A 255 -2.93 -4.70 51.31
N HIS A 256 -2.85 -4.48 52.61
CA HIS A 256 -4.00 -4.01 53.35
C HIS A 256 -4.08 -2.50 53.43
N PHE A 257 -3.40 -1.79 52.51
CA PHE A 257 -3.47 -0.33 52.45
C PHE A 257 -4.87 0.11 52.02
N ALA A 258 -5.62 -0.82 51.46
CA ALA A 258 -7.00 -0.65 51.04
C ALA A 258 -7.89 -0.38 52.24
N ALA A 259 -7.46 -0.83 53.43
CA ALA A 259 -8.22 -0.68 54.66
C ALA A 259 -8.56 0.76 54.98
N PHE A 260 -7.72 1.71 54.55
CA PHE A 260 -8.01 3.12 54.74
C PHE A 260 -9.30 3.51 54.03
N ALA A 261 -9.49 3.01 52.82
CA ALA A 261 -10.71 3.28 52.07
C ALA A 261 -11.89 2.56 52.69
N SER A 262 -13.05 3.20 52.68
CA SER A 262 -14.27 2.63 53.27
C SER A 262 -14.93 1.70 52.26
N GLY A 263 -14.23 0.62 51.98
CA GLY A 263 -14.71 -0.42 51.09
C GLY A 263 -14.15 -1.72 51.57
N GLY A 264 -14.83 -2.81 51.22
CA GLY A 264 -14.33 -4.08 51.65
C GLY A 264 -13.74 -4.90 50.53
N VAL A 265 -12.41 -4.88 50.44
CA VAL A 265 -11.71 -5.68 49.46
C VAL A 265 -11.06 -6.88 50.14
N HIS A 266 -11.16 -6.93 51.46
CA HIS A 266 -10.55 -7.99 52.26
C HIS A 266 -11.03 -9.42 52.01
N PRO A 267 -12.33 -9.73 51.76
CA PRO A 267 -12.71 -11.12 51.50
C PRO A 267 -12.12 -11.73 50.25
N LYS A 268 -11.98 -10.94 49.18
CA LYS A 268 -11.45 -11.43 47.91
C LYS A 268 -10.02 -11.94 47.99
N TYR A 269 -9.21 -11.45 48.94
CA TYR A 269 -7.82 -11.85 49.04
C TYR A 269 -7.61 -13.32 49.35
N TYR A 270 -8.61 -14.04 49.86
CA TYR A 270 -8.47 -15.46 50.15
C TYR A 270 -8.12 -16.23 48.88
N TRP A 271 -8.70 -15.82 47.76
CA TRP A 271 -8.54 -16.42 46.45
C TRP A 271 -7.73 -15.55 45.51
N LYS A 272 -7.63 -14.26 45.76
CA LYS A 272 -6.77 -13.40 44.96
C LYS A 272 -5.42 -13.18 45.66
N ASP A 273 -4.86 -14.24 46.27
CA ASP A 273 -3.49 -14.05 46.72
C ASP A 273 -2.67 -15.30 46.47
N PRO A 274 -1.62 -15.23 45.69
CA PRO A 274 -0.78 -16.41 45.49
C PRO A 274 0.23 -16.54 46.60
N GLU A 275 0.46 -15.42 47.30
CA GLU A 275 1.33 -15.41 48.46
C GLU A 275 0.76 -16.27 49.55
N PHE A 276 -0.56 -16.41 49.58
CA PHE A 276 -1.21 -17.23 50.58
C PHE A 276 -0.84 -18.69 50.37
N ARG A 277 -0.89 -19.14 49.13
CA ARG A 277 -0.62 -20.54 48.84
C ARG A 277 0.81 -20.92 49.19
N ALA A 278 1.77 -20.20 48.62
CA ALA A 278 3.16 -20.52 48.88
C ALA A 278 3.54 -20.32 50.34
N PHE A 279 3.21 -19.15 50.91
CA PHE A 279 3.62 -18.84 52.28
C PHE A 279 3.00 -19.78 53.30
N ILE A 280 1.71 -20.04 53.16
CA ILE A 280 1.01 -20.96 54.04
C ILE A 280 1.58 -22.35 53.86
N PHE A 281 1.86 -22.74 52.62
CA PHE A 281 2.41 -24.08 52.39
C PHE A 281 3.74 -24.25 53.09
N ILE A 282 4.63 -23.25 52.98
CA ILE A 282 5.93 -23.36 53.64
C ILE A 282 5.78 -23.40 55.15
N GLN A 283 4.95 -22.53 55.73
CA GLN A 283 4.75 -22.51 57.18
C GLN A 283 4.08 -23.78 57.70
N VAL A 284 3.10 -24.29 56.97
CA VAL A 284 2.41 -25.52 57.36
C VAL A 284 3.37 -26.68 57.30
N LEU A 285 4.25 -26.66 56.31
CA LEU A 285 5.26 -27.70 56.19
C LEU A 285 6.17 -27.62 57.40
N LEU A 286 6.47 -26.40 57.82
CA LEU A 286 7.30 -26.17 59.01
C LEU A 286 6.62 -26.77 60.23
N PHE A 287 5.32 -26.57 60.35
CA PHE A 287 4.60 -27.15 61.47
C PHE A 287 4.63 -28.66 61.42
N LEU A 288 4.46 -29.23 60.22
CA LEU A 288 4.47 -30.68 60.06
C LEU A 288 5.83 -31.26 60.44
N VAL A 289 6.90 -30.60 60.02
CA VAL A 289 8.26 -31.05 60.32
C VAL A 289 8.51 -31.02 61.81
N CYS A 290 8.07 -29.96 62.49
CA CYS A 290 8.25 -29.89 63.94
C CYS A 290 7.44 -30.98 64.63
N PHE A 291 6.24 -31.23 64.11
CA PHE A 291 5.38 -32.27 64.64
C PHE A 291 6.02 -33.64 64.47
N LEU A 292 6.62 -33.90 63.31
CA LEU A 292 7.28 -35.18 63.07
C LEU A 292 8.50 -35.32 63.95
N LEU A 293 9.24 -34.22 64.11
CA LEU A 293 10.45 -34.22 64.91
C LEU A 293 10.12 -34.51 66.37
N LEU A 294 8.99 -33.98 66.81
CA LEU A 294 8.52 -34.15 68.17
C LEU A 294 8.21 -35.61 68.45
N LEU A 295 7.61 -36.28 67.50
CA LEU A 295 7.20 -37.66 67.70
C LEU A 295 8.36 -38.63 67.49
N LYS A 296 9.35 -38.20 66.71
CA LYS A 296 10.54 -39.03 66.53
C LYS A 296 11.39 -39.04 67.79
N HIS A 297 11.65 -37.87 68.35
CA HIS A 297 12.40 -37.89 69.60
C HIS A 297 11.53 -38.21 70.81
N HIS A 298 10.20 -38.03 70.71
CA HIS A 298 9.24 -38.23 71.81
C HIS A 298 9.57 -37.32 72.99
N SER A 299 9.74 -36.04 72.66
CA SER A 299 10.26 -35.06 73.62
C SER A 299 9.29 -34.81 74.77
N TYR A 300 8.12 -34.25 74.45
CA TYR A 300 7.14 -33.85 75.45
C TYR A 300 5.82 -34.56 75.21
N THR A 301 5.28 -35.18 76.25
CA THR A 301 4.00 -35.88 76.15
C THR A 301 2.83 -34.91 76.15
N SER A 302 2.88 -33.87 76.98
CA SER A 302 1.78 -32.92 77.04
C SER A 302 1.75 -32.02 75.81
N PRO A 303 0.54 -31.79 75.25
CA PRO A 303 0.40 -30.95 74.05
C PRO A 303 0.74 -29.48 74.20
N TYR A 304 0.39 -28.81 75.31
CA TYR A 304 0.65 -27.36 75.43
C TYR A 304 2.12 -27.01 75.42
N ASP A 305 2.94 -27.67 76.22
CA ASP A 305 4.36 -27.35 76.26
C ASP A 305 5.04 -27.70 74.95
N ALA A 306 4.71 -28.84 74.38
CA ALA A 306 5.38 -29.26 73.16
C ALA A 306 4.94 -28.40 71.99
N PHE A 307 3.63 -28.28 71.79
CA PHE A 307 3.13 -27.51 70.66
C PHE A 307 3.47 -26.03 70.80
N ASP A 308 3.16 -25.42 71.95
CA ASP A 308 3.46 -23.99 72.10
C ASP A 308 4.95 -23.67 72.16
N GLN A 309 5.72 -24.39 72.99
CA GLN A 309 7.13 -24.04 73.05
C GLN A 309 7.84 -24.43 71.78
N ALA A 310 7.54 -25.62 71.26
CA ALA A 310 8.20 -26.10 70.05
C ALA A 310 7.83 -25.24 68.88
N LEU A 311 6.53 -24.96 68.76
CA LEU A 311 6.01 -24.17 67.66
C LEU A 311 6.57 -22.78 67.77
N PHE A 312 6.63 -22.27 69.00
CA PHE A 312 7.13 -20.93 69.25
C PHE A 312 8.58 -20.83 68.82
N GLN A 313 9.40 -21.82 69.20
CA GLN A 313 10.81 -21.78 68.85
C GLN A 313 10.99 -21.87 67.35
N THR A 314 10.25 -22.78 66.70
CA THR A 314 10.42 -22.96 65.26
C THR A 314 10.02 -21.72 64.50
N VAL A 315 8.86 -21.18 64.83
CA VAL A 315 8.37 -20.00 64.14
C VAL A 315 9.25 -18.79 64.42
N SER A 316 9.64 -18.60 65.68
CA SER A 316 10.42 -17.42 66.06
C SER A 316 11.78 -17.42 65.40
N ILE A 317 12.46 -18.57 65.41
CA ILE A 317 13.77 -18.60 64.76
C ILE A 317 13.57 -18.45 63.25
N SER A 318 12.56 -19.12 62.71
CA SER A 318 12.29 -19.12 61.29
C SER A 318 11.80 -17.79 60.75
N THR A 319 10.97 -17.05 61.48
CA THR A 319 10.31 -15.93 60.83
C THR A 319 11.21 -14.64 60.78
N THR A 320 12.53 -14.81 60.90
CA THR A 320 13.53 -13.77 61.11
C THR A 320 13.24 -12.90 62.33
N ALA A 321 12.47 -13.45 63.26
CA ALA A 321 12.06 -12.73 64.45
C ALA A 321 13.28 -12.50 65.33
N GLY A 322 13.94 -13.56 65.76
CA GLY A 322 15.07 -13.39 66.64
C GLY A 322 14.80 -13.67 68.09
N PHE A 323 13.63 -14.20 68.43
CA PHE A 323 13.37 -14.51 69.82
C PHE A 323 13.89 -15.94 69.96
N THR A 324 15.02 -16.13 70.65
CA THR A 324 15.54 -17.49 70.80
C THR A 324 15.82 -17.82 72.25
N THR A 325 15.24 -18.91 72.74
CA THR A 325 15.46 -19.34 74.12
C THR A 325 15.91 -20.81 74.20
N THR A 326 16.40 -21.39 73.12
CA THR A 326 16.77 -22.79 73.20
C THR A 326 18.18 -22.93 72.64
N GLY A 327 18.88 -23.98 73.07
CA GLY A 327 20.24 -24.25 72.63
C GLY A 327 20.32 -25.55 71.84
N PHE A 328 19.14 -25.98 71.39
CA PHE A 328 18.89 -27.12 70.50
C PHE A 328 19.69 -28.36 70.88
N ALA A 329 19.43 -28.86 72.09
CA ALA A 329 19.90 -30.18 72.50
C ALA A 329 18.82 -31.25 72.38
N ASP A 330 17.58 -30.91 72.72
CA ASP A 330 16.45 -31.82 72.57
C ASP A 330 16.15 -32.04 71.10
N TRP A 331 16.58 -31.16 70.29
CA TRP A 331 16.56 -31.31 68.87
C TRP A 331 17.87 -31.94 68.45
N PRO A 332 17.90 -32.66 67.33
CA PRO A 332 19.19 -33.13 66.79
C PRO A 332 20.03 -31.98 66.25
N LEU A 333 21.26 -32.32 65.89
CA LEU A 333 22.26 -31.33 65.51
C LEU A 333 22.14 -30.76 64.11
N PHE A 334 21.33 -31.33 63.21
CA PHE A 334 21.19 -30.63 61.94
C PHE A 334 20.19 -29.49 62.05
N LEU A 335 19.39 -29.49 63.11
CA LEU A 335 18.38 -28.47 63.30
C LEU A 335 18.94 -27.06 63.45
N PRO A 336 20.05 -26.78 64.16
CA PRO A 336 20.52 -25.40 64.17
C PRO A 336 20.87 -24.92 62.79
N VAL A 337 21.53 -25.78 62.01
CA VAL A 337 21.89 -25.43 60.65
C VAL A 337 20.64 -25.26 59.79
N LEU A 338 19.65 -26.13 59.96
CA LEU A 338 18.41 -26.07 59.17
C LEU A 338 17.66 -24.80 59.46
N LEU A 339 17.60 -24.46 60.73
CA LEU A 339 16.95 -23.24 61.16
C LEU A 339 17.70 -22.06 60.62
N LEU A 340 19.02 -22.14 60.57
CA LEU A 340 19.82 -21.05 60.02
C LEU A 340 19.46 -20.86 58.54
N PHE A 341 19.26 -21.96 57.83
CA PHE A 341 18.82 -21.87 56.44
C PHE A 341 17.46 -21.22 56.38
N SER A 342 16.62 -21.53 57.35
CA SER A 342 15.30 -20.91 57.46
C SER A 342 15.45 -19.41 57.67
N SER A 343 16.46 -19.02 58.47
CA SER A 343 16.73 -17.62 58.75
C SER A 343 17.07 -16.86 57.47
N PHE A 344 17.75 -17.53 56.52
CA PHE A 344 18.09 -16.88 55.26
C PHE A 344 16.84 -16.40 54.52
N ILE A 345 15.82 -17.25 54.44
CA ILE A 345 14.51 -16.85 53.91
C ILE A 345 13.92 -15.79 54.82
N GLY A 346 13.95 -14.54 54.37
CA GLY A 346 13.55 -13.46 55.25
C GLY A 346 12.88 -12.25 54.67
N GLY A 347 11.77 -11.87 55.27
CA GLY A 347 11.01 -10.78 54.76
C GLY A 347 9.97 -11.24 53.77
N CYS A 348 8.92 -10.46 53.66
CA CYS A 348 7.84 -10.67 52.73
C CYS A 348 7.80 -9.40 51.89
N ALA A 349 7.18 -9.43 50.72
CA ALA A 349 7.11 -8.21 49.91
C ALA A 349 6.34 -7.11 50.64
N GLY A 350 6.84 -5.88 50.52
CA GLY A 350 6.26 -4.73 51.20
C GLY A 350 6.28 -4.88 52.71
N SER A 351 7.35 -5.43 53.25
CA SER A 351 7.55 -5.69 54.66
C SER A 351 8.90 -5.20 55.14
N THR A 352 9.03 -5.24 56.47
CA THR A 352 10.23 -4.79 57.16
C THR A 352 11.48 -5.53 56.74
N GLY A 353 11.39 -6.84 56.51
CA GLY A 353 12.57 -7.63 56.18
C GLY A 353 13.11 -7.30 54.81
N GLY A 354 14.33 -6.76 54.75
CA GLY A 354 14.99 -6.52 53.48
C GLY A 354 15.85 -7.71 53.12
N GLY A 355 15.23 -8.86 52.89
CA GLY A 355 15.92 -10.08 52.49
C GLY A 355 15.40 -10.73 51.22
N MET A 356 15.64 -12.03 51.07
CA MET A 356 15.14 -12.72 49.89
C MET A 356 13.63 -12.90 50.05
N LYS A 357 12.93 -12.90 48.93
CA LYS A 357 11.48 -12.87 48.97
C LYS A 357 10.87 -14.03 48.19
N VAL A 358 9.59 -14.21 48.46
CA VAL A 358 8.78 -15.25 47.84
C VAL A 358 8.68 -15.03 46.34
N ILE A 359 8.50 -13.78 45.91
CA ILE A 359 8.42 -13.45 44.49
C ILE A 359 9.72 -13.73 43.75
N ARG A 360 10.88 -13.39 44.33
CA ARG A 360 12.14 -13.65 43.65
C ARG A 360 12.42 -15.15 43.53
N ILE A 361 12.30 -15.88 44.64
CA ILE A 361 12.56 -17.32 44.66
C ILE A 361 11.53 -18.03 43.82
N LEU A 362 10.30 -17.57 43.91
CA LEU A 362 9.17 -18.12 43.17
C LEU A 362 9.43 -17.95 41.71
N LEU A 363 9.91 -16.77 41.34
CA LEU A 363 10.21 -16.49 39.96
C LEU A 363 11.28 -17.45 39.48
N LEU A 364 12.34 -17.64 40.26
CA LEU A 364 13.38 -18.55 39.81
C LEU A 364 12.90 -19.99 39.70
N THR A 365 12.21 -20.49 40.71
CA THR A 365 11.73 -21.86 40.63
C THR A 365 10.65 -22.07 39.60
N LEU A 366 9.60 -21.25 39.60
CA LEU A 366 8.54 -21.43 38.62
C LEU A 366 9.01 -21.09 37.22
N GLN A 367 9.77 -20.01 37.12
CA GLN A 367 10.36 -19.59 35.85
C GLN A 367 11.41 -20.62 35.50
N GLY A 368 12.01 -21.14 36.54
CA GLY A 368 12.97 -22.22 36.40
C GLY A 368 12.29 -23.44 35.85
N ALA A 369 11.06 -23.67 36.25
CA ALA A 369 10.26 -24.76 35.70
C ALA A 369 10.07 -24.51 34.23
N ARG A 370 9.85 -23.24 33.88
CA ARG A 370 9.76 -22.86 32.48
C ARG A 370 11.09 -23.17 31.79
N GLU A 371 12.19 -22.94 32.50
CA GLU A 371 13.51 -23.31 31.98
C GLU A 371 13.63 -24.82 31.81
N LEU A 372 13.04 -25.61 32.72
CA LEU A 372 13.06 -27.06 32.59
C LEU A 372 12.33 -27.45 31.32
N LYS A 373 11.23 -26.78 31.08
CA LYS A 373 10.47 -26.98 29.87
C LYS A 373 11.32 -26.59 28.67
N ARG A 374 12.15 -25.55 28.80
CA ARG A 374 13.04 -25.17 27.73
C ARG A 374 14.01 -26.31 27.42
N LEU A 375 14.49 -26.98 28.46
CA LEU A 375 15.41 -28.09 28.24
C LEU A 375 14.75 -29.19 27.42
N VAL A 376 13.44 -29.41 27.63
CA VAL A 376 12.75 -30.43 26.84
C VAL A 376 12.77 -30.12 25.34
N HIS A 377 12.53 -28.85 24.95
CA HIS A 377 12.58 -28.38 23.56
C HIS A 377 12.92 -26.89 23.44
N PRO A 378 14.09 -26.53 22.90
CA PRO A 378 14.34 -25.13 22.57
C PRO A 378 13.42 -24.53 21.53
N ARG A 379 12.79 -25.35 20.68
CA ARG A 379 11.85 -24.84 19.70
C ARG A 379 10.54 -24.36 20.28
N ALA A 380 10.31 -24.55 21.56
CA ALA A 380 9.01 -24.33 22.16
C ALA A 380 8.92 -22.95 22.82
N VAL A 381 8.00 -22.11 22.34
CA VAL A 381 7.76 -20.81 22.98
C VAL A 381 7.23 -21.03 24.38
N TYR A 382 7.86 -20.39 25.36
CA TYR A 382 7.33 -20.37 26.72
C TYR A 382 6.90 -18.97 27.16
N THR A 383 5.61 -18.79 27.39
CA THR A 383 5.09 -17.61 28.08
C THR A 383 4.04 -18.02 29.10
N ILE A 384 4.30 -17.74 30.38
CA ILE A 384 3.39 -18.14 31.46
C ILE A 384 3.26 -16.95 32.39
N LYS A 385 2.04 -16.73 32.90
CA LYS A 385 1.77 -15.61 33.79
C LYS A 385 1.06 -16.05 35.08
N VAL A 386 1.85 -16.58 36.01
CA VAL A 386 1.34 -17.12 37.29
C VAL A 386 0.64 -16.06 38.11
N GLY A 387 1.19 -14.85 38.12
CA GLY A 387 0.65 -13.75 38.89
C GLY A 387 -0.76 -13.31 38.53
N GLY A 388 -1.14 -13.46 37.28
CA GLY A 388 -2.42 -12.96 36.82
C GLY A 388 -2.29 -11.66 36.06
N SER A 389 -1.07 -11.23 35.78
CA SER A 389 -0.74 -10.05 35.00
C SER A 389 0.30 -10.48 34.00
N ALA A 390 0.37 -9.80 32.86
CA ALA A 390 1.38 -10.13 31.88
C ALA A 390 2.75 -9.82 32.46
N LEU A 391 3.68 -10.78 32.34
CA LEU A 391 4.99 -10.60 32.89
C LEU A 391 5.97 -10.16 31.82
N PRO A 392 6.54 -8.97 31.93
CA PRO A 392 7.52 -8.53 30.95
C PRO A 392 8.87 -9.17 31.24
N GLN A 393 9.61 -9.44 30.18
CA GLN A 393 10.93 -10.02 30.36
C GLN A 393 11.97 -8.98 30.81
N ARG A 394 11.56 -7.73 30.97
CA ARG A 394 12.50 -6.67 31.32
C ARG A 394 12.92 -6.71 32.80
N VAL A 395 11.96 -6.71 33.71
CA VAL A 395 12.24 -6.76 35.16
C VAL A 395 12.79 -8.08 35.67
N VAL A 396 12.28 -9.22 35.17
CA VAL A 396 12.65 -10.54 35.70
C VAL A 396 14.12 -10.84 35.57
N ASP A 397 14.70 -10.52 34.41
CA ASP A 397 16.10 -10.74 34.17
C ASP A 397 16.92 -9.93 35.13
N ALA A 398 16.51 -8.69 35.35
CA ALA A 398 17.17 -7.81 36.30
C ALA A 398 17.10 -8.39 37.71
N VAL A 399 15.95 -8.95 38.08
CA VAL A 399 15.78 -9.52 39.41
C VAL A 399 16.72 -10.69 39.66
N TRP A 400 16.80 -11.63 38.73
CA TRP A 400 17.73 -12.73 38.98
C TRP A 400 19.17 -12.27 38.83
N GLY A 401 19.42 -11.25 38.02
CA GLY A 401 20.76 -10.67 37.94
C GLY A 401 21.14 -10.09 39.28
N PHE A 402 20.16 -9.49 39.95
CA PHE A 402 20.30 -8.93 41.29
C PHE A 402 20.67 -10.04 42.24
N PHE A 403 20.04 -11.20 42.08
CA PHE A 403 20.41 -12.34 42.90
C PHE A 403 21.86 -12.76 42.62
N SER A 404 22.28 -12.73 41.34
CA SER A 404 23.65 -13.12 41.03
C SER A 404 24.65 -12.20 41.69
N ALA A 405 24.38 -10.90 41.60
CA ALA A 405 25.24 -9.90 42.23
C ALA A 405 25.20 -10.09 43.73
N TYR A 406 24.03 -10.45 44.24
CA TYR A 406 23.83 -10.69 45.66
C TYR A 406 24.71 -11.82 46.12
N ALA A 407 24.80 -12.86 45.31
CA ALA A 407 25.68 -13.99 45.63
C ALA A 407 27.12 -13.51 45.66
N LEU A 408 27.47 -12.63 44.71
CA LEU A 408 28.81 -12.09 44.67
C LEU A 408 29.10 -11.36 45.98
N VAL A 409 28.12 -10.60 46.45
CA VAL A 409 28.25 -9.91 47.73
C VAL A 409 28.38 -10.93 48.85
N PHE A 410 27.62 -12.02 48.78
CA PHE A 410 27.63 -13.05 49.82
C PHE A 410 28.99 -13.71 49.94
N VAL A 411 29.61 -14.02 48.81
CA VAL A 411 30.94 -14.60 48.83
C VAL A 411 31.93 -13.57 49.37
N VAL A 412 31.73 -12.29 49.01
CA VAL A 412 32.61 -11.24 49.53
C VAL A 412 32.49 -11.16 51.04
N CYS A 413 31.26 -11.20 51.54
CA CYS A 413 31.05 -11.13 52.98
C CYS A 413 31.65 -12.33 53.71
N MET A 414 31.44 -13.55 53.20
CA MET A 414 31.99 -14.72 53.88
C MET A 414 33.51 -14.71 53.86
N LEU A 415 34.07 -14.47 52.67
CA LEU A 415 35.51 -14.47 52.48
C LEU A 415 36.15 -13.34 53.26
N GLY A 416 35.50 -12.17 53.24
CA GLY A 416 36.03 -11.02 53.94
C GLY A 416 36.00 -11.21 55.45
N LEU A 417 34.94 -11.80 55.96
CA LEU A 417 34.81 -11.92 57.40
C LEU A 417 35.60 -13.07 57.96
N ILE A 418 36.22 -13.88 57.12
CA ILE A 418 37.06 -14.97 57.59
C ILE A 418 38.51 -14.64 57.28
N ALA A 419 38.75 -13.95 56.16
CA ALA A 419 40.08 -13.54 55.72
C ALA A 419 40.69 -12.56 56.71
N THR A 420 39.86 -11.76 57.39
CA THR A 420 40.31 -10.74 58.34
C THR A 420 41.01 -11.33 59.57
N GLY A 421 40.92 -12.63 59.79
CA GLY A 421 41.52 -13.33 60.92
C GLY A 421 40.53 -14.00 61.84
N MET A 422 39.25 -13.96 61.54
CA MET A 422 38.23 -14.60 62.35
C MET A 422 38.29 -16.12 62.18
N ASP A 423 37.74 -16.81 63.18
CA ASP A 423 37.67 -18.26 63.25
C ASP A 423 36.85 -18.81 62.09
N GLU A 424 37.18 -20.00 61.60
CA GLU A 424 36.40 -20.50 60.46
C GLU A 424 34.94 -20.87 60.78
N LEU A 425 34.71 -21.72 61.77
CA LEU A 425 33.33 -22.14 62.05
C LEU A 425 32.46 -21.11 62.76
N SER A 426 32.97 -20.49 63.82
CA SER A 426 32.14 -19.52 64.53
C SER A 426 31.83 -18.32 63.65
N ALA A 427 32.81 -17.81 62.93
CA ALA A 427 32.54 -16.73 62.01
C ALA A 427 31.57 -17.20 60.94
N PHE A 428 31.72 -18.45 60.46
CA PHE A 428 30.85 -18.96 59.41
C PHE A 428 29.38 -18.91 59.85
N SER A 429 29.12 -19.38 61.05
CA SER A 429 27.77 -19.34 61.58
C SER A 429 27.38 -17.88 61.75
N ALA A 430 28.32 -17.07 62.21
CA ALA A 430 28.08 -15.66 62.44
C ALA A 430 27.71 -14.94 61.16
N VAL A 431 28.40 -15.18 60.05
CA VAL A 431 28.06 -14.50 58.80
C VAL A 431 26.68 -14.93 58.32
N ALA A 432 26.37 -16.23 58.49
CA ALA A 432 25.06 -16.71 58.08
C ALA A 432 23.98 -15.98 58.85
N ALA A 433 24.18 -15.92 60.16
CA ALA A 433 23.30 -15.21 61.06
C ALA A 433 23.30 -13.69 60.80
N THR A 434 24.48 -13.16 60.46
CA THR A 434 24.71 -11.73 60.24
C THR A 434 23.92 -11.11 59.10
N LEU A 435 23.80 -11.80 57.97
CA LEU A 435 23.10 -11.14 56.84
C LEU A 435 21.60 -11.00 57.04
N ASN A 436 21.06 -11.59 58.10
CA ASN A 436 19.64 -11.69 58.34
C ASN A 436 19.25 -10.97 59.61
N ASN A 437 20.24 -10.59 60.41
CA ASN A 437 20.14 -9.63 61.52
C ASN A 437 19.36 -10.17 62.70
N LEU A 438 19.64 -11.42 63.07
CA LEU A 438 19.04 -12.02 64.26
C LEU A 438 20.00 -11.78 65.40
N GLY A 439 21.22 -12.27 65.25
CA GLY A 439 22.21 -12.18 66.28
C GLY A 439 23.40 -13.02 65.93
N PRO A 440 24.24 -13.32 66.91
CA PRO A 440 25.45 -14.11 66.65
C PRO A 440 25.19 -15.61 66.69
N GLY A 441 26.06 -16.33 66.00
CA GLY A 441 25.96 -17.75 65.69
C GLY A 441 25.92 -18.77 66.81
N LEU A 442 24.81 -19.48 66.90
CA LEU A 442 24.61 -20.53 67.87
C LEU A 442 25.62 -21.63 67.61
N GLY A 443 25.89 -21.88 66.33
CA GLY A 443 26.82 -22.93 65.96
C GLY A 443 28.19 -22.66 66.53
N GLU A 444 28.80 -23.73 67.05
CA GLU A 444 30.13 -23.77 67.68
C GLU A 444 30.20 -23.08 69.05
N VAL A 445 29.03 -22.84 69.66
CA VAL A 445 28.87 -22.24 70.99
C VAL A 445 29.58 -20.91 71.24
N ALA A 446 29.55 -20.01 70.24
CA ALA A 446 30.18 -18.71 70.40
C ALA A 446 29.19 -17.59 70.09
N LEU A 447 29.08 -16.62 70.99
CA LEU A 447 28.15 -15.52 70.75
C LEU A 447 28.66 -14.12 71.01
N HIS A 448 29.38 -13.88 72.08
CA HIS A 448 29.81 -12.53 72.37
C HIS A 448 31.27 -12.44 71.98
N PHE A 449 31.55 -11.56 71.03
CA PHE A 449 32.91 -11.34 70.56
C PHE A 449 33.27 -9.91 70.90
N GLY A 450 34.27 -9.75 71.75
CA GLY A 450 34.78 -8.43 72.02
C GLY A 450 36.20 -8.38 71.55
N ASP A 451 36.88 -9.49 71.72
CA ASP A 451 38.28 -9.58 71.38
C ASP A 451 38.51 -9.90 69.91
N VAL A 452 37.51 -9.69 69.08
CA VAL A 452 37.67 -9.85 67.65
C VAL A 452 38.12 -8.50 67.10
N ASN A 453 38.81 -8.55 65.95
CA ASN A 453 39.41 -7.38 65.33
C ASN A 453 38.39 -6.29 64.99
N ASP A 454 38.69 -5.10 65.52
CA ASP A 454 37.80 -3.94 65.51
C ASP A 454 37.62 -3.34 64.13
N LYS A 455 38.66 -3.30 63.31
CA LYS A 455 38.47 -2.86 61.93
C LYS A 455 37.47 -3.78 61.25
N ALA A 456 37.60 -5.08 61.52
CA ALA A 456 36.63 -6.05 61.08
C ALA A 456 35.31 -5.80 61.75
N LYS A 457 35.34 -5.33 63.00
CA LYS A 457 34.08 -4.97 63.66
C LYS A 457 33.39 -3.86 62.89
N TRP A 458 34.17 -2.91 62.34
CA TRP A 458 33.58 -1.90 61.48
C TRP A 458 32.98 -2.59 60.28
N VAL A 459 33.68 -3.60 59.76
CA VAL A 459 33.16 -4.38 58.64
C VAL A 459 31.87 -5.09 59.05
N LEU A 460 31.81 -5.59 60.28
CA LEU A 460 30.60 -6.23 60.79
C LEU A 460 29.46 -5.22 60.86
N ILE A 461 29.77 -3.99 61.28
CA ILE A 461 28.76 -2.95 61.34
C ILE A 461 28.23 -2.65 59.96
N VAL A 462 29.14 -2.50 59.00
CA VAL A 462 28.75 -2.20 57.64
C VAL A 462 27.97 -3.37 57.06
N SER A 463 28.39 -4.61 57.35
CA SER A 463 27.71 -5.81 56.87
C SER A 463 26.29 -5.98 57.41
N MET A 464 26.10 -5.77 58.72
CA MET A 464 24.75 -5.90 59.27
C MET A 464 23.85 -4.81 58.72
N LEU A 465 24.42 -3.61 58.53
CA LEU A 465 23.70 -2.51 57.93
C LEU A 465 23.29 -2.88 56.53
N PHE A 466 24.20 -3.56 55.82
CA PHE A 466 23.93 -4.05 54.48
C PHE A 466 22.81 -5.06 54.53
N GLY A 467 22.77 -5.82 55.62
CA GLY A 467 21.72 -6.80 55.79
C GLY A 467 20.36 -6.14 55.79
N ARG A 468 20.34 -4.91 56.25
CA ARG A 468 19.13 -4.11 56.32
C ARG A 468 18.86 -3.40 54.99
N LEU A 469 19.82 -2.61 54.54
CA LEU A 469 19.69 -1.82 53.31
C LEU A 469 20.17 -2.54 52.04
N GLU A 470 19.59 -2.17 50.90
CA GLU A 470 19.99 -2.76 49.63
C GLU A 470 21.47 -2.47 49.45
N ILE A 471 22.29 -3.51 49.55
CA ILE A 471 23.76 -3.41 49.50
C ILE A 471 24.30 -2.70 48.27
N PHE A 472 23.54 -2.75 47.19
CA PHE A 472 23.94 -2.27 45.88
C PHE A 472 24.23 -0.80 45.83
N THR A 473 23.77 -0.07 46.84
CA THR A 473 23.98 1.36 46.91
C THR A 473 25.47 1.66 46.91
N LEU A 474 26.28 0.86 47.62
CA LEU A 474 27.73 1.03 47.61
C LEU A 474 28.29 0.81 46.23
N LEU A 475 27.72 -0.16 45.51
CA LEU A 475 28.19 -0.51 44.19
C LEU A 475 28.14 0.69 43.28
N ILE A 476 27.07 1.51 43.36
CA ILE A 476 27.02 2.70 42.51
C ILE A 476 28.18 3.63 42.86
N LEU A 477 28.53 3.72 44.14
CA LEU A 477 29.68 4.50 44.55
C LEU A 477 31.00 3.93 44.03
N LEU A 478 31.18 2.61 44.09
CA LEU A 478 32.48 2.02 43.73
C LEU A 478 32.89 2.10 42.26
N THR A 479 31.95 1.85 41.33
CA THR A 479 32.26 1.76 39.89
C THR A 479 33.12 2.91 39.39
N PRO A 480 34.18 2.62 38.62
CA PRO A 480 34.97 3.69 38.01
C PRO A 480 34.28 4.42 36.90
N THR A 481 33.30 3.82 36.25
CA THR A 481 32.58 4.52 35.21
C THR A 481 31.71 5.62 35.78
N PHE A 482 31.31 5.48 37.05
CA PHE A 482 30.48 6.48 37.70
C PHE A 482 31.23 7.79 37.91
N TRP A 483 32.54 7.76 38.07
CA TRP A 483 33.25 9.00 38.29
C TRP A 483 33.56 9.65 36.95
N MET B 1 7.00 -50.64 23.56
CA MET B 1 7.56 -49.49 22.83
C MET B 1 8.83 -49.85 22.07
N GLN B 2 8.65 -50.58 20.97
CA GLN B 2 9.69 -51.13 20.08
C GLN B 2 10.88 -51.72 20.85
N PHE B 3 10.56 -52.59 21.80
CA PHE B 3 11.56 -53.14 22.72
C PHE B 3 12.62 -54.00 22.04
N ARG B 4 12.35 -54.60 20.88
CA ARG B 4 13.34 -55.44 20.21
C ARG B 4 14.53 -54.63 19.74
N SER B 5 14.29 -53.47 19.11
CA SER B 5 15.38 -52.65 18.61
C SER B 5 16.24 -52.14 19.74
N ILE B 6 15.62 -51.70 20.83
CA ILE B 6 16.36 -51.20 21.99
C ILE B 6 17.20 -52.32 22.59
N ILE B 7 16.60 -53.51 22.71
CA ILE B 7 17.29 -54.65 23.30
C ILE B 7 18.53 -55.04 22.49
N ARG B 8 18.41 -55.13 21.16
CA ARG B 8 19.56 -55.50 20.35
C ARG B 8 20.68 -54.46 20.40
N ILE B 9 20.34 -53.17 20.26
CA ILE B 9 21.36 -52.12 20.26
C ILE B 9 22.05 -52.03 21.61
N VAL B 10 21.27 -52.13 22.69
CA VAL B 10 21.81 -52.06 24.05
C VAL B 10 22.72 -53.24 24.31
N GLY B 11 22.33 -54.43 23.84
CA GLY B 11 23.16 -55.61 24.02
C GLY B 11 24.49 -55.45 23.33
N LEU B 12 24.45 -54.89 22.12
CA LEU B 12 25.67 -54.64 21.36
C LEU B 12 26.54 -53.65 22.13
N LEU B 13 25.92 -52.64 22.74
CA LEU B 13 26.67 -51.67 23.52
C LEU B 13 27.38 -52.31 24.70
N LEU B 14 26.71 -53.19 25.45
CA LEU B 14 27.37 -53.86 26.58
C LEU B 14 28.52 -54.74 26.09
N ALA B 15 28.30 -55.45 24.98
CA ALA B 15 29.35 -56.31 24.43
C ALA B 15 30.57 -55.49 24.01
N LEU B 16 30.31 -54.33 23.39
CA LEU B 16 31.38 -53.44 22.94
C LEU B 16 32.17 -52.92 24.14
N PHE B 17 31.48 -52.58 25.23
CA PHE B 17 32.16 -52.12 26.45
C PHE B 17 33.05 -53.22 27.00
N SER B 18 32.52 -54.44 26.98
CA SER B 18 33.20 -55.65 27.43
C SER B 18 34.43 -56.01 26.63
N VAL B 19 34.44 -55.72 25.32
CA VAL B 19 35.60 -56.05 24.51
C VAL B 19 36.85 -55.38 25.07
N THR B 20 36.74 -54.14 25.53
CA THR B 20 37.90 -53.45 26.09
C THR B 20 38.05 -53.82 27.57
N MET B 21 38.14 -55.13 27.87
CA MET B 21 38.30 -55.61 29.23
C MET B 21 39.41 -56.64 29.39
N LEU B 22 40.32 -56.75 28.44
CA LEU B 22 41.39 -57.73 28.50
C LEU B 22 42.70 -57.11 28.99
N ALA B 23 42.65 -55.87 29.49
CA ALA B 23 43.87 -55.18 29.91
C ALA B 23 44.65 -55.85 31.04
N PRO B 24 44.06 -56.38 32.13
CA PRO B 24 44.91 -57.05 33.13
C PRO B 24 45.57 -58.31 32.59
N ALA B 25 44.81 -59.11 31.82
CA ALA B 25 45.25 -60.37 31.22
C ALA B 25 46.59 -60.30 30.49
N LEU B 26 46.98 -59.11 30.00
CA LEU B 26 48.29 -58.93 29.40
C LEU B 26 49.41 -59.15 30.41
N VAL B 27 49.12 -58.94 31.68
CA VAL B 27 50.13 -59.06 32.73
C VAL B 27 49.81 -60.34 33.48
N ALA B 28 50.42 -61.44 33.05
CA ALA B 28 50.26 -62.75 33.68
C ALA B 28 50.89 -62.76 35.07
N GLY B 36 43.87 -62.24 36.00
CA GLY B 36 42.88 -61.42 35.34
C GLY B 36 41.67 -62.19 34.86
N VAL B 37 41.41 -63.33 35.52
CA VAL B 37 40.27 -64.18 35.13
C VAL B 37 38.90 -63.51 35.29
N PRO B 38 38.58 -62.74 36.36
CA PRO B 38 37.24 -62.13 36.43
C PRO B 38 36.95 -61.14 35.32
N PHE B 39 37.92 -60.33 34.91
CA PHE B 39 37.67 -59.38 33.84
C PHE B 39 37.35 -60.10 32.52
N VAL B 40 38.05 -61.20 32.24
CA VAL B 40 37.78 -62.03 31.06
C VAL B 40 36.36 -62.56 31.19
N THR B 41 36.01 -62.95 32.41
CA THR B 41 34.67 -63.44 32.71
C THR B 41 33.64 -62.37 32.42
N THR B 42 33.92 -61.10 32.77
CA THR B 42 32.97 -60.03 32.51
C THR B 42 32.77 -59.87 31.00
N PHE B 43 33.86 -59.98 30.24
CA PHE B 43 33.73 -59.91 28.79
C PHE B 43 32.86 -61.04 28.29
N PHE B 44 33.08 -62.25 28.81
CA PHE B 44 32.29 -63.39 28.37
C PHE B 44 30.82 -63.25 28.74
N VAL B 45 30.52 -62.81 29.96
CA VAL B 45 29.12 -62.68 30.39
C VAL B 45 28.37 -61.63 29.58
N LEU B 46 28.98 -60.47 29.38
CA LEU B 46 28.35 -59.43 28.57
C LEU B 46 28.23 -59.83 27.11
N LEU B 47 29.25 -60.51 26.59
CA LEU B 47 29.23 -61.00 25.22
C LEU B 47 28.07 -61.97 25.10
N PHE B 48 27.87 -62.77 26.13
CA PHE B 48 26.75 -63.71 26.18
C PHE B 48 25.46 -62.91 26.14
N CYS B 49 25.43 -61.78 26.85
CA CYS B 49 24.26 -60.91 26.88
C CYS B 49 23.98 -60.38 25.48
N GLY B 50 25.03 -59.89 24.81
CA GLY B 50 24.88 -59.34 23.48
C GLY B 50 24.40 -60.41 22.53
N ALA B 51 24.95 -61.62 22.68
CA ALA B 51 24.58 -62.72 21.80
C ALA B 51 23.11 -63.07 21.96
N MET B 52 22.62 -63.18 23.22
CA MET B 52 21.22 -63.54 23.42
C MET B 52 20.32 -62.46 22.85
N CYS B 53 20.63 -61.18 23.11
CA CYS B 53 19.80 -60.12 22.57
C CYS B 53 19.83 -60.12 21.05
N TRP B 54 21.03 -60.26 20.47
CA TRP B 54 21.22 -60.22 19.03
C TRP B 54 20.48 -61.32 18.26
N PHE B 55 20.61 -62.59 18.67
CA PHE B 55 19.97 -63.66 17.90
C PHE B 55 18.43 -63.72 17.87
N PRO B 56 17.67 -63.65 18.99
CA PRO B 56 16.20 -63.60 18.86
C PRO B 56 15.61 -62.43 18.10
N ASN B 57 16.19 -61.25 18.14
CA ASN B 57 15.57 -60.11 17.49
C ASN B 57 16.40 -59.66 16.29
N ARG B 58 15.73 -59.49 15.15
CA ARG B 58 16.39 -59.06 13.93
C ARG B 58 15.97 -57.66 13.50
N ARG B 59 15.12 -56.99 14.28
CA ARG B 59 14.47 -55.78 13.83
C ARG B 59 15.30 -54.56 14.22
N HIS B 60 14.87 -53.38 13.80
CA HIS B 60 15.57 -52.14 14.12
C HIS B 60 14.63 -50.95 13.93
N LYS B 61 14.90 -49.87 14.68
CA LYS B 61 13.92 -48.80 14.86
C LYS B 61 14.01 -47.79 13.73
N HIS B 62 15.20 -47.27 13.45
CA HIS B 62 15.33 -45.94 12.86
C HIS B 62 16.75 -45.72 12.36
N ASP B 68 13.25 -39.78 24.44
CA ASP B 68 13.77 -41.01 23.84
C ASP B 68 15.28 -40.99 23.77
N GLY B 69 15.79 -39.96 23.10
CA GLY B 69 17.23 -39.78 22.96
C GLY B 69 17.92 -39.58 24.30
N PHE B 70 17.27 -38.83 25.20
CA PHE B 70 17.80 -38.60 26.53
C PHE B 70 17.91 -39.90 27.28
N LEU B 71 16.96 -40.81 27.05
CA LEU B 71 17.02 -42.13 27.66
C LEU B 71 18.26 -42.85 27.16
N ILE B 72 18.57 -42.70 25.88
CA ILE B 72 19.77 -43.30 25.33
C ILE B 72 21.03 -42.73 25.98
N VAL B 73 21.12 -41.41 26.16
CA VAL B 73 22.33 -40.88 26.80
C VAL B 73 22.46 -41.33 28.25
N VAL B 74 21.33 -41.37 28.98
CA VAL B 74 21.35 -41.83 30.36
C VAL B 74 21.77 -43.29 30.41
N LEU B 75 21.23 -44.06 29.48
CA LEU B 75 21.52 -45.47 29.36
C LEU B 75 22.98 -45.68 29.01
N PHE B 76 23.54 -44.84 28.14
CA PHE B 76 24.94 -44.97 27.80
C PHE B 76 25.82 -44.75 29.01
N TRP B 77 25.49 -43.76 29.82
CA TRP B 77 26.26 -43.52 31.02
C TRP B 77 25.90 -44.45 32.15
N THR B 78 24.95 -45.36 31.93
CA THR B 78 24.54 -46.32 32.94
C THR B 78 25.40 -47.57 32.88
N VAL B 79 26.06 -47.81 31.76
CA VAL B 79 26.76 -49.08 31.55
C VAL B 79 28.11 -49.11 32.24
N LEU B 80 28.68 -47.95 32.58
CA LEU B 80 30.09 -47.83 32.94
C LEU B 80 30.44 -48.52 34.25
N GLY B 81 29.45 -48.83 35.06
CA GLY B 81 29.69 -49.42 36.36
C GLY B 81 28.79 -50.61 36.53
N SER B 82 28.29 -51.13 35.41
CA SER B 82 27.59 -52.40 35.43
C SER B 82 28.56 -53.56 35.43
N ALA B 83 29.78 -53.35 34.95
CA ALA B 83 30.81 -54.37 34.92
C ALA B 83 32.14 -53.88 35.47
N GLY B 84 32.12 -52.79 36.24
CA GLY B 84 33.28 -52.24 36.90
C GLY B 84 33.43 -52.65 38.34
N SER B 85 32.47 -53.40 38.89
CA SER B 85 32.47 -53.78 40.28
C SER B 85 32.49 -55.28 40.55
N LEU B 86 32.20 -56.12 39.56
CA LEU B 86 32.18 -57.57 39.74
C LEU B 86 33.46 -58.17 40.35
N PRO B 87 34.71 -57.85 39.87
CA PRO B 87 35.86 -58.59 40.40
C PRO B 87 36.29 -58.26 41.82
N PHE B 88 35.55 -57.42 42.53
CA PHE B 88 36.00 -56.92 43.82
C PHE B 88 35.29 -57.55 45.01
N LEU B 89 34.15 -58.18 44.81
CA LEU B 89 33.42 -58.87 45.86
C LEU B 89 34.15 -60.14 46.32
N PRO B 94 42.33 -57.68 47.00
CA PRO B 94 41.24 -56.80 47.42
C PRO B 94 40.02 -57.52 48.00
N ASN B 95 40.09 -57.85 49.28
CA ASN B 95 38.97 -58.45 50.00
C ASN B 95 38.34 -57.31 50.80
N ILE B 96 37.15 -56.87 50.39
CA ILE B 96 36.48 -55.74 51.03
C ILE B 96 34.97 -55.94 50.84
N SER B 97 34.18 -55.30 51.71
CA SER B 97 32.73 -55.49 51.73
C SER B 97 32.08 -54.96 50.46
N VAL B 98 30.88 -55.48 50.18
CA VAL B 98 30.13 -55.23 48.95
C VAL B 98 29.84 -53.75 48.71
N THR B 99 29.39 -53.03 49.73
CA THR B 99 29.17 -51.60 49.55
C THR B 99 30.50 -50.89 49.32
N ASP B 100 31.49 -51.24 50.13
CA ASP B 100 32.82 -50.69 50.00
C ASP B 100 33.43 -51.11 48.68
N ALA B 101 33.18 -52.35 48.25
CA ALA B 101 33.69 -52.81 46.97
C ALA B 101 33.11 -51.97 45.84
N PHE B 102 31.81 -51.72 45.91
CA PHE B 102 31.16 -50.90 44.90
C PHE B 102 31.73 -49.50 44.90
N PHE B 103 31.91 -48.94 46.11
CA PHE B 103 32.42 -47.58 46.29
C PHE B 103 33.83 -47.46 45.75
N GLU B 104 34.66 -48.45 46.07
CA GLU B 104 36.04 -48.50 45.63
C GLU B 104 36.11 -48.65 44.14
N SER B 105 35.18 -49.44 43.59
CA SER B 105 35.11 -49.66 42.16
C SER B 105 34.84 -48.36 41.46
N PHE B 106 33.89 -47.61 41.98
CA PHE B 106 33.60 -46.31 41.43
C PHE B 106 34.78 -45.38 41.63
N SER B 107 35.48 -45.51 42.76
CA SER B 107 36.62 -44.64 43.04
C SER B 107 37.69 -44.83 41.99
N ALA B 108 38.02 -46.08 41.70
CA ALA B 108 39.00 -46.38 40.67
C ALA B 108 38.45 -45.96 39.32
N LEU B 109 37.18 -46.31 39.10
CA LEU B 109 36.45 -46.11 37.85
C LEU B 109 36.28 -44.66 37.47
N THR B 110 35.91 -43.81 38.41
CA THR B 110 35.77 -42.41 38.08
C THR B 110 37.13 -41.73 38.12
N THR B 111 37.19 -40.58 37.48
CA THR B 111 38.40 -39.77 37.51
C THR B 111 38.32 -38.93 38.79
N THR B 112 38.44 -39.62 39.91
CA THR B 112 38.30 -38.98 41.20
C THR B 112 39.32 -39.63 42.12
N GLY B 113 39.67 -38.94 43.18
CA GLY B 113 40.60 -39.49 44.14
C GLY B 113 39.89 -39.92 45.39
N ALA B 114 38.94 -40.84 45.28
CA ALA B 114 38.12 -41.18 46.43
C ALA B 114 38.85 -42.28 47.19
N THR B 115 39.87 -41.85 47.95
CA THR B 115 40.69 -42.77 48.73
C THR B 115 40.06 -43.01 50.08
N VAL B 116 39.88 -44.27 50.41
CA VAL B 116 39.61 -44.68 51.77
C VAL B 116 40.82 -45.41 52.32
N ILE B 117 41.72 -45.88 51.48
CA ILE B 117 42.87 -46.67 51.91
C ILE B 117 44.16 -45.94 51.55
N LEU B 123 48.35 -53.42 46.28
CA LEU B 123 47.38 -53.98 45.35
C LEU B 123 48.12 -54.88 44.34
N PRO B 124 47.40 -55.73 43.59
CA PRO B 124 48.06 -56.51 42.54
C PRO B 124 48.62 -55.62 41.44
N LYS B 125 49.72 -56.08 40.82
CA LYS B 125 50.36 -55.30 39.76
C LYS B 125 49.44 -55.14 38.55
N ALA B 126 48.78 -56.23 38.14
CA ALA B 126 47.88 -56.20 36.99
C ALA B 126 46.67 -55.33 37.26
N ILE B 127 46.10 -55.44 38.46
CA ILE B 127 44.92 -54.65 38.82
C ILE B 127 45.27 -53.17 38.85
N LEU B 128 46.45 -52.84 39.39
CA LEU B 128 46.91 -51.45 39.46
C LEU B 128 47.11 -50.88 38.07
N PHE B 129 47.67 -51.69 37.18
CA PHE B 129 47.87 -51.27 35.80
C PHE B 129 46.52 -51.02 35.16
N TYR B 130 45.57 -51.90 35.44
CA TYR B 130 44.22 -51.74 34.93
C TYR B 130 43.56 -50.49 35.49
N ARG B 131 43.83 -50.17 36.75
CA ARG B 131 43.26 -48.99 37.37
C ARG B 131 43.74 -47.73 36.67
N GLN B 132 45.03 -47.68 36.37
CA GLN B 132 45.58 -46.55 35.61
C GLN B 132 44.99 -46.56 34.21
N PHE B 133 44.78 -47.76 33.66
CA PHE B 133 44.15 -47.95 32.37
C PHE B 133 42.73 -47.40 32.39
N LEU B 134 42.06 -47.57 33.54
CA LEU B 134 40.71 -47.05 33.73
C LEU B 134 40.75 -45.55 33.62
N GLN B 135 41.80 -44.96 34.17
CA GLN B 135 41.99 -43.53 34.00
C GLN B 135 42.16 -43.19 32.52
N TRP B 136 42.88 -44.03 31.77
CA TRP B 136 43.02 -43.78 30.33
C TRP B 136 41.66 -43.83 29.62
N PHE B 137 40.84 -44.82 29.97
CA PHE B 137 39.51 -44.99 29.38
C PHE B 137 38.60 -43.82 29.71
N GLY B 138 38.64 -43.39 30.97
CA GLY B 138 37.85 -42.26 31.38
C GLY B 138 38.31 -41.01 30.69
N GLY B 139 39.63 -40.91 30.50
CA GLY B 139 40.20 -39.73 29.88
C GLY B 139 39.71 -39.52 28.47
N MET B 140 39.61 -40.60 27.68
CA MET B 140 39.12 -40.33 26.32
C MET B 140 37.60 -40.38 26.17
N GLY B 141 36.87 -41.17 26.97
CA GLY B 141 35.43 -41.28 26.75
C GLY B 141 34.64 -39.99 26.91
N ILE B 142 34.98 -39.21 27.96
CA ILE B 142 34.25 -37.98 28.27
C ILE B 142 34.36 -36.94 27.15
N ILE B 143 35.54 -36.80 26.55
CA ILE B 143 35.71 -35.80 25.49
C ILE B 143 34.93 -36.15 24.22
N VAL B 144 34.97 -37.42 23.81
CA VAL B 144 34.25 -37.83 22.61
C VAL B 144 32.74 -37.65 22.79
N LEU B 145 32.22 -37.98 23.98
CA LEU B 145 30.79 -37.76 24.21
C LEU B 145 30.45 -36.27 24.16
N ALA B 146 31.33 -35.45 24.74
CA ALA B 146 31.10 -34.01 24.80
C ALA B 146 31.02 -33.40 23.41
N VAL B 147 31.94 -33.76 22.52
CA VAL B 147 31.86 -33.25 21.15
C VAL B 147 30.60 -33.78 20.47
N ALA B 148 30.26 -35.06 20.72
CA ALA B 148 29.14 -35.78 20.14
C ALA B 148 27.74 -35.28 20.51
N ILE B 149 27.56 -34.41 21.52
CA ILE B 149 26.21 -33.97 21.93
C ILE B 149 25.36 -33.23 20.86
N LEU B 150 25.97 -32.76 19.76
CA LEU B 150 25.30 -31.93 18.74
C LEU B 150 23.96 -32.36 18.11
N PRO B 151 23.67 -33.63 17.80
CA PRO B 151 22.35 -33.91 17.19
C PRO B 151 21.17 -33.58 18.07
N VAL B 152 21.25 -33.87 19.36
CA VAL B 152 20.14 -33.53 20.22
C VAL B 152 20.25 -32.11 20.74
N LEU B 153 21.39 -31.47 20.56
CA LEU B 153 21.54 -30.10 21.03
C LEU B 153 22.67 -29.49 20.23
N ILE B 178 29.55 -42.10 10.09
CA ILE B 178 29.70 -40.72 10.54
C ILE B 178 30.97 -40.64 11.39
N ALA B 179 31.45 -41.80 11.85
CA ALA B 179 32.59 -41.86 12.77
C ALA B 179 33.86 -41.64 11.97
N GLU B 180 34.21 -40.37 11.83
CA GLU B 180 35.44 -39.93 11.20
C GLU B 180 36.37 -39.18 12.14
N THR B 181 35.90 -38.79 13.33
CA THR B 181 36.70 -38.04 14.28
C THR B 181 37.72 -38.91 15.00
N ALA B 182 37.60 -40.23 14.84
CA ALA B 182 38.48 -41.20 15.49
C ALA B 182 39.94 -41.04 15.06
N LYS B 183 40.19 -40.84 13.77
CA LYS B 183 41.56 -40.70 13.29
C LYS B 183 42.23 -39.43 13.80
N ALA B 184 41.53 -38.29 13.72
CA ALA B 184 42.10 -37.02 14.17
C ALA B 184 42.37 -37.03 15.66
N LEU B 185 41.42 -37.55 16.43
CA LEU B 185 41.60 -37.65 17.87
C LEU B 185 42.74 -38.60 18.17
N TRP B 186 42.88 -39.65 17.35
CA TRP B 186 43.96 -40.60 17.54
C TRP B 186 45.32 -39.94 17.34
N TYR B 187 45.46 -39.07 16.33
CA TYR B 187 46.75 -38.40 16.13
C TYR B 187 47.09 -37.50 17.29
N ILE B 188 46.11 -36.69 17.73
CA ILE B 188 46.34 -35.76 18.83
C ILE B 188 46.65 -36.52 20.11
N TYR B 189 45.92 -37.60 20.36
CA TYR B 189 46.12 -38.42 21.54
C TYR B 189 47.49 -39.08 21.54
N LEU B 190 47.92 -39.54 20.36
CA LEU B 190 49.24 -40.16 20.23
C LEU B 190 50.29 -39.14 20.60
N SER B 191 50.11 -37.90 20.13
CA SER B 191 51.04 -36.84 20.45
C SER B 191 51.10 -36.61 21.95
N LEU B 192 49.94 -36.54 22.61
CA LEU B 192 49.92 -36.29 24.04
C LEU B 192 50.58 -37.39 24.87
N THR B 193 50.23 -38.64 24.59
CA THR B 193 50.76 -39.77 25.35
C THR B 193 52.26 -39.95 25.13
N ILE B 194 52.70 -39.85 23.87
CA ILE B 194 54.10 -40.03 23.55
C ILE B 194 54.94 -38.94 24.19
N ALA B 195 54.42 -37.71 24.16
CA ALA B 195 55.13 -36.58 24.75
C ALA B 195 55.30 -36.79 26.24
N CYS B 196 54.23 -37.23 26.92
CA CYS B 196 54.35 -37.46 28.35
C CYS B 196 55.35 -38.56 28.69
N ALA B 197 55.30 -39.66 27.94
CA ALA B 197 56.21 -40.77 28.20
C ALA B 197 57.66 -40.40 27.98
N VAL B 198 57.93 -39.71 26.87
CA VAL B 198 59.31 -39.31 26.57
C VAL B 198 59.79 -38.31 27.61
N ALA B 199 58.90 -37.42 28.04
CA ALA B 199 59.24 -36.42 29.03
C ALA B 199 59.66 -37.07 30.34
N PHE B 200 58.91 -38.09 30.76
CA PHE B 200 59.32 -38.82 31.96
C PHE B 200 60.64 -39.55 31.74
N TRP B 201 60.83 -40.12 30.54
CA TRP B 201 62.03 -40.91 30.23
C TRP B 201 63.30 -40.07 30.34
N LEU B 202 63.24 -38.80 29.95
CA LEU B 202 64.41 -37.92 30.00
C LEU B 202 64.97 -37.74 31.41
N ALA B 203 64.12 -37.71 32.43
CA ALA B 203 64.63 -37.49 33.78
C ALA B 203 65.16 -38.76 34.47
N GLY B 204 66.17 -39.35 33.81
CA GLY B 204 66.91 -40.51 34.31
C GLY B 204 66.18 -41.77 34.75
N MET B 205 65.17 -42.21 34.01
CA MET B 205 64.47 -43.43 34.43
C MET B 205 64.24 -44.39 33.28
N THR B 206 64.07 -45.65 33.67
CA THR B 206 63.81 -46.72 32.72
C THR B 206 62.43 -46.49 32.09
N PRO B 207 62.26 -46.84 30.80
CA PRO B 207 60.97 -46.60 30.11
C PRO B 207 59.74 -47.16 30.80
N PHE B 208 59.86 -48.31 31.48
CA PHE B 208 58.72 -48.87 32.19
C PHE B 208 58.19 -47.92 33.26
N ASP B 209 59.10 -47.34 34.06
CA ASP B 209 58.68 -46.40 35.10
C ASP B 209 58.08 -45.15 34.49
N ALA B 210 58.69 -44.67 33.40
CA ALA B 210 58.18 -43.48 32.72
C ALA B 210 56.78 -43.73 32.19
N ILE B 211 56.57 -44.88 31.57
CA ILE B 211 55.26 -45.27 31.05
C ILE B 211 54.27 -45.42 32.19
N SER B 212 54.70 -45.97 33.33
CA SER B 212 53.83 -46.16 34.49
C SER B 212 53.33 -44.83 35.01
N HIS B 213 54.24 -43.88 35.14
CA HIS B 213 53.87 -42.55 35.59
C HIS B 213 52.95 -41.89 34.58
N SER B 214 53.25 -42.12 33.29
CA SER B 214 52.45 -41.55 32.20
C SER B 214 51.02 -42.06 32.27
N PHE B 215 50.85 -43.36 32.53
CA PHE B 215 49.53 -43.94 32.66
C PHE B 215 48.82 -43.33 33.84
N SER B 216 49.55 -43.13 34.92
CA SER B 216 48.99 -42.50 36.12
C SER B 216 48.52 -41.08 35.87
N THR B 217 49.23 -40.34 35.05
CA THR B 217 48.81 -38.97 34.81
C THR B 217 47.87 -38.73 33.61
N ILE B 218 47.41 -39.77 32.90
CA ILE B 218 46.53 -39.57 31.74
C ILE B 218 45.24 -38.82 32.09
N ALA B 219 44.55 -39.27 33.11
CA ALA B 219 43.43 -38.52 33.67
C ALA B 219 43.76 -38.40 35.13
N ILE B 220 43.84 -37.19 35.63
CA ILE B 220 44.59 -36.98 36.84
C ILE B 220 43.65 -37.03 38.05
N GLY B 221 43.72 -38.20 38.67
CA GLY B 221 43.06 -38.50 39.92
C GLY B 221 43.78 -37.90 41.10
N GLY B 222 45.09 -37.77 40.98
CA GLY B 222 45.98 -37.39 42.04
C GLY B 222 46.72 -38.58 42.59
N PHE B 223 46.42 -39.76 42.09
CA PHE B 223 47.07 -41.00 42.47
C PHE B 223 48.47 -41.06 41.87
N SER B 224 49.33 -41.80 42.54
CA SER B 224 50.71 -42.04 42.12
C SER B 224 51.09 -43.38 42.72
N THR B 225 52.36 -43.76 42.59
CA THR B 225 52.80 -45.03 43.16
C THR B 225 52.62 -45.03 44.67
N HIS B 226 52.92 -43.91 45.30
CA HIS B 226 52.73 -43.67 46.72
C HIS B 226 51.68 -42.59 46.89
N ASP B 227 50.80 -42.77 47.88
CA ASP B 227 49.68 -41.86 48.14
C ASP B 227 50.10 -40.39 48.29
N ALA B 228 51.30 -40.14 48.82
CA ALA B 228 51.99 -38.87 48.61
C ALA B 228 52.12 -38.62 47.12
N SER B 229 51.50 -37.54 46.64
CA SER B 229 51.40 -37.27 45.21
C SER B 229 52.72 -37.08 44.50
N MET B 230 53.59 -36.25 45.02
CA MET B 230 54.89 -36.08 44.41
C MET B 230 56.05 -36.10 45.39
N GLY B 231 55.79 -36.16 46.69
CA GLY B 231 56.86 -36.14 47.68
C GLY B 231 57.81 -37.30 47.57
N TYR B 232 57.27 -38.49 47.28
CA TYR B 232 58.10 -39.69 47.19
C TYR B 232 59.14 -39.55 46.09
N PHE B 233 58.77 -38.98 44.94
CA PHE B 233 59.75 -38.79 43.87
C PHE B 233 59.64 -37.35 43.34
N ASP B 234 60.72 -36.58 43.51
CA ASP B 234 60.85 -35.19 43.03
C ASP B 234 62.18 -34.95 42.35
N SER B 235 62.25 -35.25 41.06
CA SER B 235 63.32 -34.75 40.22
C SER B 235 62.81 -33.50 39.55
N TYR B 236 63.64 -32.45 39.56
CA TYR B 236 63.24 -31.09 39.16
C TYR B 236 62.69 -31.04 37.75
N ALA B 237 63.29 -31.81 36.83
CA ALA B 237 62.83 -31.86 35.45
C ALA B 237 61.40 -32.36 35.38
N ILE B 238 61.09 -33.41 36.15
CA ILE B 238 59.74 -33.96 36.18
C ILE B 238 58.75 -32.90 36.65
N ASN B 239 59.12 -32.16 37.70
CA ASN B 239 58.24 -31.14 38.23
C ASN B 239 57.98 -30.04 37.20
N LEU B 240 59.04 -29.52 36.57
CA LEU B 240 58.85 -28.44 35.60
C LEU B 240 58.07 -28.90 34.37
N ILE B 241 58.43 -30.06 33.87
CA ILE B 241 57.78 -30.60 32.69
C ILE B 241 56.32 -30.90 32.98
N THR B 242 56.05 -31.50 34.15
CA THR B 242 54.69 -31.84 34.53
C THR B 242 53.83 -30.61 34.67
N VAL B 243 54.36 -29.55 35.27
CA VAL B 243 53.55 -28.33 35.44
C VAL B 243 53.20 -27.77 34.06
N VAL B 244 54.14 -27.84 33.11
CA VAL B 244 53.87 -27.39 31.73
C VAL B 244 52.76 -28.25 31.16
N PHE B 245 52.83 -29.55 31.44
CA PHE B 245 51.82 -30.49 30.97
C PHE B 245 50.47 -30.13 31.54
N LEU B 246 50.44 -29.78 32.82
CA LEU B 246 49.20 -29.45 33.49
C LEU B 246 48.55 -28.24 32.86
N LEU B 247 49.33 -27.19 32.60
CA LEU B 247 48.75 -26.01 32.00
C LEU B 247 48.24 -26.27 30.58
N ILE B 248 49.05 -26.92 29.75
CA ILE B 248 48.68 -27.13 28.36
C ILE B 248 47.55 -28.14 28.19
N SER B 249 47.61 -29.23 28.95
CA SER B 249 46.70 -30.35 28.77
C SER B 249 45.24 -30.06 29.11
N ALA B 250 44.97 -29.31 30.16
CA ALA B 250 43.58 -29.18 30.58
C ALA B 250 42.81 -27.97 30.09
N CYS B 251 43.38 -27.05 29.29
CA CYS B 251 42.45 -25.99 28.96
C CYS B 251 41.79 -26.04 27.59
N ASN B 252 42.48 -26.19 26.46
CA ASN B 252 41.63 -26.18 25.27
C ASN B 252 42.20 -26.93 24.09
N PHE B 253 41.47 -27.94 23.64
CA PHE B 253 41.88 -28.70 22.49
C PHE B 253 40.90 -28.63 21.34
N THR B 254 39.64 -28.27 21.60
CA THR B 254 38.67 -28.13 20.52
C THR B 254 39.07 -26.99 19.61
N LEU B 255 39.63 -25.94 20.19
CA LEU B 255 40.10 -24.80 19.41
C LEU B 255 41.21 -25.20 18.45
N HIS B 256 42.08 -26.09 18.89
CA HIS B 256 43.20 -26.51 18.06
C HIS B 256 42.86 -27.68 17.14
N PHE B 257 41.59 -28.09 17.08
CA PHE B 257 41.20 -29.17 16.17
C PHE B 257 41.46 -28.82 14.70
N ALA B 258 41.55 -27.53 14.37
CA ALA B 258 41.95 -27.08 13.05
C ALA B 258 43.39 -27.43 12.75
N ALA B 259 44.18 -27.74 13.79
CA ALA B 259 45.54 -28.24 13.65
C ALA B 259 45.61 -29.53 12.84
N PHE B 260 44.50 -30.25 12.73
CA PHE B 260 44.44 -31.41 11.86
C PHE B 260 44.37 -31.00 10.40
N ALA B 261 43.79 -29.85 10.09
CA ALA B 261 43.85 -29.36 8.72
C ALA B 261 45.23 -28.79 8.39
N SER B 262 45.50 -28.76 7.09
CA SER B 262 46.78 -28.31 6.54
C SER B 262 47.04 -26.85 6.82
N GLY B 263 46.02 -26.01 6.73
CA GLY B 263 46.21 -24.58 6.93
C GLY B 263 46.68 -24.26 8.33
N GLY B 264 47.56 -23.26 8.42
CA GLY B 264 48.05 -22.85 9.72
C GLY B 264 47.28 -21.63 10.15
N VAL B 265 46.29 -21.86 11.01
CA VAL B 265 45.46 -20.80 11.54
C VAL B 265 45.84 -20.55 12.99
N HIS B 266 46.98 -21.10 13.43
CA HIS B 266 47.40 -21.00 14.82
C HIS B 266 47.64 -19.60 15.37
N PRO B 267 48.17 -18.59 14.62
CA PRO B 267 48.36 -17.30 15.30
C PRO B 267 47.03 -16.60 15.55
N LYS B 268 46.56 -16.84 16.78
CA LYS B 268 45.21 -16.56 17.22
C LYS B 268 45.34 -15.98 18.63
N TYR B 269 46.11 -14.91 18.75
CA TYR B 269 46.20 -14.20 20.01
C TYR B 269 45.24 -13.02 20.03
N TYR B 270 45.11 -12.36 18.90
CA TYR B 270 44.10 -11.36 18.76
C TYR B 270 43.10 -12.10 17.87
N GLU B 275 39.96 -17.32 24.25
CA GLU B 275 39.56 -17.59 25.63
C GLU B 275 40.50 -16.91 26.62
N PHE B 276 41.38 -16.05 26.12
CA PHE B 276 42.78 -16.13 26.46
C PHE B 276 43.09 -15.09 27.52
N ARG B 277 42.48 -13.92 27.36
CA ARG B 277 42.94 -12.78 28.14
C ARG B 277 42.50 -12.90 29.58
N ALA B 278 41.26 -13.31 29.79
CA ALA B 278 40.77 -13.43 31.15
C ALA B 278 41.50 -14.52 31.91
N PHE B 279 41.69 -15.63 31.22
CA PHE B 279 42.31 -16.78 31.80
C PHE B 279 43.72 -16.53 32.20
N ILE B 280 44.43 -15.73 31.42
CA ILE B 280 45.82 -15.54 31.77
C ILE B 280 45.91 -14.61 32.96
N PHE B 281 44.97 -13.68 33.03
CA PHE B 281 44.87 -12.74 34.15
C PHE B 281 44.67 -13.47 35.45
N ILE B 282 43.77 -14.45 35.47
CA ILE B 282 43.52 -15.22 36.69
C ILE B 282 44.76 -15.98 37.12
N GLN B 283 45.37 -16.73 36.19
CA GLN B 283 46.57 -17.51 36.51
C GLN B 283 47.75 -16.65 36.93
N VAL B 284 47.96 -15.54 36.24
CA VAL B 284 49.04 -14.62 36.58
C VAL B 284 48.80 -14.03 37.95
N LEU B 285 47.54 -13.72 38.24
CA LEU B 285 47.17 -13.20 39.56
C LEU B 285 47.50 -14.25 40.60
N LEU B 286 47.26 -15.51 40.26
CA LEU B 286 47.58 -16.62 41.14
C LEU B 286 49.07 -16.66 41.41
N PHE B 287 49.86 -16.44 40.38
CA PHE B 287 51.29 -16.40 40.56
C PHE B 287 51.70 -15.25 41.46
N LEU B 288 51.10 -14.08 41.25
CA LEU B 288 51.44 -12.91 42.07
C LEU B 288 51.08 -13.12 43.53
N VAL B 289 49.92 -13.71 43.81
CA VAL B 289 49.50 -13.95 45.18
C VAL B 289 50.44 -14.95 45.85
N CYS B 290 50.89 -15.97 45.11
CA CYS B 290 51.85 -16.93 45.69
C CYS B 290 53.16 -16.23 45.97
N PHE B 291 53.54 -15.31 45.09
CA PHE B 291 54.74 -14.52 45.27
C PHE B 291 54.62 -13.64 46.51
N LEU B 292 53.47 -13.01 46.68
CA LEU B 292 53.22 -12.16 47.83
C LEU B 292 53.21 -12.94 49.12
N LEU B 293 52.58 -14.12 49.10
CA LEU B 293 52.51 -14.96 50.27
C LEU B 293 53.89 -15.43 50.67
N LEU B 294 54.69 -15.80 49.66
CA LEU B 294 56.03 -16.27 49.92
C LEU B 294 56.87 -15.16 50.54
N LEU B 295 56.78 -13.94 49.99
CA LEU B 295 57.53 -12.82 50.52
C LEU B 295 57.09 -12.44 51.94
N LYS B 296 55.78 -12.49 52.21
CA LYS B 296 55.30 -12.16 53.55
C LYS B 296 55.75 -13.16 54.59
N HIS B 297 55.75 -14.45 54.27
CA HIS B 297 56.15 -15.40 55.30
C HIS B 297 57.63 -15.76 55.19
N HIS B 298 58.36 -15.12 54.26
CA HIS B 298 59.77 -15.34 53.94
C HIS B 298 60.20 -16.80 54.06
N SER B 299 59.44 -17.68 53.41
CA SER B 299 59.59 -19.12 53.59
C SER B 299 60.92 -19.65 53.07
N TYR B 300 61.15 -19.54 51.77
CA TYR B 300 62.34 -20.11 51.15
C TYR B 300 63.16 -19.02 50.47
N THR B 301 64.45 -18.99 50.77
CA THR B 301 65.36 -18.02 50.19
C THR B 301 65.75 -18.42 48.77
N SER B 302 65.91 -19.71 48.51
CA SER B 302 66.29 -20.18 47.20
C SER B 302 65.14 -20.03 46.21
N PRO B 303 65.40 -19.51 45.01
CA PRO B 303 64.33 -19.35 44.01
C PRO B 303 63.74 -20.63 43.46
N TYR B 304 64.56 -21.64 43.14
CA TYR B 304 64.05 -22.86 42.50
C TYR B 304 63.05 -23.62 43.37
N ASP B 305 63.41 -23.92 44.61
CA ASP B 305 62.51 -24.69 45.46
C ASP B 305 61.23 -23.93 45.73
N ALA B 306 61.36 -22.66 46.10
CA ALA B 306 60.18 -21.86 46.41
C ALA B 306 59.27 -21.69 45.22
N PHE B 307 59.84 -21.28 44.09
CA PHE B 307 59.02 -21.06 42.91
C PHE B 307 58.44 -22.36 42.36
N ASP B 308 59.26 -23.40 42.21
CA ASP B 308 58.75 -24.64 41.66
C ASP B 308 57.79 -25.36 42.58
N GLN B 309 58.17 -25.53 43.85
CA GLN B 309 57.30 -26.24 44.77
C GLN B 309 56.05 -25.43 45.03
N ALA B 310 56.23 -24.13 45.31
CA ALA B 310 55.11 -23.28 45.65
C ALA B 310 54.18 -23.15 44.47
N LEU B 311 54.77 -22.89 43.30
CA LEU B 311 54.02 -22.68 42.08
C LEU B 311 53.32 -23.96 41.75
N PHE B 312 54.03 -25.08 41.92
CA PHE B 312 53.49 -26.38 41.60
C PHE B 312 52.28 -26.66 42.46
N GLN B 313 52.38 -26.40 43.77
CA GLN B 313 51.26 -26.67 44.66
C GLN B 313 50.07 -25.80 44.31
N THR B 314 50.32 -24.51 44.07
CA THR B 314 49.23 -23.58 43.78
C THR B 314 48.53 -23.95 42.49
N VAL B 315 49.31 -24.20 41.44
CA VAL B 315 48.73 -24.52 40.15
C VAL B 315 48.03 -25.87 40.20
N SER B 316 48.65 -26.87 40.82
CA SER B 316 48.08 -28.22 40.84
C SER B 316 46.77 -28.26 41.60
N ILE B 317 46.71 -27.62 42.77
CA ILE B 317 45.45 -27.62 43.51
C ILE B 317 44.42 -26.80 42.74
N SER B 318 44.85 -25.67 42.18
CA SER B 318 43.97 -24.75 41.47
C SER B 318 43.44 -25.30 40.16
N THR B 319 44.24 -26.01 39.40
CA THR B 319 43.86 -26.39 38.04
C THR B 319 42.93 -27.60 38.01
N THR B 320 42.57 -28.12 39.19
CA THR B 320 41.71 -29.27 39.45
C THR B 320 42.41 -30.55 39.08
N ALA B 321 43.74 -30.48 39.00
CA ALA B 321 44.54 -31.65 38.71
C ALA B 321 44.44 -32.69 39.81
N GLY B 322 44.42 -32.26 41.06
CA GLY B 322 44.34 -33.17 42.17
C GLY B 322 45.63 -33.71 42.72
N PHE B 323 46.79 -33.22 42.27
CA PHE B 323 48.05 -33.70 42.81
C PHE B 323 48.35 -32.81 44.01
N THR B 324 48.25 -33.35 45.23
CA THR B 324 48.53 -32.55 46.41
C THR B 324 49.53 -33.23 47.32
N THR B 325 50.62 -32.52 47.65
CA THR B 325 51.65 -33.06 48.54
C THR B 325 51.91 -32.11 49.73
N THR B 326 51.01 -31.19 50.04
CA THR B 326 51.31 -30.30 51.13
C THR B 326 50.10 -30.29 52.05
N GLY B 327 50.33 -29.99 53.33
CA GLY B 327 49.26 -29.93 54.31
C GLY B 327 49.02 -28.53 54.81
N PHE B 328 49.55 -27.58 54.04
CA PHE B 328 49.37 -26.13 54.19
C PHE B 328 49.53 -25.66 55.63
N ALA B 329 50.72 -25.88 56.18
CA ALA B 329 51.13 -25.27 57.44
C ALA B 329 52.01 -24.05 57.25
N ASP B 330 52.90 -24.09 56.27
CA ASP B 330 53.74 -22.94 55.94
C ASP B 330 52.90 -21.84 55.32
N TRP B 331 51.75 -22.18 54.82
CA TRP B 331 50.69 -21.32 54.35
C TRP B 331 49.75 -21.08 55.54
N PRO B 332 49.02 -19.97 55.61
CA PRO B 332 47.97 -19.82 56.63
C PRO B 332 46.80 -20.74 56.33
N LEU B 333 45.87 -20.86 57.29
CA LEU B 333 44.65 -21.70 57.16
C LEU B 333 43.71 -21.19 56.07
N PHE B 334 43.69 -19.87 55.90
CA PHE B 334 42.86 -19.26 54.87
C PHE B 334 43.28 -19.74 53.50
N LEU B 335 44.57 -20.00 53.31
CA LEU B 335 45.02 -20.52 52.01
C LEU B 335 44.37 -21.85 51.68
N PRO B 336 44.20 -22.83 52.59
CA PRO B 336 43.41 -23.99 52.22
C PRO B 336 42.01 -23.63 51.86
N VAL B 337 41.39 -22.72 52.61
CA VAL B 337 40.04 -22.34 52.23
C VAL B 337 39.99 -21.66 50.86
N LEU B 338 40.95 -20.76 50.58
CA LEU B 338 41.00 -20.05 49.30
C LEU B 338 41.27 -20.99 48.16
N LEU B 339 42.16 -21.92 48.40
CA LEU B 339 42.50 -22.92 47.41
C LEU B 339 41.31 -23.80 47.12
N LEU B 340 40.55 -24.12 48.16
CA LEU B 340 39.33 -24.90 47.94
C LEU B 340 38.37 -24.14 47.04
N PHE B 341 38.24 -22.83 47.26
CA PHE B 341 37.41 -22.02 46.37
C PHE B 341 37.98 -22.03 44.97
N SER B 342 39.30 -22.06 44.87
CA SER B 342 39.97 -22.15 43.58
C SER B 342 39.62 -23.46 42.91
N SER B 343 39.52 -24.52 43.72
CA SER B 343 39.14 -25.84 43.26
C SER B 343 37.75 -25.81 42.66
N PHE B 344 36.85 -24.97 43.19
CA PHE B 344 35.51 -24.86 42.62
C PHE B 344 35.54 -24.49 41.14
N ILE B 345 36.41 -23.55 40.75
CA ILE B 345 36.55 -23.24 39.34
C ILE B 345 37.11 -24.48 38.66
N GLY B 346 36.59 -24.82 37.49
CA GLY B 346 37.08 -26.07 36.94
C GLY B 346 36.66 -26.39 35.54
N GLY B 347 37.62 -26.74 34.73
CA GLY B 347 37.31 -26.96 33.35
C GLY B 347 37.46 -25.68 32.57
N CYS B 348 37.84 -25.84 31.33
CA CYS B 348 37.78 -24.81 30.32
C CYS B 348 36.81 -25.33 29.28
N ALA B 349 36.23 -24.44 28.46
CA ALA B 349 35.28 -24.91 27.45
C ALA B 349 35.93 -25.91 26.50
N GLY B 350 35.18 -26.93 26.11
CA GLY B 350 35.69 -28.01 25.26
C GLY B 350 36.84 -28.78 25.89
N SER B 351 36.74 -29.05 27.19
CA SER B 351 37.76 -29.73 27.97
C SER B 351 37.15 -30.81 28.83
N THR B 352 38.06 -31.63 29.39
CA THR B 352 37.68 -32.76 30.23
C THR B 352 36.90 -32.32 31.47
N GLY B 353 37.24 -31.18 32.08
CA GLY B 353 36.59 -30.78 33.29
C GLY B 353 35.14 -30.34 33.05
N GLY B 354 34.20 -31.08 33.61
CA GLY B 354 32.79 -30.72 33.54
C GLY B 354 32.36 -29.88 34.72
N GLY B 355 32.93 -28.69 34.86
CA GLY B 355 32.57 -27.76 35.93
C GLY B 355 32.13 -26.39 35.47
N MET B 356 32.26 -25.38 36.34
CA MET B 356 31.91 -24.03 35.93
C MET B 356 32.97 -23.51 34.98
N LYS B 357 32.58 -22.66 34.05
CA LYS B 357 33.49 -22.26 33.01
C LYS B 357 33.62 -20.76 32.93
N VAL B 358 34.62 -20.36 32.16
CA VAL B 358 34.96 -18.96 31.97
C VAL B 358 33.82 -18.22 31.30
N ILE B 359 33.21 -18.84 30.27
CA ILE B 359 32.12 -18.22 29.52
C ILE B 359 30.90 -17.95 30.40
N ARG B 360 30.52 -18.91 31.25
CA ARG B 360 29.34 -18.73 32.09
C ARG B 360 29.53 -17.58 33.07
N ILE B 361 30.56 -17.67 33.91
CA ILE B 361 30.85 -16.65 34.94
C ILE B 361 31.15 -15.33 34.27
N LEU B 362 31.83 -15.39 33.15
CA LEU B 362 32.17 -14.22 32.36
C LEU B 362 30.92 -13.55 31.89
N LEU B 363 29.98 -14.36 31.44
CA LEU B 363 28.70 -13.85 30.99
C LEU B 363 28.00 -13.17 32.15
N LEU B 364 28.00 -13.82 33.32
CA LEU B 364 27.30 -13.23 34.46
C LEU B 364 27.93 -11.91 34.88
N THR B 365 29.24 -11.87 35.02
CA THR B 365 29.90 -10.64 35.39
C THR B 365 29.87 -9.57 34.32
N LEU B 366 30.24 -9.90 33.08
CA LEU B 366 30.20 -8.89 32.01
C LEU B 366 28.77 -8.50 31.64
N GLN B 367 27.89 -9.48 31.54
CA GLN B 367 26.47 -9.23 31.31
C GLN B 367 25.91 -8.60 32.55
N GLY B 368 26.46 -9.01 33.67
CA GLY B 368 26.11 -8.41 34.94
C GLY B 368 26.54 -6.97 34.98
N ALA B 369 27.66 -6.66 34.35
CA ALA B 369 28.14 -5.29 34.23
C ALA B 369 27.11 -4.51 33.44
N ARG B 370 26.58 -5.14 32.41
CA ARG B 370 25.51 -4.55 31.63
C ARG B 370 24.29 -4.38 32.53
N GLU B 371 24.06 -5.34 33.40
CA GLU B 371 22.98 -5.24 34.38
C GLU B 371 23.22 -4.08 35.34
N LEU B 372 24.48 -3.84 35.69
CA LEU B 372 24.85 -2.73 36.56
C LEU B 372 24.49 -1.45 35.86
N LYS B 373 24.74 -1.43 34.56
CA LYS B 373 24.36 -0.30 33.75
C LYS B 373 22.85 -0.15 33.76
N ARG B 374 22.13 -1.28 33.79
CA ARG B 374 20.68 -1.18 33.85
C ARG B 374 20.25 -0.46 35.11
N LEU B 375 20.88 -0.82 36.24
CA LEU B 375 20.64 -0.16 37.52
C LEU B 375 20.73 1.34 37.38
N VAL B 376 21.73 1.82 36.62
CA VAL B 376 21.86 3.26 36.40
C VAL B 376 20.65 3.82 35.65
N HIS B 377 20.26 3.19 34.54
CA HIS B 377 19.09 3.67 33.81
C HIS B 377 18.25 2.56 33.16
N PRO B 378 16.97 2.42 33.51
CA PRO B 378 16.16 1.38 32.86
C PRO B 378 15.71 1.76 31.47
N ARG B 379 15.76 3.03 31.14
CA ARG B 379 15.34 3.48 29.82
C ARG B 379 16.47 3.40 28.79
N ALA B 380 17.53 2.68 29.14
CA ALA B 380 18.69 2.56 28.26
C ALA B 380 18.78 1.16 27.66
N VAL B 381 18.73 1.08 26.33
CA VAL B 381 18.92 -0.18 25.61
C VAL B 381 20.33 -0.69 25.87
N TYR B 382 20.45 -1.95 26.29
CA TYR B 382 21.75 -2.59 26.39
C TYR B 382 21.91 -3.74 25.39
N THR B 383 22.83 -3.58 24.45
CA THR B 383 23.31 -4.68 23.61
C THR B 383 24.82 -4.59 23.50
N ILE B 384 25.50 -5.62 23.98
CA ILE B 384 26.96 -5.65 24.00
C ILE B 384 27.43 -7.02 23.54
N LYS B 385 28.51 -7.03 22.77
CA LYS B 385 29.10 -8.27 22.28
C LYS B 385 30.55 -8.28 22.74
N VAL B 386 30.93 -9.31 23.48
CA VAL B 386 32.26 -9.38 24.06
C VAL B 386 33.33 -9.63 23.02
N GLY B 387 33.13 -10.61 22.15
CA GLY B 387 34.15 -10.87 21.16
C GLY B 387 33.85 -11.00 19.69
N GLY B 388 33.60 -12.25 19.30
CA GLY B 388 33.34 -12.56 17.90
C GLY B 388 32.06 -12.03 17.29
N SER B 389 30.94 -12.13 18.00
CA SER B 389 29.69 -11.73 17.36
C SER B 389 28.61 -11.40 18.37
N ALA B 390 27.56 -10.75 17.85
CA ALA B 390 26.36 -10.39 18.58
C ALA B 390 25.69 -11.60 19.19
N LEU B 391 25.67 -11.64 20.50
CA LEU B 391 25.18 -12.81 21.18
C LEU B 391 23.66 -12.79 21.29
N PRO B 392 23.00 -13.93 21.10
CA PRO B 392 21.55 -13.99 21.15
C PRO B 392 21.04 -14.04 22.58
N GLN B 393 19.88 -13.44 22.82
CA GLN B 393 19.30 -13.48 24.15
C GLN B 393 18.62 -14.83 24.45
N ARG B 394 18.64 -15.75 23.49
CA ARG B 394 18.01 -17.04 23.64
C ARG B 394 18.81 -17.96 24.55
N VAL B 395 20.08 -18.18 24.21
CA VAL B 395 20.94 -19.14 24.89
C VAL B 395 21.34 -18.63 26.27
N VAL B 396 21.23 -17.33 26.52
CA VAL B 396 21.96 -16.73 27.63
C VAL B 396 21.18 -16.91 28.92
N ASP B 397 19.86 -16.93 28.83
CA ASP B 397 19.06 -17.10 30.02
C ASP B 397 19.27 -18.49 30.61
N ALA B 398 19.36 -19.51 29.77
CA ALA B 398 19.66 -20.86 30.21
C ALA B 398 21.02 -21.01 30.89
N VAL B 399 21.89 -20.02 30.80
CA VAL B 399 23.21 -20.19 31.39
C VAL B 399 23.09 -19.97 32.87
N TRP B 400 22.35 -18.97 33.23
CA TRP B 400 22.16 -18.66 34.62
C TRP B 400 20.95 -19.37 35.19
N GLY B 401 19.96 -19.71 34.37
CA GLY B 401 18.95 -20.64 34.84
C GLY B 401 19.57 -22.00 35.12
N PHE B 402 20.64 -22.31 34.40
CA PHE B 402 21.47 -23.49 34.65
C PHE B 402 22.21 -23.31 35.95
N PHE B 403 22.73 -22.11 36.17
CA PHE B 403 23.42 -21.83 37.41
C PHE B 403 22.46 -21.85 38.59
N SER B 404 21.25 -21.32 38.42
CA SER B 404 20.29 -21.31 39.52
C SER B 404 19.91 -22.72 39.91
N ALA B 405 19.61 -23.56 38.92
CA ALA B 405 19.29 -24.94 39.17
C ALA B 405 20.49 -25.64 39.76
N TYR B 406 21.68 -25.25 39.29
CA TYR B 406 22.93 -25.80 39.77
C TYR B 406 23.09 -25.51 41.26
N ALA B 407 22.74 -24.30 41.65
CA ALA B 407 22.79 -23.91 43.04
C ALA B 407 21.81 -24.73 43.84
N LEU B 408 20.64 -25.00 43.26
CA LEU B 408 19.64 -25.81 43.93
C LEU B 408 20.22 -27.19 44.18
N VAL B 409 20.92 -27.72 43.19
CA VAL B 409 21.59 -29.01 43.31
C VAL B 409 22.66 -28.93 44.39
N PHE B 410 23.37 -27.81 44.45
CA PHE B 410 24.44 -27.61 45.42
C PHE B 410 23.88 -27.65 46.82
N VAL B 411 22.72 -27.02 47.01
CA VAL B 411 22.02 -27.03 48.27
C VAL B 411 21.64 -28.46 48.61
N VAL B 412 21.15 -29.20 47.62
CA VAL B 412 20.75 -30.59 47.83
C VAL B 412 21.94 -31.42 48.28
N CYS B 413 23.07 -31.24 47.61
CA CYS B 413 24.26 -32.01 47.95
C CYS B 413 24.75 -31.65 49.35
N MET B 414 24.84 -30.36 49.67
CA MET B 414 25.33 -29.98 51.00
C MET B 414 24.39 -30.43 52.10
N LEU B 415 23.08 -30.17 51.91
CA LEU B 415 22.09 -30.53 52.90
C LEU B 415 21.99 -32.03 53.06
N GLY B 416 21.96 -32.75 51.94
CA GLY B 416 21.84 -34.20 52.01
C GLY B 416 23.03 -34.87 52.64
N LEU B 417 24.23 -34.47 52.23
CA LEU B 417 25.43 -35.08 52.76
C LEU B 417 25.59 -34.81 54.26
N ILE B 418 25.32 -33.58 54.69
CA ILE B 418 25.38 -33.31 56.12
C ILE B 418 24.24 -34.05 56.84
N ALA B 419 23.05 -34.03 56.23
CA ALA B 419 21.84 -34.58 56.83
C ALA B 419 21.90 -36.08 57.06
N THR B 420 22.45 -36.86 56.12
CA THR B 420 22.52 -38.32 56.23
C THR B 420 23.19 -38.88 57.51
N GLY B 421 23.82 -38.02 58.31
CA GLY B 421 24.53 -38.34 59.54
C GLY B 421 26.01 -37.99 59.54
N MET B 422 26.53 -37.37 58.49
CA MET B 422 27.92 -36.95 58.41
C MET B 422 28.19 -35.74 59.30
N ASP B 423 29.47 -35.54 59.62
CA ASP B 423 29.95 -34.45 60.45
C ASP B 423 29.78 -33.12 59.71
N GLU B 424 29.55 -32.04 60.45
CA GLU B 424 29.34 -30.75 59.78
C GLU B 424 30.58 -30.23 59.02
N LEU B 425 31.73 -30.26 59.64
CA LEU B 425 32.88 -29.66 58.96
C LEU B 425 33.64 -30.57 58.01
N SER B 426 33.99 -31.78 58.43
CA SER B 426 34.74 -32.64 57.54
C SER B 426 33.91 -32.98 56.31
N ALA B 427 32.62 -33.20 56.50
CA ALA B 427 31.77 -33.39 55.34
C ALA B 427 31.70 -32.10 54.54
N PHE B 428 31.68 -30.92 55.20
CA PHE B 428 31.58 -29.66 54.46
C PHE B 428 32.74 -29.50 53.48
N SER B 429 33.95 -29.77 53.96
CA SER B 429 35.10 -29.71 53.09
C SER B 429 34.98 -30.81 52.03
N ALA B 430 34.48 -31.97 52.46
CA ALA B 430 34.31 -33.09 51.57
C ALA B 430 33.33 -32.79 50.44
N VAL B 431 32.21 -32.13 50.72
CA VAL B 431 31.26 -31.82 49.65
C VAL B 431 31.88 -30.83 48.67
N ALA B 432 32.65 -29.85 49.17
CA ALA B 432 33.27 -28.93 48.22
C ALA B 432 34.23 -29.68 47.30
N ALA B 433 35.05 -30.51 47.92
CA ALA B 433 36.00 -31.35 47.22
C ALA B 433 35.30 -32.37 46.32
N THR B 434 34.19 -32.92 46.80
CA THR B 434 33.43 -33.93 46.08
C THR B 434 32.86 -33.43 44.78
N LEU B 435 32.26 -32.24 44.81
CA LEU B 435 31.69 -31.65 43.61
C LEU B 435 32.78 -31.38 42.59
N ASN B 436 33.92 -30.89 43.08
CA ASN B 436 35.04 -30.64 42.16
C ASN B 436 35.63 -31.92 41.57
N ASN B 437 35.72 -32.99 42.38
CA ASN B 437 36.31 -34.33 42.12
C ASN B 437 37.82 -34.39 42.27
N LEU B 438 38.37 -33.79 43.32
CA LEU B 438 39.80 -33.87 43.59
C LEU B 438 40.10 -35.02 44.52
N GLY B 439 39.51 -35.02 45.69
CA GLY B 439 39.81 -36.02 46.67
C GLY B 439 39.15 -35.65 47.97
N PRO B 440 39.62 -36.23 49.07
CA PRO B 440 38.98 -35.98 50.36
C PRO B 440 39.46 -34.70 51.03
N GLY B 441 38.59 -34.16 51.88
CA GLY B 441 38.73 -32.86 52.51
C GLY B 441 39.93 -32.64 53.41
N LEU B 442 40.78 -31.71 52.99
CA LEU B 442 41.97 -31.30 53.72
C LEU B 442 41.65 -30.62 55.06
N GLY B 443 40.62 -29.80 55.08
CA GLY B 443 40.30 -29.10 56.32
C GLY B 443 39.90 -30.11 57.36
N GLU B 444 40.50 -30.02 58.56
CA GLU B 444 40.22 -30.93 59.66
C GLU B 444 40.33 -32.37 59.17
N VAL B 445 41.46 -32.69 58.55
CA VAL B 445 41.57 -33.94 57.84
C VAL B 445 41.29 -35.27 58.52
N ALA B 446 40.37 -35.96 57.85
CA ALA B 446 39.94 -37.31 58.13
C ALA B 446 39.54 -37.66 56.71
N LEU B 447 40.51 -37.62 55.81
CA LEU B 447 40.24 -37.84 54.40
C LEU B 447 39.70 -39.22 54.13
N HIS B 448 40.25 -40.22 54.80
CA HIS B 448 39.78 -41.57 54.56
C HIS B 448 38.65 -41.96 55.49
N PHE B 449 37.47 -41.99 54.91
CA PHE B 449 36.23 -42.39 55.56
C PHE B 449 35.90 -43.80 55.12
N GLY B 450 35.77 -44.70 56.08
CA GLY B 450 35.33 -46.03 55.79
C GLY B 450 34.09 -46.27 56.60
N ASP B 451 34.08 -45.71 57.80
CA ASP B 451 32.99 -45.92 58.71
C ASP B 451 31.82 -44.95 58.45
N VAL B 452 31.79 -44.34 57.28
CA VAL B 452 30.69 -43.49 56.88
C VAL B 452 29.59 -44.40 56.34
N ASN B 453 28.36 -43.93 56.38
CA ASN B 453 27.19 -44.71 55.96
C ASN B 453 27.27 -45.11 54.50
N ASP B 454 27.14 -46.42 54.29
CA ASP B 454 27.24 -47.02 52.97
C ASP B 454 26.16 -46.51 52.03
N LYS B 455 24.97 -46.24 52.56
CA LYS B 455 23.96 -45.60 51.74
C LYS B 455 24.42 -44.20 51.38
N ALA B 456 25.01 -43.48 52.34
CA ALA B 456 25.61 -42.19 52.06
C ALA B 456 26.76 -42.37 51.10
N LYS B 457 27.47 -43.51 51.20
CA LYS B 457 28.53 -43.80 50.24
C LYS B 457 27.95 -43.91 48.85
N TRP B 458 26.77 -44.52 48.72
CA TRP B 458 26.11 -44.57 47.41
C TRP B 458 25.77 -43.16 46.96
N VAL B 459 25.32 -42.33 47.91
CA VAL B 459 25.04 -40.94 47.63
C VAL B 459 26.31 -40.23 47.18
N LEU B 460 27.44 -40.57 47.79
CA LEU B 460 28.72 -39.99 47.40
C LEU B 460 29.06 -40.41 45.98
N ILE B 461 28.75 -41.66 45.64
CA ILE B 461 29.00 -42.15 44.29
C ILE B 461 28.16 -41.37 43.29
N VAL B 462 26.88 -41.20 43.60
CA VAL B 462 25.98 -40.47 42.71
C VAL B 462 26.40 -39.01 42.64
N SER B 463 26.85 -38.43 43.77
CA SER B 463 27.28 -37.05 43.80
C SER B 463 28.53 -36.80 42.97
N MET B 464 29.54 -37.67 43.10
CA MET B 464 30.75 -37.49 42.31
C MET B 464 30.47 -37.71 40.84
N LEU B 465 29.59 -38.68 40.53
CA LEU B 465 29.20 -38.93 39.15
C LEU B 465 28.51 -37.71 38.60
N PHE B 466 27.68 -37.08 39.43
CA PHE B 466 27.00 -35.85 39.06
C PHE B 466 28.02 -34.77 38.80
N GLY B 467 29.10 -34.77 39.57
CA GLY B 467 30.15 -33.81 39.32
C GLY B 467 30.77 -33.98 37.95
N ARG B 468 31.04 -35.23 37.56
CA ARG B 468 31.57 -35.43 36.22
C ARG B 468 30.54 -35.20 35.11
N LEU B 469 29.35 -35.75 35.25
CA LEU B 469 28.25 -35.70 34.29
C LEU B 469 27.43 -34.43 34.40
N GLU B 470 26.60 -34.17 33.38
CA GLU B 470 25.64 -33.11 33.58
C GLU B 470 24.63 -33.72 34.55
N ILE B 471 24.42 -33.05 35.69
CA ILE B 471 23.58 -33.56 36.77
C ILE B 471 22.14 -33.78 36.32
N PHE B 472 21.68 -32.88 35.46
CA PHE B 472 20.31 -32.84 34.99
C PHE B 472 19.86 -34.09 34.29
N THR B 473 20.76 -34.72 33.52
CA THR B 473 20.46 -35.94 32.78
C THR B 473 19.66 -36.93 33.65
N LEU B 474 20.10 -37.11 34.91
CA LEU B 474 19.33 -37.92 35.85
C LEU B 474 18.01 -37.26 36.26
N LEU B 475 18.04 -35.93 36.40
CA LEU B 475 16.91 -35.13 36.88
C LEU B 475 15.65 -35.23 36.04
N ILE B 476 15.77 -35.27 34.71
CA ILE B 476 14.60 -35.29 33.82
C ILE B 476 13.72 -36.50 34.09
N LEU B 477 14.33 -37.64 34.43
CA LEU B 477 13.54 -38.82 34.74
C LEU B 477 12.64 -38.62 35.97
N LEU B 478 13.15 -37.96 37.00
CA LEU B 478 12.36 -37.79 38.24
C LEU B 478 11.19 -36.81 38.11
N THR B 479 11.29 -35.83 37.24
CA THR B 479 10.25 -34.80 37.12
C THR B 479 8.87 -35.31 36.74
N PRO B 480 7.85 -34.97 37.51
CA PRO B 480 6.46 -35.32 37.18
C PRO B 480 6.04 -34.56 35.93
N THR B 481 5.17 -35.20 35.15
CA THR B 481 4.54 -34.86 33.86
C THR B 481 5.50 -35.29 32.75
N PHE B 482 6.70 -35.74 33.11
CA PHE B 482 7.55 -36.35 32.11
C PHE B 482 6.95 -37.70 31.74
N TRP B 483 6.47 -38.41 32.77
CA TRP B 483 5.82 -39.69 32.60
C TRP B 483 4.44 -39.43 31.98
N MET C 1 -6.39 49.87 -24.33
CA MET C 1 -5.74 48.57 -24.26
C MET C 1 -4.42 48.57 -25.00
N GLN C 2 -3.43 49.22 -24.36
CA GLN C 2 -2.06 49.47 -24.84
C GLN C 2 -2.00 49.87 -26.31
N PHE C 3 -2.84 50.85 -26.68
CA PHE C 3 -3.02 51.26 -28.07
C PHE C 3 -1.77 51.84 -28.70
N ARG C 4 -0.82 52.32 -27.88
CA ARG C 4 0.34 53.01 -28.41
C ARG C 4 1.27 52.02 -29.09
N SER C 5 1.19 50.76 -28.67
CA SER C 5 2.03 49.73 -29.24
C SER C 5 1.37 49.08 -30.44
N ILE C 6 0.05 49.20 -30.60
CA ILE C 6 -0.57 48.68 -31.80
C ILE C 6 -0.39 49.66 -32.97
N ILE C 7 -0.33 50.96 -32.67
CA ILE C 7 -0.25 52.00 -33.70
C ILE C 7 1.01 51.89 -34.56
N ARG C 8 2.18 51.76 -33.94
CA ARG C 8 3.42 51.66 -34.69
C ARG C 8 3.54 50.37 -35.51
N ILE C 9 3.19 49.22 -34.93
CA ILE C 9 3.29 47.96 -35.68
C ILE C 9 2.33 47.92 -36.85
N VAL C 10 1.09 48.35 -36.65
CA VAL C 10 0.11 48.37 -37.74
C VAL C 10 0.54 49.35 -38.82
N GLY C 11 1.07 50.51 -38.43
CA GLY C 11 1.53 51.47 -39.40
C GLY C 11 2.68 50.92 -40.23
N LEU C 12 3.59 50.21 -39.56
CA LEU C 12 4.71 49.57 -40.23
C LEU C 12 4.20 48.52 -41.20
N LEU C 13 3.16 47.80 -40.79
CA LEU C 13 2.55 46.81 -41.66
C LEU C 13 1.98 47.44 -42.92
N LEU C 14 1.27 48.57 -42.78
CA LEU C 14 0.72 49.24 -43.96
C LEU C 14 1.83 49.72 -44.88
N ALA C 15 2.90 50.26 -44.30
CA ALA C 15 4.03 50.72 -45.09
C ALA C 15 4.70 49.57 -45.83
N LEU C 16 4.83 48.43 -45.16
CA LEU C 16 5.44 47.24 -45.76
C LEU C 16 4.59 46.74 -46.93
N PHE C 17 3.26 46.78 -46.78
CA PHE C 17 2.37 46.39 -47.88
C PHE C 17 2.57 47.33 -49.06
N SER C 18 2.72 48.61 -48.77
CA SER C 18 2.96 49.65 -49.76
C SER C 18 4.28 49.51 -50.49
N VAL C 19 5.30 48.94 -49.86
CA VAL C 19 6.63 48.85 -50.47
C VAL C 19 6.54 48.12 -51.81
N THR C 20 5.78 47.04 -51.87
CA THR C 20 5.64 46.34 -53.14
C THR C 20 4.46 46.90 -53.95
N MET C 21 4.50 48.20 -54.25
CA MET C 21 3.47 48.86 -55.05
C MET C 21 4.05 49.58 -56.26
N LEU C 22 5.30 49.29 -56.63
CA LEU C 22 5.95 49.93 -57.76
C LEU C 22 5.89 49.07 -59.01
N ALA C 23 5.08 48.01 -58.99
CA ALA C 23 5.00 47.07 -60.11
C ALA C 23 4.54 47.69 -61.43
N PRO C 24 3.52 48.58 -61.50
CA PRO C 24 3.21 49.13 -62.84
C PRO C 24 4.20 50.19 -63.27
N ALA C 25 4.83 50.84 -62.30
CA ALA C 25 5.78 51.92 -62.58
C ALA C 25 6.95 51.48 -63.45
N LEU C 26 7.30 50.18 -63.42
CA LEU C 26 8.32 49.64 -64.31
C LEU C 26 7.89 49.75 -65.77
N VAL C 27 6.58 49.76 -66.03
CA VAL C 27 6.03 49.79 -67.37
C VAL C 27 5.45 51.19 -67.57
N ALA C 28 6.27 52.08 -68.13
CA ALA C 28 5.80 53.43 -68.39
C ALA C 28 4.72 53.43 -69.47
N LEU C 29 5.06 52.95 -70.66
CA LEU C 29 4.08 52.70 -71.72
C LEU C 29 4.67 51.67 -72.67
N VAL C 37 1.44 56.15 -61.64
CA VAL C 37 1.33 57.23 -60.63
C VAL C 37 0.29 57.06 -59.47
N PRO C 38 -0.91 56.49 -59.67
CA PRO C 38 -1.79 56.28 -58.51
C PRO C 38 -1.24 55.28 -57.53
N PHE C 39 -0.66 54.20 -58.02
CA PHE C 39 -0.09 53.17 -57.16
C PHE C 39 1.07 53.74 -56.35
N VAL C 40 1.87 54.60 -56.99
CA VAL C 40 2.97 55.28 -56.32
C VAL C 40 2.40 56.15 -55.22
N THR C 41 1.27 56.78 -55.51
CA THR C 41 0.56 57.60 -54.55
C THR C 41 0.13 56.75 -53.37
N THR C 42 -0.36 55.52 -53.63
CA THR C 42 -0.77 54.64 -52.52
C THR C 42 0.42 54.31 -51.63
N PHE C 43 1.58 54.08 -52.25
CA PHE C 43 2.77 53.82 -51.45
C PHE C 43 3.10 55.03 -50.61
N PHE C 44 3.03 56.21 -51.21
CA PHE C 44 3.33 57.42 -50.46
C PHE C 44 2.35 57.69 -49.33
N VAL C 45 1.04 57.50 -49.57
CA VAL C 45 0.05 57.75 -48.55
C VAL C 45 0.18 56.80 -47.37
N LEU C 46 0.35 55.51 -47.64
CA LEU C 46 0.53 54.54 -46.56
C LEU C 46 1.85 54.75 -45.84
N LEU C 47 2.91 55.08 -46.58
CA LEU C 47 4.20 55.35 -46.00
C LEU C 47 4.05 56.55 -45.07
N PHE C 48 3.27 57.54 -45.48
CA PHE C 48 2.99 58.69 -44.66
C PHE C 48 2.25 58.24 -43.41
N CYS C 49 1.33 57.29 -43.57
CA CYS C 49 0.58 56.74 -42.45
C CYS C 49 1.54 56.07 -41.49
N GLY C 50 2.48 55.30 -42.01
CA GLY C 50 3.47 54.65 -41.19
C GLY C 50 4.33 55.68 -40.48
N ALA C 51 4.68 56.75 -41.18
CA ALA C 51 5.51 57.81 -40.62
C ALA C 51 4.82 58.52 -39.47
N MET C 52 3.52 58.79 -39.61
CA MET C 52 2.84 59.50 -38.53
C MET C 52 2.57 58.60 -37.34
N CYS C 53 2.73 57.29 -37.53
CA CYS C 53 2.49 56.29 -36.51
C CYS C 53 3.78 55.77 -35.88
N TRP C 54 4.92 56.35 -36.22
CA TRP C 54 6.20 55.74 -35.88
C TRP C 54 6.98 56.62 -34.91
N PHE C 55 7.01 57.93 -35.16
CA PHE C 55 7.75 58.91 -34.39
C PHE C 55 7.06 59.40 -33.11
N PRO C 56 5.76 59.75 -33.07
CA PRO C 56 5.19 60.23 -31.80
C PRO C 56 5.13 59.19 -30.71
N ASN C 57 5.02 57.92 -31.08
CA ASN C 57 4.92 56.81 -30.13
C ASN C 57 6.20 55.99 -30.24
N ARG C 58 6.83 55.73 -29.09
CA ARG C 58 8.06 54.95 -29.09
C ARG C 58 7.95 53.64 -28.33
N ARG C 59 6.77 53.30 -27.81
CA ARG C 59 6.68 52.21 -26.86
C ARG C 59 6.38 50.90 -27.59
N HIS C 60 6.36 49.80 -26.84
CA HIS C 60 6.08 48.47 -27.39
C HIS C 60 5.69 47.54 -26.25
N LYS C 61 4.90 46.51 -26.57
CA LYS C 61 4.18 45.75 -25.55
C LYS C 61 5.03 44.65 -24.98
N ASP C 68 -6.64 38.89 -28.74
CA ASP C 68 -5.30 39.44 -28.92
C ASP C 68 -4.68 39.08 -30.26
N GLY C 69 -4.07 37.89 -30.27
CA GLY C 69 -3.42 37.39 -31.47
C GLY C 69 -4.36 37.21 -32.64
N PHE C 70 -5.58 36.75 -32.35
CA PHE C 70 -6.61 36.60 -33.36
C PHE C 70 -6.94 37.93 -33.99
N LEU C 71 -6.96 38.99 -33.18
CA LEU C 71 -7.19 40.33 -33.70
C LEU C 71 -6.10 40.68 -34.69
N ILE C 72 -4.87 40.30 -34.38
CA ILE C 72 -3.76 40.56 -35.30
C ILE C 72 -3.96 39.80 -36.61
N VAL C 73 -4.38 38.53 -36.55
CA VAL C 73 -4.57 37.79 -37.81
C VAL C 73 -5.71 38.40 -38.63
N VAL C 74 -6.78 38.82 -37.94
CA VAL C 74 -7.90 39.46 -38.60
C VAL C 74 -7.42 40.75 -39.23
N LEU C 75 -6.59 41.46 -38.48
CA LEU C 75 -6.04 42.72 -38.93
C LEU C 75 -5.13 42.54 -40.14
N PHE C 76 -4.34 41.46 -40.19
CA PHE C 76 -3.48 41.24 -41.35
C PHE C 76 -4.33 41.07 -42.59
N TRP C 77 -5.37 40.25 -42.48
CA TRP C 77 -6.28 40.05 -43.60
C TRP C 77 -7.02 41.33 -43.93
N THR C 78 -7.30 42.13 -42.91
CA THR C 78 -7.98 43.42 -43.06
C THR C 78 -7.16 44.37 -43.92
N VAL C 79 -5.83 44.31 -43.80
CA VAL C 79 -4.94 45.21 -44.55
C VAL C 79 -5.13 45.04 -46.05
N LEU C 80 -5.31 43.80 -46.50
CA LEU C 80 -5.51 43.55 -47.93
C LEU C 80 -6.78 44.25 -48.39
N GLY C 81 -6.69 44.95 -49.50
CA GLY C 81 -7.82 45.67 -50.04
C GLY C 81 -7.97 47.07 -49.52
N SER C 82 -7.17 47.48 -48.53
CA SER C 82 -7.21 48.85 -48.06
C SER C 82 -6.69 49.79 -49.14
N ALA C 83 -5.67 49.34 -49.86
CA ALA C 83 -5.02 50.10 -50.93
C ALA C 83 -5.08 49.36 -52.27
N GLY C 84 -5.99 48.41 -52.40
CA GLY C 84 -6.19 47.70 -53.65
C GLY C 84 -7.29 48.23 -54.50
N SER C 85 -8.03 49.24 -54.04
CA SER C 85 -9.15 49.79 -54.76
C SER C 85 -9.03 51.27 -55.11
N LEU C 86 -8.11 52.00 -54.49
CA LEU C 86 -7.94 53.43 -54.76
C LEU C 86 -7.72 53.79 -56.23
N PRO C 87 -6.82 53.12 -57.03
CA PRO C 87 -6.55 53.65 -58.37
C PRO C 87 -7.65 53.42 -59.41
N PHE C 88 -8.80 52.89 -59.03
CA PHE C 88 -9.79 52.49 -60.01
C PHE C 88 -10.97 53.43 -60.13
N LEU C 89 -11.21 54.27 -59.11
CA LEU C 89 -12.28 55.24 -59.16
C LEU C 89 -11.98 56.35 -60.16
N ILE C 90 -10.70 56.71 -60.31
CA ILE C 90 -10.34 57.95 -61.00
C ILE C 90 -10.36 57.77 -62.51
N ALA C 91 -9.55 56.85 -63.03
CA ALA C 91 -9.45 56.70 -64.48
C ALA C 91 -10.50 55.76 -65.05
N ASN C 93 -8.55 54.41 -68.28
CA ASN C 93 -9.30 53.36 -68.96
C ASN C 93 -10.26 52.57 -68.04
N PRO C 94 -9.85 52.13 -66.80
CA PRO C 94 -10.92 51.56 -65.96
C PRO C 94 -11.80 52.62 -65.30
N ASN C 95 -12.79 53.10 -66.04
CA ASN C 95 -13.77 54.04 -65.51
C ASN C 95 -15.02 53.22 -65.20
N ILE C 96 -15.30 53.03 -63.91
CA ILE C 96 -16.41 52.21 -63.48
C ILE C 96 -16.86 52.75 -62.11
N SER C 97 -18.10 52.46 -61.73
CA SER C 97 -18.68 53.03 -60.50
C SER C 97 -17.97 52.49 -59.27
N VAL C 98 -18.11 53.24 -58.17
CA VAL C 98 -17.37 53.02 -56.93
C VAL C 98 -17.63 51.63 -56.33
N THR C 99 -18.88 51.19 -56.26
CA THR C 99 -19.14 49.85 -55.76
C THR C 99 -18.56 48.81 -56.70
N ASP C 100 -18.79 49.01 -58.00
CA ASP C 100 -18.24 48.14 -59.03
C ASP C 100 -16.72 48.21 -59.01
N ALA C 101 -16.17 49.40 -58.78
CA ALA C 101 -14.71 49.53 -58.72
C ALA C 101 -14.16 48.71 -57.56
N PHE C 102 -14.83 48.77 -56.41
CA PHE C 102 -14.41 48.00 -55.25
C PHE C 102 -14.52 46.51 -55.55
N PHE C 103 -15.62 46.13 -56.19
CA PHE C 103 -15.89 44.73 -56.52
C PHE C 103 -14.85 44.20 -57.48
N GLU C 104 -14.52 45.01 -58.47
CA GLU C 104 -13.54 44.67 -59.48
C GLU C 104 -12.18 44.52 -58.85
N SER C 105 -11.86 45.42 -57.91
CA SER C 105 -10.58 45.38 -57.22
C SER C 105 -10.45 44.08 -56.48
N PHE C 106 -11.49 43.72 -55.76
CA PHE C 106 -11.50 42.47 -55.03
C PHE C 106 -11.45 41.30 -56.01
N SER C 107 -12.10 41.43 -57.16
CA SER C 107 -12.10 40.33 -58.12
C SER C 107 -10.68 40.04 -58.58
N ALA C 108 -9.95 41.08 -58.95
CA ALA C 108 -8.57 40.90 -59.39
C ALA C 108 -7.72 40.40 -58.24
N LEU C 109 -7.83 41.08 -57.09
CA LEU C 109 -7.05 40.80 -55.89
C LEU C 109 -7.33 39.47 -55.21
N THR C 110 -8.60 39.08 -55.14
CA THR C 110 -8.99 37.86 -54.44
C THR C 110 -8.44 36.59 -55.07
N THR C 111 -8.17 36.62 -56.37
CA THR C 111 -7.67 35.59 -57.31
C THR C 111 -8.89 34.76 -57.77
N THR C 112 -10.08 35.21 -57.43
CA THR C 112 -11.26 34.55 -57.95
C THR C 112 -11.46 35.11 -59.37
N GLY C 113 -12.23 34.41 -60.19
CA GLY C 113 -12.48 34.92 -61.52
C GLY C 113 -13.80 35.66 -61.66
N ALA C 114 -13.97 36.71 -60.89
CA ALA C 114 -15.24 37.42 -60.80
C ALA C 114 -15.32 38.49 -61.89
N THR C 115 -15.62 38.06 -63.12
CA THR C 115 -15.70 39.01 -64.23
C THR C 115 -17.08 39.64 -64.32
N VAL C 116 -17.05 40.96 -64.37
CA VAL C 116 -18.16 41.79 -64.77
C VAL C 116 -17.93 42.38 -66.16
N ILE C 117 -16.71 42.34 -66.68
CA ILE C 117 -16.46 42.99 -67.95
C ILE C 117 -16.08 41.93 -68.98
N VAL C 118 -15.95 42.37 -70.23
CA VAL C 118 -15.49 41.48 -71.30
C VAL C 118 -14.00 41.60 -71.59
N GLY C 119 -13.40 42.71 -71.15
CA GLY C 119 -12.40 43.39 -71.97
C GLY C 119 -11.01 43.37 -71.37
N LEU C 120 -10.17 42.45 -71.85
CA LEU C 120 -8.77 42.42 -71.48
C LEU C 120 -7.89 42.28 -72.71
N PRO C 124 -5.07 48.40 -69.95
CA PRO C 124 -3.73 48.99 -70.09
C PRO C 124 -2.70 47.93 -69.73
N LYS C 125 -1.68 47.80 -70.57
CA LYS C 125 -0.65 46.78 -70.38
C LYS C 125 -0.04 46.82 -68.98
N ALA C 126 0.27 48.02 -68.46
CA ALA C 126 0.86 48.14 -67.13
C ALA C 126 -0.10 47.67 -66.03
N ILE C 127 -1.37 48.06 -66.12
CA ILE C 127 -2.35 47.68 -65.11
C ILE C 127 -2.55 46.17 -65.13
N LEU C 128 -2.59 45.59 -66.34
CA LEU C 128 -2.75 44.16 -66.51
C LEU C 128 -1.55 43.41 -65.95
N PHE C 129 -0.36 43.96 -66.16
CA PHE C 129 0.84 43.35 -65.63
C PHE C 129 0.75 43.31 -64.13
N TYR C 130 0.27 44.41 -63.56
CA TYR C 130 0.07 44.49 -62.12
C TYR C 130 -0.97 43.48 -61.67
N ARG C 131 -2.03 43.28 -62.46
CA ARG C 131 -3.08 42.34 -62.10
C ARG C 131 -2.56 40.91 -62.04
N GLN C 132 -1.75 40.52 -63.02
CA GLN C 132 -1.13 39.20 -62.98
C GLN C 132 -0.16 39.13 -61.82
N PHE C 133 0.50 40.26 -61.56
CA PHE C 133 1.42 40.41 -60.44
C PHE C 133 0.65 40.22 -59.14
N LEU C 134 -0.60 40.68 -59.11
CA LEU C 134 -1.46 40.52 -57.94
C LEU C 134 -1.69 39.05 -57.71
N GLN C 135 -1.87 38.31 -58.80
CA GLN C 135 -1.98 36.87 -58.68
C GLN C 135 -0.69 36.29 -58.09
N TRP C 136 0.47 36.79 -58.51
CA TRP C 136 1.74 36.32 -57.94
C TRP C 136 1.83 36.61 -56.45
N PHE C 137 1.41 37.82 -56.05
CA PHE C 137 1.44 38.25 -54.65
C PHE C 137 0.51 37.42 -53.80
N GLY C 138 -0.68 37.18 -54.32
CA GLY C 138 -1.67 36.40 -53.61
C GLY C 138 -1.21 34.97 -53.43
N GLY C 139 -0.60 34.41 -54.49
CA GLY C 139 -0.13 33.04 -54.43
C GLY C 139 0.93 32.83 -53.36
N MET C 140 1.96 33.67 -53.33
CA MET C 140 2.94 33.49 -52.27
C MET C 140 2.39 33.82 -50.88
N GLY C 141 1.59 34.88 -50.79
CA GLY C 141 1.10 35.33 -49.50
C GLY C 141 0.22 34.33 -48.78
N ILE C 142 -0.69 33.68 -49.52
CA ILE C 142 -1.59 32.74 -48.87
C ILE C 142 -0.83 31.54 -48.27
N ILE C 143 0.11 31.00 -49.03
CA ILE C 143 0.90 29.88 -48.56
C ILE C 143 1.82 30.17 -47.36
N VAL C 144 2.40 31.37 -47.31
CA VAL C 144 3.33 31.74 -46.25
C VAL C 144 2.81 31.76 -44.82
N LEU C 145 1.60 32.27 -44.63
CA LEU C 145 1.02 32.35 -43.30
C LEU C 145 0.19 31.10 -42.96
N ALA C 146 0.11 30.19 -43.92
CA ALA C 146 -0.65 28.96 -43.77
C ALA C 146 -0.07 28.07 -42.67
N VAL C 147 1.25 28.01 -42.59
CA VAL C 147 1.95 27.18 -41.61
C VAL C 147 2.54 28.00 -40.47
N ALA C 148 2.26 29.29 -40.46
CA ALA C 148 2.79 30.21 -39.45
C ALA C 148 1.85 30.40 -38.27
N ILE C 149 0.80 29.60 -38.24
CA ILE C 149 -0.22 29.66 -37.22
C ILE C 149 0.08 28.84 -35.96
N LEU C 150 1.27 28.26 -35.89
CA LEU C 150 1.64 27.43 -34.77
C LEU C 150 1.60 28.13 -33.42
N PRO C 151 2.06 29.38 -33.32
CA PRO C 151 1.91 29.88 -31.94
C PRO C 151 0.49 29.76 -31.39
N VAL C 152 -0.53 30.00 -32.20
CA VAL C 152 -1.88 29.91 -31.68
C VAL C 152 -2.59 28.58 -31.98
N LEU C 153 -2.00 27.68 -32.77
CA LEU C 153 -2.67 26.43 -33.08
C LEU C 153 -1.61 25.44 -33.50
N ILE C 178 13.32 34.97 -36.53
CA ILE C 178 12.67 33.67 -36.71
C ILE C 178 12.47 33.45 -38.21
N ALA C 179 12.56 34.52 -38.98
CA ALA C 179 12.26 34.48 -40.42
C ALA C 179 13.45 33.87 -41.13
N GLU C 180 13.44 32.55 -41.21
CA GLU C 180 14.41 31.75 -41.93
C GLU C 180 13.81 30.99 -43.10
N THR C 181 12.48 30.92 -43.17
CA THR C 181 11.78 30.18 -44.22
C THR C 181 11.81 30.94 -45.54
N ALA C 182 12.15 32.22 -45.51
CA ALA C 182 12.11 33.11 -46.67
C ALA C 182 13.13 32.79 -47.74
N LYS C 183 14.05 31.87 -47.49
CA LYS C 183 15.04 31.50 -48.48
C LYS C 183 14.77 30.11 -49.02
N ALA C 184 14.29 29.22 -48.15
CA ALA C 184 13.95 27.88 -48.56
C ALA C 184 12.73 27.91 -49.44
N LEU C 185 11.79 28.82 -49.17
CA LEU C 185 10.67 28.91 -50.09
C LEU C 185 11.12 29.60 -51.36
N TRP C 186 12.16 30.43 -51.28
CA TRP C 186 12.66 31.15 -52.45
C TRP C 186 13.24 30.21 -53.49
N TYR C 187 13.97 29.18 -53.07
CA TYR C 187 14.52 28.24 -54.04
C TYR C 187 13.42 27.48 -54.77
N ILE C 188 12.43 26.99 -54.01
CA ILE C 188 11.32 26.22 -54.57
C ILE C 188 10.53 27.09 -55.51
N TYR C 189 10.29 28.34 -55.12
CA TYR C 189 9.54 29.26 -55.96
C TYR C 189 10.28 29.57 -57.24
N LEU C 190 11.60 29.70 -57.15
CA LEU C 190 12.42 29.96 -58.33
C LEU C 190 12.27 28.80 -59.28
N SER C 191 12.30 27.59 -58.72
CA SER C 191 12.13 26.40 -59.54
C SER C 191 10.79 26.40 -60.25
N LEU C 192 9.71 26.72 -59.52
CA LEU C 192 8.38 26.71 -60.11
C LEU C 192 8.21 27.74 -61.23
N THR C 193 8.60 28.98 -60.97
CA THR C 193 8.44 30.05 -61.96
C THR C 193 9.30 29.81 -63.18
N ILE C 194 10.56 29.41 -62.97
CA ILE C 194 11.48 29.20 -64.09
C ILE C 194 10.98 28.05 -64.95
N ALA C 195 10.48 26.99 -64.30
CA ALA C 195 9.98 25.84 -65.04
C ALA C 195 8.80 26.23 -65.90
N CYS C 196 7.89 27.03 -65.35
CA CYS C 196 6.74 27.45 -66.14
C CYS C 196 7.16 28.30 -67.34
N ALA C 197 8.09 29.24 -67.12
CA ALA C 197 8.54 30.12 -68.20
C ALA C 197 9.23 29.35 -69.32
N VAL C 198 10.13 28.44 -68.95
CA VAL C 198 10.86 27.66 -69.94
C VAL C 198 9.91 26.76 -70.70
N ALA C 199 8.91 26.22 -69.98
CA ALA C 199 7.93 25.35 -70.59
C ALA C 199 7.16 26.09 -71.66
N PHE C 200 6.72 27.30 -71.36
CA PHE C 200 6.04 28.12 -72.36
C PHE C 200 6.98 28.44 -73.52
N TRP C 201 8.25 28.69 -73.21
CA TRP C 201 9.28 29.00 -74.20
C TRP C 201 9.44 27.89 -75.23
N LEU C 202 9.29 26.63 -74.82
CA LEU C 202 9.47 25.50 -75.73
C LEU C 202 8.53 25.56 -76.92
N ALA C 203 7.26 25.98 -76.70
CA ALA C 203 6.27 26.18 -77.76
C ALA C 203 6.82 27.00 -78.94
N GLY C 204 7.69 27.97 -78.67
CA GLY C 204 8.30 28.84 -79.66
C GLY C 204 7.94 30.31 -79.56
N MET C 205 7.12 30.70 -78.58
CA MET C 205 6.80 32.10 -78.36
C MET C 205 8.00 32.84 -77.79
N THR C 206 8.07 34.13 -78.11
CA THR C 206 9.16 34.96 -77.62
C THR C 206 9.07 35.00 -76.09
N PRO C 207 10.22 35.17 -75.38
CA PRO C 207 10.21 35.10 -73.90
C PRO C 207 9.23 36.00 -73.20
N PHE C 208 8.92 37.18 -73.76
CA PHE C 208 7.94 38.06 -73.15
C PHE C 208 6.57 37.38 -73.10
N ASP C 209 6.16 36.74 -74.19
CA ASP C 209 4.88 36.04 -74.22
C ASP C 209 4.86 34.87 -73.26
N ALA C 210 5.96 34.13 -73.20
CA ALA C 210 6.06 32.98 -72.30
C ALA C 210 5.95 33.44 -70.85
N ILE C 211 6.66 34.52 -70.53
CA ILE C 211 6.63 35.11 -69.20
C ILE C 211 5.24 35.64 -68.89
N SER C 212 4.57 36.24 -69.89
CA SER C 212 3.23 36.78 -69.70
C SER C 212 2.24 35.69 -69.32
N HIS C 213 2.31 34.58 -70.05
CA HIS C 213 1.45 33.46 -69.74
C HIS C 213 1.79 32.89 -68.38
N SER C 214 3.09 32.85 -68.06
CA SER C 214 3.56 32.34 -66.78
C SER C 214 3.01 33.17 -65.63
N PHE C 215 3.00 34.49 -65.78
CA PHE C 215 2.47 35.38 -64.77
C PHE C 215 0.98 35.14 -64.63
N SER C 216 0.32 34.91 -65.76
CA SER C 216 -1.11 34.62 -65.76
C SER C 216 -1.43 33.33 -65.02
N THR C 217 -0.57 32.33 -65.12
CA THR C 217 -0.91 31.06 -64.50
C THR C 217 -0.35 30.82 -63.10
N ILE C 218 0.28 31.82 -62.46
CA ILE C 218 0.88 31.61 -61.13
C ILE C 218 -0.15 31.18 -60.10
N ALA C 219 -1.10 32.05 -59.79
CA ALA C 219 -2.27 31.68 -59.01
C ALA C 219 -3.44 31.70 -59.96
N ILE C 220 -4.14 30.59 -60.07
CA ILE C 220 -4.96 30.34 -61.24
C ILE C 220 -6.39 30.81 -60.98
N GLY C 221 -6.65 31.97 -61.53
CA GLY C 221 -7.91 32.65 -61.63
C GLY C 221 -8.77 32.00 -62.68
N GLY C 222 -8.12 31.57 -63.76
CA GLY C 222 -8.79 31.16 -64.95
C GLY C 222 -8.71 32.18 -66.05
N PHE C 223 -7.76 33.09 -65.96
CA PHE C 223 -7.59 34.18 -66.90
C PHE C 223 -6.41 33.97 -67.83
N SER C 224 -6.54 34.54 -69.01
CA SER C 224 -5.54 34.50 -70.05
C SER C 224 -5.66 35.81 -70.82
N THR C 225 -4.97 35.91 -71.96
CA THR C 225 -5.06 37.12 -72.77
C THR C 225 -6.48 37.34 -73.26
N HIS C 226 -7.14 36.26 -73.66
CA HIS C 226 -8.53 36.24 -74.09
C HIS C 226 -9.36 35.50 -73.05
N ASP C 227 -10.67 35.78 -73.04
CA ASP C 227 -11.57 35.19 -72.04
C ASP C 227 -11.56 33.67 -72.08
N ALA C 228 -11.53 33.09 -73.29
CA ALA C 228 -11.41 31.64 -73.43
C ALA C 228 -10.05 31.26 -72.88
N SER C 229 -10.00 30.23 -72.03
CA SER C 229 -8.72 29.84 -71.44
C SER C 229 -7.68 29.36 -72.43
N MET C 230 -8.07 28.46 -73.31
CA MET C 230 -7.15 27.92 -74.29
C MET C 230 -7.64 28.06 -75.70
N GLY C 231 -8.83 28.62 -75.91
CA GLY C 231 -9.35 28.70 -77.26
C GLY C 231 -8.52 29.55 -78.19
N TYR C 232 -8.07 30.73 -77.74
CA TYR C 232 -7.31 31.61 -78.63
C TYR C 232 -5.98 30.99 -79.05
N PHE C 233 -5.23 30.42 -78.10
CA PHE C 233 -3.97 29.76 -78.44
C PHE C 233 -4.09 28.34 -77.89
N ASP C 234 -3.96 27.33 -78.74
CA ASP C 234 -4.16 25.93 -78.34
C ASP C 234 -3.02 24.98 -78.72
N SER C 235 -1.76 25.41 -78.66
CA SER C 235 -0.64 24.53 -79.00
C SER C 235 -0.61 23.32 -78.05
N TYR C 236 -0.38 22.15 -78.66
CA TYR C 236 -0.42 20.86 -77.95
C TYR C 236 0.61 20.74 -76.83
N ALA C 237 1.84 21.22 -77.05
CA ALA C 237 2.88 21.12 -76.02
C ALA C 237 2.48 21.89 -74.78
N ILE C 238 1.92 23.09 -74.95
CA ILE C 238 1.46 23.89 -73.83
C ILE C 238 0.37 23.17 -73.07
N ASN C 239 -0.59 22.56 -73.78
CA ASN C 239 -1.67 21.86 -73.11
C ASN C 239 -1.15 20.70 -72.27
N LEU C 240 -0.26 19.86 -72.86
CA LEU C 240 0.25 18.71 -72.12
C LEU C 240 1.10 19.14 -70.93
N ILE C 241 1.98 20.10 -71.16
CA ILE C 241 2.87 20.56 -70.11
C ILE C 241 2.07 21.22 -68.99
N THR C 242 1.09 22.05 -69.36
CA THR C 242 0.28 22.75 -68.38
C THR C 242 -0.52 21.80 -67.54
N VAL C 243 -1.08 20.75 -68.14
CA VAL C 243 -1.85 19.79 -67.35
C VAL C 243 -0.93 19.12 -66.33
N VAL C 244 0.32 18.82 -66.74
CA VAL C 244 1.30 18.23 -65.83
C VAL C 244 1.56 19.23 -64.70
N PHE C 245 1.66 20.52 -65.07
CA PHE C 245 1.88 21.57 -64.09
C PHE C 245 0.75 21.64 -63.10
N LEU C 246 -0.47 21.50 -63.60
CA LEU C 246 -1.63 21.57 -62.74
C LEU C 246 -1.62 20.45 -61.73
N LEU C 247 -1.37 19.22 -62.19
CA LEU C 247 -1.38 18.09 -61.26
C LEU C 247 -0.30 18.21 -60.20
N ILE C 248 0.93 18.54 -60.60
CA ILE C 248 2.03 18.63 -59.65
C ILE C 248 1.88 19.80 -58.69
N SER C 249 1.50 20.95 -59.23
CA SER C 249 1.48 22.20 -58.47
C SER C 249 0.46 22.23 -57.35
N ALA C 250 -0.71 21.67 -57.59
CA ALA C 250 -1.79 21.84 -56.62
C ALA C 250 -1.73 20.98 -55.36
N CYS C 251 -1.38 19.70 -55.43
CA CYS C 251 -1.04 19.01 -54.20
C CYS C 251 0.47 19.02 -53.95
N ASN C 252 0.91 18.29 -52.94
CA ASN C 252 1.17 18.88 -51.63
C ASN C 252 2.65 19.11 -51.35
N PHE C 253 3.01 20.35 -51.05
CA PHE C 253 4.39 20.79 -51.22
C PHE C 253 5.11 20.90 -49.88
N THR C 254 4.34 20.84 -48.80
CA THR C 254 4.95 20.85 -47.47
C THR C 254 5.49 19.48 -47.13
N LEU C 255 4.97 18.45 -47.77
CA LEU C 255 5.60 17.13 -47.69
C LEU C 255 7.01 17.16 -48.24
N HIS C 256 7.22 17.96 -49.27
CA HIS C 256 8.52 18.10 -49.91
C HIS C 256 9.29 19.30 -49.40
N PHE C 257 9.08 19.66 -48.14
CA PHE C 257 9.90 20.69 -47.51
C PHE C 257 11.23 20.10 -47.09
N ALA C 258 11.27 18.77 -46.94
CA ALA C 258 12.49 18.05 -46.70
C ALA C 258 13.43 18.08 -47.89
N ALA C 259 12.93 18.46 -49.08
CA ALA C 259 13.72 18.68 -50.29
C ALA C 259 14.82 19.71 -50.15
N PHE C 260 14.78 20.56 -49.13
CA PHE C 260 15.76 21.62 -48.95
C PHE C 260 17.01 21.09 -48.24
N ALA C 261 16.85 20.52 -47.05
CA ALA C 261 17.98 19.82 -46.45
C ALA C 261 18.24 18.60 -47.33
N SER C 262 19.49 18.28 -47.59
CA SER C 262 19.73 17.21 -48.55
C SER C 262 19.73 15.85 -47.88
N GLY C 263 18.79 15.02 -48.30
CA GLY C 263 18.57 13.68 -47.81
C GLY C 263 17.84 12.90 -48.88
N GLY C 264 17.75 11.60 -48.64
CA GLY C 264 17.12 10.63 -49.52
C GLY C 264 15.68 10.27 -49.22
N VAL C 265 14.94 11.08 -48.47
CA VAL C 265 13.57 10.74 -48.11
C VAL C 265 12.60 10.63 -49.28
N HIS C 266 12.89 11.26 -50.42
CA HIS C 266 11.94 11.32 -51.53
C HIS C 266 11.44 9.97 -52.10
N PRO C 267 12.26 8.92 -52.29
CA PRO C 267 11.70 7.65 -52.78
C PRO C 267 10.76 6.97 -51.81
N LYS C 268 10.98 7.16 -50.51
CA LYS C 268 10.19 6.49 -49.48
C LYS C 268 8.71 6.85 -49.52
N TYR C 269 8.35 8.04 -49.98
CA TYR C 269 6.96 8.47 -49.94
C TYR C 269 5.98 7.65 -50.77
N TYR C 270 6.46 6.82 -51.72
CA TYR C 270 5.58 6.05 -52.60
C TYR C 270 4.67 5.13 -51.81
N TRP C 271 5.22 4.47 -50.81
CA TRP C 271 4.45 3.59 -49.95
C TRP C 271 4.08 4.28 -48.65
N LYS C 272 4.72 5.41 -48.36
CA LYS C 272 4.48 6.12 -47.11
C LYS C 272 3.09 6.74 -46.99
N ASP C 273 2.58 7.34 -48.05
CA ASP C 273 1.36 8.10 -47.77
C ASP C 273 0.03 7.66 -48.36
N PRO C 274 -1.00 7.68 -47.49
CA PRO C 274 -2.36 7.34 -47.93
C PRO C 274 -2.87 8.32 -48.96
N GLU C 275 -2.60 9.61 -48.78
CA GLU C 275 -2.94 10.68 -49.71
C GLU C 275 -2.76 10.21 -51.15
N PHE C 276 -1.65 9.52 -51.43
CA PHE C 276 -1.42 9.03 -52.78
C PHE C 276 -2.47 8.02 -53.20
N ARG C 277 -2.81 7.04 -52.34
CA ARG C 277 -3.79 6.04 -52.76
C ARG C 277 -5.15 6.67 -52.97
N ALA C 278 -5.61 7.46 -52.00
CA ALA C 278 -6.92 8.05 -52.13
C ALA C 278 -7.00 9.04 -53.29
N PHE C 279 -6.02 9.95 -53.36
CA PHE C 279 -6.02 10.98 -54.39
C PHE C 279 -5.89 10.38 -55.78
N ILE C 280 -4.98 9.42 -55.93
CA ILE C 280 -4.78 8.76 -57.21
C ILE C 280 -6.03 8.02 -57.59
N PHE C 281 -6.66 7.36 -56.62
CA PHE C 281 -7.89 6.63 -56.91
C PHE C 281 -8.98 7.56 -57.42
N ILE C 282 -9.16 8.70 -56.77
CA ILE C 282 -10.18 9.64 -57.21
C ILE C 282 -9.88 10.17 -58.61
N GLN C 283 -8.62 10.58 -58.86
CA GLN C 283 -8.24 11.10 -60.17
C GLN C 283 -8.32 10.05 -61.28
N VAL C 284 -7.91 8.83 -60.98
CA VAL C 284 -7.96 7.75 -61.95
C VAL C 284 -9.41 7.44 -62.29
N LEU C 285 -10.26 7.49 -61.27
CA LEU C 285 -11.69 7.27 -61.48
C LEU C 285 -12.21 8.36 -62.39
N LEU C 286 -11.73 9.58 -62.20
CA LEU C 286 -12.10 10.71 -63.04
C LEU C 286 -11.70 10.43 -64.48
N PHE C 287 -10.50 9.90 -64.66
CA PHE C 287 -10.06 9.57 -66.00
C PHE C 287 -10.94 8.49 -66.63
N LEU C 288 -11.28 7.47 -65.86
CA LEU C 288 -12.09 6.38 -66.39
C LEU C 288 -13.48 6.85 -66.78
N VAL C 289 -14.10 7.69 -65.95
CA VAL C 289 -15.43 8.20 -66.27
C VAL C 289 -15.38 9.08 -67.50
N CYS C 290 -14.29 9.86 -67.67
CA CYS C 290 -14.14 10.67 -68.88
C CYS C 290 -14.00 9.79 -70.10
N PHE C 291 -13.25 8.69 -69.94
CA PHE C 291 -13.04 7.74 -71.00
C PHE C 291 -14.36 7.06 -71.36
N LEU C 292 -15.18 6.79 -70.36
CA LEU C 292 -16.38 6.02 -70.62
C LEU C 292 -17.47 6.92 -71.16
N LEU C 293 -17.43 8.19 -70.81
CA LEU C 293 -18.45 9.10 -71.32
C LEU C 293 -18.07 9.47 -72.74
N LEU C 294 -16.78 9.50 -73.01
CA LEU C 294 -16.29 9.70 -74.36
C LEU C 294 -16.73 8.54 -75.26
N LEU C 295 -16.61 7.30 -74.78
CA LEU C 295 -16.99 6.18 -75.63
C LEU C 295 -18.50 6.02 -75.72
N LYS C 296 -19.25 6.49 -74.73
CA LYS C 296 -20.71 6.44 -74.80
C LYS C 296 -21.24 7.44 -75.81
N HIS C 297 -20.77 8.67 -75.76
CA HIS C 297 -21.24 9.60 -76.78
C HIS C 297 -20.52 9.42 -78.11
N HIS C 298 -19.32 8.81 -78.12
CA HIS C 298 -18.48 8.62 -79.31
C HIS C 298 -18.12 9.97 -79.92
N SER C 299 -17.59 10.85 -79.06
CA SER C 299 -17.37 12.24 -79.41
C SER C 299 -16.28 12.39 -80.49
N TYR C 300 -15.05 12.02 -80.15
CA TYR C 300 -13.91 12.19 -81.05
C TYR C 300 -13.29 10.84 -81.33
N THR C 301 -13.08 10.56 -82.62
CA THR C 301 -12.47 9.28 -83.00
C THR C 301 -10.96 9.30 -82.77
N SER C 302 -10.32 10.43 -83.02
CA SER C 302 -8.88 10.51 -82.84
C SER C 302 -8.54 10.55 -81.35
N PRO C 303 -7.42 9.91 -80.96
CA PRO C 303 -7.02 9.92 -79.54
C PRO C 303 -6.34 11.20 -79.08
N TYR C 304 -5.73 11.98 -79.97
CA TYR C 304 -4.97 13.17 -79.54
C TYR C 304 -5.89 14.25 -79.01
N ASP C 305 -6.91 14.63 -79.78
CA ASP C 305 -7.81 15.70 -79.37
C ASP C 305 -8.66 15.26 -78.19
N ALA C 306 -9.26 14.08 -78.27
CA ALA C 306 -10.18 13.63 -77.23
C ALA C 306 -9.50 13.46 -75.88
N PHE C 307 -8.39 12.75 -75.83
CA PHE C 307 -7.71 12.56 -74.55
C PHE C 307 -7.18 13.87 -73.97
N ASP C 308 -6.46 14.66 -74.77
CA ASP C 308 -5.90 15.89 -74.21
C ASP C 308 -6.95 16.95 -73.89
N GLN C 309 -7.86 17.20 -74.84
CA GLN C 309 -8.87 18.23 -74.59
C GLN C 309 -9.82 17.78 -73.52
N ALA C 310 -10.29 16.53 -73.61
CA ALA C 310 -11.27 16.02 -72.66
C ALA C 310 -10.65 15.92 -71.29
N LEU C 311 -9.46 15.37 -71.24
CA LEU C 311 -8.74 15.16 -69.99
C LEU C 311 -8.44 16.50 -69.41
N PHE C 312 -8.03 17.44 -70.26
CA PHE C 312 -7.67 18.78 -69.82
C PHE C 312 -8.89 19.44 -69.19
N GLN C 313 -10.04 19.33 -69.85
CA GLN C 313 -11.25 19.96 -69.31
C GLN C 313 -11.64 19.35 -67.99
N THR C 314 -11.62 18.02 -67.90
CA THR C 314 -12.04 17.37 -66.68
C THR C 314 -11.12 17.72 -65.53
N VAL C 315 -9.82 17.63 -65.76
CA VAL C 315 -8.87 17.92 -64.70
C VAL C 315 -8.91 19.40 -64.33
N SER C 316 -8.96 20.29 -65.32
CA SER C 316 -8.92 21.73 -65.05
C SER C 316 -10.14 22.18 -64.28
N ILE C 317 -11.33 21.74 -64.67
CA ILE C 317 -12.50 22.16 -63.93
C ILE C 317 -12.46 21.52 -62.55
N SER C 318 -12.05 20.25 -62.48
CA SER C 318 -12.00 19.50 -61.24
C SER C 318 -10.94 19.98 -60.26
N THR C 319 -9.76 20.36 -60.73
CA THR C 319 -8.67 20.55 -59.78
C THR C 319 -8.69 21.93 -59.09
N THR C 320 -9.86 22.59 -59.05
CA THR C 320 -10.06 23.99 -58.66
C THR C 320 -9.22 24.96 -59.45
N ALA C 321 -8.80 24.58 -60.65
CA ALA C 321 -7.94 25.43 -61.47
C ALA C 321 -8.72 26.66 -61.91
N GLY C 322 -9.78 26.46 -62.67
CA GLY C 322 -10.53 27.57 -63.25
C GLY C 322 -10.34 27.84 -64.71
N PHE C 323 -9.54 27.07 -65.42
CA PHE C 323 -9.37 27.31 -66.85
C PHE C 323 -10.48 26.54 -67.56
N THR C 324 -11.47 27.25 -68.11
CA THR C 324 -12.59 26.62 -68.78
C THR C 324 -12.85 27.20 -70.17
N THR C 325 -12.91 26.33 -71.20
CA THR C 325 -13.19 26.77 -72.57
C THR C 325 -14.32 25.92 -73.18
N THR C 326 -15.07 25.20 -72.36
CA THR C 326 -16.12 24.30 -72.85
C THR C 326 -17.48 24.69 -72.30
N GLY C 327 -18.49 24.69 -73.17
CA GLY C 327 -19.87 24.99 -72.83
C GLY C 327 -20.63 23.76 -72.39
N PHE C 328 -19.94 22.61 -72.42
CA PHE C 328 -20.44 21.30 -71.99
C PHE C 328 -21.68 20.85 -72.75
N ALA C 329 -21.72 21.13 -74.05
CA ALA C 329 -22.84 20.68 -74.88
C ALA C 329 -22.61 19.28 -75.40
N ASP C 330 -21.36 18.94 -75.77
CA ASP C 330 -21.00 17.60 -76.20
C ASP C 330 -21.07 16.62 -75.03
N TRP C 331 -21.01 17.12 -73.86
CA TRP C 331 -21.24 16.44 -72.59
C TRP C 331 -22.71 16.60 -72.27
N PRO C 332 -23.33 15.69 -71.52
CA PRO C 332 -24.71 15.93 -71.04
C PRO C 332 -24.74 17.04 -69.99
N LEU C 333 -25.96 17.45 -69.59
CA LEU C 333 -26.17 18.49 -68.56
C LEU C 333 -25.69 18.07 -67.17
N PHE C 334 -25.83 16.78 -66.87
CA PHE C 334 -25.38 16.29 -65.58
C PHE C 334 -23.89 16.47 -65.41
N LEU C 335 -23.12 16.40 -66.48
CA LEU C 335 -21.68 16.62 -66.36
C LEU C 335 -21.39 18.02 -65.82
N PRO C 336 -22.05 19.11 -66.24
CA PRO C 336 -21.84 20.37 -65.54
C PRO C 336 -22.21 20.29 -64.09
N VAL C 337 -23.34 19.64 -63.78
CA VAL C 337 -23.68 19.52 -62.36
C VAL C 337 -22.64 18.72 -61.59
N LEU C 338 -22.17 17.62 -62.18
CA LEU C 338 -21.18 16.75 -61.55
C LEU C 338 -19.87 17.45 -61.36
N LEU C 339 -19.50 18.22 -62.35
CA LEU C 339 -18.30 19.00 -62.31
C LEU C 339 -18.37 20.05 -61.24
N LEU C 340 -19.53 20.67 -61.07
CA LEU C 340 -19.67 21.64 -59.98
C LEU C 340 -19.46 20.95 -58.64
N PHE C 341 -20.02 19.74 -58.48
CA PHE C 341 -19.78 18.99 -57.26
C PHE C 341 -18.30 18.67 -57.12
N SER C 342 -17.65 18.41 -58.25
CA SER C 342 -16.21 18.17 -58.28
C SER C 342 -15.47 19.41 -57.83
N SER C 343 -15.97 20.58 -58.22
CA SER C 343 -15.37 21.85 -57.81
C SER C 343 -15.39 22.01 -56.31
N PHE C 344 -16.43 21.50 -55.64
CA PHE C 344 -16.47 21.58 -54.18
C PHE C 344 -15.26 20.92 -53.51
N ILE C 345 -14.90 19.72 -53.97
CA ILE C 345 -13.65 19.08 -53.55
C ILE C 345 -12.49 19.96 -53.97
N GLY C 346 -11.91 20.65 -52.99
CA GLY C 346 -10.91 21.64 -53.30
C GLY C 346 -9.79 21.84 -52.32
N GLY C 347 -8.57 21.86 -52.83
CA GLY C 347 -7.45 21.95 -51.94
C GLY C 347 -6.98 20.59 -51.53
N CYS C 348 -5.69 20.49 -51.31
CA CYS C 348 -5.03 19.39 -50.64
C CYS C 348 -4.40 19.92 -49.36
N ALA C 349 -4.17 19.04 -48.38
CA ALA C 349 -3.57 19.52 -47.14
C ALA C 349 -2.18 20.10 -47.37
N GLY C 350 -2.00 21.38 -47.03
CA GLY C 350 -0.75 22.09 -47.26
C GLY C 350 -0.69 22.84 -48.57
N SER C 351 -1.76 22.82 -49.35
CA SER C 351 -1.95 23.47 -50.64
C SER C 351 -2.39 24.92 -50.51
N THR C 352 -2.31 25.60 -51.66
CA THR C 352 -2.66 27.01 -51.76
C THR C 352 -4.11 27.31 -51.42
N GLY C 353 -5.05 26.46 -51.83
CA GLY C 353 -6.45 26.72 -51.57
C GLY C 353 -7.06 26.08 -50.34
N GLY C 354 -7.79 26.88 -49.55
CA GLY C 354 -8.45 26.39 -48.37
C GLY C 354 -9.89 26.02 -48.71
N GLY C 355 -10.14 24.73 -48.78
CA GLY C 355 -11.40 24.10 -49.13
C GLY C 355 -11.37 22.74 -48.45
N MET C 356 -12.52 22.05 -48.44
CA MET C 356 -12.60 20.71 -47.82
C MET C 356 -11.44 19.82 -48.27
N LYS C 357 -10.99 18.93 -47.40
CA LYS C 357 -9.78 18.21 -47.76
C LYS C 357 -9.98 16.72 -47.68
N VAL C 358 -8.90 16.03 -48.05
CA VAL C 358 -8.86 14.58 -48.08
C VAL C 358 -9.00 14.03 -46.67
N ILE C 359 -8.18 14.53 -45.75
CA ILE C 359 -8.15 14.07 -44.36
C ILE C 359 -9.48 14.31 -43.64
N ARG C 360 -10.15 15.43 -43.91
CA ARG C 360 -11.44 15.68 -43.27
C ARG C 360 -12.52 14.72 -43.74
N ILE C 361 -12.70 14.59 -45.05
CA ILE C 361 -13.71 13.69 -45.61
C ILE C 361 -13.32 12.27 -45.34
N LEU C 362 -12.03 12.00 -45.40
CA LEU C 362 -11.46 10.70 -45.16
C LEU C 362 -11.77 10.31 -43.74
N LEU C 363 -11.61 11.24 -42.84
CA LEU C 363 -11.90 10.98 -41.45
C LEU C 363 -13.38 10.66 -41.31
N LEU C 364 -14.23 11.44 -41.95
CA LEU C 364 -15.67 11.18 -41.83
C LEU C 364 -16.04 9.81 -42.38
N THR C 365 -15.58 9.50 -43.59
CA THR C 365 -15.88 8.21 -44.17
C THR C 365 -15.22 7.04 -43.46
N LEU C 366 -13.91 7.12 -43.22
CA LEU C 366 -13.23 6.02 -42.53
C LEU C 366 -13.65 5.94 -41.07
N GLN C 367 -13.73 7.09 -40.40
CA GLN C 367 -14.19 7.13 -39.03
C GLN C 367 -15.67 6.86 -39.07
N GLY C 368 -16.25 7.22 -40.19
CA GLY C 368 -17.63 6.96 -40.47
C GLY C 368 -17.82 5.47 -40.57
N ALA C 369 -16.84 4.78 -41.13
CA ALA C 369 -16.85 3.33 -41.20
C ALA C 369 -16.81 2.80 -39.78
N ARG C 370 -16.01 3.42 -38.92
CA ARG C 370 -15.98 3.04 -37.52
C ARG C 370 -17.37 3.23 -36.91
N GLU C 371 -18.02 4.33 -37.29
CA GLU C 371 -19.38 4.60 -36.87
C GLU C 371 -20.33 3.56 -37.44
N LEU C 372 -20.06 3.13 -38.66
CA LEU C 372 -20.87 2.10 -39.30
C LEU C 372 -20.74 0.82 -38.50
N LYS C 373 -19.53 0.54 -38.05
CA LYS C 373 -19.31 -0.60 -37.21
C LYS C 373 -19.91 -0.41 -35.84
N ARG C 374 -20.33 0.79 -35.49
CA ARG C 374 -20.89 0.96 -34.16
C ARG C 374 -22.34 0.52 -34.10
N LEU C 375 -23.06 0.52 -35.22
CA LEU C 375 -24.44 0.05 -35.18
C LEU C 375 -24.52 -1.44 -34.94
N VAL C 376 -23.43 -2.17 -35.16
CA VAL C 376 -23.46 -3.62 -35.02
C VAL C 376 -23.41 -3.99 -33.55
N HIS C 377 -22.44 -3.45 -32.84
CA HIS C 377 -22.45 -3.58 -31.38
C HIS C 377 -21.92 -2.32 -30.69
N PRO C 378 -22.76 -1.60 -29.95
CA PRO C 378 -22.25 -0.53 -29.08
C PRO C 378 -21.31 -1.01 -28.01
N ARG C 379 -21.37 -2.29 -27.65
CA ARG C 379 -20.46 -2.88 -26.68
C ARG C 379 -19.04 -3.03 -27.20
N ALA C 380 -18.80 -2.75 -28.46
CA ALA C 380 -17.55 -3.06 -29.11
C ALA C 380 -16.65 -1.83 -29.13
N VAL C 381 -15.47 -1.94 -28.50
CA VAL C 381 -14.48 -0.86 -28.54
C VAL C 381 -14.00 -0.68 -29.96
N TYR C 382 -14.03 0.56 -30.44
CA TYR C 382 -13.43 0.90 -31.72
C TYR C 382 -12.24 1.84 -31.55
N THR C 383 -11.04 1.35 -31.87
CA THR C 383 -9.88 2.20 -32.04
C THR C 383 -9.12 1.80 -33.28
N ILE C 384 -9.01 2.72 -34.23
CA ILE C 384 -8.36 2.45 -35.51
C ILE C 384 -7.47 3.63 -35.86
N LYS C 385 -6.28 3.33 -36.38
CA LYS C 385 -5.34 4.38 -36.78
C LYS C 385 -4.89 4.21 -38.23
N VAL C 386 -5.54 4.96 -39.14
CA VAL C 386 -5.21 4.89 -40.57
C VAL C 386 -3.79 5.40 -40.81
N GLY C 387 -3.45 6.48 -40.14
CA GLY C 387 -2.14 7.08 -40.18
C GLY C 387 -1.16 6.31 -39.31
N GLY C 388 0.13 6.63 -39.50
CA GLY C 388 1.19 5.98 -38.75
C GLY C 388 1.07 6.15 -37.24
N SER C 389 0.73 7.36 -36.79
CA SER C 389 0.54 7.63 -35.37
C SER C 389 -0.81 7.12 -34.89
N ALA C 390 -0.89 6.87 -33.59
CA ALA C 390 -2.19 6.78 -32.93
C ALA C 390 -2.92 8.09 -33.03
N LEU C 391 -4.21 8.01 -33.37
CA LEU C 391 -4.80 9.32 -33.52
C LEU C 391 -5.61 9.72 -32.30
N PRO C 392 -5.51 10.98 -31.89
CA PRO C 392 -6.22 11.44 -30.70
C PRO C 392 -7.68 11.77 -30.96
N GLN C 393 -8.50 11.52 -29.96
CA GLN C 393 -9.92 11.85 -30.06
C GLN C 393 -10.17 13.34 -29.83
N ARG C 394 -9.11 14.11 -29.59
CA ARG C 394 -9.24 15.54 -29.32
C ARG C 394 -9.52 16.32 -30.59
N VAL C 395 -8.67 16.17 -31.60
CA VAL C 395 -8.72 16.96 -32.84
C VAL C 395 -9.90 16.53 -33.72
N VAL C 396 -10.43 15.33 -33.49
CA VAL C 396 -11.26 14.71 -34.49
C VAL C 396 -12.66 15.26 -34.39
N ASP C 397 -13.09 15.53 -33.16
CA ASP C 397 -14.39 16.10 -32.93
C ASP C 397 -14.44 17.47 -33.58
N ALA C 398 -13.33 18.18 -33.49
CA ALA C 398 -13.19 19.50 -34.09
C ALA C 398 -13.35 19.45 -35.59
N VAL C 399 -12.81 18.42 -36.25
CA VAL C 399 -12.93 18.39 -37.71
C VAL C 399 -14.37 18.30 -38.15
N TRP C 400 -15.13 17.36 -37.59
CA TRP C 400 -16.53 17.28 -38.00
C TRP C 400 -17.34 18.45 -37.46
N GLY C 401 -16.93 19.01 -36.33
CA GLY C 401 -17.59 20.20 -35.81
C GLY C 401 -17.40 21.35 -36.78
N PHE C 402 -16.20 21.42 -37.35
CA PHE C 402 -15.83 22.38 -38.36
C PHE C 402 -16.69 22.20 -39.58
N PHE C 403 -16.92 20.94 -39.95
CA PHE C 403 -17.80 20.64 -41.05
C PHE C 403 -19.24 21.08 -40.75
N SER C 404 -19.70 20.84 -39.51
CA SER C 404 -21.07 21.24 -39.16
C SER C 404 -21.24 22.75 -39.21
N ALA C 405 -20.26 23.46 -38.68
CA ALA C 405 -20.27 24.91 -38.70
C ALA C 405 -20.20 25.39 -40.13
N TYR C 406 -19.43 24.65 -40.92
CA TYR C 406 -19.26 24.95 -42.34
C TYR C 406 -20.59 24.86 -43.05
N ALA C 407 -21.35 23.84 -42.71
CA ALA C 407 -22.66 23.65 -43.31
C ALA C 407 -23.57 24.80 -42.93
N LEU C 408 -23.43 25.27 -41.69
CA LEU C 408 -24.23 26.40 -41.22
C LEU C 408 -23.90 27.61 -42.06
N VAL C 409 -22.61 27.81 -42.32
CA VAL C 409 -22.17 28.92 -43.17
C VAL C 409 -22.71 28.73 -44.59
N PHE C 410 -22.72 27.49 -45.07
CA PHE C 410 -23.19 27.18 -46.42
C PHE C 410 -24.64 27.55 -46.56
N VAL C 411 -25.42 27.27 -45.53
CA VAL C 411 -26.83 27.62 -45.49
C VAL C 411 -26.95 29.14 -45.52
N VAL C 412 -26.10 29.82 -44.75
CA VAL C 412 -26.13 31.26 -44.69
C VAL C 412 -25.82 31.86 -46.05
N CYS C 413 -24.80 31.34 -46.72
CA CYS C 413 -24.42 31.85 -48.02
C CYS C 413 -25.52 31.61 -49.06
N MET C 414 -26.04 30.38 -49.14
CA MET C 414 -27.07 30.10 -50.15
C MET C 414 -28.34 30.89 -49.88
N LEU C 415 -28.80 30.85 -48.64
CA LEU C 415 -30.03 31.53 -48.26
C LEU C 415 -29.87 33.03 -48.39
N GLY C 416 -28.74 33.55 -47.92
CA GLY C 416 -28.52 34.97 -47.97
C GLY C 416 -28.43 35.52 -49.37
N LEU C 417 -27.66 34.86 -50.23
CA LEU C 417 -27.53 35.35 -51.61
C LEU C 417 -28.85 35.26 -52.34
N ILE C 418 -29.56 34.15 -52.23
CA ILE C 418 -30.85 34.06 -52.90
C ILE C 418 -31.81 35.09 -52.30
N ALA C 419 -31.74 35.25 -50.97
CA ALA C 419 -32.60 36.13 -50.19
C ALA C 419 -32.43 37.60 -50.56
N THR C 420 -31.21 38.03 -50.91
CA THR C 420 -30.97 39.45 -51.18
C THR C 420 -31.76 40.00 -52.37
N GLY C 421 -32.30 39.13 -53.23
CA GLY C 421 -32.96 39.50 -54.48
C GLY C 421 -32.39 38.82 -55.69
N MET C 422 -31.41 37.95 -55.54
CA MET C 422 -30.85 37.22 -56.65
C MET C 422 -31.82 36.16 -57.14
N ASP C 423 -31.63 35.77 -58.38
CA ASP C 423 -32.43 34.77 -59.07
C ASP C 423 -32.28 33.38 -58.45
N GLU C 424 -33.28 32.53 -58.66
CA GLU C 424 -33.26 31.17 -58.10
C GLU C 424 -32.03 30.38 -58.54
N LEU C 425 -31.90 30.13 -59.83
CA LEU C 425 -30.95 29.13 -60.31
C LEU C 425 -29.57 29.70 -60.59
N SER C 426 -29.50 30.78 -61.37
CA SER C 426 -28.21 31.37 -61.72
C SER C 426 -27.43 31.71 -60.47
N ALA C 427 -28.11 32.22 -59.45
CA ALA C 427 -27.46 32.46 -58.19
C ALA C 427 -27.03 31.15 -57.55
N PHE C 428 -27.84 30.10 -57.65
CA PHE C 428 -27.53 28.81 -57.01
C PHE C 428 -26.22 28.24 -57.54
N SER C 429 -26.08 28.24 -58.84
CA SER C 429 -24.84 27.79 -59.46
C SER C 429 -23.73 28.74 -59.07
N ALA C 430 -24.05 30.03 -59.04
CA ALA C 430 -23.08 31.05 -58.67
C ALA C 430 -22.56 30.85 -57.25
N VAL C 431 -23.42 30.55 -56.29
CA VAL C 431 -22.95 30.33 -54.91
C VAL C 431 -22.06 29.10 -54.84
N ALA C 432 -22.41 28.02 -55.57
CA ALA C 432 -21.52 26.86 -55.52
C ALA C 432 -20.14 27.21 -56.04
N ALA C 433 -20.15 27.89 -57.18
CA ALA C 433 -18.92 28.35 -57.82
C ALA C 433 -18.21 29.38 -56.94
N THR C 434 -18.97 30.26 -56.30
CA THR C 434 -18.44 31.32 -55.46
C THR C 434 -17.67 30.80 -54.26
N LEU C 435 -18.23 29.81 -53.58
CA LEU C 435 -17.55 29.24 -52.41
C LEU C 435 -16.25 28.59 -52.83
N ASN C 436 -16.26 27.88 -53.96
CA ASN C 436 -15.02 27.27 -54.42
C ASN C 436 -13.98 28.30 -54.85
N ASN C 437 -14.41 29.40 -55.49
CA ASN C 437 -13.66 30.52 -56.10
C ASN C 437 -13.11 30.26 -57.48
N LEU C 438 -13.89 29.64 -58.34
CA LEU C 438 -13.50 29.41 -59.72
C LEU C 438 -13.99 30.50 -60.65
N GLY C 439 -15.30 30.71 -60.69
CA GLY C 439 -15.87 31.61 -61.64
C GLY C 439 -17.36 31.47 -61.60
N PRO C 440 -17.99 31.77 -62.72
CA PRO C 440 -19.45 31.67 -62.84
C PRO C 440 -20.07 30.29 -62.85
N GLY C 441 -21.32 30.27 -62.39
CA GLY C 441 -22.07 29.04 -62.41
C GLY C 441 -22.37 28.78 -63.89
N LEU C 442 -21.98 27.62 -64.39
CA LEU C 442 -22.24 27.26 -65.77
C LEU C 442 -23.72 27.07 -66.10
N GLY C 443 -24.47 26.45 -65.20
CA GLY C 443 -25.88 26.19 -65.47
C GLY C 443 -26.64 27.49 -65.62
N GLU C 444 -27.43 27.59 -66.69
CA GLU C 444 -28.20 28.80 -66.99
C GLU C 444 -27.27 30.01 -66.95
N VAL C 445 -26.17 29.92 -67.70
CA VAL C 445 -25.12 30.94 -67.66
C VAL C 445 -25.44 32.36 -68.08
N ALA C 446 -25.06 33.26 -67.19
CA ALA C 446 -25.14 34.71 -67.35
C ALA C 446 -24.04 35.09 -66.37
N LEU C 447 -22.79 34.81 -66.72
CA LEU C 447 -21.72 35.06 -65.76
C LEU C 447 -21.61 36.49 -65.29
N HIS C 448 -21.69 37.43 -66.19
CA HIS C 448 -21.50 38.82 -65.82
C HIS C 448 -22.74 39.34 -65.13
N PHE C 449 -22.53 39.93 -63.96
CA PHE C 449 -23.61 40.44 -63.15
C PHE C 449 -23.27 41.86 -62.74
N GLY C 450 -23.35 42.78 -63.68
CA GLY C 450 -23.09 44.16 -63.34
C GLY C 450 -24.32 44.72 -62.67
N ASP C 451 -25.48 44.32 -63.16
CA ASP C 451 -26.73 44.85 -62.67
C ASP C 451 -27.26 44.15 -61.42
N VAL C 452 -26.45 43.42 -60.68
CA VAL C 452 -26.94 42.86 -59.43
C VAL C 452 -26.65 43.89 -58.33
N ASN C 453 -27.44 43.83 -57.26
CA ASN C 453 -27.33 44.81 -56.18
C ASN C 453 -25.95 44.83 -55.51
N ASP C 454 -25.39 46.04 -55.57
CA ASP C 454 -24.03 46.37 -55.13
C ASP C 454 -23.78 46.09 -53.65
N LYS C 455 -24.78 46.29 -52.79
CA LYS C 455 -24.59 45.89 -51.39
C LYS C 455 -24.45 44.38 -51.31
N ALA C 456 -25.26 43.66 -52.06
CA ALA C 456 -25.07 42.22 -52.18
C ALA C 456 -23.75 41.92 -52.84
N LYS C 457 -23.33 42.77 -53.77
CA LYS C 457 -22.02 42.58 -54.38
C LYS C 457 -20.94 42.66 -53.32
N TRP C 458 -21.12 43.56 -52.36
CA TRP C 458 -20.21 43.67 -51.24
C TRP C 458 -20.26 42.36 -50.46
N VAL C 459 -21.47 41.80 -50.33
CA VAL C 459 -21.67 40.50 -49.70
C VAL C 459 -20.94 39.42 -50.50
N LEU C 460 -20.98 39.51 -51.83
CA LEU C 460 -20.28 38.57 -52.69
C LEU C 460 -18.79 38.65 -52.45
N ILE C 461 -18.28 39.87 -52.27
CA ILE C 461 -16.86 40.07 -51.98
C ILE C 461 -16.50 39.39 -50.68
N VAL C 462 -17.30 39.61 -49.64
CA VAL C 462 -17.03 39.00 -48.34
C VAL C 462 -17.15 37.49 -48.45
N SER C 463 -18.11 36.99 -49.22
CA SER C 463 -18.32 35.55 -49.38
C SER C 463 -17.14 34.88 -50.08
N MET C 464 -16.65 35.46 -51.18
CA MET C 464 -15.53 34.86 -51.88
C MET C 464 -14.28 34.91 -51.01
N LEU C 465 -14.11 36.02 -50.28
CA LEU C 465 -12.97 36.13 -49.37
C LEU C 465 -13.08 35.05 -48.32
N PHE C 466 -14.31 34.80 -47.85
CA PHE C 466 -14.59 33.76 -46.88
C PHE C 466 -14.18 32.42 -47.44
N GLY C 467 -14.40 32.24 -48.74
CA GLY C 467 -13.93 31.01 -49.36
C GLY C 467 -12.42 30.89 -49.22
N ARG C 468 -11.70 31.96 -49.58
CA ARG C 468 -10.24 31.92 -49.53
C ARG C 468 -9.65 31.77 -48.12
N LEU C 469 -10.15 32.53 -47.16
CA LEU C 469 -9.66 32.49 -45.78
C LEU C 469 -10.60 31.72 -44.87
N GLU C 470 -10.12 31.27 -43.71
CA GLU C 470 -11.02 30.52 -42.83
C GLU C 470 -12.18 31.44 -42.48
N ILE C 471 -13.40 30.93 -42.69
CA ILE C 471 -14.61 31.74 -42.55
C ILE C 471 -14.78 32.23 -41.13
N PHE C 472 -14.41 31.39 -40.17
CA PHE C 472 -14.59 31.66 -38.76
C PHE C 472 -13.81 32.84 -38.25
N THR C 473 -12.75 33.26 -38.94
CA THR C 473 -11.86 34.29 -38.44
C THR C 473 -12.61 35.60 -38.16
N LEU C 474 -13.73 35.82 -38.83
CA LEU C 474 -14.66 36.87 -38.52
C LEU C 474 -15.90 36.36 -37.80
N LEU C 475 -15.93 35.11 -37.39
CA LEU C 475 -17.08 34.63 -36.63
C LEU C 475 -16.90 34.85 -35.13
N ILE C 476 -15.65 34.89 -34.67
CA ILE C 476 -15.36 35.22 -33.28
C ILE C 476 -15.67 36.67 -32.94
N LEU C 477 -15.90 37.52 -33.92
CA LEU C 477 -16.31 38.88 -33.61
C LEU C 477 -17.77 38.98 -33.21
N LEU C 478 -18.66 38.25 -33.91
CA LEU C 478 -20.10 38.39 -33.68
C LEU C 478 -20.61 37.90 -32.33
N THR C 479 -19.89 37.01 -31.65
CA THR C 479 -20.47 36.40 -30.47
C THR C 479 -20.52 37.40 -29.32
N PRO C 480 -21.64 37.46 -28.61
CA PRO C 480 -21.71 38.31 -27.43
C PRO C 480 -20.88 37.85 -26.25
N THR C 481 -20.55 36.57 -26.17
CA THR C 481 -19.71 36.13 -25.07
C THR C 481 -18.29 36.65 -25.24
N PHE C 482 -17.88 36.90 -26.48
CA PHE C 482 -16.55 37.42 -26.74
C PHE C 482 -16.35 38.84 -26.24
N TRP C 483 -17.41 39.65 -26.18
CA TRP C 483 -17.21 41.02 -25.70
C TRP C 483 -17.26 41.07 -24.20
N MET D 1 -29.79 -22.05 -41.86
CA MET D 1 -29.73 -21.21 -40.66
C MET D 1 -31.10 -21.16 -39.98
N GLN D 2 -31.44 -22.27 -39.33
CA GLN D 2 -32.73 -22.54 -38.65
C GLN D 2 -33.94 -22.06 -39.46
N PHE D 3 -33.99 -22.45 -40.73
CA PHE D 3 -35.03 -21.95 -41.64
C PHE D 3 -36.44 -22.37 -41.24
N ARG D 4 -36.58 -23.43 -40.45
CA ARG D 4 -37.91 -23.97 -40.15
C ARG D 4 -38.68 -23.04 -39.23
N SER D 5 -37.99 -22.42 -38.28
CA SER D 5 -38.65 -21.48 -37.38
C SER D 5 -39.07 -20.24 -38.13
N ILE D 6 -38.18 -19.76 -39.02
CA ILE D 6 -38.42 -18.53 -39.78
C ILE D 6 -39.65 -18.67 -40.66
N ILE D 7 -39.83 -19.83 -41.32
CA ILE D 7 -40.98 -20.01 -42.22
C ILE D 7 -42.32 -19.86 -41.50
N ARG D 8 -42.48 -20.53 -40.35
CA ARG D 8 -43.73 -20.44 -39.61
C ARG D 8 -43.98 -19.04 -39.08
N ILE D 9 -42.94 -18.39 -38.50
CA ILE D 9 -43.14 -17.04 -37.95
C ILE D 9 -43.50 -16.05 -39.04
N VAL D 10 -42.83 -16.12 -40.18
CA VAL D 10 -43.08 -15.20 -41.29
C VAL D 10 -44.49 -15.43 -41.84
N GLY D 11 -44.90 -16.70 -41.92
CA GLY D 11 -46.23 -17.01 -42.41
C GLY D 11 -47.30 -16.44 -41.50
N LEU D 12 -47.08 -16.56 -40.19
CA LEU D 12 -48.00 -16.01 -39.22
C LEU D 12 -48.07 -14.50 -39.36
N LEU D 13 -46.92 -13.88 -39.59
CA LEU D 13 -46.88 -12.44 -39.78
C LEU D 13 -47.69 -12.01 -41.01
N LEU D 14 -47.54 -12.73 -42.12
CA LEU D 14 -48.29 -12.39 -43.33
C LEU D 14 -49.79 -12.57 -43.12
N ALA D 15 -50.16 -13.65 -42.42
CA ALA D 15 -51.56 -13.90 -42.13
C ALA D 15 -52.16 -12.82 -41.24
N LEU D 16 -51.39 -12.38 -40.24
CA LEU D 16 -51.82 -11.32 -39.33
C LEU D 16 -52.03 -10.02 -40.10
N PHE D 17 -51.14 -9.71 -41.04
CA PHE D 17 -51.31 -8.51 -41.86
C PHE D 17 -52.57 -8.61 -42.70
N SER D 18 -52.81 -9.79 -43.22
CA SER D 18 -53.98 -10.12 -44.03
C SER D 18 -55.30 -10.02 -43.31
N VAL D 19 -55.33 -10.33 -42.01
CA VAL D 19 -56.58 -10.24 -41.26
C VAL D 19 -57.14 -8.82 -41.32
N THR D 20 -56.28 -7.81 -41.27
CA THR D 20 -56.75 -6.44 -41.35
C THR D 20 -56.91 -6.02 -42.82
N MET D 21 -57.68 -6.80 -43.60
CA MET D 21 -57.91 -6.50 -45.01
C MET D 21 -59.38 -6.54 -45.41
N LEU D 22 -60.31 -6.47 -44.47
CA LEU D 22 -61.73 -6.52 -44.78
C LEU D 22 -62.36 -5.14 -44.78
N ALA D 23 -61.55 -4.08 -44.78
CA ALA D 23 -62.05 -2.72 -44.71
C ALA D 23 -62.97 -2.29 -45.86
N PRO D 24 -62.72 -2.61 -47.16
CA PRO D 24 -63.70 -2.15 -48.17
C PRO D 24 -64.94 -3.02 -48.18
N ALA D 25 -64.78 -4.27 -47.76
CA ALA D 25 -65.88 -5.24 -47.76
C ALA D 25 -67.07 -4.78 -46.92
N LEU D 26 -66.83 -3.93 -45.92
CA LEU D 26 -67.92 -3.33 -45.15
C LEU D 26 -68.82 -2.45 -46.01
N VAL D 27 -68.29 -1.92 -47.10
CA VAL D 27 -69.04 -1.02 -47.96
C VAL D 27 -69.36 -1.80 -49.23
N ALA D 28 -70.52 -2.44 -49.23
CA ALA D 28 -71.01 -3.19 -50.38
C ALA D 28 -71.34 -2.28 -51.55
N GLY D 36 -64.08 -4.77 -53.62
CA GLY D 36 -64.23 -5.45 -52.34
C GLY D 36 -63.65 -6.84 -52.34
N VAL D 37 -63.83 -7.57 -53.44
CA VAL D 37 -63.42 -8.96 -53.62
C VAL D 37 -61.90 -9.19 -53.75
N PRO D 38 -61.09 -8.33 -54.41
CA PRO D 38 -59.64 -8.60 -54.42
C PRO D 38 -58.99 -8.53 -53.06
N PHE D 39 -59.39 -7.59 -52.22
CA PHE D 39 -58.78 -7.49 -50.89
C PHE D 39 -59.05 -8.74 -50.07
N VAL D 40 -60.27 -9.29 -50.19
CA VAL D 40 -60.63 -10.54 -49.53
C VAL D 40 -59.75 -11.64 -50.08
N THR D 41 -59.50 -11.59 -51.39
CA THR D 41 -58.63 -12.55 -52.04
C THR D 41 -57.21 -12.45 -51.47
N THR D 42 -56.72 -11.22 -51.21
CA THR D 42 -55.39 -11.07 -50.64
C THR D 42 -55.33 -11.69 -49.25
N PHE D 43 -56.40 -11.52 -48.47
CA PHE D 43 -56.42 -12.15 -47.16
C PHE D 43 -56.38 -13.66 -47.31
N PHE D 44 -57.16 -14.18 -48.25
CA PHE D 44 -57.17 -15.63 -48.46
C PHE D 44 -55.83 -16.18 -48.95
N VAL D 45 -55.18 -15.48 -49.90
CA VAL D 45 -53.91 -15.98 -50.42
C VAL D 45 -52.81 -15.97 -49.37
N LEU D 46 -52.69 -14.87 -48.64
CA LEU D 46 -51.68 -14.79 -47.57
C LEU D 46 -51.99 -15.75 -46.44
N LEU D 47 -53.28 -15.86 -46.11
CA LEU D 47 -53.72 -16.78 -45.07
C LEU D 47 -53.35 -18.19 -45.49
N PHE D 48 -53.50 -18.47 -46.78
CA PHE D 48 -53.12 -19.76 -47.33
C PHE D 48 -51.62 -19.93 -47.16
N CYS D 49 -50.86 -18.84 -47.38
CA CYS D 49 -49.42 -18.88 -47.20
C CYS D 49 -49.08 -19.20 -45.76
N GLY D 50 -49.79 -18.56 -44.83
CA GLY D 50 -49.59 -18.82 -43.42
C GLY D 50 -49.91 -20.25 -43.09
N ALA D 51 -51.00 -20.76 -43.67
CA ALA D 51 -51.42 -22.13 -43.41
C ALA D 51 -50.38 -23.12 -43.90
N MET D 52 -49.85 -22.93 -45.11
CA MET D 52 -48.84 -23.86 -45.60
C MET D 52 -47.56 -23.76 -44.78
N CYS D 53 -47.18 -22.55 -44.39
CA CYS D 53 -46.00 -22.40 -43.55
C CYS D 53 -46.19 -23.04 -42.18
N TRP D 54 -47.40 -22.90 -41.64
CA TRP D 54 -47.75 -23.33 -40.29
C TRP D 54 -47.72 -24.84 -40.02
N PHE D 55 -48.18 -25.68 -40.97
CA PHE D 55 -48.33 -27.09 -40.58
C PHE D 55 -47.17 -28.09 -40.74
N PRO D 56 -46.41 -28.14 -41.85
CA PRO D 56 -45.34 -29.15 -41.93
C PRO D 56 -44.22 -28.91 -40.94
N ASN D 57 -43.99 -27.66 -40.55
CA ASN D 57 -42.92 -27.30 -39.65
C ASN D 57 -43.49 -26.85 -38.31
N ARG D 58 -42.99 -27.43 -37.22
CA ARG D 58 -43.43 -27.11 -35.87
C ARG D 58 -42.37 -26.49 -34.98
N ARG D 59 -41.09 -26.76 -35.24
CA ARG D 59 -40.02 -26.25 -34.38
C ARG D 59 -39.90 -24.73 -34.38
N HIS D 60 -39.61 -24.19 -33.20
CA HIS D 60 -39.38 -22.77 -32.97
C HIS D 60 -38.12 -22.61 -32.13
N LYS D 61 -37.25 -21.69 -32.56
CA LYS D 61 -35.97 -21.33 -31.91
C LYS D 61 -35.09 -22.53 -31.56
N ASP D 68 -30.65 -12.16 -38.12
CA ASP D 68 -30.80 -11.69 -36.75
C ASP D 68 -31.95 -10.71 -36.65
N GLY D 69 -31.91 -9.91 -35.58
CA GLY D 69 -32.98 -8.95 -35.31
C GLY D 69 -33.16 -7.93 -36.41
N PHE D 70 -32.05 -7.46 -36.99
CA PHE D 70 -32.12 -6.50 -38.08
C PHE D 70 -32.81 -7.12 -39.28
N LEU D 71 -32.64 -8.42 -39.43
CA LEU D 71 -33.29 -9.17 -40.50
C LEU D 71 -34.78 -9.10 -40.26
N ILE D 72 -35.17 -9.18 -39.01
CA ILE D 72 -36.58 -9.11 -38.63
C ILE D 72 -37.20 -7.75 -38.93
N VAL D 73 -36.47 -6.68 -38.64
CA VAL D 73 -37.00 -5.34 -38.88
C VAL D 73 -37.24 -5.12 -40.36
N VAL D 74 -36.26 -5.57 -41.14
CA VAL D 74 -36.32 -5.47 -42.57
C VAL D 74 -37.49 -6.30 -43.07
N LEU D 75 -37.64 -7.49 -42.51
CA LEU D 75 -38.75 -8.33 -42.88
C LEU D 75 -40.08 -7.72 -42.46
N PHE D 76 -40.07 -6.95 -41.38
CA PHE D 76 -41.27 -6.28 -40.93
C PHE D 76 -41.81 -5.40 -42.04
N TRP D 77 -40.98 -4.46 -42.47
CA TRP D 77 -41.37 -3.47 -43.45
C TRP D 77 -41.23 -4.02 -44.85
N THR D 78 -40.48 -5.10 -44.98
CA THR D 78 -40.58 -5.95 -46.15
C THR D 78 -42.02 -6.33 -46.39
N VAL D 79 -42.66 -6.89 -45.37
CA VAL D 79 -44.06 -7.25 -45.48
C VAL D 79 -44.88 -6.03 -45.86
N LEU D 80 -44.85 -5.01 -45.01
CA LEU D 80 -45.73 -3.87 -45.21
C LEU D 80 -45.72 -3.42 -46.68
N GLY D 81 -44.54 -3.41 -47.30
CA GLY D 81 -44.42 -3.01 -48.68
C GLY D 81 -45.20 -3.92 -49.65
N SER D 82 -45.14 -5.23 -49.46
CA SER D 82 -45.87 -6.15 -50.37
C SER D 82 -47.36 -6.15 -50.02
N ALA D 83 -48.26 -6.54 -50.90
CA ALA D 83 -49.60 -6.49 -50.36
C ALA D 83 -50.06 -5.06 -50.63
N GLY D 84 -51.35 -4.88 -50.90
CA GLY D 84 -51.80 -3.54 -51.19
C GLY D 84 -51.48 -3.07 -52.59
N SER D 85 -50.93 -3.96 -53.43
CA SER D 85 -50.62 -3.72 -54.82
C SER D 85 -51.42 -4.59 -55.77
N LEU D 86 -52.00 -5.69 -55.29
CA LEU D 86 -52.73 -6.61 -56.15
C LEU D 86 -54.01 -6.03 -56.77
N PRO D 87 -54.93 -5.33 -56.03
CA PRO D 87 -56.21 -4.97 -56.68
C PRO D 87 -56.14 -3.86 -57.70
N PHE D 88 -54.94 -3.38 -58.04
CA PHE D 88 -54.80 -2.20 -58.88
C PHE D 88 -54.38 -2.52 -60.29
N LEU D 89 -53.85 -3.72 -60.53
CA LEU D 89 -53.49 -4.13 -61.88
C LEU D 89 -54.73 -4.38 -62.73
N ILE D 90 -55.83 -4.77 -62.11
CA ILE D 90 -57.10 -4.91 -62.80
C ILE D 90 -57.91 -3.64 -62.66
N PRO D 94 -59.88 1.92 -61.08
CA PRO D 94 -58.44 2.13 -61.21
C PRO D 94 -57.74 1.21 -62.22
N ASN D 95 -57.79 1.60 -63.49
CA ASN D 95 -57.09 0.89 -64.55
C ASN D 95 -55.83 1.70 -64.84
N ILE D 96 -54.67 1.16 -64.47
CA ILE D 96 -53.41 1.88 -64.62
C ILE D 96 -52.30 0.85 -64.77
N SER D 97 -51.18 1.26 -65.36
CA SER D 97 -50.09 0.33 -65.68
C SER D 97 -49.43 -0.20 -64.42
N VAL D 98 -48.77 -1.35 -64.57
CA VAL D 98 -48.21 -2.12 -63.45
C VAL D 98 -47.19 -1.34 -62.63
N THR D 99 -46.26 -0.64 -63.28
CA THR D 99 -45.32 0.18 -62.54
C THR D 99 -46.04 1.32 -61.85
N ASP D 100 -46.94 1.98 -62.59
CA ASP D 100 -47.76 3.05 -62.05
C ASP D 100 -48.68 2.50 -60.97
N ALA D 101 -49.19 1.28 -61.16
CA ALA D 101 -50.06 0.69 -60.13
C ALA D 101 -49.28 0.49 -58.84
N PHE D 102 -48.05 -0.01 -58.96
CA PHE D 102 -47.22 -0.20 -57.78
C PHE D 102 -46.92 1.13 -57.13
N PHE D 103 -46.60 2.12 -57.97
CA PHE D 103 -46.26 3.46 -57.50
C PHE D 103 -47.44 4.09 -56.79
N GLU D 104 -48.61 3.92 -57.36
CA GLU D 104 -49.85 4.44 -56.80
C GLU D 104 -50.16 3.75 -55.49
N SER D 105 -49.87 2.45 -55.41
CA SER D 105 -50.09 1.70 -54.19
C SER D 105 -49.26 2.27 -53.08
N PHE D 106 -48.00 2.50 -53.36
CA PHE D 106 -47.12 3.11 -52.40
C PHE D 106 -47.56 4.54 -52.12
N SER D 107 -48.12 5.21 -53.14
CA SER D 107 -48.60 6.58 -52.97
C SER D 107 -49.72 6.62 -51.95
N ALA D 108 -50.63 5.66 -52.03
CA ALA D 108 -51.70 5.57 -51.05
C ALA D 108 -51.10 5.21 -49.70
N LEU D 109 -50.14 4.29 -49.74
CA LEU D 109 -49.42 3.76 -48.60
C LEU D 109 -48.44 4.81 -48.07
N THR D 110 -47.89 4.56 -46.88
CA THR D 110 -46.88 5.35 -46.17
C THR D 110 -47.21 6.82 -45.92
N THR D 111 -48.46 7.23 -46.12
CA THR D 111 -48.93 8.60 -45.89
C THR D 111 -48.07 9.64 -46.66
N THR D 112 -47.78 9.34 -47.90
CA THR D 112 -47.03 10.27 -48.71
C THR D 112 -47.97 10.81 -49.76
N GLY D 113 -47.95 12.10 -49.99
CA GLY D 113 -48.86 12.64 -50.97
C GLY D 113 -48.35 12.58 -52.39
N ALA D 114 -48.05 11.38 -52.87
CA ALA D 114 -47.41 11.20 -54.17
C ALA D 114 -48.51 11.14 -55.23
N THR D 115 -49.03 12.30 -55.60
CA THR D 115 -50.11 12.36 -56.58
C THR D 115 -49.58 12.39 -58.01
N VAL D 116 -50.09 11.46 -58.81
CA VAL D 116 -50.00 11.52 -60.25
C VAL D 116 -51.36 11.83 -60.87
N ILE D 117 -52.45 11.67 -60.12
CA ILE D 117 -53.76 11.87 -60.70
C ILE D 117 -54.45 13.01 -59.96
N LEU D 123 -62.65 8.08 -57.84
CA LEU D 123 -62.31 6.74 -57.41
C LEU D 123 -63.55 6.07 -56.80
N PRO D 124 -63.53 4.74 -56.60
CA PRO D 124 -64.67 4.09 -55.92
C PRO D 124 -64.80 4.55 -54.48
N LYS D 125 -66.02 4.49 -53.95
CA LYS D 125 -66.24 4.98 -52.60
C LYS D 125 -65.71 4.01 -51.55
N ALA D 126 -65.67 2.72 -51.87
CA ALA D 126 -65.09 1.73 -50.96
C ALA D 126 -63.57 1.83 -50.92
N ILE D 127 -62.95 1.99 -52.10
CA ILE D 127 -61.50 2.08 -52.21
C ILE D 127 -60.99 3.33 -51.53
N LEU D 128 -61.71 4.45 -51.67
CA LEU D 128 -61.33 5.71 -51.07
C LEU D 128 -61.33 5.59 -49.55
N PHE D 129 -62.34 4.90 -49.04
CA PHE D 129 -62.45 4.65 -47.61
C PHE D 129 -61.28 3.82 -47.14
N TYR D 130 -60.92 2.84 -47.95
CA TYR D 130 -59.76 2.00 -47.65
C TYR D 130 -58.48 2.82 -47.67
N ARG D 131 -58.37 3.77 -48.61
CA ARG D 131 -57.19 4.60 -48.69
C ARG D 131 -57.02 5.45 -47.44
N GLN D 132 -58.11 6.05 -46.97
CA GLN D 132 -58.05 6.80 -45.73
C GLN D 132 -57.75 5.86 -44.57
N PHE D 133 -58.29 4.65 -44.66
CA PHE D 133 -58.05 3.58 -43.69
C PHE D 133 -56.58 3.22 -43.69
N LEU D 134 -55.94 3.27 -44.87
CA LEU D 134 -54.51 3.01 -45.00
C LEU D 134 -53.77 4.05 -44.22
N GLN D 135 -54.23 5.29 -44.30
CA GLN D 135 -53.63 6.34 -43.49
C GLN D 135 -53.79 6.00 -42.01
N TRP D 136 -54.95 5.47 -41.62
CA TRP D 136 -55.15 5.08 -40.22
C TRP D 136 -54.19 3.98 -39.80
N PHE D 137 -54.03 2.98 -40.65
CA PHE D 137 -53.14 1.84 -40.39
C PHE D 137 -51.71 2.32 -40.30
N GLY D 138 -51.33 3.18 -41.22
CA GLY D 138 -49.99 3.70 -41.24
C GLY D 138 -49.68 4.50 -40.00
N GLY D 139 -50.65 5.34 -39.57
CA GLY D 139 -50.41 6.14 -38.39
C GLY D 139 -50.21 5.30 -37.14
N MET D 140 -51.09 4.32 -36.91
CA MET D 140 -50.87 3.49 -35.73
C MET D 140 -49.60 2.64 -35.84
N GLY D 141 -49.36 2.07 -37.01
CA GLY D 141 -48.21 1.21 -37.23
C GLY D 141 -46.88 1.91 -37.08
N ILE D 142 -46.83 3.17 -37.48
CA ILE D 142 -45.60 3.92 -37.45
C ILE D 142 -45.10 4.22 -36.05
N ILE D 143 -46.02 4.36 -35.11
CA ILE D 143 -45.63 4.68 -33.73
C ILE D 143 -45.62 3.49 -32.77
N VAL D 144 -45.69 2.24 -33.23
CA VAL D 144 -45.82 1.12 -32.30
C VAL D 144 -44.50 0.40 -32.13
N LEU D 145 -43.84 0.03 -33.21
CA LEU D 145 -42.51 -0.51 -33.10
C LEU D 145 -41.45 0.57 -32.99
N ALA D 146 -41.86 1.84 -32.90
CA ALA D 146 -40.95 2.97 -32.85
C ALA D 146 -40.32 3.16 -31.48
N VAL D 147 -41.04 2.79 -30.42
CA VAL D 147 -40.50 2.76 -29.08
C VAL D 147 -40.32 1.33 -28.59
N ALA D 148 -40.25 0.37 -29.51
CA ALA D 148 -40.11 -1.05 -29.20
C ALA D 148 -38.77 -1.57 -29.68
N ILE D 149 -37.81 -0.68 -29.88
CA ILE D 149 -36.49 -1.05 -30.37
C ILE D 149 -35.52 -1.29 -29.22
N LEU D 150 -36.01 -1.23 -27.97
CA LEU D 150 -35.14 -1.43 -26.80
C LEU D 150 -34.41 -2.77 -26.72
N PRO D 151 -34.99 -3.95 -27.09
CA PRO D 151 -34.17 -5.16 -26.99
C PRO D 151 -32.97 -5.11 -27.91
N VAL D 152 -33.15 -4.61 -29.12
CA VAL D 152 -32.01 -4.52 -30.02
C VAL D 152 -31.28 -3.20 -29.82
N LEU D 153 -31.84 -2.28 -29.06
CA LEU D 153 -31.18 -1.00 -28.83
C LEU D 153 -31.79 -0.41 -27.58
N ILE D 178 -45.89 -9.80 -23.27
CA ILE D 178 -45.20 -8.55 -23.05
C ILE D 178 -46.08 -7.42 -23.60
N ALA D 179 -47.04 -7.79 -24.44
CA ALA D 179 -47.88 -6.81 -25.13
C ALA D 179 -48.93 -6.30 -24.16
N GLU D 180 -48.56 -5.26 -23.44
CA GLU D 180 -49.41 -4.54 -22.52
C GLU D 180 -49.64 -3.09 -22.91
N THR D 181 -48.88 -2.55 -23.85
CA THR D 181 -48.99 -1.16 -24.26
C THR D 181 -50.21 -0.91 -25.14
N ALA D 182 -50.85 -1.98 -25.59
CA ALA D 182 -52.02 -1.91 -26.47
C ALA D 182 -53.18 -1.17 -25.84
N LYS D 183 -53.46 -1.44 -24.56
CA LYS D 183 -54.58 -0.79 -23.89
C LYS D 183 -54.36 0.70 -23.71
N ALA D 184 -53.18 1.07 -23.21
CA ALA D 184 -52.84 2.46 -22.96
C ALA D 184 -52.79 3.22 -24.26
N LEU D 185 -52.41 2.53 -25.33
CA LEU D 185 -52.38 3.17 -26.63
C LEU D 185 -53.79 3.26 -27.17
N TRP D 186 -54.63 2.31 -26.78
CA TRP D 186 -56.01 2.29 -27.24
C TRP D 186 -56.82 3.40 -26.62
N TYR D 187 -56.49 3.78 -25.39
CA TYR D 187 -57.20 4.87 -24.73
C TYR D 187 -56.83 6.22 -25.30
N ILE D 188 -55.52 6.44 -25.53
CA ILE D 188 -55.03 7.69 -26.08
C ILE D 188 -55.58 7.90 -27.48
N TYR D 189 -55.62 6.83 -28.25
CA TYR D 189 -56.14 6.91 -29.61
C TYR D 189 -57.60 7.27 -29.59
N LEU D 190 -58.36 6.62 -28.73
CA LEU D 190 -59.79 6.87 -28.66
C LEU D 190 -60.03 8.34 -28.38
N SER D 191 -59.23 8.92 -27.49
CA SER D 191 -59.33 10.34 -27.22
C SER D 191 -59.04 11.16 -28.47
N LEU D 192 -58.00 10.77 -29.22
CA LEU D 192 -57.63 11.50 -30.43
C LEU D 192 -58.69 11.46 -31.52
N THR D 193 -59.26 10.30 -31.78
CA THR D 193 -60.21 10.17 -32.88
C THR D 193 -61.56 10.75 -32.53
N ILE D 194 -62.04 10.48 -31.30
CA ILE D 194 -63.34 11.00 -30.90
C ILE D 194 -63.29 12.52 -30.89
N ALA D 195 -62.18 13.08 -30.41
CA ALA D 195 -62.03 14.52 -30.38
C ALA D 195 -62.06 15.09 -31.78
N CYS D 196 -61.37 14.44 -32.73
CA CYS D 196 -61.41 14.93 -34.11
C CYS D 196 -62.80 14.87 -34.71
N ALA D 197 -63.50 13.75 -34.51
CA ALA D 197 -64.84 13.60 -35.08
C ALA D 197 -65.83 14.61 -34.53
N VAL D 198 -65.81 14.80 -33.20
CA VAL D 198 -66.74 15.75 -32.56
C VAL D 198 -66.40 17.16 -33.02
N ALA D 199 -65.11 17.44 -33.20
CA ALA D 199 -64.66 18.73 -33.65
C ALA D 199 -65.20 19.03 -35.03
N PHE D 200 -65.17 18.05 -35.92
CA PHE D 200 -65.76 18.23 -37.25
C PHE D 200 -67.27 18.42 -37.13
N TRP D 201 -67.90 17.71 -36.18
CA TRP D 201 -69.34 17.78 -35.98
C TRP D 201 -69.80 19.19 -35.66
N LEU D 202 -69.01 19.92 -34.83
CA LEU D 202 -69.31 21.30 -34.42
C LEU D 202 -69.70 22.21 -35.58
N ALA D 203 -69.10 22.00 -36.75
CA ALA D 203 -69.41 22.79 -37.94
C ALA D 203 -70.87 22.62 -38.36
N GLY D 204 -71.44 21.44 -38.15
CA GLY D 204 -72.82 21.14 -38.50
C GLY D 204 -73.00 20.10 -39.58
N MET D 205 -71.91 19.53 -40.11
CA MET D 205 -71.98 18.47 -41.09
C MET D 205 -72.49 17.19 -40.45
N THR D 206 -73.16 16.38 -41.25
CA THR D 206 -73.69 15.11 -40.77
C THR D 206 -72.51 14.23 -40.34
N PRO D 207 -72.72 13.32 -39.36
CA PRO D 207 -71.60 12.52 -38.81
C PRO D 207 -70.78 11.76 -39.82
N PHE D 208 -71.39 11.30 -40.92
CA PHE D 208 -70.64 10.60 -41.95
C PHE D 208 -69.58 11.52 -42.54
N ASP D 209 -69.94 12.77 -42.84
CA ASP D 209 -68.98 13.72 -43.40
C ASP D 209 -67.88 14.05 -42.40
N ALA D 210 -68.26 14.22 -41.13
CA ALA D 210 -67.30 14.53 -40.09
C ALA D 210 -66.31 13.39 -39.92
N ILE D 211 -66.83 12.18 -39.90
CA ILE D 211 -66.03 10.97 -39.80
C ILE D 211 -65.13 10.82 -41.02
N SER D 212 -65.65 11.16 -42.21
CA SER D 212 -64.88 11.07 -43.45
C SER D 212 -63.67 11.97 -43.41
N HIS D 213 -63.89 13.22 -42.98
CA HIS D 213 -62.79 14.15 -42.85
C HIS D 213 -61.82 13.69 -41.79
N SER D 214 -62.35 13.12 -40.70
CA SER D 214 -61.54 12.62 -39.60
C SER D 214 -60.62 11.50 -40.08
N PHE D 215 -61.15 10.59 -40.88
CA PHE D 215 -60.36 9.50 -41.45
C PHE D 215 -59.29 10.07 -42.35
N SER D 216 -59.65 11.09 -43.11
CA SER D 216 -58.70 11.76 -43.99
C SER D 216 -57.57 12.41 -43.21
N THR D 217 -57.83 12.95 -42.03
CA THR D 217 -56.78 13.65 -41.33
C THR D 217 -56.02 12.84 -40.29
N ILE D 218 -56.25 11.52 -40.16
CA ILE D 218 -55.57 10.72 -39.13
C ILE D 218 -54.06 10.78 -39.29
N ALA D 219 -53.60 10.31 -40.44
CA ALA D 219 -52.19 10.35 -40.82
C ALA D 219 -52.13 11.31 -42.02
N ILE D 220 -52.22 12.60 -41.73
CA ILE D 220 -52.22 13.63 -42.76
C ILE D 220 -51.17 13.50 -43.86
N GLY D 221 -51.64 13.33 -45.08
CA GLY D 221 -50.78 13.23 -46.24
C GLY D 221 -51.03 14.48 -47.07
N GLY D 222 -52.13 15.15 -46.74
CA GLY D 222 -52.53 16.37 -47.40
C GLY D 222 -53.70 16.17 -48.32
N PHE D 223 -54.33 15.00 -48.26
CA PHE D 223 -55.48 14.61 -49.04
C PHE D 223 -56.76 15.06 -48.38
N SER D 224 -57.79 15.20 -49.20
CA SER D 224 -59.11 15.62 -48.76
C SER D 224 -60.05 15.14 -49.85
N THR D 225 -61.33 15.49 -49.71
CA THR D 225 -62.33 15.09 -50.70
C THR D 225 -61.98 15.65 -52.07
N HIS D 226 -61.51 16.89 -52.11
CA HIS D 226 -61.08 17.53 -53.33
C HIS D 226 -59.58 17.74 -53.30
N ASP D 227 -58.99 17.96 -54.49
CA ASP D 227 -57.55 18.11 -54.66
C ASP D 227 -57.00 19.28 -53.84
N ALA D 228 -57.71 20.40 -53.80
CA ALA D 228 -57.30 21.52 -52.96
C ALA D 228 -57.42 21.00 -51.54
N SER D 229 -56.37 21.18 -50.74
CA SER D 229 -56.35 20.57 -49.42
C SER D 229 -57.45 21.08 -48.51
N MET D 230 -57.57 22.39 -48.35
CA MET D 230 -58.65 22.92 -47.55
C MET D 230 -59.42 24.02 -48.24
N GLY D 231 -59.05 24.38 -49.47
CA GLY D 231 -59.74 25.44 -50.19
C GLY D 231 -61.19 25.17 -50.50
N TYR D 232 -61.49 23.92 -50.87
CA TYR D 232 -62.84 23.55 -51.26
C TYR D 232 -63.87 23.75 -50.14
N PHE D 233 -63.51 23.41 -48.90
CA PHE D 233 -64.43 23.64 -47.80
C PHE D 233 -63.66 24.42 -46.75
N ASP D 234 -64.14 25.61 -46.38
CA ASP D 234 -63.45 26.46 -45.40
C ASP D 234 -64.35 27.02 -44.31
N SER D 235 -64.94 26.17 -43.49
CA SER D 235 -65.69 26.69 -42.35
C SER D 235 -64.62 27.17 -41.36
N TYR D 236 -64.88 28.33 -40.73
CA TYR D 236 -63.91 28.95 -39.83
C TYR D 236 -63.59 28.06 -38.62
N ALA D 237 -64.60 27.41 -38.05
CA ALA D 237 -64.39 26.56 -36.89
C ALA D 237 -63.47 25.39 -37.23
N ILE D 238 -63.66 24.80 -38.41
CA ILE D 238 -62.81 23.69 -38.84
C ILE D 238 -61.37 24.14 -38.95
N ASN D 239 -61.13 25.32 -39.54
CA ASN D 239 -59.78 25.81 -39.69
C ASN D 239 -59.11 26.05 -38.33
N LEU D 240 -59.81 26.74 -37.42
CA LEU D 240 -59.21 27.01 -36.11
C LEU D 240 -58.96 25.74 -35.32
N ILE D 241 -59.96 24.87 -35.29
CA ILE D 241 -59.85 23.63 -34.54
C ILE D 241 -58.79 22.73 -35.13
N THR D 242 -58.74 22.63 -36.46
CA THR D 242 -57.76 21.78 -37.13
C THR D 242 -56.35 22.26 -36.87
N VAL D 243 -56.13 23.57 -36.89
CA VAL D 243 -54.78 24.09 -36.65
C VAL D 243 -54.38 23.72 -35.22
N VAL D 244 -55.33 23.78 -34.27
CA VAL D 244 -55.06 23.39 -32.89
C VAL D 244 -54.68 21.91 -32.86
N PHE D 245 -55.39 21.11 -33.65
CA PHE D 245 -55.11 19.68 -33.75
C PHE D 245 -53.70 19.46 -34.27
N LEU D 246 -53.31 20.23 -35.27
CA LEU D 246 -52.01 20.10 -35.87
C LEU D 246 -50.91 20.37 -34.85
N LEU D 247 -51.06 21.44 -34.08
CA LEU D 247 -50.04 21.76 -33.09
C LEU D 247 -49.96 20.71 -32.00
N ILE D 248 -51.09 20.28 -31.46
CA ILE D 248 -51.10 19.33 -30.35
C ILE D 248 -50.68 17.95 -30.79
N SER D 249 -51.10 17.52 -31.97
CA SER D 249 -51.00 16.12 -32.33
C SER D 249 -49.63 15.70 -32.81
N ALA D 250 -48.77 16.65 -33.18
CA ALA D 250 -47.53 16.24 -33.82
C ALA D 250 -46.34 16.05 -32.89
N CYS D 251 -46.04 17.04 -32.03
CA CYS D 251 -44.78 16.99 -31.32
C CYS D 251 -44.62 15.94 -30.22
N ASN D 252 -45.55 15.81 -29.26
CA ASN D 252 -45.14 14.87 -28.21
C ASN D 252 -46.21 14.11 -27.45
N PHE D 253 -46.18 12.79 -27.55
CA PHE D 253 -47.12 11.96 -26.84
C PHE D 253 -46.43 10.97 -25.91
N THR D 254 -45.16 10.68 -26.19
CA THR D 254 -44.41 9.79 -25.31
C THR D 254 -44.27 10.40 -23.93
N LEU D 255 -44.04 11.71 -23.87
CA LEU D 255 -43.92 12.43 -22.61
C LEU D 255 -45.20 12.27 -21.79
N HIS D 256 -46.35 12.25 -22.44
CA HIS D 256 -47.63 12.15 -21.75
C HIS D 256 -48.09 10.70 -21.60
N PHE D 257 -47.18 9.74 -21.76
CA PHE D 257 -47.49 8.33 -21.51
C PHE D 257 -47.80 8.13 -20.03
N ALA D 258 -47.16 8.94 -19.19
CA ALA D 258 -47.38 8.96 -17.76
C ALA D 258 -48.81 9.36 -17.44
N ALA D 259 -49.49 10.00 -18.39
CA ALA D 259 -50.89 10.39 -18.25
C ALA D 259 -51.77 9.18 -17.97
N PHE D 260 -51.38 8.00 -18.49
CA PHE D 260 -52.11 6.78 -18.17
C PHE D 260 -52.08 6.51 -16.67
N ALA D 261 -50.94 6.72 -16.02
CA ALA D 261 -50.86 6.65 -14.58
C ALA D 261 -51.57 7.86 -13.99
N SER D 262 -52.19 7.68 -12.83
CA SER D 262 -52.99 8.76 -12.26
C SER D 262 -52.21 9.67 -11.33
N GLY D 263 -50.89 9.78 -11.53
CA GLY D 263 -50.07 10.59 -10.65
C GLY D 263 -50.22 12.09 -10.80
N GLY D 264 -50.69 12.58 -11.95
CA GLY D 264 -50.78 14.01 -12.15
C GLY D 264 -49.45 14.74 -12.25
N VAL D 265 -48.59 14.31 -13.18
CA VAL D 265 -47.26 14.89 -13.35
C VAL D 265 -47.25 15.96 -14.42
N HIS D 266 -48.41 16.27 -15.00
CA HIS D 266 -48.49 17.26 -16.07
C HIS D 266 -48.08 18.70 -15.73
N PRO D 267 -48.38 19.31 -14.56
CA PRO D 267 -47.99 20.72 -14.39
C PRO D 267 -46.50 20.93 -14.22
N LYS D 268 -45.76 19.86 -13.94
CA LYS D 268 -44.31 19.95 -13.78
C LYS D 268 -43.63 20.31 -15.11
N TYR D 269 -44.17 19.77 -16.21
CA TYR D 269 -43.61 19.93 -17.54
C TYR D 269 -43.60 21.36 -18.05
N TYR D 270 -44.37 22.26 -17.45
CA TYR D 270 -44.39 23.65 -17.89
C TYR D 270 -42.99 24.26 -17.77
N TRP D 271 -42.29 23.93 -16.71
CA TRP D 271 -40.95 24.46 -16.46
C TRP D 271 -39.90 23.37 -16.57
N LYS D 272 -38.73 23.77 -17.09
CA LYS D 272 -37.53 22.96 -17.31
C LYS D 272 -37.67 21.93 -18.43
N ASP D 273 -38.65 22.09 -19.30
CA ASP D 273 -38.82 21.20 -20.44
C ASP D 273 -38.06 21.86 -21.59
N PRO D 274 -36.90 21.32 -21.99
CA PRO D 274 -36.09 21.98 -23.05
C PRO D 274 -36.82 22.08 -24.36
N GLU D 275 -37.58 21.03 -24.68
CA GLU D 275 -38.34 20.93 -25.92
C GLU D 275 -39.32 22.06 -26.02
N PHE D 276 -40.00 22.35 -24.91
CA PHE D 276 -41.00 23.40 -24.93
C PHE D 276 -40.38 24.74 -25.25
N ARG D 277 -39.29 25.10 -24.57
CA ARG D 277 -38.70 26.42 -24.82
C ARG D 277 -38.16 26.54 -26.23
N ALA D 278 -37.44 25.52 -26.73
CA ALA D 278 -36.88 25.63 -28.06
C ALA D 278 -37.96 25.68 -29.12
N PHE D 279 -38.96 24.79 -29.01
CA PHE D 279 -40.03 24.66 -29.98
C PHE D 279 -40.85 25.93 -30.03
N ILE D 280 -41.17 26.48 -28.86
CA ILE D 280 -41.95 27.69 -28.78
C ILE D 280 -41.18 28.83 -29.44
N PHE D 281 -39.86 28.89 -29.22
CA PHE D 281 -39.10 29.97 -29.85
C PHE D 281 -39.16 29.89 -31.37
N ILE D 282 -39.00 28.69 -31.95
CA ILE D 282 -39.07 28.58 -33.40
C ILE D 282 -40.48 28.89 -33.92
N GLN D 283 -41.52 28.30 -33.33
CA GLN D 283 -42.89 28.55 -33.79
C GLN D 283 -43.34 29.99 -33.60
N VAL D 284 -43.01 30.60 -32.47
CA VAL D 284 -43.36 31.99 -32.24
C VAL D 284 -42.64 32.88 -33.23
N LEU D 285 -41.39 32.54 -33.53
CA LEU D 285 -40.63 33.29 -34.53
C LEU D 285 -41.33 33.18 -35.86
N LEU D 286 -41.85 31.99 -36.15
CA LEU D 286 -42.60 31.76 -37.37
C LEU D 286 -43.82 32.66 -37.43
N PHE D 287 -44.52 32.77 -36.31
CA PHE D 287 -45.67 33.65 -36.29
C PHE D 287 -45.27 35.09 -36.52
N LEU D 288 -44.19 35.53 -35.87
CA LEU D 288 -43.75 36.91 -36.03
C LEU D 288 -43.32 37.23 -37.45
N VAL D 289 -42.60 36.31 -38.09
CA VAL D 289 -42.16 36.54 -39.46
C VAL D 289 -43.37 36.57 -40.39
N CYS D 290 -44.38 35.73 -40.12
CA CYS D 290 -45.59 35.76 -40.92
C CYS D 290 -46.30 37.10 -40.77
N PHE D 291 -46.31 37.60 -39.54
CA PHE D 291 -46.92 38.89 -39.24
C PHE D 291 -46.16 40.00 -39.96
N LEU D 292 -44.83 39.94 -39.94
CA LEU D 292 -44.01 40.94 -40.60
C LEU D 292 -44.21 40.91 -42.09
N LEU D 293 -44.29 39.71 -42.66
CA LEU D 293 -44.49 39.56 -44.10
C LEU D 293 -45.83 40.14 -44.50
N LEU D 294 -46.83 39.86 -43.66
CA LEU D 294 -48.18 40.35 -43.89
C LEU D 294 -48.21 41.86 -43.88
N LEU D 295 -47.52 42.48 -42.91
CA LEU D 295 -47.46 43.93 -42.85
C LEU D 295 -46.70 44.53 -44.03
N LYS D 296 -45.60 43.89 -44.45
CA LYS D 296 -44.79 44.41 -45.54
C LYS D 296 -45.56 44.41 -46.85
N HIS D 297 -46.32 43.37 -47.12
CA HIS D 297 -47.06 43.38 -48.36
C HIS D 297 -48.43 44.03 -48.22
N HIS D 298 -48.95 44.10 -46.99
CA HIS D 298 -50.28 44.66 -46.68
C HIS D 298 -51.35 43.86 -47.41
N SER D 299 -51.28 42.53 -47.24
CA SER D 299 -52.08 41.60 -48.02
C SER D 299 -53.56 41.73 -47.69
N TYR D 300 -53.94 41.43 -46.46
CA TYR D 300 -55.33 41.41 -46.03
C TYR D 300 -55.49 42.41 -44.89
N THR D 301 -56.46 43.30 -45.01
CA THR D 301 -56.70 44.27 -43.97
C THR D 301 -57.43 43.67 -42.78
N SER D 302 -58.36 42.75 -43.03
CA SER D 302 -59.09 42.15 -41.91
C SER D 302 -58.20 41.16 -41.16
N PRO D 303 -58.34 41.13 -39.83
CA PRO D 303 -57.55 40.20 -39.00
C PRO D 303 -57.86 38.72 -39.18
N TYR D 304 -59.13 38.34 -39.33
CA TYR D 304 -59.52 36.92 -39.37
C TYR D 304 -58.95 36.17 -40.57
N ASP D 305 -59.10 36.70 -41.77
CA ASP D 305 -58.57 36.00 -42.95
C ASP D 305 -57.06 35.99 -42.97
N ALA D 306 -56.46 37.15 -42.68
CA ALA D 306 -55.01 37.26 -42.70
C ALA D 306 -54.36 36.39 -41.64
N PHE D 307 -54.97 36.32 -40.48
CA PHE D 307 -54.34 35.56 -39.41
C PHE D 307 -54.65 34.08 -39.52
N ASP D 308 -55.93 33.72 -39.68
CA ASP D 308 -56.24 32.30 -39.79
C ASP D 308 -55.69 31.67 -41.07
N GLN D 309 -55.91 32.33 -42.21
CA GLN D 309 -55.42 31.72 -43.44
C GLN D 309 -53.91 31.75 -43.49
N ALA D 310 -53.32 32.89 -43.12
CA ALA D 310 -51.86 33.00 -43.18
C ALA D 310 -51.21 32.07 -42.21
N LEU D 311 -51.73 32.05 -40.99
CA LEU D 311 -51.22 31.21 -39.92
C LEU D 311 -51.39 29.77 -40.31
N PHE D 312 -52.54 29.45 -40.90
CA PHE D 312 -52.82 28.10 -41.32
C PHE D 312 -51.82 27.63 -42.37
N GLN D 313 -51.55 28.47 -43.38
CA GLN D 313 -50.61 28.04 -44.42
C GLN D 313 -49.23 27.87 -43.86
N THR D 314 -48.78 28.83 -43.03
CA THR D 314 -47.42 28.75 -42.50
C THR D 314 -47.27 27.54 -41.60
N VAL D 315 -48.22 27.36 -40.70
CA VAL D 315 -48.17 26.25 -39.76
C VAL D 315 -48.29 24.92 -40.48
N SER D 316 -49.24 24.82 -41.42
CA SER D 316 -49.48 23.56 -42.11
C SER D 316 -48.29 23.13 -42.95
N ILE D 317 -47.73 24.05 -43.75
CA ILE D 317 -46.58 23.67 -44.56
C ILE D 317 -45.38 23.37 -43.66
N SER D 318 -45.19 24.22 -42.64
CA SER D 318 -44.07 24.16 -41.71
C SER D 318 -44.02 22.91 -40.85
N THR D 319 -45.17 22.45 -40.41
CA THR D 319 -45.32 21.38 -39.45
C THR D 319 -45.27 20.01 -40.09
N THR D 320 -45.11 19.95 -41.41
CA THR D 320 -44.98 18.78 -42.27
C THR D 320 -46.31 18.06 -42.41
N ALA D 321 -47.39 18.70 -41.96
CA ALA D 321 -48.78 18.32 -42.16
C ALA D 321 -48.97 17.85 -43.60
N GLY D 322 -48.79 18.75 -44.55
CA GLY D 322 -49.06 18.48 -45.95
C GLY D 322 -50.32 19.09 -46.53
N PHE D 323 -51.08 19.85 -45.77
CA PHE D 323 -52.28 20.47 -46.31
C PHE D 323 -51.85 21.81 -46.91
N THR D 324 -51.82 21.90 -48.24
CA THR D 324 -51.41 23.13 -48.91
C THR D 324 -52.43 23.55 -49.95
N THR D 325 -52.91 24.80 -49.85
CA THR D 325 -53.87 25.32 -50.82
C THR D 325 -53.41 26.68 -51.39
N THR D 326 -52.15 27.04 -51.24
CA THR D 326 -51.65 28.33 -51.68
C THR D 326 -50.57 28.17 -52.73
N GLY D 327 -50.64 28.99 -53.77
CA GLY D 327 -49.68 29.01 -54.86
C GLY D 327 -48.53 29.93 -54.57
N PHE D 328 -48.59 30.60 -53.42
CA PHE D 328 -47.56 31.50 -52.89
C PHE D 328 -47.25 32.68 -53.80
N ALA D 329 -48.28 33.22 -54.44
CA ALA D 329 -48.10 34.39 -55.30
C ALA D 329 -48.17 35.68 -54.49
N ASP D 330 -49.07 35.75 -53.52
CA ASP D 330 -49.18 36.90 -52.62
C ASP D 330 -47.97 36.97 -51.70
N TRP D 331 -47.30 35.91 -51.53
CA TRP D 331 -46.01 35.79 -50.87
C TRP D 331 -44.94 35.94 -51.94
N PRO D 332 -43.74 36.40 -51.61
CA PRO D 332 -42.63 36.37 -52.60
C PRO D 332 -42.18 34.94 -52.87
N LEU D 333 -41.30 34.77 -53.87
CA LEU D 333 -40.74 33.46 -54.25
C LEU D 333 -39.87 32.83 -53.17
N PHE D 334 -39.15 33.67 -52.44
CA PHE D 334 -38.32 33.17 -51.37
C PHE D 334 -39.13 32.46 -50.31
N LEU D 335 -40.37 32.89 -50.08
CA LEU D 335 -41.20 32.21 -49.10
C LEU D 335 -41.41 30.75 -49.50
N PRO D 336 -41.67 30.37 -50.76
CA PRO D 336 -41.68 28.95 -51.07
C PRO D 336 -40.36 28.29 -50.79
N VAL D 337 -39.26 28.96 -51.14
CA VAL D 337 -37.97 28.33 -50.83
C VAL D 337 -37.78 28.17 -49.31
N LEU D 338 -38.15 29.20 -48.54
CA LEU D 338 -38.00 29.20 -47.09
C LEU D 338 -38.87 28.15 -46.45
N LEU D 339 -40.07 28.03 -46.98
CA LEU D 339 -41.01 27.04 -46.52
C LEU D 339 -40.50 25.65 -46.78
N LEU D 340 -39.88 25.45 -47.94
CA LEU D 340 -39.30 24.13 -48.22
C LEU D 340 -38.21 23.82 -47.21
N PHE D 341 -37.39 24.80 -46.86
CA PHE D 341 -36.39 24.59 -45.83
C PHE D 341 -37.05 24.29 -44.50
N SER D 342 -38.18 24.94 -44.26
CA SER D 342 -38.98 24.70 -43.07
C SER D 342 -39.49 23.28 -43.08
N SER D 343 -39.86 22.78 -44.25
CA SER D 343 -40.33 21.41 -44.42
C SER D 343 -39.27 20.41 -44.00
N PHE D 344 -37.99 20.73 -44.25
CA PHE D 344 -36.92 19.81 -43.81
C PHE D 344 -36.96 19.54 -42.31
N ILE D 345 -37.09 20.58 -41.49
CA ILE D 345 -37.33 20.42 -40.06
C ILE D 345 -38.64 19.67 -39.83
N GLY D 346 -38.53 18.40 -39.48
CA GLY D 346 -39.71 17.58 -39.39
C GLY D 346 -39.70 16.51 -38.34
N GLY D 347 -40.78 16.42 -37.59
CA GLY D 347 -40.91 15.44 -36.55
C GLY D 347 -40.38 15.97 -35.24
N CYS D 348 -40.72 15.25 -34.18
CA CYS D 348 -40.28 15.58 -32.85
C CYS D 348 -39.85 14.26 -32.23
N ALA D 349 -39.15 14.32 -31.10
CA ALA D 349 -38.78 13.07 -30.44
C ALA D 349 -40.03 12.32 -30.00
N GLY D 350 -40.04 11.02 -30.20
CA GLY D 350 -41.19 10.17 -29.88
C GLY D 350 -42.44 10.58 -30.62
N SER D 351 -42.31 10.89 -31.91
CA SER D 351 -43.40 11.33 -32.76
C SER D 351 -43.48 10.50 -34.03
N THR D 352 -44.60 10.73 -34.73
CA THR D 352 -44.95 9.98 -35.93
C THR D 352 -43.92 10.09 -37.06
N GLY D 353 -43.35 11.27 -37.29
CA GLY D 353 -42.41 11.43 -38.38
C GLY D 353 -40.93 11.34 -38.03
N GLY D 354 -40.22 10.54 -38.83
CA GLY D 354 -38.78 10.37 -38.68
C GLY D 354 -38.10 11.38 -39.60
N GLY D 355 -37.48 12.39 -39.02
CA GLY D 355 -36.81 13.48 -39.69
C GLY D 355 -35.83 14.08 -38.71
N MET D 356 -35.15 15.15 -39.14
CA MET D 356 -34.20 15.82 -38.24
C MET D 356 -34.97 16.29 -37.01
N LYS D 357 -34.38 16.09 -35.84
CA LYS D 357 -35.11 16.44 -34.63
C LYS D 357 -34.46 17.61 -33.91
N VAL D 358 -35.14 17.99 -32.83
CA VAL D 358 -34.71 19.10 -31.99
C VAL D 358 -33.40 18.78 -31.29
N ILE D 359 -33.34 17.62 -30.64
CA ILE D 359 -32.17 17.18 -29.88
C ILE D 359 -30.93 17.03 -30.75
N ARG D 360 -31.10 16.55 -31.98
CA ARG D 360 -29.98 16.42 -32.90
C ARG D 360 -29.42 17.78 -33.31
N ILE D 361 -30.29 18.68 -33.75
CA ILE D 361 -29.90 20.02 -34.17
C ILE D 361 -29.40 20.79 -32.97
N LEU D 362 -30.06 20.58 -31.86
CA LEU D 362 -29.76 21.21 -30.59
C LEU D 362 -28.38 20.82 -30.15
N LEU D 363 -28.09 19.54 -30.28
CA LEU D 363 -26.78 19.06 -29.89
C LEU D 363 -25.74 19.70 -30.78
N LEU D 364 -25.99 19.75 -32.09
CA LEU D 364 -25.02 20.35 -33.00
C LEU D 364 -24.79 21.82 -32.68
N THR D 365 -25.87 22.58 -32.52
CA THR D 365 -25.74 23.98 -32.21
C THR D 365 -25.14 24.23 -30.84
N LEU D 366 -25.83 23.82 -29.78
CA LEU D 366 -25.35 24.07 -28.40
C LEU D 366 -24.03 23.36 -28.11
N GLN D 367 -23.92 22.12 -28.55
CA GLN D 367 -22.67 21.38 -28.48
C GLN D 367 -21.68 22.07 -29.39
N GLY D 368 -22.21 22.57 -30.48
CA GLY D 368 -21.43 23.37 -31.39
C GLY D 368 -20.92 24.62 -30.69
N ALA D 369 -21.72 25.19 -29.82
CA ALA D 369 -21.32 26.35 -29.05
C ALA D 369 -20.14 25.94 -28.19
N ARG D 370 -20.21 24.74 -27.64
CA ARG D 370 -19.11 24.21 -26.86
C ARG D 370 -17.89 24.07 -27.76
N GLU D 371 -18.10 23.67 -29.00
CA GLU D 371 -17.03 23.62 -29.98
C GLU D 371 -16.50 25.02 -30.28
N LEU D 372 -17.36 26.04 -30.27
CA LEU D 372 -16.92 27.41 -30.45
C LEU D 372 -16.00 27.80 -29.32
N LYS D 373 -16.37 27.37 -28.14
CA LYS D 373 -15.52 27.56 -26.97
C LYS D 373 -14.22 26.81 -27.15
N ARG D 374 -14.27 25.64 -27.79
CA ARG D 374 -13.05 24.90 -28.07
C ARG D 374 -12.13 25.71 -28.96
N LEU D 375 -12.73 26.41 -29.94
CA LEU D 375 -11.93 27.25 -30.81
C LEU D 375 -11.23 28.34 -30.03
N VAL D 376 -11.92 28.94 -29.05
CA VAL D 376 -11.28 29.97 -28.23
C VAL D 376 -10.09 29.40 -27.45
N HIS D 377 -10.26 28.27 -26.80
CA HIS D 377 -9.13 27.65 -26.08
C HIS D 377 -9.12 26.13 -26.10
N PRO D 378 -8.03 25.49 -26.55
CA PRO D 378 -8.00 24.02 -26.55
C PRO D 378 -7.62 23.44 -25.22
N ARG D 379 -6.94 24.21 -24.36
CA ARG D 379 -6.59 23.76 -23.03
C ARG D 379 -7.76 23.65 -22.08
N ALA D 380 -8.95 24.07 -22.50
CA ALA D 380 -10.09 24.23 -21.61
C ALA D 380 -11.01 23.02 -21.67
N VAL D 381 -11.20 22.36 -20.53
CA VAL D 381 -12.14 21.25 -20.42
C VAL D 381 -13.54 21.78 -20.66
N TYR D 382 -14.29 21.15 -21.55
CA TYR D 382 -15.70 21.46 -21.73
C TYR D 382 -16.60 20.31 -21.32
N THR D 383 -17.40 20.51 -20.27
CA THR D 383 -18.50 19.62 -19.93
C THR D 383 -19.73 20.45 -19.57
N ILE D 384 -20.77 20.38 -20.41
CA ILE D 384 -22.01 21.11 -20.16
C ILE D 384 -23.16 20.16 -20.39
N LYS D 385 -24.11 20.16 -19.47
CA LYS D 385 -25.29 19.31 -19.58
C LYS D 385 -26.58 20.12 -19.64
N VAL D 386 -27.07 20.34 -20.87
CA VAL D 386 -28.30 21.12 -21.08
C VAL D 386 -29.48 20.39 -20.46
N GLY D 387 -29.52 19.08 -20.67
CA GLY D 387 -30.52 18.23 -20.09
C GLY D 387 -30.23 17.99 -18.62
N GLY D 388 -31.23 17.51 -17.89
CA GLY D 388 -31.03 17.25 -16.47
C GLY D 388 -29.94 16.23 -16.18
N SER D 389 -29.88 15.16 -16.97
CA SER D 389 -28.86 14.14 -16.81
C SER D 389 -27.48 14.62 -17.30
N ALA D 390 -26.44 14.00 -16.76
CA ALA D 390 -25.15 13.99 -17.42
C ALA D 390 -25.24 13.24 -18.74
N LEU D 391 -24.62 13.77 -19.78
CA LEU D 391 -24.67 13.11 -21.06
C LEU D 391 -23.37 12.43 -21.43
N PRO D 392 -23.41 11.16 -21.81
CA PRO D 392 -22.20 10.41 -22.17
C PRO D 392 -21.75 10.79 -23.57
N GLN D 393 -20.44 10.77 -23.77
CA GLN D 393 -19.94 11.13 -25.10
C GLN D 393 -20.08 10.04 -26.18
N ARG D 394 -20.57 8.83 -25.87
CA ARG D 394 -20.80 7.87 -26.96
C ARG D 394 -21.96 8.25 -27.88
N VAL D 395 -23.11 8.59 -27.29
CA VAL D 395 -24.34 8.87 -28.03
C VAL D 395 -24.24 10.11 -28.91
N VAL D 396 -23.62 11.19 -28.41
CA VAL D 396 -23.54 12.43 -29.19
C VAL D 396 -22.74 12.23 -30.47
N ASP D 397 -21.61 11.53 -30.33
CA ASP D 397 -20.77 11.26 -31.47
C ASP D 397 -21.52 10.40 -32.47
N ALA D 398 -22.22 9.40 -31.96
CA ALA D 398 -23.02 8.54 -32.83
C ALA D 398 -24.07 9.34 -33.58
N VAL D 399 -24.74 10.27 -32.90
CA VAL D 399 -25.79 11.08 -33.52
C VAL D 399 -25.27 11.96 -34.64
N TRP D 400 -24.17 12.69 -34.40
CA TRP D 400 -23.68 13.52 -35.50
C TRP D 400 -23.07 12.68 -36.61
N GLY D 401 -22.53 11.53 -36.27
CA GLY D 401 -22.05 10.61 -37.30
C GLY D 401 -23.20 10.17 -38.17
N PHE D 402 -24.35 9.94 -37.54
CA PHE D 402 -25.58 9.59 -38.24
C PHE D 402 -25.96 10.72 -39.18
N PHE D 403 -25.81 11.96 -38.72
CA PHE D 403 -26.07 13.09 -39.58
C PHE D 403 -25.10 13.12 -40.77
N SER D 404 -23.83 12.80 -40.54
CA SER D 404 -22.89 12.81 -41.66
C SER D 404 -23.25 11.77 -42.70
N ALA D 405 -23.59 10.57 -42.25
CA ALA D 405 -24.02 9.52 -43.15
C ALA D 405 -25.31 9.94 -43.84
N TYR D 406 -26.16 10.67 -43.11
CA TYR D 406 -27.42 11.17 -43.61
C TYR D 406 -27.16 12.13 -44.76
N ALA D 407 -26.12 12.94 -44.61
CA ALA D 407 -25.74 13.87 -45.67
C ALA D 407 -25.32 13.09 -46.89
N LEU D 408 -24.60 11.98 -46.66
CA LEU D 408 -24.14 11.15 -47.77
C LEU D 408 -25.35 10.62 -48.50
N VAL D 409 -26.36 10.20 -47.75
CA VAL D 409 -27.61 9.72 -48.34
C VAL D 409 -28.29 10.84 -49.11
N PHE D 410 -28.25 12.06 -48.57
CA PHE D 410 -28.89 13.21 -49.20
C PHE D 410 -28.25 13.48 -50.55
N VAL D 411 -26.93 13.35 -50.60
CA VAL D 411 -26.18 13.51 -51.84
C VAL D 411 -26.61 12.43 -52.81
N VAL D 412 -26.74 11.20 -52.31
CA VAL D 412 -27.15 10.07 -53.15
C VAL D 412 -28.53 10.31 -53.73
N CYS D 413 -29.46 10.76 -52.91
CA CYS D 413 -30.81 11.00 -53.39
C CYS D 413 -30.86 12.13 -54.41
N MET D 414 -30.20 13.27 -54.13
CA MET D 414 -30.25 14.38 -55.08
C MET D 414 -29.56 14.03 -56.38
N LEU D 415 -28.35 13.48 -56.26
CA LEU D 415 -27.56 13.13 -57.43
C LEU D 415 -28.22 12.03 -58.21
N GLY D 416 -28.72 11.01 -57.52
CA GLY D 416 -29.34 9.90 -58.20
C GLY D 416 -30.61 10.27 -58.95
N LEU D 417 -31.49 11.03 -58.29
CA LEU D 417 -32.73 11.41 -58.95
C LEU D 417 -32.46 12.32 -60.13
N ILE D 418 -31.60 13.32 -59.97
CA ILE D 418 -31.28 14.17 -61.11
C ILE D 418 -30.59 13.36 -62.21
N ALA D 419 -29.71 12.45 -61.78
CA ALA D 419 -28.91 11.61 -62.67
C ALA D 419 -29.74 10.67 -63.52
N THR D 420 -30.85 10.16 -62.98
CA THR D 420 -31.66 9.18 -63.71
C THR D 420 -32.24 9.72 -65.04
N GLY D 421 -32.32 11.04 -65.22
CA GLY D 421 -32.93 11.70 -66.35
C GLY D 421 -33.98 12.74 -66.01
N MET D 422 -34.16 12.99 -64.72
CA MET D 422 -35.08 14.00 -64.24
C MET D 422 -34.51 15.40 -64.44
N ASP D 423 -35.40 16.37 -64.56
CA ASP D 423 -35.06 17.77 -64.75
C ASP D 423 -34.32 18.31 -63.52
N GLU D 424 -33.43 19.26 -63.71
CA GLU D 424 -32.67 19.76 -62.56
C GLU D 424 -33.52 20.48 -61.51
N LEU D 425 -34.39 21.39 -61.92
CA LEU D 425 -35.12 22.14 -60.90
C LEU D 425 -36.39 21.50 -60.37
N SER D 426 -37.27 21.03 -61.26
CA SER D 426 -38.51 20.43 -60.76
C SER D 426 -38.21 19.21 -59.93
N ALA D 427 -37.24 18.42 -60.36
CA ALA D 427 -36.82 17.30 -59.52
C ALA D 427 -36.17 17.82 -58.25
N PHE D 428 -35.41 18.92 -58.33
CA PHE D 428 -34.72 19.44 -57.13
C PHE D 428 -35.72 19.77 -56.03
N SER D 429 -36.80 20.45 -56.40
CA SER D 429 -37.84 20.75 -55.43
C SER D 429 -38.48 19.44 -55.00
N ALA D 430 -38.66 18.54 -55.96
CA ALA D 430 -39.27 17.26 -55.68
C ALA D 430 -38.45 16.44 -54.68
N VAL D 431 -37.12 16.42 -54.80
CA VAL D 431 -36.31 15.66 -53.85
C VAL D 431 -36.40 16.28 -52.46
N ALA D 432 -36.44 17.62 -52.37
CA ALA D 432 -36.56 18.20 -51.03
C ALA D 432 -37.87 17.79 -50.39
N ALA D 433 -38.93 17.91 -51.18
CA ALA D 433 -40.27 17.53 -50.75
C ALA D 433 -40.36 16.03 -50.50
N THR D 434 -39.68 15.24 -51.34
CA THR D 434 -39.71 13.78 -51.26
C THR D 434 -39.11 13.25 -49.97
N LEU D 435 -37.96 13.79 -49.57
CA LEU D 435 -37.32 13.35 -48.34
C LEU D 435 -38.19 13.69 -47.15
N ASN D 436 -38.81 14.87 -47.18
CA ASN D 436 -39.70 15.24 -46.07
C ASN D 436 -40.96 14.38 -46.04
N ASN D 437 -41.50 14.03 -47.21
CA ASN D 437 -42.76 13.29 -47.52
C ASN D 437 -44.02 14.13 -47.47
N LEU D 438 -43.97 15.32 -48.05
CA LEU D 438 -45.13 16.18 -48.17
C LEU D 438 -45.83 15.96 -49.50
N GLY D 439 -45.12 16.18 -50.58
CA GLY D 439 -45.76 16.10 -51.86
C GLY D 439 -44.88 16.58 -52.99
N PRO D 440 -45.53 17.04 -54.04
CA PRO D 440 -44.83 17.53 -55.22
C PRO D 440 -44.11 18.84 -55.00
N GLY D 441 -43.06 19.07 -55.77
CA GLY D 441 -42.28 20.30 -55.61
C GLY D 441 -43.02 21.51 -56.15
N LEU D 442 -43.16 22.51 -55.28
CA LEU D 442 -43.84 23.76 -55.61
C LEU D 442 -43.09 24.59 -56.65
N GLY D 443 -41.77 24.73 -56.52
CA GLY D 443 -41.05 25.61 -57.44
C GLY D 443 -41.04 25.07 -58.86
N GLU D 444 -41.46 25.92 -59.83
CA GLU D 444 -41.61 25.54 -61.25
C GLU D 444 -42.49 24.30 -61.36
N VAL D 445 -43.73 24.50 -60.90
CA VAL D 445 -44.69 23.42 -60.64
C VAL D 445 -45.00 22.57 -61.86
N ALA D 446 -45.00 21.26 -61.62
CA ALA D 446 -45.39 20.17 -62.51
C ALA D 446 -45.59 19.07 -61.48
N LEU D 447 -46.67 19.19 -60.71
CA LEU D 447 -46.90 18.30 -59.58
C LEU D 447 -47.01 16.84 -59.93
N HIS D 448 -47.75 16.54 -60.97
CA HIS D 448 -48.02 15.17 -61.40
C HIS D 448 -46.96 14.68 -62.39
N PHE D 449 -46.14 13.74 -61.96
CA PHE D 449 -45.09 13.18 -62.80
C PHE D 449 -45.51 11.75 -63.11
N GLY D 450 -46.31 11.59 -64.15
CA GLY D 450 -46.60 10.26 -64.64
C GLY D 450 -45.63 9.81 -65.70
N ASP D 451 -45.20 10.73 -66.53
CA ASP D 451 -44.31 10.40 -67.63
C ASP D 451 -42.84 10.34 -67.24
N VAL D 452 -42.51 10.22 -65.97
CA VAL D 452 -41.13 10.04 -65.58
C VAL D 452 -40.84 8.54 -65.56
N ASN D 453 -39.57 8.17 -65.75
CA ASN D 453 -39.18 6.78 -65.85
C ASN D 453 -39.51 5.97 -64.61
N ASP D 454 -40.27 4.90 -64.88
CA ASP D 454 -40.84 3.99 -63.91
C ASP D 454 -39.80 3.28 -63.05
N LYS D 455 -38.65 2.95 -63.60
CA LYS D 455 -37.60 2.40 -62.76
C LYS D 455 -37.14 3.45 -61.77
N ALA D 456 -36.99 4.69 -62.23
CA ALA D 456 -36.72 5.78 -61.30
C ALA D 456 -37.90 5.98 -60.38
N LYS D 457 -39.11 5.74 -60.88
CA LYS D 457 -40.28 5.82 -60.01
C LYS D 457 -40.17 4.80 -58.90
N TRP D 458 -39.62 3.63 -59.22
CA TRP D 458 -39.38 2.59 -58.23
C TRP D 458 -38.39 3.17 -57.22
N VAL D 459 -37.39 3.90 -57.74
CA VAL D 459 -36.41 4.59 -56.91
C VAL D 459 -37.11 5.64 -56.03
N LEU D 460 -38.09 6.35 -56.59
CA LEU D 460 -38.86 7.33 -55.83
C LEU D 460 -39.59 6.66 -54.69
N ILE D 461 -40.12 5.46 -54.96
CA ILE D 461 -40.80 4.69 -53.93
C ILE D 461 -39.83 4.36 -52.81
N VAL D 462 -38.63 3.89 -53.17
CA VAL D 462 -37.64 3.53 -52.16
C VAL D 462 -37.21 4.78 -51.39
N SER D 463 -37.07 5.92 -52.09
CA SER D 463 -36.68 7.17 -51.44
C SER D 463 -37.71 7.66 -50.44
N MET D 464 -39.00 7.66 -50.81
CA MET D 464 -40.02 8.10 -49.88
C MET D 464 -40.13 7.15 -48.70
N LEU D 465 -39.96 5.85 -48.98
CA LEU D 465 -39.96 4.85 -47.94
C LEU D 465 -38.83 5.12 -46.98
N PHE D 466 -37.68 5.51 -47.53
CA PHE D 466 -36.56 5.90 -46.70
C PHE D 466 -36.94 7.12 -45.89
N GLY D 467 -37.75 8.00 -46.47
CA GLY D 467 -38.19 9.18 -45.76
C GLY D 467 -38.95 8.85 -44.51
N ARG D 468 -39.78 7.81 -44.56
CA ARG D 468 -40.49 7.38 -43.37
C ARG D 468 -39.70 6.44 -42.47
N LEU D 469 -39.10 5.40 -43.05
CA LEU D 469 -38.34 4.40 -42.27
C LEU D 469 -36.89 4.77 -42.03
N GLU D 470 -36.28 4.18 -40.99
CA GLU D 470 -34.88 4.49 -40.72
C GLU D 470 -34.18 4.17 -42.02
N ILE D 471 -33.36 5.08 -42.50
CA ILE D 471 -32.82 4.89 -43.83
C ILE D 471 -31.76 3.81 -43.84
N PHE D 472 -31.02 3.72 -42.76
CA PHE D 472 -29.86 2.85 -42.83
C PHE D 472 -30.15 1.41 -42.60
N THR D 473 -31.41 0.97 -42.61
CA THR D 473 -31.68 -0.46 -42.49
C THR D 473 -31.18 -1.21 -43.72
N LEU D 474 -31.49 -0.67 -44.90
CA LEU D 474 -31.03 -1.23 -46.16
C LEU D 474 -29.52 -1.14 -46.24
N LEU D 475 -28.95 -0.09 -45.63
CA LEU D 475 -27.52 0.15 -45.63
C LEU D 475 -26.78 -1.02 -44.99
N ILE D 476 -27.31 -1.55 -43.89
CA ILE D 476 -26.69 -2.70 -43.23
C ILE D 476 -26.66 -3.90 -44.18
N LEU D 477 -27.68 -4.04 -45.01
CA LEU D 477 -27.68 -5.08 -46.02
C LEU D 477 -26.56 -4.93 -47.05
N LEU D 478 -26.27 -3.70 -47.51
CA LEU D 478 -25.29 -3.52 -48.58
C LEU D 478 -23.84 -3.87 -48.25
N THR D 479 -23.33 -3.45 -47.07
CA THR D 479 -21.93 -3.62 -46.65
C THR D 479 -21.28 -4.97 -46.96
N PRO D 480 -20.07 -4.99 -47.51
CA PRO D 480 -19.38 -6.27 -47.73
C PRO D 480 -18.87 -6.97 -46.50
N THR D 481 -18.62 -6.25 -45.41
CA THR D 481 -18.17 -6.92 -44.20
C THR D 481 -19.29 -7.73 -43.57
N PHE D 482 -20.54 -7.34 -43.83
CA PHE D 482 -21.69 -8.06 -43.28
C PHE D 482 -21.84 -9.46 -43.85
N TRP D 483 -21.40 -9.71 -45.08
CA TRP D 483 -21.56 -11.04 -45.61
C TRP D 483 -20.40 -11.92 -45.18
N MET E 1 30.04 24.32 -16.43
CA MET E 1 29.53 23.10 -15.81
C MET E 1 28.28 22.58 -16.54
N LYS E 2 28.47 21.48 -17.28
CA LYS E 2 27.43 20.92 -18.12
C LYS E 2 26.78 19.70 -17.44
N ILE E 3 25.53 19.85 -16.99
CA ILE E 3 24.89 18.83 -16.15
C ILE E 3 23.67 18.13 -16.79
N ILE E 4 23.70 16.81 -16.81
CA ILE E 4 22.56 16.04 -17.25
C ILE E 4 21.87 15.35 -16.07
N ILE E 5 20.57 15.60 -15.92
CA ILE E 5 19.81 14.95 -14.86
C ILE E 5 18.84 13.96 -15.49
N LEU E 6 19.02 12.68 -15.16
CA LEU E 6 18.19 11.63 -15.70
C LEU E 6 17.01 11.37 -14.77
N GLY E 7 15.81 11.62 -15.27
CA GLY E 7 14.62 11.47 -14.45
C GLY E 7 14.30 12.77 -13.77
N ALA E 8 13.16 13.35 -14.10
CA ALA E 8 12.73 14.62 -13.52
C ALA E 8 11.64 14.43 -12.46
N GLY E 9 11.83 13.48 -11.56
CA GLY E 9 10.89 13.29 -10.47
C GLY E 9 11.09 14.36 -9.41
N GLN E 10 10.63 14.09 -8.19
CA GLN E 10 10.83 15.02 -7.08
C GLN E 10 12.30 15.39 -6.90
N VAL E 11 13.16 14.37 -6.88
CA VAL E 11 14.57 14.59 -6.67
C VAL E 11 15.25 15.26 -7.87
N GLY E 12 15.03 14.73 -9.07
CA GLY E 12 15.61 15.32 -10.26
C GLY E 12 15.18 16.75 -10.51
N GLY E 13 13.89 16.99 -10.40
CA GLY E 13 13.33 18.31 -10.60
C GLY E 13 13.81 19.32 -9.58
N THR E 14 13.74 18.96 -8.30
CA THR E 14 14.18 19.84 -7.23
C THR E 14 15.66 20.18 -7.41
N LEU E 15 16.44 19.18 -7.80
CA LEU E 15 17.86 19.38 -8.10
C LEU E 15 18.00 20.41 -9.21
N ALA E 16 17.28 20.17 -10.31
CA ALA E 16 17.29 21.06 -11.44
C ALA E 16 16.92 22.48 -11.01
N GLU E 17 15.95 22.60 -10.10
CA GLU E 17 15.53 23.90 -9.61
C GLU E 17 16.66 24.60 -8.87
N ASN E 18 17.39 23.85 -8.07
CA ASN E 18 18.51 24.42 -7.32
C ASN E 18 19.77 24.73 -8.13
N LEU E 19 19.53 24.06 -9.02
CA LEU E 19 20.86 24.41 -9.54
C LEU E 19 20.89 25.46 -10.65
N VAL E 20 19.88 25.88 -11.64
CA VAL E 20 19.76 26.84 -12.74
C VAL E 20 20.54 28.13 -12.44
N GLY E 21 21.32 28.59 -13.42
CA GLY E 21 22.12 29.79 -13.24
C GLY E 21 23.07 30.09 -14.39
N GLU E 22 24.10 30.89 -14.10
CA GLU E 22 25.04 31.35 -15.13
C GLU E 22 26.11 30.31 -15.43
N ASN E 23 26.68 29.75 -14.38
CA ASN E 23 27.80 28.82 -14.52
C ASN E 23 27.37 27.37 -14.67
N ASN E 24 26.06 27.15 -14.81
CA ASN E 24 25.48 25.81 -14.94
C ASN E 24 24.51 25.67 -16.11
N ASP E 25 24.79 24.69 -16.99
CA ASP E 25 23.89 24.34 -18.10
C ASP E 25 23.17 23.01 -17.84
N ILE E 26 21.92 23.11 -17.40
CA ILE E 26 21.13 21.95 -16.99
C ILE E 26 20.28 21.32 -18.11
N THR E 27 20.50 20.03 -18.34
CA THR E 27 19.63 19.26 -19.23
C THR E 27 18.96 18.14 -18.44
N ILE E 28 17.64 18.03 -18.56
CA ILE E 28 16.92 16.95 -17.89
C ILE E 28 16.31 15.96 -18.88
N VAL E 29 16.53 14.68 -18.62
CA VAL E 29 15.93 13.61 -19.43
C VAL E 29 14.78 12.97 -18.66
N ASP E 30 13.67 12.76 -19.35
CA ASP E 30 12.53 12.09 -18.75
C ASP E 30 11.66 11.58 -19.88
N ASN E 31 10.96 10.46 -19.66
CA ASN E 31 10.12 9.91 -20.71
C ASN E 31 8.68 10.38 -20.60
N VAL E 47 15.36 20.00 -22.19
CA VAL E 47 14.63 18.78 -21.90
C VAL E 47 14.75 17.74 -23.02
N VAL E 48 14.93 16.47 -22.63
CA VAL E 48 14.97 15.38 -23.60
C VAL E 48 13.93 14.32 -23.26
N ASN E 49 13.04 14.04 -24.20
CA ASN E 49 11.99 13.05 -24.00
C ASN E 49 12.42 11.68 -24.52
N GLY E 50 12.72 10.77 -23.62
CA GLY E 50 13.16 9.43 -23.99
C GLY E 50 13.58 8.59 -22.80
N HIS E 51 14.05 7.38 -23.06
CA HIS E 51 14.52 6.50 -21.99
C HIS E 51 15.96 6.86 -21.58
N ALA E 52 16.16 7.10 -20.29
CA ALA E 52 17.41 7.66 -19.78
C ALA E 52 18.67 6.84 -20.04
N SER E 53 18.53 5.56 -20.38
CA SER E 53 19.70 4.72 -20.56
C SER E 53 19.90 4.29 -22.01
N HIS E 54 19.07 4.80 -22.90
CA HIS E 54 19.24 4.55 -24.33
C HIS E 54 20.35 5.40 -24.90
N PRO E 55 21.25 4.79 -25.68
CA PRO E 55 22.42 5.45 -26.25
C PRO E 55 22.08 6.73 -27.00
N ASP E 56 21.00 6.73 -27.77
CA ASP E 56 20.60 7.90 -28.54
C ASP E 56 20.01 9.01 -27.68
N VAL E 57 19.21 8.63 -26.69
CA VAL E 57 18.64 9.59 -25.77
C VAL E 57 19.77 10.28 -25.02
N LEU E 58 20.72 9.47 -24.56
CA LEU E 58 21.90 10.00 -23.87
C LEU E 58 22.76 10.88 -24.77
N HIS E 59 22.89 10.47 -26.04
CA HIS E 59 23.63 11.24 -27.01
C HIS E 59 22.95 12.58 -27.24
N GLU E 60 21.62 12.55 -27.36
CA GLU E 60 20.83 13.74 -27.59
C GLU E 60 20.90 14.71 -26.42
N ALA E 61 21.27 14.21 -25.25
CA ALA E 61 21.45 15.08 -24.09
C ALA E 61 22.88 15.57 -23.99
N GLY E 62 23.73 15.13 -24.93
CA GLY E 62 25.09 15.60 -25.00
C GLY E 62 25.99 15.01 -23.93
N ALA E 63 26.00 13.69 -23.83
CA ALA E 63 26.79 13.01 -22.81
C ALA E 63 28.29 13.01 -23.11
N GLN E 64 28.67 13.17 -24.36
CA GLN E 64 30.10 13.22 -24.71
C GLN E 64 30.77 14.44 -24.10
N ASP E 65 30.06 15.56 -24.10
CA ASP E 65 30.63 16.83 -23.70
C ASP E 65 30.36 17.18 -22.24
N ALA E 66 29.32 16.60 -21.67
CA ALA E 66 28.90 16.98 -20.31
C ALA E 66 29.96 16.69 -19.25
N ASP E 67 29.85 17.39 -18.13
CA ASP E 67 30.84 17.32 -17.07
C ASP E 67 30.33 16.54 -15.87
N MET E 68 29.01 16.36 -15.81
CA MET E 68 28.40 15.53 -14.77
C MET E 68 27.11 14.86 -15.23
N LEU E 69 25.92 13.86 -15.30
CA LEU E 69 24.95 12.80 -15.00
C LEU E 69 24.50 12.91 -13.55
N VAL E 70 23.80 12.86 -13.57
CA VAL E 70 23.04 12.49 -12.38
C VAL E 70 21.84 11.61 -12.74
N ALA E 71 21.87 10.36 -12.25
CA ALA E 71 20.84 9.39 -12.57
C ALA E 71 19.87 9.22 -11.41
N VAL E 72 18.68 9.81 -11.54
CA VAL E 72 17.67 9.70 -10.53
C VAL E 72 16.34 9.31 -11.16
N THR E 73 16.36 8.17 -11.86
CA THR E 73 15.13 7.63 -12.40
C THR E 73 14.35 6.82 -11.35
N ASN E 74 13.34 6.09 -11.81
CA ASN E 74 12.48 5.30 -10.95
C ASN E 74 13.17 4.06 -10.39
N THR E 75 14.23 3.64 -11.08
CA THR E 75 14.79 2.32 -10.89
C THR E 75 16.32 2.31 -10.77
N ASP E 76 16.86 1.52 -9.86
CA ASP E 76 18.32 1.42 -9.74
C ASP E 76 18.91 0.84 -11.00
N GLU E 77 18.25 -0.17 -11.55
CA GLU E 77 18.75 -0.88 -12.73
C GLU E 77 18.83 0.01 -13.96
N THR E 78 17.99 1.03 -14.03
CA THR E 78 18.04 2.01 -15.11
C THR E 78 19.15 3.03 -14.85
N ASN E 79 19.25 3.47 -13.60
CA ASN E 79 20.35 4.33 -13.20
C ASN E 79 21.70 3.69 -13.48
N MET E 80 21.84 2.41 -13.14
CA MET E 80 23.08 1.68 -13.35
C MET E 80 23.36 1.53 -14.84
N ALA E 81 22.32 1.19 -15.60
CA ALA E 81 22.44 1.01 -17.04
C ALA E 81 22.78 2.33 -17.71
N ALA E 82 22.24 3.43 -17.18
CA ALA E 82 22.51 4.74 -17.77
C ALA E 82 23.97 5.09 -17.58
N CYS E 83 24.49 4.88 -16.37
CA CYS E 83 25.90 5.17 -16.07
C CYS E 83 26.85 4.27 -16.86
N GLN E 84 26.48 3.02 -17.05
CA GLN E 84 27.30 2.12 -17.85
C GLN E 84 27.29 2.60 -19.29
N VAL E 85 26.10 2.82 -19.86
CA VAL E 85 25.99 3.21 -21.27
C VAL E 85 26.68 4.54 -21.55
N ALA E 86 26.54 5.48 -20.63
CA ALA E 86 27.15 6.81 -20.77
C ALA E 86 28.67 6.72 -20.76
N PHE E 87 29.19 5.96 -19.81
CA PHE E 87 30.63 5.78 -19.66
C PHE E 87 31.23 5.06 -20.85
N THR E 88 30.64 3.93 -21.21
CA THR E 88 31.17 3.12 -22.29
C THR E 88 31.13 3.82 -23.63
N LEU E 89 30.07 4.58 -23.90
CA LEU E 89 29.89 5.17 -25.21
C LEU E 89 30.39 6.61 -25.38
N PHE E 90 30.47 7.36 -24.27
CA PHE E 90 30.76 8.79 -24.35
C PHE E 90 31.79 9.28 -23.32
N ASN E 91 32.28 8.37 -22.50
CA ASN E 91 33.26 8.67 -21.46
C ASN E 91 32.84 9.83 -20.54
N THR E 92 31.55 9.89 -20.23
CA THR E 92 31.01 10.98 -19.42
C THR E 92 31.56 10.96 -18.00
N PRO E 93 32.29 12.01 -17.63
CA PRO E 93 32.91 12.13 -16.29
C PRO E 93 31.86 12.32 -15.20
N ASN E 94 32.26 12.13 -13.94
CA ASN E 94 31.40 12.35 -12.77
C ASN E 94 29.97 11.82 -12.85
N ARG E 95 29.81 10.52 -12.68
CA ARG E 95 28.50 9.88 -12.79
C ARG E 95 27.90 9.56 -11.43
N VAL E 96 26.89 10.35 -11.04
CA VAL E 96 26.21 10.13 -9.76
C VAL E 96 24.89 9.38 -9.97
N ALA E 97 24.64 8.37 -9.15
CA ALA E 97 23.42 7.57 -9.27
C ALA E 97 22.75 7.29 -7.94
N ARG E 98 21.42 7.38 -7.93
CA ARG E 98 20.63 6.99 -6.78
C ARG E 98 20.44 5.48 -6.77
N ILE E 99 20.85 4.84 -5.67
CA ILE E 99 20.65 3.42 -5.48
C ILE E 99 19.94 3.18 -4.16
N ARG E 100 18.71 2.69 -4.25
CA ARG E 100 17.84 2.55 -3.09
C ARG E 100 17.96 1.18 -2.43
N SER E 101 18.52 0.23 -3.17
CA SER E 101 18.64 -1.14 -2.72
C SER E 101 19.86 -1.41 -1.85
N PRO E 102 19.63 -1.79 -0.59
CA PRO E 102 20.71 -2.11 0.36
C PRO E 102 21.51 -3.33 -0.10
N GLU E 103 20.86 -4.19 -0.87
CA GLU E 103 21.51 -5.35 -1.43
C GLU E 103 22.69 -4.96 -2.33
N TYR E 104 22.53 -3.90 -3.13
CA TYR E 104 23.60 -3.43 -4.00
C TYR E 104 24.72 -2.77 -3.20
N LEU E 105 24.34 -1.99 -2.19
CA LEU E 105 25.27 -1.27 -1.34
C LEU E 105 26.07 -2.24 -0.47
N ALA E 106 25.47 -3.37 -0.15
CA ALA E 106 26.15 -4.42 0.59
C ALA E 106 27.37 -4.91 -0.19
N GLU E 107 27.31 -4.82 -1.51
CA GLU E 107 28.44 -5.17 -2.36
C GLU E 107 28.95 -3.94 -3.10
N LYS E 108 28.77 -2.76 -2.51
CA LYS E 108 29.18 -1.52 -3.19
C LYS E 108 30.67 -1.51 -3.54
N GLU E 109 31.49 -2.13 -2.71
CA GLU E 109 32.93 -2.19 -2.96
C GLU E 109 33.23 -2.97 -4.23
N ALA E 110 32.66 -4.16 -4.37
CA ALA E 110 32.99 -5.05 -5.47
C ALA E 110 32.29 -4.67 -6.77
N LEU E 111 31.16 -3.97 -6.67
CA LEU E 111 30.31 -3.68 -7.83
C LEU E 111 30.62 -2.32 -8.45
N PHE E 112 30.75 -1.30 -7.60
CA PHE E 112 30.85 0.07 -8.08
C PHE E 112 32.28 0.57 -7.97
N LYS E 113 32.86 0.40 -6.78
CA LYS E 113 34.20 0.89 -6.49
C LYS E 113 35.30 0.13 -7.22
N SER E 114 34.90 -0.83 -8.05
CA SER E 114 35.86 -1.53 -8.90
C SER E 114 35.69 -1.07 -10.35
N GLY E 115 34.62 -0.31 -10.61
CA GLY E 115 34.39 0.23 -11.93
C GLY E 115 33.71 -0.77 -12.86
N ALA E 116 33.22 -1.87 -12.27
CA ALA E 116 32.42 -2.86 -12.98
C ALA E 116 31.14 -2.20 -13.47
N ILE E 117 30.40 -1.67 -12.50
CA ILE E 117 29.31 -0.75 -12.80
C ILE E 117 29.86 0.66 -12.58
N PRO E 118 30.03 1.42 -13.67
CA PRO E 118 30.77 2.68 -13.61
C PRO E 118 30.02 3.81 -12.92
N VAL E 119 29.73 3.65 -11.64
CA VAL E 119 29.17 4.74 -10.85
C VAL E 119 30.26 5.36 -10.00
N ASP E 120 30.39 6.69 -10.08
CA ASP E 120 31.40 7.39 -9.30
C ASP E 120 30.93 7.65 -7.88
N HIS E 121 29.67 8.04 -7.74
CA HIS E 121 29.11 8.32 -6.44
C HIS E 121 27.71 7.78 -6.28
N ARG E 233 33.44 15.15 24.45
CA ARG E 233 33.53 14.03 25.39
C ARG E 233 32.30 13.15 25.31
N ARG E 234 31.14 13.77 25.23
CA ARG E 234 29.89 13.10 24.95
C ARG E 234 29.36 13.64 23.63
N ILE E 235 29.20 12.77 22.66
CA ILE E 235 28.59 13.11 21.39
C ILE E 235 27.16 12.59 21.42
N MET E 236 26.24 13.31 20.78
CA MET E 236 24.83 12.94 20.82
C MET E 236 24.21 13.32 19.49
N ILE E 237 23.79 12.32 18.74
CA ILE E 237 23.08 12.48 17.48
C ILE E 237 21.65 12.03 17.71
N VAL E 238 20.69 12.77 17.16
CA VAL E 238 19.30 12.35 17.20
C VAL E 238 18.81 12.19 15.76
N GLY E 239 18.84 10.94 15.30
CA GLY E 239 18.41 10.64 13.95
C GLY E 239 19.45 9.79 13.25
N GLY E 240 18.98 8.99 12.29
CA GLY E 240 19.78 7.96 11.67
C GLY E 240 20.05 8.20 10.20
N GLY E 241 20.41 9.44 9.87
CA GLY E 241 20.77 9.80 8.51
C GLY E 241 21.88 8.93 7.94
N ASN E 242 21.81 8.71 6.63
CA ASN E 242 22.77 7.83 5.96
C ASN E 242 24.09 8.55 5.74
N ILE E 243 24.03 9.77 5.21
CA ILE E 243 25.22 10.61 5.16
C ILE E 243 25.64 10.96 6.57
N GLY E 244 24.70 10.99 7.51
CA GLY E 244 25.01 11.31 8.88
C GLY E 244 25.46 10.06 9.59
N ALA E 245 25.13 8.89 9.03
CA ALA E 245 25.84 7.69 9.43
C ALA E 245 27.26 7.73 8.95
N SER E 246 27.54 8.51 7.91
CA SER E 246 28.89 8.51 7.40
C SER E 246 29.76 9.48 8.17
N LEU E 247 29.32 10.74 8.26
CA LEU E 247 29.96 11.70 9.14
C LEU E 247 30.03 11.20 10.58
N ALA E 248 28.95 10.58 11.04
CA ALA E 248 28.94 9.93 12.33
C ALA E 248 29.93 8.78 12.39
N LYS E 249 30.21 8.15 11.26
CA LYS E 249 31.20 7.10 11.28
C LYS E 249 32.59 7.70 11.23
N ARG E 250 32.70 8.95 10.80
CA ARG E 250 33.99 9.62 10.73
C ARG E 250 34.39 10.21 12.06
N LEU E 251 33.43 10.39 12.98
CA LEU E 251 33.70 11.07 14.24
C LEU E 251 33.48 10.20 15.46
N GLU E 252 33.00 8.96 15.29
CA GLU E 252 32.79 8.08 16.42
C GLU E 252 34.07 7.39 16.86
N GLN E 253 35.09 7.41 16.00
CA GLN E 253 36.39 6.85 16.37
C GLN E 253 37.05 7.66 17.48
N THR E 254 37.00 8.99 17.38
CA THR E 254 37.62 9.85 18.39
C THR E 254 36.89 9.78 19.74
N TYR E 255 35.56 9.84 19.73
CA TYR E 255 34.80 9.83 20.98
C TYR E 255 33.53 9.01 20.79
N SER E 256 33.03 8.48 21.90
CA SER E 256 31.79 7.71 21.89
C SER E 256 30.63 8.60 21.48
N VAL E 257 29.71 8.03 20.69
CA VAL E 257 28.58 8.74 20.13
C VAL E 257 27.31 8.10 20.66
N LYS E 258 26.45 8.94 21.20
CA LYS E 258 25.10 8.58 21.61
C LYS E 258 24.22 8.67 20.39
N LEU E 259 23.92 7.53 19.80
CA LEU E 259 22.82 7.46 18.85
C LEU E 259 21.52 7.40 19.62
N ILE E 260 20.68 8.41 19.44
CA ILE E 260 19.31 8.37 19.90
C ILE E 260 18.43 8.35 18.66
N GLU E 261 17.47 7.44 18.61
CA GLU E 261 16.53 7.38 17.51
C GLU E 261 15.11 7.30 18.04
N ARG E 262 14.20 8.03 17.39
CA ARG E 262 12.78 7.98 17.73
C ARG E 262 12.23 6.56 17.59
N ASP E 263 12.38 5.97 16.41
CA ASP E 263 11.71 4.74 16.00
C ASP E 263 12.18 3.54 16.82
N TYR E 264 11.37 2.48 16.78
CA TYR E 264 11.65 1.20 17.41
C TYR E 264 12.08 0.15 16.39
N GLN E 265 11.35 0.05 15.27
CA GLN E 265 11.63 -0.98 14.28
C GLN E 265 12.94 -0.71 13.55
N ARG E 266 13.25 0.56 13.32
CA ARG E 266 14.53 0.95 12.75
C ARG E 266 15.65 0.79 13.77
N ALA E 267 15.30 0.70 15.06
CA ALA E 267 16.29 0.62 16.11
C ALA E 267 16.60 -0.82 16.50
N GLU E 268 15.58 -1.68 16.58
CA GLU E 268 15.78 -3.04 17.09
C GLU E 268 16.65 -3.88 16.16
N LYS E 269 16.54 -3.67 14.85
CA LYS E 269 17.54 -4.21 13.93
C LYS E 269 18.90 -3.57 14.11
N LEU E 270 18.97 -2.24 14.16
CA LEU E 270 20.24 -1.54 14.29
C LEU E 270 20.94 -1.81 15.62
N SER E 271 20.21 -2.23 16.66
CA SER E 271 20.68 -2.24 18.04
C SER E 271 21.88 -3.14 18.28
N GLU E 272 22.20 -4.04 17.35
CA GLU E 272 23.42 -4.82 17.40
C GLU E 272 24.04 -4.91 16.00
N GLN E 273 23.58 -4.07 15.07
CA GLN E 273 24.03 -4.11 13.68
C GLN E 273 25.36 -3.39 13.54
N LEU E 274 25.48 -2.24 14.19
CA LEU E 274 26.66 -1.40 14.17
C LEU E 274 27.26 -1.33 15.57
N GLU E 275 28.56 -1.10 15.61
CA GLU E 275 29.37 -1.19 16.82
C GLU E 275 30.23 0.07 16.82
N ASN E 276 30.86 0.36 17.97
CA ASN E 276 31.71 1.53 18.29
C ASN E 276 30.82 2.74 18.55
N THR E 277 29.51 2.53 18.61
CA THR E 277 28.55 3.59 18.86
C THR E 277 27.59 3.08 19.92
N ILE E 278 27.07 3.99 20.73
CA ILE E 278 26.11 3.64 21.77
C ILE E 278 24.73 4.11 21.29
N VAL E 279 23.80 3.17 21.25
CA VAL E 279 22.44 3.41 20.78
C VAL E 279 21.50 3.69 21.94
N PHE E 280 20.53 4.57 21.70
CA PHE E 280 19.44 4.83 22.65
C PHE E 280 18.17 5.10 21.88
N CYS E 281 17.09 5.27 22.61
CA CYS E 281 15.80 5.63 22.07
C CYS E 281 15.23 6.75 22.93
N GLY E 282 14.20 7.40 22.42
CA GLY E 282 13.57 8.50 23.12
C GLY E 282 12.90 9.44 22.15
N ASP E 283 11.97 10.22 22.67
CA ASP E 283 11.22 11.19 21.88
C ASP E 283 11.90 12.57 21.85
N ALA E 284 12.06 13.12 20.64
CA ALA E 284 12.73 14.40 20.44
C ALA E 284 12.02 15.60 21.09
N ALA E 285 10.71 15.71 20.88
CA ALA E 285 9.95 16.80 21.47
C ALA E 285 9.93 16.66 22.99
N ASP E 286 9.77 15.43 23.44
CA ASP E 286 9.76 15.12 24.85
C ASP E 286 11.02 15.65 25.51
N GLN E 287 10.87 16.72 26.29
CA GLN E 287 12.01 17.33 26.98
C GLN E 287 12.52 16.41 28.08
N GLU E 288 11.61 15.68 28.71
CA GLU E 288 11.96 14.75 29.76
C GLU E 288 13.02 13.77 29.27
N LEU E 289 13.35 13.81 27.98
CA LEU E 289 14.41 12.91 27.54
C LEU E 289 15.72 13.65 27.37
N LEU E 290 15.70 14.85 26.79
CA LEU E 290 16.94 15.57 26.54
C LEU E 290 17.46 16.24 27.80
N THR E 291 16.56 16.72 28.66
CA THR E 291 16.95 17.28 29.95
C THR E 291 17.33 16.18 30.91
N GLU E 292 16.71 15.01 30.74
CA GLU E 292 17.02 13.86 31.55
C GLU E 292 18.52 13.83 31.57
N GLU E 293 19.09 13.23 30.54
CA GLU E 293 20.53 13.15 30.37
C GLU E 293 21.14 14.55 30.36
N ASN E 294 21.82 14.88 31.44
CA ASN E 294 22.43 16.20 31.62
C ASN E 294 22.90 16.94 30.37
N ILE E 295 21.94 17.58 29.71
CA ILE E 295 22.21 18.35 28.49
C ILE E 295 23.41 19.27 28.63
N ASP E 296 23.77 19.66 29.85
CA ASP E 296 25.00 20.41 30.03
C ASP E 296 26.23 19.52 29.93
N GLN E 297 26.08 18.22 30.13
CA GLN E 297 27.22 17.32 30.13
C GLN E 297 27.55 16.80 28.74
N VAL E 298 26.79 17.18 27.73
CA VAL E 298 26.97 16.73 26.37
C VAL E 298 27.42 17.90 25.48
N ASP E 299 28.43 17.64 24.64
CA ASP E 299 29.06 18.67 23.83
C ASP E 299 28.26 19.07 22.59
N VAL E 300 27.46 18.17 22.00
CA VAL E 300 26.72 18.48 20.77
C VAL E 300 25.28 17.97 20.80
N PHE E 301 24.44 18.63 19.99
CA PHE E 301 23.12 18.13 19.65
C PHE E 301 22.97 18.09 18.15
N ILE E 302 22.73 16.91 17.59
CA ILE E 302 22.79 16.73 16.14
C ILE E 302 21.47 16.10 15.72
N ALA E 303 20.62 16.87 15.03
CA ALA E 303 19.33 16.35 14.65
C ALA E 303 19.31 15.96 13.18
N LEU E 304 19.05 14.69 12.91
CA LEU E 304 18.98 14.15 11.57
C LEU E 304 17.54 14.09 11.06
N THR E 305 16.60 14.51 11.87
CA THR E 305 15.18 14.47 11.55
C THR E 305 14.82 15.33 10.34
N ASN E 306 13.86 14.86 9.56
CA ASN E 306 13.25 15.48 8.38
C ASN E 306 12.20 16.50 8.85
N GLU E 307 11.59 17.22 7.91
CA GLU E 307 10.64 18.27 8.25
C GLU E 307 11.51 19.19 9.10
N ASP E 308 12.35 19.97 8.42
CA ASP E 308 13.36 20.80 9.07
C ASP E 308 12.82 21.91 9.95
N GLU E 309 11.73 22.56 9.59
CA GLU E 309 11.26 23.68 10.41
C GLU E 309 11.25 23.30 11.88
N THR E 310 10.73 22.12 12.15
CA THR E 310 10.63 21.61 13.52
C THR E 310 12.00 21.59 14.12
N ASN E 311 12.90 21.07 13.32
CA ASN E 311 14.31 20.98 13.59
C ASN E 311 14.86 22.34 13.91
N ILE E 312 14.42 23.37 13.17
CA ILE E 312 14.86 24.73 13.44
C ILE E 312 14.36 25.21 14.79
N MET E 313 13.10 24.93 15.09
CA MET E 313 12.50 25.38 16.34
C MET E 313 12.98 24.55 17.51
N SER E 314 13.11 23.24 17.29
CA SER E 314 13.56 22.36 18.34
C SER E 314 14.96 22.73 18.72
N ALA E 315 15.76 23.08 17.71
CA ALA E 315 17.13 23.49 17.97
C ALA E 315 17.12 24.73 18.81
N MET E 316 16.21 25.65 18.50
CA MET E 316 16.10 26.85 19.31
C MET E 316 15.71 26.44 20.70
N LEU E 317 14.76 25.51 20.79
CA LEU E 317 14.32 24.99 22.07
C LEU E 317 15.50 24.30 22.74
N ALA E 318 16.29 23.59 21.95
CA ALA E 318 17.44 22.88 22.46
C ALA E 318 18.42 23.89 23.04
N LYS E 319 18.64 24.99 22.32
CA LYS E 319 19.53 26.03 22.83
C LYS E 319 18.93 26.63 24.09
N ARG E 320 17.61 26.71 24.17
CA ARG E 320 16.95 27.24 25.35
C ARG E 320 17.20 26.35 26.55
N MET E 321 17.21 25.02 26.33
CA MET E 321 17.42 24.13 27.47
C MET E 321 18.83 24.16 28.01
N GLY E 322 19.79 24.70 27.27
CA GLY E 322 21.17 24.69 27.70
C GLY E 322 22.09 23.82 26.88
N ALA E 323 21.62 23.28 25.76
CA ALA E 323 22.45 22.48 24.87
C ALA E 323 23.58 23.36 24.31
N LYS E 324 24.75 22.77 24.15
CA LYS E 324 25.90 23.56 23.71
C LYS E 324 25.87 23.85 22.21
N LYS E 325 25.83 22.82 21.38
CA LYS E 325 25.88 22.98 19.94
C LYS E 325 24.72 22.23 19.32
N VAL E 326 24.00 22.89 18.44
CA VAL E 326 22.82 22.31 17.80
C VAL E 326 23.09 22.17 16.30
N MET E 327 23.21 20.92 15.86
CA MET E 327 23.27 20.60 14.44
C MET E 327 21.90 20.18 13.93
N VAL E 328 21.47 20.81 12.84
CA VAL E 328 20.11 20.73 12.34
C VAL E 328 20.12 20.17 10.92
N LEU E 329 19.25 19.22 10.66
CA LEU E 329 19.04 18.77 9.29
C LEU E 329 18.17 19.80 8.58
N ILE E 330 18.65 20.30 7.45
CA ILE E 330 17.95 21.27 6.62
C ILE E 330 18.14 20.78 5.19
N GLN E 331 17.09 20.13 4.68
CA GLN E 331 17.13 19.44 3.39
C GLN E 331 17.41 20.32 2.19
N ARG E 332 16.92 21.54 2.13
CA ARG E 332 17.19 22.31 0.92
C ARG E 332 18.27 23.36 1.12
N GLY E 333 19.17 23.43 0.13
CA GLY E 333 20.24 24.42 0.15
C GLY E 333 19.71 25.83 0.04
N ALA E 334 18.69 26.03 -0.80
CA ALA E 334 18.04 27.31 -1.13
C ALA E 334 17.50 28.07 0.09
N TYR E 335 17.68 27.50 1.28
CA TYR E 335 17.23 28.10 2.52
C TYR E 335 18.30 29.00 3.15
N VAL E 336 19.47 29.07 2.51
CA VAL E 336 20.58 29.88 3.04
C VAL E 336 20.13 31.29 3.44
N ASP E 337 19.27 31.92 2.63
CA ASP E 337 18.68 33.20 3.03
C ASP E 337 17.70 33.06 4.18
N LEU E 338 17.13 31.88 4.38
CA LEU E 338 16.16 31.70 5.45
C LEU E 338 16.86 31.40 6.77
N VAL E 339 17.99 30.68 6.73
CA VAL E 339 18.79 30.46 7.92
C VAL E 339 19.78 31.57 8.25
N GLN E 340 19.93 32.59 7.38
CA GLN E 340 21.07 33.51 7.46
C GLN E 340 21.02 34.40 8.71
N GLY E 341 19.83 34.90 9.06
CA GLY E 341 19.71 35.71 10.26
C GLY E 341 19.26 34.90 11.45
N GLY E 342 19.80 33.70 11.61
CA GLY E 342 19.33 32.76 12.61
C GLY E 342 20.16 32.72 13.88
N VAL E 343 19.47 32.44 15.00
CA VAL E 343 20.11 32.11 16.27
C VAL E 343 20.66 30.70 16.27
N ILE E 344 20.27 29.89 15.30
CA ILE E 344 20.71 28.50 15.20
C ILE E 344 22.15 28.50 14.70
N ASP E 345 23.05 27.94 15.52
CA ASP E 345 24.47 28.20 15.40
C ASP E 345 25.19 27.35 14.34
N VAL E 346 24.52 26.38 13.73
CA VAL E 346 25.07 25.72 12.53
C VAL E 346 23.93 25.07 11.78
N ALA E 347 23.91 25.26 10.47
CA ALA E 347 22.95 24.64 9.57
C ALA E 347 23.68 23.62 8.71
N ILE E 348 22.91 22.67 8.19
CA ILE E 348 23.43 21.51 7.47
C ILE E 348 22.49 21.20 6.33
N SER E 349 22.99 21.28 5.13
CA SER E 349 22.34 21.02 3.86
C SER E 349 22.94 19.81 3.19
N PRO E 350 22.12 18.92 2.61
CA PRO E 350 22.67 17.81 1.83
C PRO E 350 23.09 18.22 0.44
N GLN E 351 22.81 19.44 0.06
CA GLN E 351 23.23 19.91 -1.24
C GLN E 351 24.71 20.23 -1.27
N GLN E 352 25.22 20.92 -0.26
CA GLN E 352 26.60 21.39 -0.25
C GLN E 352 27.62 20.26 -0.40
N ALA E 353 27.27 19.04 0.01
CA ALA E 353 28.11 17.88 -0.25
C ALA E 353 27.75 17.19 -1.58
N THR E 354 26.50 16.70 -1.68
CA THR E 354 26.10 15.85 -2.81
C THR E 354 26.14 16.55 -4.17
N ILE E 355 26.22 17.88 -4.19
CA ILE E 355 26.43 18.61 -5.43
C ILE E 355 27.93 18.84 -5.60
N SER E 356 28.69 18.72 -4.53
CA SER E 356 30.10 19.09 -4.64
C SER E 356 30.92 17.97 -5.25
N ALA E 357 30.52 16.70 -5.07
CA ALA E 357 31.28 15.59 -5.64
C ALA E 357 31.27 15.65 -7.17
N LEU E 358 30.22 16.22 -7.73
CA LEU E 358 30.10 16.56 -9.13
C LEU E 358 30.72 17.92 -9.40
N LEU E 359 30.32 18.95 -8.66
CA LEU E 359 30.93 20.27 -8.82
C LEU E 359 32.25 20.45 -8.09
N THR E 360 32.92 19.37 -7.70
CA THR E 360 34.37 19.37 -7.63
C THR E 360 34.86 18.22 -8.50
N MET F 1 -13.77 26.71 29.17
CA MET F 1 -13.94 25.82 28.03
C MET F 1 -13.30 24.45 28.28
N LYS F 2 -14.15 23.45 28.49
CA LYS F 2 -13.70 22.12 28.85
C LYS F 2 -13.74 21.17 27.63
N ILE F 3 -12.56 20.81 27.11
CA ILE F 3 -12.47 20.08 25.84
C ILE F 3 -11.93 18.65 25.93
N ILE F 4 -12.69 17.70 25.38
CA ILE F 4 -12.22 16.33 25.29
C ILE F 4 -11.86 15.97 23.84
N ILE F 5 -10.63 15.51 23.63
CA ILE F 5 -10.20 15.08 22.31
C ILE F 5 -10.02 13.58 22.31
N LEU F 6 -10.83 12.89 21.50
CA LEU F 6 -10.78 11.45 21.40
C LEU F 6 -9.83 11.03 20.30
N GLY F 7 -8.76 10.34 20.67
CA GLY F 7 -7.75 9.94 19.72
C GLY F 7 -6.69 11.00 19.64
N ALA F 8 -5.47 10.65 20.03
CA ALA F 8 -4.35 11.59 19.99
C ALA F 8 -3.40 11.31 18.82
N GLY F 9 -3.96 11.12 17.62
CA GLY F 9 -3.13 10.95 16.45
C GLY F 9 -2.56 12.29 16.00
N GLN F 10 -2.17 12.37 14.73
CA GLN F 10 -1.67 13.63 14.17
C GLN F 10 -2.66 14.77 14.36
N VAL F 11 -3.92 14.51 14.03
CA VAL F 11 -4.96 15.53 14.14
C VAL F 11 -5.30 15.86 15.59
N GLY F 12 -5.57 14.83 16.40
CA GLY F 12 -5.90 15.06 17.79
C GLY F 12 -4.80 15.75 18.58
N GLY F 13 -3.58 15.26 18.40
CA GLY F 13 -2.42 15.82 19.08
C GLY F 13 -2.13 17.26 18.66
N THR F 14 -2.10 17.51 17.37
CA THR F 14 -1.84 18.85 16.86
C THR F 14 -2.90 19.82 17.36
N LEU F 15 -4.15 19.35 17.38
CA LEU F 15 -5.25 20.15 17.94
C LEU F 15 -4.95 20.48 19.38
N ALA F 16 -4.65 19.43 20.16
CA ALA F 16 -4.32 19.59 21.55
C ALA F 16 -3.19 20.60 21.74
N GLU F 17 -2.20 20.55 20.85
CA GLU F 17 -1.07 21.46 20.91
C GLU F 17 -1.52 22.90 20.72
N ASN F 18 -2.43 23.10 19.78
CA ASN F 18 -2.93 24.44 19.50
C ASN F 18 -3.93 25.01 20.54
N LEU F 19 -4.46 24.17 21.44
CA LEU F 19 -5.49 24.66 22.36
C LEU F 19 -5.08 24.79 23.84
N VAL F 20 -3.86 24.38 24.19
CA VAL F 20 -3.39 24.53 25.55
C VAL F 20 -3.29 26.01 25.96
N GLY F 21 -3.82 26.34 27.14
CA GLY F 21 -3.81 27.71 27.62
C GLY F 21 -4.58 27.95 28.90
N GLU F 22 -4.96 29.20 29.13
CA GLU F 22 -5.63 29.61 30.37
C GLU F 22 -7.13 29.31 30.34
N ASN F 23 -7.76 29.66 29.23
CA ASN F 23 -9.21 29.56 29.12
C ASN F 23 -9.67 28.21 28.56
N ASN F 24 -8.72 27.28 28.40
CA ASN F 24 -8.99 25.95 27.87
C ASN F 24 -8.43 24.80 28.71
N ASP F 25 -9.30 23.88 29.11
CA ASP F 25 -8.90 22.66 29.82
C ASP F 25 -9.00 21.41 28.92
N ILE F 26 -7.85 21.00 28.39
CA ILE F 26 -7.78 19.91 27.42
C ILE F 26 -7.57 18.53 28.02
N THR F 27 -8.48 17.61 27.71
CA THR F 27 -8.31 16.20 28.04
C THR F 27 -8.26 15.37 26.76
N ILE F 28 -7.23 14.51 26.64
CA ILE F 28 -7.13 13.64 25.48
C ILE F 28 -7.30 12.17 25.84
N VAL F 29 -8.16 11.48 25.09
CA VAL F 29 -8.35 10.05 25.27
C VAL F 29 -7.64 9.29 24.14
N ASP F 30 -6.93 8.22 24.51
CA ASP F 30 -6.26 7.39 23.54
C ASP F 30 -5.99 6.05 24.19
N ASN F 31 -5.98 4.97 23.43
CA ASN F 31 -5.73 3.66 24.01
C ASN F 31 -4.26 3.27 23.91
N VAL F 47 -4.76 13.13 30.41
CA VAL F 47 -4.79 11.97 29.53
C VAL F 47 -5.62 10.81 30.08
N VAL F 48 -6.40 10.17 29.23
CA VAL F 48 -7.16 8.98 29.61
C VAL F 48 -6.83 7.80 28.70
N ASN F 49 -6.38 6.70 29.30
CA ASN F 49 -6.02 5.51 28.55
C ASN F 49 -7.19 4.54 28.48
N GLY F 50 -7.81 4.43 27.32
CA GLY F 50 -8.95 3.55 27.14
C GLY F 50 -9.59 3.69 25.78
N HIS F 51 -10.68 2.97 25.54
CA HIS F 51 -11.41 3.06 24.28
C HIS F 51 -12.34 4.27 24.26
N ALA F 52 -12.19 5.12 23.25
CA ALA F 52 -12.85 6.42 23.21
C ALA F 52 -14.39 6.40 23.26
N SER F 53 -15.01 5.26 22.99
CA SER F 53 -16.47 5.22 22.94
C SER F 53 -17.07 4.39 24.08
N HIS F 54 -16.22 3.91 24.98
CA HIS F 54 -16.70 3.20 26.16
C HIS F 54 -17.22 4.19 27.19
N PRO F 55 -18.41 3.88 27.74
CA PRO F 55 -19.10 4.76 28.69
C PRO F 55 -18.22 5.17 29.89
N ASP F 56 -17.44 4.24 30.41
CA ASP F 56 -16.58 4.53 31.56
C ASP F 56 -15.35 5.38 31.19
N VAL F 57 -14.76 5.09 30.03
CA VAL F 57 -13.64 5.88 29.54
C VAL F 57 -14.10 7.31 29.34
N LEU F 58 -15.26 7.45 28.71
CA LEU F 58 -15.86 8.77 28.47
C LEU F 58 -16.22 9.47 29.78
N HIS F 59 -16.72 8.71 30.75
CA HIS F 59 -17.04 9.24 32.06
C HIS F 59 -15.78 9.74 32.74
N GLU F 60 -14.73 8.94 32.65
CA GLU F 60 -13.45 9.26 33.26
C GLU F 60 -12.82 10.50 32.65
N ALA F 61 -13.23 10.86 31.44
CA ALA F 61 -12.74 12.07 30.82
C ALA F 61 -13.66 13.25 31.14
N GLY F 62 -14.72 12.99 31.90
CA GLY F 62 -15.62 14.04 32.36
C GLY F 62 -16.53 14.58 31.27
N ALA F 63 -17.24 13.68 30.61
CA ALA F 63 -18.12 14.05 29.51
C ALA F 63 -19.40 14.74 29.98
N GLN F 64 -19.81 14.53 31.23
CA GLN F 64 -21.01 15.18 31.75
C GLN F 64 -20.81 16.69 31.82
N ASP F 65 -19.62 17.10 32.22
CA ASP F 65 -19.34 18.50 32.49
C ASP F 65 -18.73 19.25 31.31
N ALA F 66 -18.10 18.51 30.40
CA ALA F 66 -17.37 19.14 29.30
C ALA F 66 -18.25 19.96 28.38
N ASP F 67 -17.62 20.89 27.67
CA ASP F 67 -18.34 21.85 26.83
C ASP F 67 -18.17 21.52 25.36
N MET F 68 -17.18 20.70 25.03
CA MET F 68 -16.98 20.23 23.67
C MET F 68 -16.35 18.85 23.60
N LEU F 69 -16.81 18.04 22.65
CA LEU F 69 -16.25 16.71 22.41
C LEU F 69 -15.75 16.62 20.97
N VAL F 70 -14.47 16.32 20.81
CA VAL F 70 -13.88 16.16 19.48
C VAL F 70 -13.42 14.71 19.25
N ALA F 71 -14.05 14.06 18.28
CA ALA F 71 -13.76 12.65 18.00
C ALA F 71 -12.90 12.50 16.76
N VAL F 72 -11.62 12.22 16.97
CA VAL F 72 -10.70 12.03 15.88
C VAL F 72 -9.91 10.75 16.10
N THR F 73 -10.63 9.65 16.22
CA THR F 73 -9.98 8.35 16.31
C THR F 73 -9.64 7.80 14.91
N ASN F 74 -9.26 6.53 14.87
CA ASN F 74 -8.86 5.87 13.63
C ASN F 74 -10.03 5.59 12.69
N THR F 75 -11.23 5.57 13.27
CA THR F 75 -12.39 5.01 12.61
C THR F 75 -13.64 5.89 12.72
N ASP F 76 -14.39 6.01 11.64
CA ASP F 76 -15.63 6.78 11.69
C ASP F 76 -16.62 6.13 12.64
N GLU F 77 -16.70 4.81 12.60
CA GLU F 77 -17.65 4.07 13.41
C GLU F 77 -17.41 4.22 14.91
N THR F 78 -16.16 4.46 15.29
CA THR F 78 -15.82 4.72 16.69
C THR F 78 -16.15 6.17 17.05
N ASN F 79 -15.82 7.09 16.14
CA ASN F 79 -16.20 8.48 16.31
C ASN F 79 -17.72 8.63 16.48
N MET F 80 -18.47 7.93 15.63
CA MET F 80 -19.93 8.00 15.68
C MET F 80 -20.46 7.39 16.97
N ALA F 81 -19.88 6.25 17.35
CA ALA F 81 -20.26 5.56 18.58
C ALA F 81 -19.92 6.41 19.80
N ALA F 82 -18.81 7.13 19.72
CA ALA F 82 -18.40 7.97 20.85
C ALA F 82 -19.38 9.09 21.04
N CYS F 83 -19.77 9.75 19.95
CA CYS F 83 -20.74 10.84 19.99
C CYS F 83 -22.12 10.40 20.44
N GLN F 84 -22.53 9.21 20.01
CA GLN F 84 -23.80 8.65 20.45
C GLN F 84 -23.72 8.38 21.95
N VAL F 85 -22.70 7.63 22.38
CA VAL F 85 -22.58 7.25 23.79
C VAL F 85 -22.47 8.45 24.70
N ALA F 86 -21.71 9.46 24.28
CA ALA F 86 -21.52 10.68 25.07
C ALA F 86 -22.81 11.45 25.23
N PHE F 87 -23.53 11.60 24.13
CA PHE F 87 -24.81 12.31 24.10
C PHE F 87 -25.85 11.61 24.94
N THR F 88 -26.03 10.32 24.70
CA THR F 88 -27.07 9.55 25.37
C THR F 88 -26.83 9.46 26.87
N LEU F 89 -25.58 9.30 27.28
CA LEU F 89 -25.29 9.07 28.69
C LEU F 89 -24.94 10.30 29.53
N PHE F 90 -24.44 11.37 28.88
CA PHE F 90 -23.91 12.51 29.61
C PHE F 90 -24.36 13.87 29.05
N ASN F 91 -25.16 13.84 27.98
CA ASN F 91 -25.66 15.05 27.32
C ASN F 91 -24.55 16.05 26.95
N THR F 92 -23.40 15.52 26.53
CA THR F 92 -22.26 16.36 26.20
C THR F 92 -22.53 17.26 25.00
N PRO F 93 -22.51 18.58 25.22
CA PRO F 93 -22.77 19.57 24.18
C PRO F 93 -21.65 19.61 23.13
N ASN F 94 -21.91 20.24 21.99
CA ASN F 94 -20.92 20.43 20.92
C ASN F 94 -20.03 19.25 20.56
N ARG F 95 -20.60 18.29 19.84
CA ARG F 95 -19.88 17.08 19.47
C ARG F 95 -19.36 17.11 18.04
N VAL F 96 -18.05 17.30 17.89
CA VAL F 96 -17.43 17.32 16.57
C VAL F 96 -16.78 15.98 16.25
N ALA F 97 -17.00 15.47 15.03
CA ALA F 97 -16.44 14.18 14.63
C ALA F 97 -15.86 14.19 13.23
N ARG F 98 -14.71 13.54 13.08
CA ARG F 98 -14.12 13.32 11.78
C ARG F 98 -14.79 12.14 11.09
N ILE F 99 -15.31 12.37 9.89
CA ILE F 99 -15.91 11.33 9.08
C ILE F 99 -15.26 11.34 7.70
N ARG F 100 -14.52 10.29 7.40
CA ARG F 100 -13.72 10.21 6.18
C ARG F 100 -14.48 9.58 5.02
N SER F 101 -15.55 8.88 5.35
CA SER F 101 -16.34 8.15 4.37
C SER F 101 -17.38 9.00 3.65
N PRO F 102 -17.22 9.16 2.33
CA PRO F 102 -18.16 9.92 1.50
C PRO F 102 -19.55 9.28 1.48
N GLU F 103 -19.59 7.98 1.71
CA GLU F 103 -20.83 7.25 1.80
C GLU F 103 -21.72 7.79 2.93
N TYR F 104 -21.12 8.12 4.06
CA TYR F 104 -21.87 8.66 5.20
C TYR F 104 -22.33 10.08 4.92
N LEU F 105 -21.45 10.88 4.32
CA LEU F 105 -21.71 12.27 4.00
C LEU F 105 -22.78 12.39 2.92
N ALA F 106 -22.85 11.38 2.05
CA ALA F 106 -23.89 11.32 1.04
C ALA F 106 -25.28 11.30 1.69
N GLU F 107 -25.36 10.76 2.90
CA GLU F 107 -26.59 10.75 3.65
C GLU F 107 -26.46 11.60 4.92
N LYS F 108 -25.58 12.60 4.89
CA LYS F 108 -25.34 13.41 6.07
C LYS F 108 -26.61 14.08 6.60
N GLU F 109 -27.51 14.46 5.70
CA GLU F 109 -28.76 15.08 6.10
C GLU F 109 -29.63 14.14 6.94
N ALA F 110 -29.81 12.91 6.47
CA ALA F 110 -30.72 11.97 7.11
C ALA F 110 -30.11 11.29 8.34
N LEU F 111 -28.78 11.23 8.39
CA LEU F 111 -28.08 10.48 9.43
C LEU F 111 -27.67 11.35 10.61
N PHE F 112 -27.11 12.52 10.31
CA PHE F 112 -26.52 13.35 11.35
C PHE F 112 -27.41 14.54 11.66
N LYS F 113 -27.82 15.25 10.62
CA LYS F 113 -28.63 16.45 10.74
C LYS F 113 -30.05 16.19 11.22
N SER F 114 -30.36 14.92 11.50
CA SER F 114 -31.65 14.57 12.08
C SER F 114 -31.46 14.18 13.55
N GLY F 115 -30.20 14.03 13.96
CA GLY F 115 -29.89 13.72 15.34
C GLY F 115 -30.00 12.24 15.64
N ALA F 116 -30.10 11.43 14.57
CA ALA F 116 -30.08 9.98 14.67
C ALA F 116 -28.73 9.55 15.21
N ILE F 117 -27.70 9.94 14.48
CA ILE F 117 -26.33 9.88 14.98
C ILE F 117 -26.00 11.29 15.48
N PRO F 118 -25.86 11.45 16.80
CA PRO F 118 -25.79 12.79 17.40
C PRO F 118 -24.45 13.49 17.16
N VAL F 119 -24.12 13.77 15.91
CA VAL F 119 -22.96 14.58 15.61
C VAL F 119 -23.40 16.00 15.27
N ASP F 120 -22.81 16.99 15.94
CA ASP F 120 -23.15 18.38 15.68
C ASP F 120 -22.43 18.92 14.46
N HIS F 121 -21.15 18.58 14.34
CA HIS F 121 -20.35 19.04 13.21
C HIS F 121 -19.47 17.96 12.66
N ARG F 233 -16.01 39.65 -10.72
CA ARG F 233 -16.55 39.30 -12.02
C ARG F 233 -16.00 37.96 -12.50
N ARG F 234 -14.71 37.76 -12.31
CA ARG F 234 -14.05 36.47 -12.51
C ARG F 234 -13.50 36.00 -11.17
N ILE F 235 -13.98 34.86 -10.71
CA ILE F 235 -13.48 34.21 -9.52
C ILE F 235 -12.57 33.08 -9.98
N MET F 236 -11.52 32.80 -9.20
CA MET F 236 -10.53 31.79 -9.60
C MET F 236 -10.00 31.12 -8.35
N ILE F 237 -10.30 29.84 -8.18
CA ILE F 237 -9.78 29.03 -7.09
C ILE F 237 -8.79 28.04 -7.68
N VAL F 238 -7.66 27.84 -6.99
CA VAL F 238 -6.70 26.84 -7.43
C VAL F 238 -6.64 25.80 -6.34
N GLY F 239 -6.93 24.55 -6.70
CA GLY F 239 -6.96 23.47 -5.76
C GLY F 239 -8.35 23.21 -5.22
N GLY F 240 -8.55 21.98 -4.73
CA GLY F 240 -9.84 21.62 -4.21
C GLY F 240 -9.80 21.35 -2.72
N GLY F 241 -10.69 22.04 -2.03
CA GLY F 241 -10.82 21.94 -0.58
C GLY F 241 -12.23 21.56 -0.20
N ASN F 242 -12.35 20.66 0.76
CA ASN F 242 -13.68 20.25 1.22
C ASN F 242 -14.39 21.44 1.87
N ILE F 243 -13.67 22.16 2.71
CA ILE F 243 -14.17 23.37 3.32
C ILE F 243 -14.29 24.44 2.25
N GLY F 244 -13.33 24.46 1.32
CA GLY F 244 -13.30 25.47 0.29
C GLY F 244 -14.24 25.19 -0.84
N ALA F 245 -14.71 23.95 -0.95
CA ALA F 245 -15.91 23.71 -1.75
C ALA F 245 -17.13 24.32 -1.11
N SER F 246 -17.09 24.55 0.19
CA SER F 246 -18.27 25.07 0.85
C SER F 246 -18.32 26.57 0.74
N LEU F 247 -17.24 27.24 1.16
CA LEU F 247 -17.11 28.67 0.90
C LEU F 247 -17.23 28.98 -0.58
N ALA F 248 -16.62 28.15 -1.41
CA ALA F 248 -16.79 28.24 -2.85
C ALA F 248 -18.22 28.00 -3.27
N LYS F 249 -18.96 27.22 -2.50
CA LYS F 249 -20.35 27.02 -2.82
C LYS F 249 -21.18 28.18 -2.33
N ARG F 250 -20.64 28.95 -1.39
CA ARG F 250 -21.34 30.11 -0.87
C ARG F 250 -21.15 31.32 -1.75
N LEU F 251 -20.15 31.31 -2.62
CA LEU F 251 -19.81 32.48 -3.41
C LEU F 251 -19.95 32.25 -4.91
N GLU F 252 -20.24 31.03 -5.36
CA GLU F 252 -20.39 30.79 -6.79
C GLU F 252 -21.77 31.18 -7.31
N GLN F 253 -22.73 31.40 -6.42
CA GLN F 253 -24.05 31.89 -6.83
C GLN F 253 -23.97 33.31 -7.36
N THR F 254 -23.21 34.18 -6.68
CA THR F 254 -23.09 35.58 -7.09
C THR F 254 -22.33 35.73 -8.40
N TYR F 255 -21.21 35.03 -8.57
CA TYR F 255 -20.40 35.15 -9.76
C TYR F 255 -19.85 33.78 -10.12
N SER F 256 -19.54 33.59 -11.39
CA SER F 256 -18.99 32.31 -11.83
C SER F 256 -17.57 32.15 -11.32
N VAL F 257 -17.23 30.90 -11.00
CA VAL F 257 -15.98 30.54 -10.34
C VAL F 257 -15.20 29.65 -11.28
N LYS F 258 -13.96 30.03 -11.50
CA LYS F 258 -12.99 29.22 -12.22
C LYS F 258 -12.38 28.27 -11.21
N LEU F 259 -12.85 27.04 -11.21
CA LEU F 259 -12.11 25.99 -10.53
C LEU F 259 -10.97 25.55 -11.44
N ILE F 260 -9.75 25.74 -10.97
CA ILE F 260 -8.57 25.16 -11.58
C ILE F 260 -8.05 24.13 -10.59
N GLU F 261 -7.76 22.93 -11.08
CA GLU F 261 -7.21 21.86 -10.27
C GLU F 261 -5.99 21.27 -10.94
N ARG F 262 -4.98 20.97 -10.13
CA ARG F 262 -3.77 20.30 -10.60
C ARG F 262 -4.10 18.96 -11.25
N ASP F 263 -4.78 18.09 -10.51
CA ASP F 263 -4.98 16.69 -10.86
C ASP F 263 -5.86 16.56 -12.11
N TYR F 264 -5.79 15.39 -12.75
CA TYR F 264 -6.58 15.15 -13.94
C TYR F 264 -7.83 14.34 -13.60
N GLN F 265 -7.66 13.26 -12.84
CA GLN F 265 -8.80 12.43 -12.46
C GLN F 265 -9.76 13.18 -11.55
N ARG F 266 -9.22 13.89 -10.54
CA ARG F 266 -10.09 14.63 -9.63
C ARG F 266 -10.81 15.73 -10.36
N ALA F 267 -10.11 16.46 -11.23
CA ALA F 267 -10.76 17.53 -11.98
C ALA F 267 -11.85 17.00 -12.88
N GLU F 268 -11.58 15.88 -13.57
CA GLU F 268 -12.59 15.32 -14.46
C GLU F 268 -13.82 14.83 -13.69
N LYS F 269 -13.57 14.10 -12.60
CA LYS F 269 -14.66 13.55 -11.78
C LYS F 269 -15.47 14.67 -11.17
N LEU F 270 -14.78 15.68 -10.69
CA LEU F 270 -15.39 16.85 -10.11
C LEU F 270 -16.23 17.56 -11.16
N SER F 271 -15.72 17.62 -12.40
CA SER F 271 -16.45 18.27 -13.48
C SER F 271 -17.79 17.58 -13.73
N GLU F 272 -17.81 16.24 -13.76
CA GLU F 272 -19.09 15.56 -13.94
C GLU F 272 -19.98 15.74 -12.69
N GLN F 273 -19.37 15.67 -11.51
CA GLN F 273 -20.08 15.72 -10.24
C GLN F 273 -20.79 17.04 -9.94
N LEU F 274 -20.18 18.18 -10.26
CA LEU F 274 -20.76 19.45 -9.81
C LEU F 274 -20.99 20.43 -10.94
N GLU F 275 -22.01 21.25 -10.75
CA GLU F 275 -22.51 22.24 -11.69
C GLU F 275 -22.50 23.61 -11.04
N ASN F 276 -22.61 24.64 -11.89
CA ASN F 276 -22.59 26.08 -11.61
C ASN F 276 -21.19 26.59 -11.29
N THR F 277 -20.18 25.81 -11.65
CA THR F 277 -18.80 26.19 -11.46
C THR F 277 -18.12 25.86 -12.78
N ILE F 278 -17.15 26.67 -13.21
CA ILE F 278 -16.43 26.39 -14.44
C ILE F 278 -15.12 25.70 -14.02
N VAL F 279 -14.95 24.50 -14.54
CA VAL F 279 -13.83 23.60 -14.23
C VAL F 279 -12.70 23.66 -15.25
N PHE F 280 -11.51 24.05 -14.78
CA PHE F 280 -10.33 24.07 -15.64
C PHE F 280 -9.26 23.20 -14.99
N CYS F 281 -8.16 23.05 -15.71
CA CYS F 281 -6.98 22.35 -15.23
C CYS F 281 -5.76 23.20 -15.55
N GLY F 282 -4.65 22.85 -14.94
CA GLY F 282 -3.42 23.57 -15.17
C GLY F 282 -2.49 23.45 -13.97
N ASP F 283 -1.21 23.66 -14.24
CA ASP F 283 -0.18 23.67 -13.21
C ASP F 283 -0.02 25.09 -12.67
N ALA F 284 0.16 25.21 -11.36
CA ALA F 284 0.27 26.51 -10.71
C ALA F 284 1.72 26.97 -10.53
N ALA F 285 2.69 26.05 -10.56
CA ALA F 285 4.09 26.41 -10.38
C ALA F 285 4.75 26.86 -11.67
N ASP F 286 3.98 27.19 -12.72
CA ASP F 286 4.50 27.75 -13.96
C ASP F 286 3.59 28.88 -14.39
N GLN F 287 4.19 29.95 -14.90
CA GLN F 287 3.47 31.18 -15.20
C GLN F 287 2.66 31.08 -16.47
N GLU F 288 3.01 30.13 -17.36
CA GLU F 288 2.31 29.92 -18.62
C GLU F 288 0.86 29.47 -18.48
N LEU F 289 0.32 29.28 -17.27
CA LEU F 289 -1.10 29.03 -17.15
C LEU F 289 -1.81 30.21 -16.52
N LEU F 290 -1.23 30.79 -15.46
CA LEU F 290 -1.92 31.88 -14.76
C LEU F 290 -1.79 33.19 -15.53
N THR F 291 -0.65 33.41 -16.19
CA THR F 291 -0.47 34.59 -17.02
C THR F 291 -1.25 34.42 -18.33
N GLU F 292 -1.29 33.18 -18.83
CA GLU F 292 -2.17 32.82 -19.95
C GLU F 292 -3.59 33.30 -19.70
N GLU F 293 -4.10 33.07 -18.49
CA GLU F 293 -5.50 33.27 -18.16
C GLU F 293 -5.82 34.70 -17.75
N ASN F 294 -5.03 35.66 -18.24
CA ASN F 294 -5.36 37.08 -18.22
C ASN F 294 -5.51 37.56 -16.77
N ILE F 295 -4.42 37.42 -16.03
CA ILE F 295 -4.39 37.57 -14.57
C ILE F 295 -4.86 38.95 -14.10
N ASP F 296 -4.79 39.95 -14.97
CA ASP F 296 -5.38 41.23 -14.63
C ASP F 296 -6.89 41.22 -14.75
N GLN F 297 -7.46 40.29 -15.52
CA GLN F 297 -8.89 40.26 -15.76
C GLN F 297 -9.64 39.47 -14.70
N VAL F 298 -8.94 38.90 -13.72
CA VAL F 298 -9.54 38.10 -12.67
C VAL F 298 -9.41 38.81 -11.33
N ASP F 299 -10.50 38.82 -10.57
CA ASP F 299 -10.55 39.59 -9.33
C ASP F 299 -9.83 38.96 -8.15
N VAL F 300 -9.78 37.62 -8.03
CA VAL F 300 -9.09 36.96 -6.91
C VAL F 300 -8.40 35.68 -7.34
N PHE F 301 -7.31 35.36 -6.63
CA PHE F 301 -6.58 34.12 -6.81
C PHE F 301 -6.64 33.42 -5.47
N ILE F 302 -7.21 32.22 -5.42
CA ILE F 302 -7.33 31.45 -4.18
C ILE F 302 -6.62 30.12 -4.38
N ALA F 303 -5.70 29.82 -3.47
CA ALA F 303 -4.91 28.60 -3.52
C ALA F 303 -5.31 27.65 -2.42
N LEU F 304 -5.79 26.49 -2.83
CA LEU F 304 -6.21 25.45 -1.91
C LEU F 304 -5.21 24.32 -1.80
N THR F 305 -4.00 24.46 -2.36
CA THR F 305 -3.02 23.39 -2.33
C THR F 305 -2.61 23.01 -0.90
N ASN F 306 -2.49 21.71 -0.68
CA ASN F 306 -2.16 21.11 0.62
C ASN F 306 -0.77 21.45 1.19
N GLU F 307 0.17 21.88 0.35
CA GLU F 307 1.50 22.28 0.84
C GLU F 307 1.58 23.79 1.19
N ASP F 308 1.66 24.03 2.51
CA ASP F 308 1.66 25.38 3.08
C ASP F 308 2.82 26.31 2.72
N GLU F 309 4.05 25.81 2.82
CA GLU F 309 5.19 26.67 2.52
C GLU F 309 5.20 27.10 1.06
N THR F 310 4.94 26.15 0.16
CA THR F 310 4.93 26.51 -1.25
C THR F 310 3.80 27.47 -1.53
N ASN F 311 2.63 27.25 -0.91
CA ASN F 311 1.55 28.17 -1.19
C ASN F 311 1.92 29.59 -0.78
N ILE F 312 2.51 29.73 0.40
CA ILE F 312 2.87 31.07 0.86
C ILE F 312 3.90 31.69 -0.06
N MET F 313 4.88 30.91 -0.44
CA MET F 313 5.92 31.47 -1.29
C MET F 313 5.44 31.87 -2.67
N SER F 314 4.64 31.02 -3.28
CA SER F 314 4.22 31.36 -4.62
C SER F 314 3.36 32.57 -4.55
N ALA F 315 2.52 32.54 -3.54
CA ALA F 315 1.51 33.55 -3.46
C ALA F 315 2.14 34.89 -3.62
N MET F 316 3.32 35.07 -3.05
CA MET F 316 4.10 36.26 -3.32
C MET F 316 4.33 36.38 -4.82
N LEU F 317 4.74 35.28 -5.46
CA LEU F 317 4.94 35.28 -6.90
C LEU F 317 3.62 35.56 -7.61
N ALA F 318 2.53 35.05 -7.03
CA ALA F 318 1.23 35.21 -7.64
C ALA F 318 0.83 36.67 -7.64
N LYS F 319 0.98 37.33 -6.49
CA LYS F 319 0.93 38.79 -6.41
C LYS F 319 1.89 39.47 -7.38
N ARG F 320 3.03 38.85 -7.70
CA ARG F 320 4.05 39.57 -8.45
C ARG F 320 3.76 39.49 -9.94
N MET F 321 2.83 38.65 -10.35
CA MET F 321 2.45 38.60 -11.74
C MET F 321 1.31 39.55 -12.02
N GLY F 322 0.87 40.30 -11.02
CA GLY F 322 -0.22 41.22 -11.16
C GLY F 322 -1.59 40.77 -10.71
N ALA F 323 -1.70 39.61 -10.05
CA ALA F 323 -2.99 39.16 -9.56
C ALA F 323 -3.53 40.14 -8.51
N LYS F 324 -4.83 40.44 -8.59
CA LYS F 324 -5.44 41.40 -7.68
C LYS F 324 -5.47 40.92 -6.22
N LYS F 325 -5.82 39.66 -5.96
CA LYS F 325 -5.92 39.19 -4.58
C LYS F 325 -5.53 37.72 -4.46
N VAL F 326 -4.67 37.44 -3.51
CA VAL F 326 -4.18 36.08 -3.28
C VAL F 326 -4.64 35.62 -1.91
N MET F 327 -5.55 34.65 -1.91
CA MET F 327 -6.00 33.93 -0.74
C MET F 327 -5.20 32.63 -0.70
N VAL F 328 -4.62 32.34 0.46
CA VAL F 328 -3.60 31.32 0.59
C VAL F 328 -4.05 30.28 1.59
N LEU F 329 -3.90 29.00 1.25
CA LEU F 329 -4.14 27.97 2.24
C LEU F 329 -2.93 27.93 3.15
N ILE F 330 -3.15 28.10 4.46
CA ILE F 330 -2.11 28.05 5.47
C ILE F 330 -2.69 27.26 6.63
N GLN F 331 -2.27 26.00 6.75
CA GLN F 331 -2.98 25.05 7.60
C GLN F 331 -2.52 25.04 9.03
N ARG F 332 -2.03 26.16 9.54
CA ARG F 332 -1.56 26.20 10.90
C ARG F 332 -2.02 27.52 11.48
N GLY F 333 -2.35 27.49 12.77
CA GLY F 333 -2.81 28.65 13.51
C GLY F 333 -1.76 29.12 14.49
N ALA F 334 -0.64 28.39 14.57
CA ALA F 334 0.55 28.87 15.26
C ALA F 334 1.48 29.68 14.37
N TYR F 335 1.16 29.76 13.08
CA TYR F 335 1.97 30.60 12.21
C TYR F 335 1.44 32.03 12.12
N VAL F 336 0.47 32.37 12.99
CA VAL F 336 -0.04 33.75 13.02
C VAL F 336 1.09 34.75 13.21
N ASP F 337 2.05 34.44 14.07
CA ASP F 337 3.25 35.26 14.17
C ASP F 337 4.12 35.16 12.92
N LEU F 338 3.97 34.07 12.17
CA LEU F 338 4.76 33.85 10.98
C LEU F 338 4.15 34.56 9.76
N VAL F 339 2.83 34.62 9.69
CA VAL F 339 2.17 35.41 8.63
C VAL F 339 2.03 36.88 8.93
N GLN F 340 2.36 37.32 10.15
CA GLN F 340 1.97 38.66 10.62
C GLN F 340 2.68 39.78 9.88
N GLY F 341 3.97 39.63 9.61
CA GLY F 341 4.71 40.62 8.85
C GLY F 341 4.79 40.32 7.38
N GLY F 342 3.69 39.85 6.79
CA GLY F 342 3.69 39.36 5.43
C GLY F 342 3.20 40.35 4.39
N VAL F 343 3.75 40.23 3.19
CA VAL F 343 3.23 40.95 2.02
C VAL F 343 1.95 40.31 1.50
N ILE F 344 1.64 39.10 1.94
CA ILE F 344 0.44 38.40 1.52
C ILE F 344 -0.70 39.07 2.26
N ASP F 345 -1.62 39.71 1.51
CA ASP F 345 -2.67 40.48 2.16
C ASP F 345 -3.65 39.65 2.97
N VAL F 346 -4.10 38.49 2.48
CA VAL F 346 -5.03 37.65 3.23
C VAL F 346 -4.44 36.27 3.55
N ALA F 347 -4.55 35.84 4.80
CA ALA F 347 -4.08 34.55 5.28
C ALA F 347 -5.29 33.73 5.70
N ILE F 348 -5.40 32.48 5.25
CA ILE F 348 -6.53 31.62 5.57
C ILE F 348 -6.10 30.54 6.56
N SER F 349 -6.79 30.49 7.70
CA SER F 349 -6.57 29.56 8.83
C SER F 349 -7.66 28.50 8.97
N PRO F 350 -7.37 27.21 8.81
CA PRO F 350 -8.42 26.17 8.96
C PRO F 350 -9.02 26.11 10.34
N GLN F 351 -8.15 26.27 11.33
CA GLN F 351 -8.52 26.17 12.73
C GLN F 351 -9.49 27.25 13.20
N GLN F 352 -9.40 28.48 12.72
CA GLN F 352 -10.21 29.58 13.27
C GLN F 352 -11.72 29.35 13.16
N ALA F 353 -12.17 28.90 11.98
CA ALA F 353 -13.57 28.64 11.79
C ALA F 353 -14.05 27.47 12.65
N THR F 354 -13.26 26.40 12.66
CA THR F 354 -13.63 25.20 13.39
C THR F 354 -13.71 25.49 14.88
N ILE F 355 -12.76 26.24 15.40
CA ILE F 355 -12.72 26.57 16.81
C ILE F 355 -13.95 27.38 17.17
N SER F 356 -14.31 28.34 16.32
CA SER F 356 -15.51 29.14 16.57
C SER F 356 -16.79 28.30 16.53
N ALA F 357 -16.88 27.36 15.58
CA ALA F 357 -18.06 26.49 15.45
C ALA F 357 -18.20 25.60 16.66
N LEU F 358 -17.09 25.05 17.15
CA LEU F 358 -17.15 24.25 18.38
C LEU F 358 -17.57 25.15 19.53
N LEU F 359 -17.04 26.38 19.53
CA LEU F 359 -17.41 27.37 20.53
C LEU F 359 -18.89 27.69 20.43
N THR F 360 -19.41 27.82 19.21
CA THR F 360 -20.83 28.08 19.02
C THR F 360 -21.59 26.75 18.86
N MET G 1 21.44 -32.87 -15.37
CA MET G 1 20.96 -31.48 -15.39
C MET G 1 21.20 -30.79 -14.05
N LYS G 2 22.17 -29.89 -14.02
CA LYS G 2 22.59 -29.23 -12.79
C LYS G 2 22.01 -27.80 -12.72
N ILE G 3 21.04 -27.60 -11.81
CA ILE G 3 20.27 -26.34 -11.78
C ILE G 3 20.47 -25.50 -10.52
N ILE G 4 20.81 -24.23 -10.73
CA ILE G 4 20.89 -23.28 -9.63
C ILE G 4 19.72 -22.29 -9.66
N ILE G 5 18.98 -22.21 -8.57
CA ILE G 5 17.88 -21.26 -8.47
C ILE G 5 18.24 -20.17 -7.48
N LEU G 6 18.33 -18.94 -7.96
CA LEU G 6 18.69 -17.81 -7.13
C LEU G 6 17.43 -17.17 -6.57
N GLY G 7 17.30 -17.20 -5.26
CA GLY G 7 16.11 -16.66 -4.62
C GLY G 7 15.07 -17.75 -4.48
N ALA G 8 14.75 -18.09 -3.24
CA ALA G 8 13.76 -19.13 -2.95
C ALA G 8 12.42 -18.54 -2.51
N GLY G 9 11.92 -17.55 -3.23
CA GLY G 9 10.62 -16.99 -2.94
C GLY G 9 9.52 -17.92 -3.45
N GLN G 10 8.34 -17.38 -3.66
CA GLN G 10 7.22 -18.16 -4.21
C GLN G 10 7.60 -18.83 -5.53
N VAL G 11 8.19 -18.05 -6.43
CA VAL G 11 8.56 -18.55 -7.74
C VAL G 11 9.75 -19.53 -7.67
N GLY G 12 10.82 -19.13 -7.00
CA GLY G 12 11.98 -20.00 -6.88
C GLY G 12 11.69 -21.31 -6.19
N GLY G 13 10.98 -21.24 -5.07
CA GLY G 13 10.61 -22.41 -4.30
C GLY G 13 9.68 -23.35 -5.06
N THR G 14 8.63 -22.80 -5.63
CA THR G 14 7.67 -23.60 -6.39
C THR G 14 8.38 -24.29 -7.55
N LEU G 15 9.29 -23.56 -8.20
CA LEU G 15 10.11 -24.12 -9.28
C LEU G 15 10.90 -25.30 -8.74
N ALA G 16 11.61 -25.06 -7.64
CA ALA G 16 12.40 -26.08 -6.99
C ALA G 16 11.54 -27.31 -6.67
N GLU G 17 10.31 -27.07 -6.22
CA GLU G 17 9.40 -28.15 -5.89
C GLU G 17 9.06 -28.98 -7.12
N ASN G 18 8.86 -28.31 -8.25
CA ASN G 18 8.53 -29.01 -9.48
C ASN G 18 9.72 -29.72 -10.18
N LEU G 19 10.96 -29.44 -9.78
CA LEU G 19 12.11 -30.01 -10.48
C LEU G 19 12.90 -31.08 -9.73
N VAL G 20 12.57 -31.35 -8.47
CA VAL G 20 13.25 -32.41 -7.74
C VAL G 20 13.03 -33.79 -8.38
N GLY G 21 14.11 -34.54 -8.53
CA GLY G 21 14.03 -35.86 -9.15
C GLY G 21 15.36 -36.53 -9.41
N GLU G 22 15.37 -37.49 -10.33
CA GLU G 22 16.55 -38.30 -10.61
C GLU G 22 17.52 -37.59 -11.56
N ASN G 23 16.98 -37.02 -12.62
CA ASN G 23 17.78 -36.42 -13.67
C ASN G 23 18.07 -34.93 -13.43
N ASN G 24 17.67 -34.45 -12.25
CA ASN G 24 17.86 -33.04 -11.88
C ASN G 24 18.51 -32.84 -10.50
N ASP G 25 19.61 -32.09 -10.47
CA ASP G 25 20.28 -31.71 -9.23
C ASP G 25 20.06 -30.22 -8.90
N ILE G 26 19.11 -29.96 -8.00
CA ILE G 26 18.69 -28.61 -7.66
C ILE G 26 19.45 -27.97 -6.49
N THR G 27 20.05 -26.81 -6.75
CA THR G 27 20.63 -25.99 -5.70
C THR G 27 19.91 -24.65 -5.62
N ILE G 28 19.48 -24.26 -4.43
CA ILE G 28 18.84 -22.95 -4.26
C ILE G 28 19.66 -21.99 -3.41
N VAL G 29 19.84 -20.78 -3.90
CA VAL G 29 20.53 -19.74 -3.16
C VAL G 29 19.53 -18.74 -2.60
N ASP G 30 19.70 -18.37 -1.33
CA ASP G 30 18.83 -17.39 -0.71
C ASP G 30 19.58 -16.85 0.50
N ASN G 31 19.35 -15.59 0.85
CA ASN G 31 20.04 -15.01 2.00
C ASN G 31 19.21 -15.12 3.27
N VAL G 47 21.23 -26.15 -0.48
CA VAL G 47 20.95 -24.76 -0.14
C VAL G 47 22.22 -23.94 0.12
N VAL G 48 22.25 -22.71 -0.40
CA VAL G 48 23.37 -21.80 -0.15
C VAL G 48 22.88 -20.49 0.46
N ASN G 49 23.38 -20.15 1.64
CA ASN G 49 22.99 -18.93 2.33
C ASN G 49 23.94 -17.79 2.00
N GLY G 50 23.48 -16.84 1.18
CA GLY G 50 24.31 -15.71 0.78
C GLY G 50 23.64 -14.84 -0.25
N HIS G 51 24.35 -13.81 -0.72
CA HIS G 51 23.81 -12.92 -1.75
C HIS G 51 23.98 -13.54 -3.14
N ALA G 52 22.88 -13.64 -3.88
CA ALA G 52 22.83 -14.39 -5.13
C ALA G 52 23.80 -13.93 -6.23
N SER G 53 24.31 -12.72 -6.13
CA SER G 53 25.18 -12.20 -7.20
C SER G 53 26.62 -12.04 -6.76
N HIS G 54 26.93 -12.45 -5.54
CA HIS G 54 28.32 -12.45 -5.07
C HIS G 54 29.09 -13.61 -5.67
N PRO G 55 30.29 -13.34 -6.17
CA PRO G 55 31.14 -14.33 -6.85
C PRO G 55 31.36 -15.59 -6.01
N ASP G 56 31.57 -15.45 -4.71
CA ASP G 56 31.81 -16.59 -3.85
C ASP G 56 30.55 -17.41 -3.56
N VAL G 57 29.43 -16.71 -3.37
CA VAL G 57 28.15 -17.38 -3.17
C VAL G 57 27.83 -18.19 -4.41
N LEU G 58 28.01 -17.58 -5.56
CA LEU G 58 27.78 -18.25 -6.84
C LEU G 58 28.74 -19.42 -7.05
N HIS G 59 29.99 -19.24 -6.64
CA HIS G 59 30.99 -20.29 -6.73
C HIS G 59 30.58 -21.45 -5.84
N GLU G 60 30.14 -21.13 -4.63
CA GLU G 60 29.74 -22.13 -3.66
C GLU G 60 28.52 -22.91 -4.13
N ALA G 61 27.76 -22.36 -5.06
CA ALA G 61 26.62 -23.07 -5.63
C ALA G 61 27.03 -23.86 -6.86
N GLY G 62 28.30 -23.77 -7.22
CA GLY G 62 28.85 -24.54 -8.33
C GLY G 62 28.43 -24.03 -9.68
N ALA G 63 28.65 -22.75 -9.93
CA ALA G 63 28.25 -22.13 -11.19
C ALA G 63 29.14 -22.50 -12.37
N GLN G 64 30.37 -22.94 -12.09
CA GLN G 64 31.27 -23.35 -13.17
C GLN G 64 30.74 -24.60 -13.87
N ASP G 65 30.18 -25.52 -13.09
CA ASP G 65 29.78 -26.82 -13.59
C ASP G 65 28.31 -26.89 -14.00
N ALA G 66 27.49 -26.01 -13.43
CA ALA G 66 26.05 -26.08 -13.62
C ALA G 66 25.64 -25.90 -15.08
N ASP G 67 24.44 -26.39 -15.40
CA ASP G 67 23.95 -26.40 -16.78
C ASP G 67 22.87 -25.36 -16.99
N MET G 68 22.29 -24.88 -15.90
CA MET G 68 21.31 -23.79 -15.96
C MET G 68 21.32 -22.91 -14.71
N LEU G 69 21.15 -21.61 -14.93
CA LEU G 69 21.05 -20.64 -13.84
C LEU G 69 19.72 -19.90 -13.92
N VAL G 70 18.92 -19.99 -12.87
CA VAL G 70 17.64 -19.29 -12.80
C VAL G 70 17.65 -18.21 -11.72
N ALA G 71 17.52 -16.96 -12.14
CA ALA G 71 17.59 -15.83 -11.22
C ALA G 71 16.19 -15.27 -10.94
N VAL G 72 15.68 -15.59 -9.76
CA VAL G 72 14.38 -15.10 -9.34
C VAL G 72 14.46 -14.51 -7.96
N THR G 73 15.33 -13.53 -7.81
CA THR G 73 15.41 -12.79 -6.56
C THR G 73 14.35 -11.69 -6.47
N ASN G 74 14.50 -10.82 -5.48
CA ASN G 74 13.55 -9.74 -5.24
C ASN G 74 13.64 -8.62 -6.27
N THR G 75 14.78 -8.55 -6.94
CA THR G 75 15.17 -7.39 -7.72
C THR G 75 15.73 -7.73 -9.10
N ASP G 76 15.33 -6.96 -10.11
CA ASP G 76 15.87 -7.17 -11.45
C ASP G 76 17.36 -6.93 -11.46
N GLU G 77 17.80 -5.88 -10.78
CA GLU G 77 19.20 -5.48 -10.77
C GLU G 77 20.12 -6.53 -10.15
N THR G 78 19.57 -7.33 -9.23
CA THR G 78 20.31 -8.43 -8.64
C THR G 78 20.32 -9.63 -9.58
N ASN G 79 19.18 -9.90 -10.19
CA ASN G 79 19.09 -10.94 -11.22
C ASN G 79 20.07 -10.66 -12.36
N MET G 80 20.12 -9.42 -12.82
CA MET G 80 21.00 -9.03 -13.92
C MET G 80 22.46 -9.15 -13.49
N ALA G 81 22.76 -8.70 -12.28
CA ALA G 81 24.10 -8.76 -11.74
C ALA G 81 24.54 -10.20 -11.55
N ALA G 82 23.60 -11.06 -11.16
CA ALA G 82 23.92 -12.47 -10.94
C ALA G 82 24.29 -13.12 -12.25
N CYS G 83 23.51 -12.87 -13.30
CA CYS G 83 23.78 -13.42 -14.62
C CYS G 83 25.08 -12.89 -15.23
N GLN G 84 25.37 -11.62 -15.00
CA GLN G 84 26.63 -11.06 -15.46
C GLN G 84 27.78 -11.73 -14.72
N VAL G 85 27.72 -11.74 -13.39
CA VAL G 85 28.81 -12.29 -12.59
C VAL G 85 29.04 -13.77 -12.87
N ALA G 86 27.96 -14.52 -13.04
CA ALA G 86 28.05 -15.95 -13.31
C ALA G 86 28.70 -16.22 -14.66
N PHE G 87 28.26 -15.47 -15.67
CA PHE G 87 28.79 -15.60 -17.02
C PHE G 87 30.26 -15.22 -17.10
N THR G 88 30.58 -14.05 -16.58
CA THR G 88 31.93 -13.53 -16.66
C THR G 88 32.93 -14.40 -15.90
N LEU G 89 32.54 -14.91 -14.74
CA LEU G 89 33.48 -15.64 -13.90
C LEU G 89 33.50 -17.16 -14.06
N PHE G 90 32.39 -17.74 -14.53
CA PHE G 90 32.25 -19.20 -14.55
C PHE G 90 31.68 -19.76 -15.85
N ASN G 91 31.39 -18.87 -16.79
CA ASN G 91 30.82 -19.25 -18.09
C ASN G 91 29.57 -20.15 -17.98
N THR G 92 28.73 -19.86 -16.99
CA THR G 92 27.55 -20.66 -16.74
C THR G 92 26.55 -20.57 -17.88
N PRO G 93 26.28 -21.70 -18.54
CA PRO G 93 25.35 -21.77 -19.68
C PRO G 93 23.90 -21.55 -19.23
N ASN G 94 23.01 -21.29 -20.19
CA ASN G 94 21.57 -21.14 -19.95
C ASN G 94 21.15 -20.31 -18.74
N ARG G 95 21.24 -18.99 -18.86
CA ARG G 95 20.92 -18.10 -17.77
C ARG G 95 19.55 -17.46 -17.91
N VAL G 96 18.60 -17.92 -17.09
CA VAL G 96 17.25 -17.39 -17.12
C VAL G 96 17.04 -16.39 -15.98
N ALA G 97 16.43 -15.23 -16.29
CA ALA G 97 16.22 -14.20 -15.27
C ALA G 97 14.83 -13.58 -15.34
N ARG G 98 14.24 -13.37 -14.16
CA ARG G 98 12.98 -12.64 -14.06
C ARG G 98 13.24 -11.15 -14.12
N ILE G 99 12.60 -10.48 -15.06
CA ILE G 99 12.68 -9.03 -15.19
C ILE G 99 11.27 -8.46 -15.21
N ARG G 100 10.94 -7.71 -14.16
CA ARG G 100 9.59 -7.21 -13.95
C ARG G 100 9.38 -5.83 -14.56
N SER G 101 10.48 -5.15 -14.84
CA SER G 101 10.46 -3.78 -15.35
C SER G 101 10.29 -3.68 -16.85
N PRO G 102 9.16 -3.09 -17.30
CA PRO G 102 8.86 -2.89 -18.72
C PRO G 102 9.88 -1.97 -19.38
N GLU G 103 10.48 -1.10 -18.57
CA GLU G 103 11.52 -0.21 -19.05
C GLU G 103 12.72 -0.99 -19.61
N TYR G 104 13.09 -2.08 -18.95
CA TYR G 104 14.21 -2.91 -19.42
C TYR G 104 13.84 -3.68 -20.67
N LEU G 105 12.61 -4.21 -20.69
CA LEU G 105 12.10 -5.00 -21.80
C LEU G 105 11.90 -4.12 -23.05
N ALA G 106 11.62 -2.85 -22.82
CA ALA G 106 11.52 -1.89 -23.91
C ALA G 106 12.83 -1.81 -24.69
N GLU G 107 13.93 -2.08 -24.01
CA GLU G 107 15.23 -2.12 -24.66
C GLU G 107 15.82 -3.52 -24.60
N LYS G 108 14.96 -4.53 -24.54
CA LYS G 108 15.44 -5.92 -24.40
C LYS G 108 16.37 -6.32 -25.55
N GLU G 109 16.13 -5.80 -26.74
CA GLU G 109 16.97 -6.10 -27.89
C GLU G 109 18.41 -5.60 -27.68
N ALA G 110 18.55 -4.34 -27.29
CA ALA G 110 19.86 -3.71 -27.19
C ALA G 110 20.62 -4.10 -25.92
N LEU G 111 19.89 -4.50 -24.88
CA LEU G 111 20.48 -4.76 -23.56
C LEU G 111 20.84 -6.22 -23.35
N PHE G 112 19.91 -7.11 -23.71
CA PHE G 112 20.06 -8.52 -23.39
C PHE G 112 20.45 -9.32 -24.62
N LYS G 113 19.71 -9.12 -25.69
CA LYS G 113 19.90 -9.85 -26.94
C LYS G 113 21.19 -9.49 -27.67
N SER G 114 21.97 -8.59 -27.07
CA SER G 114 23.28 -8.25 -27.61
C SER G 114 24.37 -8.86 -26.73
N GLY G 115 23.97 -9.38 -25.57
CA GLY G 115 24.90 -10.03 -24.67
C GLY G 115 25.66 -9.05 -23.80
N ALA G 116 25.19 -7.80 -23.79
CA ALA G 116 25.70 -6.76 -22.90
C ALA G 116 25.43 -7.17 -21.47
N ILE G 117 24.14 -7.37 -21.18
CA ILE G 117 23.72 -8.05 -19.97
C ILE G 117 23.44 -9.49 -20.36
N PRO G 118 24.28 -10.42 -19.89
CA PRO G 118 24.28 -11.80 -20.39
C PRO G 118 23.09 -12.62 -19.89
N VAL G 119 21.88 -12.21 -20.25
CA VAL G 119 20.70 -13.02 -19.96
C VAL G 119 20.27 -13.76 -21.23
N ASP G 120 20.11 -15.07 -21.12
CA ASP G 120 19.68 -15.87 -22.27
C ASP G 120 18.17 -15.80 -22.48
N HIS G 121 17.42 -15.87 -21.38
CA HIS G 121 15.98 -15.84 -21.45
C HIS G 121 15.37 -14.96 -20.37
N ARG G 233 -10.73 -18.99 -38.51
CA ARG G 233 -11.26 -17.80 -39.17
C ARG G 233 -11.52 -16.69 -38.19
N ARG G 234 -12.09 -17.05 -37.04
CA ARG G 234 -12.22 -16.15 -35.90
C ARG G 234 -11.42 -16.73 -34.75
N ILE G 235 -10.43 -15.99 -34.29
CA ILE G 235 -9.66 -16.36 -33.11
C ILE G 235 -10.18 -15.52 -31.95
N MET G 236 -10.18 -16.10 -30.75
CA MET G 236 -10.74 -15.40 -29.59
C MET G 236 -9.94 -15.82 -28.37
N ILE G 237 -9.21 -14.87 -27.79
CA ILE G 237 -8.48 -15.07 -26.54
C ILE G 237 -9.17 -14.26 -25.47
N VAL G 238 -9.29 -14.83 -24.27
CA VAL G 238 -9.85 -14.08 -23.15
C VAL G 238 -8.76 -13.95 -22.09
N GLY G 239 -8.44 -12.71 -21.73
CA GLY G 239 -7.41 -12.42 -20.78
C GLY G 239 -6.05 -12.16 -21.42
N GLY G 240 -5.19 -11.47 -20.67
CA GLY G 240 -3.88 -11.14 -21.16
C GLY G 240 -2.72 -11.78 -20.42
N GLY G 241 -1.90 -12.44 -21.20
CA GLY G 241 -0.73 -13.12 -20.69
C GLY G 241 0.46 -12.64 -21.49
N ASN G 242 1.57 -12.39 -20.81
CA ASN G 242 2.77 -11.93 -21.50
C ASN G 242 3.27 -12.99 -22.48
N ILE G 243 3.32 -14.24 -22.03
CA ILE G 243 3.67 -15.34 -22.91
C ILE G 243 2.54 -15.51 -23.91
N GLY G 244 1.31 -15.38 -23.41
CA GLY G 244 0.14 -15.47 -24.24
C GLY G 244 0.14 -14.38 -25.31
N ALA G 245 0.63 -13.19 -24.93
CA ALA G 245 0.75 -12.13 -25.91
C ALA G 245 1.74 -12.53 -26.97
N SER G 246 2.83 -13.19 -26.56
CA SER G 246 3.83 -13.62 -27.52
C SER G 246 3.29 -14.65 -28.49
N LEU G 247 2.63 -15.68 -27.97
CA LEU G 247 2.03 -16.69 -28.84
C LEU G 247 0.90 -16.11 -29.67
N ALA G 248 0.10 -15.25 -29.06
CA ALA G 248 -0.93 -14.53 -29.77
C ALA G 248 -0.33 -13.63 -30.83
N LYS G 249 0.90 -13.18 -30.65
CA LYS G 249 1.56 -12.39 -31.66
C LYS G 249 2.11 -13.30 -32.72
N ARG G 250 2.27 -14.57 -32.40
CA ARG G 250 2.76 -15.52 -33.39
C ARG G 250 1.66 -16.02 -34.28
N LEU G 251 0.40 -15.86 -33.86
CA LEU G 251 -0.73 -16.43 -34.57
C LEU G 251 -1.71 -15.39 -35.09
N GLU G 252 -1.53 -14.11 -34.78
CA GLU G 252 -2.42 -13.07 -35.27
C GLU G 252 -2.10 -12.65 -36.70
N GLN G 253 -0.91 -13.00 -37.19
CA GLN G 253 -0.56 -12.72 -38.57
C GLN G 253 -1.42 -13.54 -39.54
N THR G 254 -1.64 -14.82 -39.22
CA THR G 254 -2.45 -15.69 -40.06
C THR G 254 -3.93 -15.30 -40.06
N TYR G 255 -4.49 -15.02 -38.89
CA TYR G 255 -5.91 -14.68 -38.80
C TYR G 255 -6.13 -13.62 -37.73
N SER G 256 -7.20 -12.85 -37.89
CA SER G 256 -7.54 -11.82 -36.91
C SER G 256 -7.88 -12.46 -35.57
N VAL G 257 -7.44 -11.82 -34.50
CA VAL G 257 -7.59 -12.32 -33.14
C VAL G 257 -8.45 -11.35 -32.36
N LYS G 258 -9.48 -11.88 -31.75
CA LYS G 258 -10.32 -11.17 -30.80
C LYS G 258 -9.66 -11.25 -29.45
N LEU G 259 -8.98 -10.19 -29.06
CA LEU G 259 -8.60 -10.02 -27.67
C LEU G 259 -9.80 -9.51 -26.89
N ILE G 260 -10.24 -10.30 -25.93
CA ILE G 260 -11.21 -9.86 -24.93
C ILE G 260 -10.47 -9.81 -23.61
N GLU G 261 -10.62 -8.70 -22.89
CA GLU G 261 -10.01 -8.51 -21.58
C GLU G 261 -11.05 -8.04 -20.59
N ARG G 262 -10.96 -8.58 -19.35
CA ARG G 262 -11.82 -8.15 -18.25
C ARG G 262 -11.70 -6.66 -17.99
N ASP G 263 -10.48 -6.20 -17.72
CA ASP G 263 -10.21 -4.86 -17.19
C ASP G 263 -10.56 -3.78 -18.20
N TYR G 264 -10.73 -2.56 -17.72
CA TYR G 264 -11.06 -1.44 -18.60
C TYR G 264 -9.84 -0.61 -18.93
N GLN G 265 -9.06 -0.23 -17.91
CA GLN G 265 -7.87 0.57 -18.14
C GLN G 265 -6.82 -0.20 -18.93
N ARG G 266 -6.57 -1.46 -18.54
CA ARG G 266 -5.59 -2.27 -19.23
C ARG G 266 -6.01 -2.53 -20.67
N ALA G 267 -7.30 -2.83 -20.88
CA ALA G 267 -7.78 -3.09 -22.24
C ALA G 267 -7.63 -1.85 -23.10
N GLU G 268 -7.99 -0.68 -22.54
CA GLU G 268 -7.89 0.55 -23.32
C GLU G 268 -6.44 0.87 -23.67
N LYS G 269 -5.55 0.76 -22.66
CA LYS G 269 -4.14 1.06 -22.84
C LYS G 269 -3.53 0.10 -23.84
N LEU G 270 -3.91 -1.16 -23.71
CA LEU G 270 -3.44 -2.22 -24.60
C LEU G 270 -3.90 -1.91 -26.02
N SER G 271 -5.14 -1.43 -26.16
CA SER G 271 -5.68 -1.09 -27.47
C SER G 271 -4.84 0.00 -28.14
N GLU G 272 -4.49 1.07 -27.40
CA GLU G 272 -3.64 2.10 -27.99
C GLU G 272 -2.25 1.56 -28.28
N GLN G 273 -1.71 0.74 -27.38
CA GLN G 273 -0.35 0.22 -27.45
C GLN G 273 -0.13 -0.72 -28.64
N LEU G 274 -1.09 -1.59 -28.95
CA LEU G 274 -0.83 -2.63 -29.95
C LEU G 274 -1.87 -2.62 -31.06
N GLU G 275 -1.42 -3.07 -32.22
CA GLU G 275 -2.13 -3.00 -33.48
C GLU G 275 -2.00 -4.39 -34.12
N ASN G 276 -2.82 -4.66 -35.13
CA ASN G 276 -3.01 -5.92 -35.91
C ASN G 276 -3.84 -6.93 -35.12
N THR G 277 -4.45 -6.49 -34.02
CA THR G 277 -5.28 -7.35 -33.18
C THR G 277 -6.55 -6.55 -32.91
N ILE G 278 -7.67 -7.24 -32.72
CA ILE G 278 -8.92 -6.56 -32.41
C ILE G 278 -9.18 -6.75 -30.92
N VAL G 279 -9.38 -5.62 -30.25
CA VAL G 279 -9.54 -5.51 -28.80
C VAL G 279 -11.00 -5.32 -28.37
N PHE G 280 -11.48 -6.24 -27.54
CA PHE G 280 -12.82 -6.14 -26.97
C PHE G 280 -12.73 -6.20 -25.46
N CYS G 281 -13.88 -6.02 -24.82
CA CYS G 281 -14.02 -6.13 -23.38
C CYS G 281 -15.25 -6.97 -23.10
N GLY G 282 -15.38 -7.40 -21.85
CA GLY G 282 -16.50 -8.22 -21.47
C GLY G 282 -16.14 -9.11 -20.29
N ASP G 283 -17.18 -9.52 -19.57
CA ASP G 283 -17.05 -10.45 -18.45
C ASP G 283 -17.17 -11.87 -18.98
N ALA G 284 -16.35 -12.78 -18.44
CA ALA G 284 -16.34 -14.16 -18.89
C ALA G 284 -17.21 -15.07 -18.04
N ALA G 285 -17.54 -14.67 -16.82
CA ALA G 285 -18.37 -15.49 -15.94
C ALA G 285 -19.86 -15.32 -16.18
N ASP G 286 -20.25 -14.72 -17.30
CA ASP G 286 -21.65 -14.60 -17.69
C ASP G 286 -21.76 -14.90 -19.18
N GLN G 287 -22.82 -15.62 -19.54
CA GLN G 287 -22.99 -16.14 -20.89
C GLN G 287 -23.41 -15.07 -21.87
N GLU G 288 -23.98 -13.96 -21.38
CA GLU G 288 -24.43 -12.85 -22.22
C GLU G 288 -23.33 -12.13 -22.96
N LEU G 289 -22.05 -12.50 -22.82
CA LEU G 289 -21.04 -11.92 -23.69
C LEU G 289 -20.50 -12.94 -24.67
N LEU G 290 -20.25 -14.17 -24.22
CA LEU G 290 -19.66 -15.17 -25.12
C LEU G 290 -20.71 -15.76 -26.04
N THR G 291 -21.94 -15.93 -25.56
CA THR G 291 -23.04 -16.39 -26.40
C THR G 291 -23.49 -15.27 -27.32
N GLU G 292 -23.46 -14.02 -26.81
CA GLU G 292 -23.67 -12.84 -27.64
C GLU G 292 -22.79 -12.89 -28.88
N GLU G 293 -21.52 -13.25 -28.69
CA GLU G 293 -20.49 -13.14 -29.73
C GLU G 293 -20.45 -14.36 -30.63
N ASN G 294 -21.59 -15.05 -30.78
CA ASN G 294 -21.82 -16.04 -31.82
C ASN G 294 -20.82 -17.18 -31.70
N ILE G 295 -20.87 -17.84 -30.54
CA ILE G 295 -19.86 -18.79 -30.08
C ILE G 295 -19.68 -19.96 -31.06
N ASP G 296 -20.67 -20.25 -31.89
CA ASP G 296 -20.47 -21.23 -32.92
C ASP G 296 -19.67 -20.68 -34.09
N GLN G 297 -19.62 -19.36 -34.25
CA GLN G 297 -18.93 -18.75 -35.39
C GLN G 297 -17.46 -18.52 -35.12
N VAL G 298 -16.96 -18.88 -33.94
CA VAL G 298 -15.58 -18.68 -33.55
C VAL G 298 -14.90 -20.05 -33.40
N ASP G 299 -13.69 -20.15 -33.95
CA ASP G 299 -12.99 -21.43 -34.00
C ASP G 299 -12.35 -21.85 -32.67
N VAL G 300 -11.90 -20.92 -31.83
CA VAL G 300 -11.27 -21.27 -30.55
C VAL G 300 -11.60 -20.28 -29.45
N PHE G 301 -11.62 -20.79 -28.22
CA PHE G 301 -11.80 -19.97 -27.02
C PHE G 301 -10.53 -20.21 -26.22
N ILE G 302 -9.78 -19.15 -25.93
CA ILE G 302 -8.54 -19.28 -25.19
C ILE G 302 -8.66 -18.41 -23.95
N ALA G 303 -8.42 -18.99 -22.78
CA ALA G 303 -8.52 -18.28 -21.52
C ALA G 303 -7.16 -18.07 -20.90
N LEU G 304 -6.80 -16.80 -20.76
CA LEU G 304 -5.55 -16.41 -20.17
C LEU G 304 -5.71 -15.95 -18.74
N THR G 305 -6.91 -16.07 -18.17
CA THR G 305 -7.14 -15.64 -16.81
C THR G 305 -6.30 -16.46 -15.84
N ASN G 306 -5.79 -15.81 -14.80
CA ASN G 306 -4.91 -16.41 -13.81
C ASN G 306 -5.64 -16.89 -12.54
N GLU G 307 -6.85 -17.38 -12.75
CA GLU G 307 -7.72 -17.85 -11.68
C GLU G 307 -7.61 -19.35 -11.53
N ASP G 308 -6.55 -19.92 -12.10
CA ASP G 308 -6.26 -21.34 -12.05
C ASP G 308 -7.43 -22.11 -12.65
N GLU G 309 -7.98 -23.03 -11.87
CA GLU G 309 -9.09 -23.83 -12.33
C GLU G 309 -10.37 -23.06 -12.66
N THR G 310 -10.76 -22.06 -11.88
CA THR G 310 -12.05 -21.49 -12.22
C THR G 310 -11.98 -21.79 -13.68
N ASN G 311 -10.88 -21.34 -14.25
CA ASN G 311 -10.64 -21.64 -15.67
C ASN G 311 -10.96 -23.03 -16.20
N ILE G 312 -11.14 -24.00 -15.32
CA ILE G 312 -11.35 -25.37 -15.73
C ILE G 312 -12.82 -25.70 -15.83
N MET G 313 -13.56 -25.25 -14.83
CA MET G 313 -14.99 -25.48 -14.81
C MET G 313 -15.64 -24.46 -15.70
N SER G 314 -15.05 -23.26 -15.76
CA SER G 314 -15.44 -22.24 -16.70
C SER G 314 -15.07 -22.63 -18.10
N ALA G 315 -14.21 -23.63 -18.22
CA ALA G 315 -13.88 -24.08 -19.54
C ALA G 315 -14.80 -25.20 -19.93
N MET G 316 -15.12 -26.05 -18.96
CA MET G 316 -16.18 -27.04 -19.17
C MET G 316 -17.46 -26.35 -19.55
N LEU G 317 -17.80 -25.28 -18.84
CA LEU G 317 -18.98 -24.48 -19.15
C LEU G 317 -18.84 -23.86 -20.52
N ALA G 318 -17.61 -23.49 -20.87
CA ALA G 318 -17.37 -22.83 -22.14
C ALA G 318 -17.68 -23.80 -23.26
N LYS G 319 -17.14 -25.02 -23.19
CA LYS G 319 -17.57 -26.11 -24.04
C LYS G 319 -19.08 -26.37 -24.00
N ARG G 320 -19.72 -26.20 -22.84
CA ARG G 320 -21.16 -26.44 -22.72
C ARG G 320 -21.96 -25.47 -23.55
N MET G 321 -21.45 -24.25 -23.73
CA MET G 321 -22.22 -23.27 -24.49
C MET G 321 -22.06 -23.43 -25.99
N GLY G 322 -21.26 -24.40 -26.44
CA GLY G 322 -21.03 -24.62 -27.85
C GLY G 322 -19.72 -24.12 -28.40
N ALA G 323 -18.80 -23.67 -27.54
CA ALA G 323 -17.49 -23.25 -27.99
C ALA G 323 -16.76 -24.44 -28.61
N LYS G 324 -15.99 -24.19 -29.66
CA LYS G 324 -15.34 -25.31 -30.34
C LYS G 324 -14.11 -25.79 -29.57
N LYS G 325 -13.15 -24.92 -29.32
CA LYS G 325 -11.91 -25.33 -28.67
C LYS G 325 -11.65 -24.43 -27.48
N VAL G 326 -11.35 -25.03 -26.34
CA VAL G 326 -11.12 -24.31 -25.10
C VAL G 326 -9.67 -24.56 -24.69
N MET G 327 -8.87 -23.50 -24.77
CA MET G 327 -7.53 -23.44 -24.24
C MET G 327 -7.58 -22.77 -22.88
N VAL G 328 -6.96 -23.40 -21.89
CA VAL G 328 -7.13 -23.04 -20.49
C VAL G 328 -5.78 -22.67 -19.91
N LEU G 329 -5.73 -21.57 -19.17
CA LEU G 329 -4.53 -21.25 -18.42
C LEU G 329 -4.50 -22.14 -17.19
N ILE G 330 -3.42 -22.90 -17.03
CA ILE G 330 -3.22 -23.78 -15.89
C ILE G 330 -1.78 -23.62 -15.44
N GLN G 331 -1.57 -22.87 -14.36
CA GLN G 331 -0.24 -22.39 -14.03
C GLN G 331 0.59 -23.35 -13.18
N ARG G 332 0.32 -24.64 -13.28
CA ARG G 332 1.06 -25.64 -12.53
C ARG G 332 1.26 -26.82 -13.45
N GLY G 333 2.41 -27.47 -13.28
CA GLY G 333 2.82 -28.64 -14.04
C GLY G 333 2.74 -29.87 -13.16
N ALA G 334 2.39 -29.66 -11.89
CA ALA G 334 2.02 -30.75 -10.99
C ALA G 334 0.53 -31.11 -11.09
N TYR G 335 -0.23 -30.42 -11.94
CA TYR G 335 -1.65 -30.72 -12.11
C TYR G 335 -1.87 -31.75 -13.22
N VAL G 336 -0.80 -32.12 -13.90
CA VAL G 336 -0.87 -33.08 -15.02
C VAL G 336 -1.72 -34.31 -14.69
N ASP G 337 -1.58 -34.85 -13.47
CA ASP G 337 -2.46 -35.92 -13.02
C ASP G 337 -3.89 -35.44 -12.77
N LEU G 338 -4.09 -34.16 -12.53
CA LEU G 338 -5.41 -33.65 -12.23
C LEU G 338 -6.16 -33.33 -13.52
N VAL G 339 -5.45 -32.86 -14.55
CA VAL G 339 -6.07 -32.66 -15.86
C VAL G 339 -6.15 -33.90 -16.72
N GLN G 340 -5.55 -35.02 -16.29
CA GLN G 340 -5.32 -36.16 -17.18
C GLN G 340 -6.61 -36.85 -17.59
N GLY G 341 -7.54 -37.03 -16.65
CA GLY G 341 -8.82 -37.63 -16.99
C GLY G 341 -9.90 -36.61 -17.28
N GLY G 342 -9.55 -35.56 -18.01
CA GLY G 342 -10.43 -34.43 -18.20
C GLY G 342 -11.18 -34.42 -19.52
N VAL G 343 -12.40 -33.85 -19.47
CA VAL G 343 -13.19 -33.51 -20.64
C VAL G 343 -12.65 -32.26 -21.33
N ILE G 344 -11.78 -31.53 -20.64
CA ILE G 344 -11.20 -30.29 -21.16
C ILE G 344 -10.16 -30.66 -22.20
N ASP G 345 -10.36 -30.19 -23.43
CA ASP G 345 -9.71 -30.78 -24.58
C ASP G 345 -8.28 -30.28 -24.84
N VAL G 346 -7.79 -29.28 -24.09
CA VAL G 346 -6.37 -28.95 -24.10
C VAL G 346 -6.03 -28.15 -22.85
N ALA G 347 -4.94 -28.53 -22.19
CA ALA G 347 -4.42 -27.82 -21.04
C ALA G 347 -3.11 -27.16 -21.43
N ILE G 348 -2.75 -26.11 -20.68
CA ILE G 348 -1.62 -25.25 -20.99
C ILE G 348 -0.94 -24.87 -19.70
N SER G 349 0.29 -25.24 -19.57
CA SER G 349 1.17 -25.00 -18.45
C SER G 349 2.31 -24.07 -18.85
N PRO G 350 2.65 -23.09 -18.02
CA PRO G 350 3.82 -22.24 -18.28
C PRO G 350 5.11 -22.92 -17.91
N GLN G 351 5.02 -24.08 -17.30
CA GLN G 351 6.22 -24.81 -16.94
C GLN G 351 6.83 -25.47 -18.16
N GLN G 352 5.99 -26.11 -19.01
CA GLN G 352 6.46 -26.88 -20.16
C GLN G 352 7.32 -26.06 -21.12
N ALA G 353 7.12 -24.74 -21.16
CA ALA G 353 7.97 -23.83 -21.92
C ALA G 353 9.13 -23.33 -21.06
N THR G 354 8.81 -22.64 -19.96
CA THR G 354 9.83 -21.96 -19.16
C THR G 354 10.86 -22.89 -18.51
N ILE G 355 10.60 -24.20 -18.48
CA ILE G 355 11.58 -25.18 -18.04
C ILE G 355 12.33 -25.67 -19.28
N SER G 356 11.76 -25.46 -20.46
CA SER G 356 12.34 -26.05 -21.65
C SER G 356 13.49 -25.23 -22.21
N ALA G 357 13.52 -23.91 -22.01
CA ALA G 357 14.60 -23.06 -22.54
C ALA G 357 15.96 -23.41 -21.93
N LEU G 358 15.95 -23.94 -20.72
CA LEU G 358 17.07 -24.53 -20.00
C LEU G 358 17.24 -25.99 -20.42
N LEU G 359 16.15 -26.75 -20.44
CA LEU G 359 16.13 -28.14 -20.87
C LEU G 359 16.14 -28.34 -22.39
N THR G 360 16.25 -27.28 -23.18
CA THR G 360 16.31 -27.35 -24.66
C THR G 360 17.31 -28.35 -25.26
N MET H 1 -37.63 -18.60 2.30
CA MET H 1 -36.48 -17.86 2.85
C MET H 1 -36.12 -16.66 1.97
N LYS H 2 -36.43 -15.47 2.47
CA LYS H 2 -36.26 -14.24 1.74
C LYS H 2 -34.98 -13.49 2.19
N ILE H 3 -33.94 -13.48 1.35
CA ILE H 3 -32.62 -12.99 1.75
C ILE H 3 -32.15 -11.71 1.04
N ILE H 4 -31.78 -10.71 1.82
CA ILE H 4 -31.18 -9.51 1.25
C ILE H 4 -29.68 -9.46 1.56
N ILE H 5 -28.86 -9.31 0.52
CA ILE H 5 -27.43 -9.19 0.69
C ILE H 5 -27.00 -7.78 0.32
N LEU H 6 -26.48 -7.06 1.30
CA LEU H 6 -26.04 -5.68 1.10
C LEU H 6 -24.58 -5.66 0.72
N GLY H 7 -24.30 -5.19 -0.49
CA GLY H 7 -22.94 -5.17 -0.99
C GLY H 7 -22.65 -6.45 -1.73
N ALA H 8 -22.40 -6.33 -3.03
CA ALA H 8 -22.11 -7.49 -3.87
C ALA H 8 -20.62 -7.61 -4.20
N GLY H 9 -19.76 -7.48 -3.18
CA GLY H 9 -18.34 -7.66 -3.38
C GLY H 9 -18.01 -9.14 -3.48
N GLN H 10 -16.75 -9.50 -3.23
CA GLN H 10 -16.34 -10.89 -3.23
C GLN H 10 -17.19 -11.73 -2.30
N VAL H 11 -17.38 -11.24 -1.08
CA VAL H 11 -18.14 -11.98 -0.07
C VAL H 11 -19.65 -12.00 -0.39
N GLY H 12 -20.23 -10.85 -0.66
CA GLY H 12 -21.64 -10.80 -0.99
C GLY H 12 -22.02 -11.60 -2.22
N GLY H 13 -21.24 -11.44 -3.28
CA GLY H 13 -21.46 -12.14 -4.53
C GLY H 13 -21.31 -13.65 -4.39
N THR H 14 -20.21 -14.09 -3.79
CA THR H 14 -19.96 -15.51 -3.58
C THR H 14 -21.08 -16.12 -2.76
N LEU H 15 -21.52 -15.39 -1.73
CA LEU H 15 -22.65 -15.82 -0.91
C LEU H 15 -23.88 -16.00 -1.80
N ALA H 16 -24.18 -14.96 -2.56
CA ALA H 16 -25.31 -14.99 -3.48
C ALA H 16 -25.22 -16.20 -4.41
N GLU H 17 -24.02 -16.49 -4.87
CA GLU H 17 -23.80 -17.62 -5.76
C GLU H 17 -24.14 -18.94 -5.08
N ASN H 18 -23.76 -19.07 -3.81
CA ASN H 18 -24.05 -20.27 -3.06
C ASN H 18 -25.50 -20.44 -2.59
N LEU H 19 -26.32 -19.39 -2.65
CA LEU H 19 -27.68 -19.48 -2.10
C LEU H 19 -28.82 -19.49 -3.12
N VAL H 20 -28.52 -19.33 -4.41
CA VAL H 20 -29.55 -19.40 -5.44
C VAL H 20 -30.20 -20.78 -5.50
N GLY H 21 -31.53 -20.82 -5.54
CA GLY H 21 -32.27 -22.07 -5.57
C GLY H 21 -33.77 -21.94 -5.45
N GLU H 22 -34.42 -23.02 -5.04
CA GLU H 22 -35.88 -23.08 -4.98
C GLU H 22 -36.43 -22.46 -3.70
N ASN H 23 -35.81 -22.82 -2.58
CA ASN H 23 -36.30 -22.39 -1.27
C ASN H 23 -35.69 -21.07 -0.80
N ASN H 24 -34.94 -20.42 -1.70
CA ASN H 24 -34.27 -19.15 -1.39
C ASN H 24 -34.52 -18.06 -2.44
N ASP H 25 -35.02 -16.91 -1.98
CA ASP H 25 -35.20 -15.72 -2.83
C ASP H 25 -34.17 -14.64 -2.52
N ILE H 26 -33.11 -14.57 -3.33
CA ILE H 26 -31.99 -13.67 -3.10
C ILE H 26 -32.11 -12.30 -3.77
N THR H 27 -32.01 -11.25 -2.95
CA THR H 27 -31.90 -9.89 -3.45
C THR H 27 -30.57 -9.28 -3.03
N ILE H 28 -29.83 -8.71 -3.99
CA ILE H 28 -28.58 -8.06 -3.66
C ILE H 28 -28.62 -6.55 -3.89
N VAL H 29 -28.18 -5.79 -2.90
CA VAL H 29 -28.09 -4.35 -3.01
C VAL H 29 -26.62 -3.94 -3.22
N ASP H 30 -26.40 -3.03 -4.16
CA ASP H 30 -25.06 -2.51 -4.41
C ASP H 30 -25.22 -1.20 -5.15
N ASN H 31 -24.29 -0.26 -4.94
CA ASN H 31 -24.40 1.03 -5.62
C ASN H 31 -23.60 1.04 -6.92
N VAL H 47 -31.77 -7.41 -8.09
CA VAL H 47 -30.74 -6.41 -7.81
C VAL H 47 -31.31 -5.02 -7.52
N VAL H 48 -30.74 -4.35 -6.52
CA VAL H 48 -31.14 -2.98 -6.20
C VAL H 48 -29.94 -2.05 -6.24
N ASN H 49 -30.00 -1.01 -7.07
CA ASN H 49 -28.93 -0.05 -7.21
C ASN H 49 -29.14 1.14 -6.29
N GLY H 50 -28.36 1.23 -5.21
CA GLY H 50 -28.48 2.31 -4.26
C GLY H 50 -27.58 2.13 -3.05
N HIS H 51 -27.68 3.04 -2.09
CA HIS H 51 -26.90 2.95 -0.86
C HIS H 51 -27.56 1.99 0.14
N ALA H 52 -26.81 1.00 0.59
CA ALA H 52 -27.35 -0.11 1.38
C ALA H 52 -28.04 0.27 2.69
N SER H 53 -27.81 1.47 3.20
CA SER H 53 -28.37 1.83 4.49
C SER H 53 -29.43 2.94 4.38
N HIS H 54 -29.75 3.33 3.14
CA HIS H 54 -30.83 4.29 2.92
C HIS H 54 -32.18 3.61 3.05
N PRO H 55 -33.10 4.25 3.79
CA PRO H 55 -34.43 3.70 4.08
C PRO H 55 -35.19 3.27 2.81
N ASP H 56 -35.10 4.06 1.75
CA ASP H 56 -35.81 3.74 0.51
C ASP H 56 -35.17 2.59 -0.26
N VAL H 57 -33.84 2.56 -0.29
CA VAL H 57 -33.11 1.48 -0.93
C VAL H 57 -33.45 0.18 -0.24
N LEU H 58 -33.44 0.22 1.10
CA LEU H 58 -33.78 -0.94 1.91
C LEU H 58 -35.24 -1.35 1.72
N HIS H 59 -36.12 -0.36 1.61
CA HIS H 59 -37.53 -0.62 1.37
C HIS H 59 -37.70 -1.29 0.01
N GLU H 60 -36.99 -0.77 -0.98
CA GLU H 60 -37.07 -1.29 -2.34
C GLU H 60 -36.55 -2.71 -2.44
N ALA H 61 -35.75 -3.13 -1.46
CA ALA H 61 -35.27 -4.51 -1.43
C ALA H 61 -36.20 -5.39 -0.61
N GLY H 62 -37.26 -4.79 -0.07
CA GLY H 62 -38.28 -5.52 0.65
C GLY H 62 -37.84 -5.99 2.03
N ALA H 63 -37.36 -5.05 2.83
CA ALA H 63 -36.86 -5.36 4.16
C ALA H 63 -37.97 -5.66 5.17
N GLN H 64 -39.18 -5.19 4.91
CA GLN H 64 -40.30 -5.47 5.81
C GLN H 64 -40.64 -6.95 5.82
N ASP H 65 -40.57 -7.57 4.65
CA ASP H 65 -41.00 -8.95 4.48
C ASP H 65 -39.88 -9.97 4.60
N ALA H 66 -38.64 -9.54 4.37
CA ALA H 66 -37.52 -10.46 4.31
C ALA H 66 -37.28 -11.18 5.63
N ASP H 67 -36.60 -12.33 5.54
CA ASP H 67 -36.39 -13.19 6.69
C ASP H 67 -34.96 -13.13 7.19
N MET H 68 -34.06 -12.62 6.34
CA MET H 68 -32.67 -12.40 6.74
C MET H 68 -32.03 -11.22 6.01
N LEU H 69 -31.20 -10.51 6.76
CA LEU H 69 -30.43 -9.42 6.23
C LEU H 69 -28.98 -9.85 6.46
N VAL H 70 -28.21 -9.96 5.39
CA VAL H 70 -26.82 -10.30 5.53
C VAL H 70 -26.15 -9.06 4.96
N ALA H 71 -25.34 -8.39 5.75
CA ALA H 71 -24.72 -7.18 5.25
C ALA H 71 -23.23 -7.31 5.02
N VAL H 72 -22.81 -7.09 3.77
CA VAL H 72 -21.39 -7.12 3.44
C VAL H 72 -20.97 -5.93 2.57
N THR H 73 -21.03 -4.72 3.11
CA THR H 73 -20.53 -3.61 2.32
C THR H 73 -19.04 -3.34 2.58
N ASN H 74 -18.54 -2.21 2.10
CA ASN H 74 -17.14 -1.85 2.22
C ASN H 74 -16.75 -1.44 3.63
N THR H 75 -17.76 -1.06 4.41
CA THR H 75 -17.55 -0.36 5.66
C THR H 75 -18.38 -0.90 6.82
N ASP H 76 -17.77 -1.00 8.00
CA ASP H 76 -18.52 -1.44 9.17
C ASP H 76 -19.63 -0.46 9.50
N GLU H 77 -19.32 0.83 9.40
CA GLU H 77 -20.26 1.87 9.77
C GLU H 77 -21.52 1.89 8.88
N THR H 78 -21.37 1.41 7.65
CA THR H 78 -22.50 1.28 6.74
C THR H 78 -23.30 0.01 7.06
N ASN H 79 -22.57 -1.07 7.32
CA ASN H 79 -23.20 -2.30 7.79
C ASN H 79 -24.02 -2.07 9.05
N MET H 80 -23.45 -1.35 10.01
CA MET H 80 -24.12 -1.07 11.27
C MET H 80 -25.34 -0.18 11.05
N ALA H 81 -25.17 0.83 10.20
CA ALA H 81 -26.24 1.76 9.88
C ALA H 81 -27.36 1.04 9.13
N ALA H 82 -27.00 0.08 8.30
CA ALA H 82 -27.99 -0.67 7.54
C ALA H 82 -28.84 -1.50 8.47
N CYS H 83 -28.20 -2.19 9.41
CA CYS H 83 -28.90 -3.02 10.39
C CYS H 83 -29.77 -2.19 11.34
N GLN H 84 -29.29 -1.02 11.72
CA GLN H 84 -30.09 -0.13 12.55
C GLN H 84 -31.31 0.33 11.75
N VAL H 85 -31.08 0.87 10.56
CA VAL H 85 -32.18 1.41 9.75
C VAL H 85 -33.22 0.35 9.40
N ALA H 86 -32.75 -0.85 9.07
CA ALA H 86 -33.63 -1.96 8.70
C ALA H 86 -34.50 -2.38 9.88
N PHE H 87 -33.87 -2.51 11.05
CA PHE H 87 -34.56 -2.92 12.26
C PHE H 87 -35.57 -1.89 12.70
N THR H 88 -35.14 -0.63 12.78
CA THR H 88 -36.00 0.43 13.27
C THR H 88 -37.19 0.69 12.35
N LEU H 89 -36.98 0.61 11.05
CA LEU H 89 -38.04 0.97 10.11
C LEU H 89 -38.90 -0.19 9.60
N PHE H 90 -38.37 -1.41 9.61
CA PHE H 90 -39.04 -2.54 8.97
C PHE H 90 -39.05 -3.82 9.81
N ASN H 91 -38.46 -3.76 11.00
CA ASN H 91 -38.37 -4.90 11.92
C ASN H 91 -37.81 -6.16 11.25
N THR H 92 -36.83 -5.98 10.38
CA THR H 92 -36.24 -7.10 9.63
C THR H 92 -35.52 -8.07 10.55
N PRO H 93 -36.00 -9.32 10.63
CA PRO H 93 -35.43 -10.36 11.48
C PRO H 93 -34.05 -10.79 10.98
N ASN H 94 -33.30 -11.51 11.82
CA ASN H 94 -31.99 -12.07 11.48
C ASN H 94 -31.02 -11.19 10.69
N ARG H 95 -30.40 -10.25 11.39
CA ARG H 95 -29.51 -9.30 10.76
C ARG H 95 -28.04 -9.65 10.97
N VAL H 96 -27.39 -10.14 9.92
CA VAL H 96 -25.98 -10.50 9.98
C VAL H 96 -25.11 -9.40 9.38
N ALA H 97 -24.03 -9.03 10.06
CA ALA H 97 -23.14 -7.97 9.57
C ALA H 97 -21.66 -8.31 9.71
N ARG H 98 -20.90 -7.97 8.68
CA ARG H 98 -19.45 -8.08 8.73
C ARG H 98 -18.87 -6.88 9.47
N ILE H 99 -18.09 -7.16 10.51
CA ILE H 99 -17.39 -6.13 11.26
C ILE H 99 -15.92 -6.49 11.32
N ARG H 100 -15.10 -5.68 10.68
CA ARG H 100 -13.67 -5.97 10.52
C ARG H 100 -12.83 -5.35 11.63
N SER H 101 -13.41 -4.39 12.32
CA SER H 101 -12.74 -3.63 13.36
C SER H 101 -12.73 -4.31 14.72
N PRO H 102 -11.54 -4.69 15.23
CA PRO H 102 -11.38 -5.33 16.54
C PRO H 102 -11.81 -4.41 17.66
N GLU H 103 -11.73 -3.10 17.41
CA GLU H 103 -12.17 -2.10 18.37
C GLU H 103 -13.66 -2.26 18.70
N TYR H 104 -14.48 -2.54 17.68
CA TYR H 104 -15.92 -2.74 17.89
C TYR H 104 -16.20 -4.05 18.62
N LEU H 105 -15.47 -5.09 18.24
CA LEU H 105 -15.63 -6.42 18.82
C LEU H 105 -15.16 -6.44 20.28
N ALA H 106 -14.20 -5.59 20.59
CA ALA H 106 -13.74 -5.42 21.96
C ALA H 106 -14.89 -4.99 22.88
N GLU H 107 -15.86 -4.28 22.31
CA GLU H 107 -17.05 -3.89 23.04
C GLU H 107 -18.29 -4.56 22.46
N LYS H 108 -18.12 -5.73 21.85
CA LYS H 108 -19.24 -6.41 21.20
C LYS H 108 -20.40 -6.68 22.16
N GLU H 109 -20.07 -6.95 23.43
CA GLU H 109 -21.09 -7.21 24.43
C GLU H 109 -21.99 -5.99 24.66
N ALA H 110 -21.36 -4.84 24.87
CA ALA H 110 -22.09 -3.63 25.24
C ALA H 110 -22.76 -2.94 24.05
N LEU H 111 -22.22 -3.17 22.85
CA LEU H 111 -22.67 -2.47 21.64
C LEU H 111 -23.74 -3.24 20.86
N PHE H 112 -23.50 -4.53 20.68
CA PHE H 112 -24.35 -5.33 19.79
C PHE H 112 -25.28 -6.21 20.60
N LYS H 113 -24.69 -6.94 21.54
CA LYS H 113 -25.42 -7.91 22.35
C LYS H 113 -26.39 -7.26 23.35
N SER H 114 -26.47 -5.93 23.32
CA SER H 114 -27.45 -5.21 24.12
C SER H 114 -28.56 -4.68 23.23
N GLY H 115 -28.35 -4.77 21.91
CA GLY H 115 -29.36 -4.34 20.95
C GLY H 115 -29.33 -2.85 20.70
N ALA H 116 -28.26 -2.19 21.17
CA ALA H 116 -28.01 -0.78 20.91
C ALA H 116 -27.80 -0.60 19.42
N ILE H 117 -26.81 -1.32 18.89
CA ILE H 117 -26.66 -1.51 17.47
C ILE H 117 -27.27 -2.87 17.15
N PRO H 118 -28.40 -2.88 16.44
CA PRO H 118 -29.22 -4.09 16.28
C PRO H 118 -28.60 -5.10 15.33
N VAL H 119 -27.42 -5.62 15.65
CA VAL H 119 -26.86 -6.72 14.89
C VAL H 119 -27.07 -8.04 15.63
N ASP H 120 -27.64 -9.02 14.94
CA ASP H 120 -27.88 -10.33 15.55
C ASP H 120 -26.62 -11.18 15.56
N HIS H 121 -25.89 -11.17 14.45
CA HIS H 121 -24.68 -11.96 14.34
C HIS H 121 -23.56 -11.19 13.67
N ARG H 233 -6.60 -36.19 24.48
CA ARG H 233 -5.62 -35.88 25.51
C ARG H 233 -4.68 -34.77 25.05
N ARG H 234 -4.24 -34.87 23.80
CA ARG H 234 -3.51 -33.79 23.14
C ARG H 234 -4.33 -33.32 21.95
N ILE H 235 -4.70 -32.04 21.98
CA ILE H 235 -5.39 -31.38 20.88
C ILE H 235 -4.34 -30.54 20.15
N MET H 236 -4.48 -30.40 18.84
CA MET H 236 -3.47 -29.70 18.05
C MET H 236 -4.17 -29.00 16.89
N ILE H 237 -4.14 -27.67 16.90
CA ILE H 237 -4.66 -26.86 15.82
C ILE H 237 -3.48 -26.22 15.11
N VAL H 238 -3.53 -26.15 13.79
CA VAL H 238 -2.51 -25.46 13.02
C VAL H 238 -3.19 -24.31 12.32
N GLY H 239 -2.71 -23.11 12.55
CA GLY H 239 -3.32 -21.93 11.97
C GLY H 239 -4.33 -21.32 12.93
N GLY H 240 -4.61 -20.04 12.72
CA GLY H 240 -5.54 -19.31 13.57
C GLY H 240 -6.79 -18.92 12.80
N GLY H 241 -7.92 -19.25 13.39
CA GLY H 241 -9.23 -18.97 12.83
C GLY H 241 -10.05 -18.14 13.79
N ASN H 242 -10.72 -17.12 13.31
CA ASN H 242 -11.58 -16.30 14.17
C ASN H 242 -12.71 -17.14 14.74
N ILE H 243 -13.30 -17.98 13.91
CA ILE H 243 -14.36 -18.88 14.31
C ILE H 243 -13.71 -20.12 14.92
N GLY H 244 -12.50 -20.41 14.53
CA GLY H 244 -11.81 -21.58 15.03
C GLY H 244 -11.17 -21.24 16.36
N ALA H 245 -11.02 -19.95 16.63
CA ALA H 245 -10.78 -19.53 18.01
C ALA H 245 -12.00 -19.76 18.86
N SER H 246 -13.18 -19.83 18.25
CA SER H 246 -14.36 -19.98 19.06
C SER H 246 -14.62 -21.44 19.38
N LEU H 247 -14.68 -22.28 18.36
CA LEU H 247 -14.72 -23.73 18.59
C LEU H 247 -13.53 -24.19 19.43
N ALA H 248 -12.36 -23.63 19.13
CA ALA H 248 -11.18 -23.88 19.94
C ALA H 248 -11.36 -23.35 21.36
N LYS H 249 -12.16 -22.31 21.53
CA LYS H 249 -12.41 -21.83 22.86
C LYS H 249 -13.46 -22.68 23.55
N ARG H 250 -14.23 -23.43 22.78
CA ARG H 250 -15.25 -24.29 23.35
C ARG H 250 -14.67 -25.62 23.79
N LEU H 251 -13.48 -25.96 23.29
CA LEU H 251 -12.91 -27.28 23.56
C LEU H 251 -11.59 -27.23 24.32
N GLU H 252 -11.03 -26.05 24.56
CA GLU H 252 -9.77 -25.96 25.29
C GLU H 252 -9.93 -26.06 26.80
N GLN H 253 -11.14 -25.87 27.32
CA GLN H 253 -11.37 -26.05 28.75
C GLN H 253 -11.23 -27.51 29.16
N THR H 254 -11.79 -28.41 28.36
CA THR H 254 -11.74 -29.84 28.64
C THR H 254 -10.32 -30.40 28.52
N TYR H 255 -9.59 -30.02 27.48
CA TYR H 255 -8.25 -30.54 27.26
C TYR H 255 -7.36 -29.43 26.74
N SER H 256 -6.07 -29.51 27.07
CA SER H 256 -5.10 -28.54 26.60
C SER H 256 -4.98 -28.65 25.09
N VAL H 257 -4.84 -27.50 24.43
CA VAL H 257 -4.81 -27.43 22.98
C VAL H 257 -3.51 -26.80 22.55
N LYS H 258 -2.91 -27.39 21.53
CA LYS H 258 -1.67 -26.94 20.92
C LYS H 258 -2.05 -25.99 19.84
N LEU H 259 -1.95 -24.70 20.11
CA LEU H 259 -1.97 -23.75 19.00
C LEU H 259 -0.59 -23.74 18.36
N ILE H 260 -0.53 -24.12 17.11
CA ILE H 260 0.65 -23.92 16.28
C ILE H 260 0.24 -22.90 15.24
N GLU H 261 1.07 -21.89 15.05
CA GLU H 261 0.86 -20.85 14.06
C GLU H 261 2.12 -20.64 13.24
N ARG H 262 1.92 -20.43 11.93
CA ARG H 262 3.03 -20.11 11.03
C ARG H 262 3.75 -18.85 11.48
N ASP H 263 3.01 -17.75 11.60
CA ASP H 263 3.56 -16.40 11.77
C ASP H 263 4.25 -16.25 13.13
N TYR H 264 5.11 -15.23 13.21
CA TYR H 264 5.84 -14.91 14.43
C TYR H 264 5.21 -13.75 15.18
N GLN H 265 4.89 -12.66 14.45
CA GLN H 265 4.28 -11.48 15.06
C GLN H 265 2.91 -11.83 15.60
N ARG H 266 2.12 -12.56 14.81
CA ARG H 266 0.79 -12.98 15.24
C ARG H 266 0.91 -13.92 16.43
N ALA H 267 1.88 -14.83 16.38
CA ALA H 267 2.08 -15.75 17.49
C ALA H 267 2.46 -15.02 18.76
N GLU H 268 3.35 -14.03 18.66
CA GLU H 268 3.77 -13.29 19.85
C GLU H 268 2.60 -12.51 20.45
N LYS H 269 1.86 -11.80 19.58
CA LYS H 269 0.72 -11.00 20.03
C LYS H 269 -0.36 -11.89 20.61
N LEU H 270 -0.62 -13.01 19.93
CA LEU H 270 -1.63 -13.97 20.35
C LEU H 270 -1.22 -14.57 21.68
N SER H 271 0.07 -14.83 21.87
CA SER H 271 0.56 -15.39 23.12
C SER H 271 0.28 -14.42 24.27
N GLU H 272 0.51 -13.12 24.03
CA GLU H 272 0.21 -12.13 25.07
C GLU H 272 -1.29 -12.06 25.32
N GLN H 273 -2.09 -12.09 24.25
CA GLN H 273 -3.54 -11.93 24.32
C GLN H 273 -4.27 -13.08 25.01
N LEU H 274 -3.86 -14.32 24.81
CA LEU H 274 -4.62 -15.42 25.40
C LEU H 274 -3.84 -16.27 26.39
N GLU H 275 -4.60 -16.81 27.34
CA GLU H 275 -4.16 -17.68 28.41
C GLU H 275 -5.04 -18.93 28.38
N ASN H 276 -4.52 -20.02 28.97
CA ASN H 276 -5.03 -21.39 29.02
C ASN H 276 -4.94 -22.19 27.73
N THR H 277 -4.19 -21.72 26.74
CA THR H 277 -4.00 -22.46 25.52
C THR H 277 -2.50 -22.51 25.30
N ILE H 278 -1.95 -23.70 25.08
CA ILE H 278 -0.52 -23.79 24.81
C ILE H 278 -0.28 -23.28 23.40
N VAL H 279 0.76 -22.46 23.25
CA VAL H 279 1.12 -21.80 22.00
C VAL H 279 2.47 -22.23 21.46
N PHE H 280 2.49 -22.66 20.20
CA PHE H 280 3.73 -23.05 19.52
C PHE H 280 3.78 -22.39 18.17
N CYS H 281 4.91 -22.60 17.50
CA CYS H 281 5.16 -22.14 16.14
C CYS H 281 5.76 -23.30 15.36
N GLY H 282 5.80 -23.15 14.05
CA GLY H 282 6.34 -24.18 13.19
C GLY H 282 5.73 -24.11 11.81
N ASP H 283 6.46 -24.66 10.85
CA ASP H 283 5.98 -24.78 9.47
C ASP H 283 5.26 -26.10 9.30
N ALA H 284 4.15 -26.07 8.56
CA ALA H 284 3.33 -27.26 8.36
C ALA H 284 3.67 -28.02 7.08
N ALA H 285 4.33 -27.38 6.12
CA ALA H 285 4.67 -28.02 4.86
C ALA H 285 5.99 -28.81 4.94
N ASP H 286 6.50 -29.08 6.14
CA ASP H 286 7.67 -29.91 6.34
C ASP H 286 7.40 -30.84 7.52
N GLN H 287 7.84 -32.09 7.38
CA GLN H 287 7.52 -33.14 8.33
C GLN H 287 8.33 -33.03 9.61
N GLU H 288 9.47 -32.34 9.57
CA GLU H 288 10.34 -32.15 10.73
C GLU H 288 9.70 -31.35 11.87
N LEU H 289 8.47 -30.87 11.76
CA LEU H 289 7.82 -30.28 12.91
C LEU H 289 6.68 -31.15 13.41
N LEU H 290 5.87 -31.70 12.51
CA LEU H 290 4.72 -32.48 12.93
C LEU H 290 5.13 -33.88 13.36
N THR H 291 6.13 -34.46 12.70
CA THR H 291 6.66 -35.76 13.10
C THR H 291 7.51 -35.60 14.36
N GLU H 292 8.22 -34.47 14.45
CA GLU H 292 8.92 -34.09 15.68
C GLU H 292 7.98 -34.18 16.88
N GLU H 293 6.76 -33.66 16.72
CA GLU H 293 5.84 -33.47 17.83
C GLU H 293 5.00 -34.71 18.11
N ASN H 294 5.54 -35.90 17.80
CA ASN H 294 5.05 -37.19 18.28
C ASN H 294 3.61 -37.40 17.81
N ILE H 295 3.47 -37.42 16.49
CA ILE H 295 2.18 -37.38 15.80
C ILE H 295 1.25 -38.52 16.19
N ASP H 296 1.80 -39.62 16.70
CA ASP H 296 0.94 -40.66 17.24
C ASP H 296 0.40 -40.31 18.61
N GLN H 297 1.03 -39.38 19.32
CA GLN H 297 0.63 -39.03 20.68
C GLN H 297 -0.45 -37.96 20.73
N VAL H 298 -0.89 -37.47 19.57
CA VAL H 298 -1.88 -36.40 19.49
C VAL H 298 -3.16 -36.97 18.87
N ASP H 299 -4.30 -36.61 19.48
CA ASP H 299 -5.56 -37.21 19.06
C ASP H 299 -6.13 -36.63 17.77
N VAL H 300 -5.88 -35.36 17.43
CA VAL H 300 -6.39 -34.77 16.19
C VAL H 300 -5.44 -33.72 15.63
N PHE H 301 -5.56 -33.47 14.33
CA PHE H 301 -4.81 -32.39 13.69
C PHE H 301 -5.84 -31.47 13.06
N ILE H 302 -5.81 -30.19 13.40
CA ILE H 302 -6.76 -29.24 12.84
C ILE H 302 -6.00 -28.28 11.93
N ALA H 303 -6.41 -28.21 10.67
CA ALA H 303 -5.77 -27.39 9.65
C ALA H 303 -6.57 -26.13 9.37
N LEU H 304 -6.07 -24.98 9.81
CA LEU H 304 -6.79 -23.74 9.67
C LEU H 304 -6.21 -22.78 8.63
N THR H 305 -5.26 -23.22 7.79
CA THR H 305 -4.65 -22.34 6.79
C THR H 305 -5.71 -21.82 5.81
N ASN H 306 -5.58 -20.55 5.43
CA ASN H 306 -6.51 -19.87 4.52
C ASN H 306 -6.61 -20.47 3.11
N GLU H 307 -5.55 -21.07 2.56
CA GLU H 307 -5.70 -21.68 1.23
C GLU H 307 -6.28 -23.07 1.48
N ASP H 308 -7.56 -23.26 1.13
CA ASP H 308 -8.27 -24.53 1.39
C ASP H 308 -7.85 -25.85 0.72
N GLU H 309 -7.55 -25.84 -0.57
CA GLU H 309 -7.19 -27.07 -1.26
C GLU H 309 -5.87 -27.67 -0.79
N THR H 310 -4.91 -26.80 -0.52
CA THR H 310 -3.57 -27.21 -0.12
C THR H 310 -3.95 -28.07 1.04
N ASN H 311 -4.52 -27.42 2.02
CA ASN H 311 -5.01 -28.17 3.17
C ASN H 311 -5.56 -29.59 2.95
N ILE H 312 -5.84 -29.95 1.71
CA ILE H 312 -6.47 -31.21 1.43
C ILE H 312 -5.44 -32.28 1.12
N MET H 313 -4.46 -31.91 0.33
CA MET H 313 -3.41 -32.84 -0.01
C MET H 313 -2.41 -32.86 1.13
N SER H 314 -2.26 -31.71 1.78
CA SER H 314 -1.51 -31.61 3.01
C SER H 314 -2.21 -32.29 4.13
N ALA H 315 -3.48 -32.60 3.95
CA ALA H 315 -4.18 -33.32 4.97
C ALA H 315 -4.08 -34.80 4.70
N MET H 316 -4.14 -35.16 3.42
CA MET H 316 -3.84 -36.52 3.02
C MET H 316 -2.46 -36.90 3.49
N LEU H 317 -1.49 -36.00 3.27
CA LEU H 317 -0.12 -36.21 3.74
C LEU H 317 -0.10 -36.29 5.24
N ALA H 318 -0.96 -35.50 5.88
CA ALA H 318 -0.98 -35.45 7.33
C ALA H 318 -1.40 -36.81 7.88
N LYS H 319 -2.50 -37.35 7.35
CA LYS H 319 -2.87 -38.75 7.57
C LYS H 319 -1.75 -39.73 7.22
N ARG H 320 -0.97 -39.45 6.16
CA ARG H 320 0.11 -40.36 5.76
C ARG H 320 1.18 -40.46 6.82
N MET H 321 1.41 -39.39 7.57
CA MET H 321 2.47 -39.45 8.57
C MET H 321 2.04 -40.12 9.86
N GLY H 322 0.79 -40.58 9.94
CA GLY H 322 0.29 -41.22 11.14
C GLY H 322 -0.60 -40.38 12.02
N ALA H 323 -1.00 -39.19 11.58
CA ALA H 323 -1.94 -38.38 12.34
C ALA H 323 -3.27 -39.11 12.47
N LYS H 324 -3.91 -38.98 13.62
CA LYS H 324 -5.16 -39.71 13.81
C LYS H 324 -6.33 -39.06 13.08
N LYS H 325 -6.62 -37.79 13.38
CA LYS H 325 -7.75 -37.11 12.80
C LYS H 325 -7.30 -35.81 12.18
N VAL H 326 -7.71 -35.57 10.95
CA VAL H 326 -7.31 -34.40 10.21
C VAL H 326 -8.56 -33.56 9.97
N MET H 327 -8.62 -32.40 10.61
CA MET H 327 -9.64 -31.40 10.37
C MET H 327 -9.08 -30.35 9.43
N VAL H 328 -9.82 -30.07 8.37
CA VAL H 328 -9.34 -29.29 7.23
C VAL H 328 -10.21 -28.06 7.05
N LEU H 329 -9.58 -26.92 6.84
CA LEU H 329 -10.30 -25.71 6.47
C LEU H 329 -10.67 -25.81 5.00
N ILE H 330 -11.96 -25.70 4.69
CA ILE H 330 -12.43 -25.73 3.31
C ILE H 330 -13.48 -24.64 3.13
N GLN H 331 -13.08 -23.54 2.51
CA GLN H 331 -13.86 -22.31 2.52
C GLN H 331 -14.86 -22.20 1.40
N ARG H 332 -15.36 -23.32 0.90
CA ARG H 332 -16.39 -23.27 -0.12
C ARG H 332 -17.41 -24.34 0.20
N GLY H 333 -18.66 -24.06 -0.18
CA GLY H 333 -19.75 -24.97 0.07
C GLY H 333 -20.30 -25.57 -1.20
N ALA H 334 -19.79 -25.13 -2.35
CA ALA H 334 -20.03 -25.80 -3.63
C ALA H 334 -19.01 -26.89 -3.94
N TYR H 335 -18.03 -27.08 -3.06
CA TYR H 335 -17.00 -28.10 -3.23
C TYR H 335 -17.36 -29.43 -2.55
N VAL H 336 -18.55 -29.48 -1.97
CA VAL H 336 -19.08 -30.67 -1.28
C VAL H 336 -19.02 -31.92 -2.15
N ASP H 337 -19.33 -31.79 -3.45
CA ASP H 337 -19.18 -32.90 -4.38
C ASP H 337 -17.72 -33.25 -4.64
N LEU H 338 -16.80 -32.32 -4.39
CA LEU H 338 -15.39 -32.59 -4.64
C LEU H 338 -14.76 -33.26 -3.44
N VAL H 339 -15.21 -32.93 -2.22
CA VAL H 339 -14.74 -33.65 -1.03
C VAL H 339 -15.48 -34.94 -0.78
N GLN H 340 -16.54 -35.22 -1.55
CA GLN H 340 -17.49 -36.28 -1.20
C GLN H 340 -16.88 -37.67 -1.29
N GLY H 341 -16.09 -37.92 -2.33
CA GLY H 341 -15.41 -39.20 -2.46
C GLY H 341 -14.01 -39.18 -1.92
N GLY H 342 -13.82 -38.53 -0.78
CA GLY H 342 -12.50 -38.29 -0.23
C GLY H 342 -12.05 -39.26 0.85
N VAL H 343 -10.73 -39.49 0.88
CA VAL H 343 -10.05 -40.18 1.97
C VAL H 343 -9.90 -39.27 3.19
N ILE H 344 -10.14 -37.98 3.03
CA ILE H 344 -10.01 -37.01 4.10
C ILE H 344 -11.22 -37.16 5.02
N ASP H 345 -10.95 -37.48 6.29
CA ASP H 345 -11.97 -38.04 7.17
C ASP H 345 -12.90 -37.02 7.82
N VAL H 346 -12.67 -35.72 7.66
CA VAL H 346 -13.67 -34.70 8.03
C VAL H 346 -13.35 -33.40 7.30
N ALA H 347 -14.37 -32.80 6.71
CA ALA H 347 -14.26 -31.52 6.07
C ALA H 347 -15.03 -30.49 6.88
N ILE H 348 -14.66 -29.22 6.70
CA ILE H 348 -15.16 -28.11 7.51
C ILE H 348 -15.34 -26.92 6.59
N SER H 349 -16.54 -26.46 6.47
CA SER H 349 -16.99 -25.33 5.69
C SER H 349 -17.46 -24.21 6.58
N PRO H 350 -17.09 -22.96 6.29
CA PRO H 350 -17.64 -21.83 7.06
C PRO H 350 -19.02 -21.45 6.61
N GLN H 351 -19.50 -22.07 5.55
CA GLN H 351 -20.85 -21.78 5.08
C GLN H 351 -21.88 -22.46 5.98
N GLN H 352 -21.66 -23.74 6.32
CA GLN H 352 -22.63 -24.53 7.07
C GLN H 352 -23.03 -23.92 8.41
N ALA H 353 -22.13 -23.12 9.01
CA ALA H 353 -22.47 -22.37 10.21
C ALA H 353 -23.01 -20.97 9.88
N THR H 354 -22.20 -20.14 9.21
CA THR H 354 -22.53 -18.73 9.00
C THR H 354 -23.78 -18.50 8.15
N ILE H 355 -24.26 -19.53 7.44
CA ILE H 355 -25.52 -19.44 6.75
C ILE H 355 -26.62 -19.99 7.66
N SER H 356 -26.24 -20.74 8.69
CA SER H 356 -27.27 -21.39 9.47
C SER H 356 -27.86 -20.46 10.51
N ALA H 357 -27.09 -19.47 11.01
CA ALA H 357 -27.62 -18.53 12.00
C ALA H 357 -28.75 -17.71 11.42
N LEU H 358 -28.73 -17.48 10.12
CA LEU H 358 -29.80 -16.90 9.34
C LEU H 358 -30.81 -17.97 8.93
N LEU H 359 -30.34 -19.05 8.30
CA LEU H 359 -31.24 -20.13 7.94
C LEU H 359 -31.55 -21.09 9.08
N THR H 360 -31.31 -20.72 10.32
CA THR H 360 -32.12 -21.20 11.44
C THR H 360 -32.69 -19.98 12.14
#